data_7Y75
#
_entry.id   7Y75
#
_cell.length_a   1.00
_cell.length_b   1.00
_cell.length_c   1.00
_cell.angle_alpha   90.00
_cell.angle_beta   90.00
_cell.angle_gamma   90.00
#
_symmetry.space_group_name_H-M   'P 1'
#
loop_
_entity.id
_entity.type
_entity.pdbx_description
1 polymer 'Sodium- and chloride-dependent transporter XTRP3'
2 polymer 'Angiotensin-converting enzyme 2'
3 polymer 'Spike protein S1'
4 branched 2-acetamido-2-deoxy-beta-D-glucopyranose-(1-4)-2-acetamido-2-deoxy-beta-D-glucopyranose
5 non-polymer 2-acetamido-2-deoxy-beta-D-glucopyranose
6 non-polymer 1,2-DIACYL-GLYCEROL-3-SN-PHOSPHATE
7 non-polymer 'ZINC ION'
#
loop_
_entity_poly.entity_id
_entity_poly.type
_entity_poly.pdbx_seq_one_letter_code
_entity_poly.pdbx_strand_id
1 'polypeptide(L)'
;MADYKDDDDKSGPDEVDASGRMEKARPLWANSLQFVFACISYAVGLGNVWRFPYLCQMYGGGSFLVPYIIMLIVEGMPLL
YLELAVGQRMRQGSIGAWRTISPYLSGVGVASVVVSFFLSMYYNVINAWAFWYLFHSFQDPLPWSVCPLNGNHTGYDEEC
EKASSTQYFWYRKTLNISPSLQENGGVQWEPALCLLLAWLVVYLCILRGTESTGKVVYFTASLPYCVLIIYLIRGLTLHG
ATNGLMYMFTPKIEQLANPKAWINAATQIFFSLGLGFGSLIAFASYNEPSNNCQKHAIIVSLINSFTSIFASIVTFSIYG
FKATFNYENCLKKVSLLLTNTFDLEDGFLTASNLEQVKGYLASAYPSKYSEMFPQIKNCSLESELDTAVQGTGLAFIVYT
EAIKNMEVSQLWSVLYFFMLLMLGIGSMLGNTAAILTPLTDSKIISSHLPKEAISGLVCLVNCAIGMVFTMEAGNYWFDI
FNDYAATLSLLLIVLVETIAVCYVYGLRRFESDLKAMTGRAVSWYWKVMWAGVSPLLIVSLFVFYLSDYILTGTLKYQAW
DASQGQLVTKDYPAYALAVIGLLVASSTMCIPLAALGTFVQRRLKRGDADPVA
;
B,D
2 'polypeptide(L)'
;MRSSSSWLLLSLVAVTAAWSHPQFEKQSTIEEQAKTFLDKFNHEAEDLFYQSSLASWNYNTNITEENVQNMNNAGDKWSA
FLKEQSTLAQMYPLQEIQNLTVKLQLQALQQNGSSVLSEDKSKRLNTILNTMSTIYSTGKVCNPDNPQECLLLEPGLNEI
MANSLDYNERLWAWESWRSEVGKQLRPLYEEYVVLKNEMARANHYEDYGDYWRGDYEVNGVDGYDYSRGQLIEDVEHTFE
EIKPLYEHLHAYVRAKLMNAYPSYISPIGCLPAHLLGDMWGRFWTNLYSLTVPFGQKPNIDVTDAMVDQAWDAQRIFKEA
EKFFVSVGLPNMTQGFWENSMLTDPGNVQKAVCHPTAWDLGKGDFRILMCTKVTMDDFLTAHHEMGHIQYDMAYAAQPFL
LRNGANEGFHEAVGEIMSLSAATPKHLKSIGLLSPDFQEDNETEINFLLKQALTIVGTLPFTYMLEKWRWMVFKGEIPKD
QWMKKWWEMKREIVGVVEPVPHDETYCDPASLFHVSNDYSFIRYYTRTLYQFQFQEALCQAAKHEGPLHKCDISNSTEAG
QKLFNMLRLGKSEPWTLALENVVGAKNMNVRPLLNYFEPLFTWLKDQNKNSFVGWSTDWSPYADQSIKVRISLKSALGDK
AYEWNDNEMYLFRSSVAYAMRQYFLKVKNQMILFGEEDVRVANLKPRISFNFFVTAPKNVSDIIPRTEVEKAIRMSRSRI
NDAFRLNDNSLEFLGIQPTLGPPNQPPVSIWLIVFGVVMGVIVVGIVILIFTGIRDRKKKNKARSGENPYASIDISKGEN
NPGFQNTDDVQTSFLEHHHHHHHHHH
;
A,C
3 'polypeptide(L)'
;MGVKVLFALICIAVAEAGTRVQPTESIVRFPNITNLCPFDEVFNATRFASVYAWNRKRISNCVADYSVLYNFAPFFAFKC
YGVSPTKLNDLCFTNVYADSFVIRGNEVSQIAPGQTGNIADYNYKLPDDFTGCVIAWNSNKLDSKVGGNYNYLYRLFRKS
NLKPFERDISTEIYQAGNKPCNGVAGFNCYFPLRSYGFRPTYGVGHQPYRVVVLSFELLHAPATVCGPKKSTNLVKNKCV
NFLEHHHHHHHH
;
E,F
#
loop_
_chem_comp.id
_chem_comp.type
_chem_comp.name
_chem_comp.formula
3PH non-polymer 1,2-DIACYL-GLYCEROL-3-SN-PHOSPHATE 'C39 H77 O8 P'
NAG D-saccharide, beta linking 2-acetamido-2-deoxy-beta-D-glucopyranose 'C8 H15 N O6'
ZN non-polymer 'ZINC ION' 'Zn 2'
#
# COMPACT_ATOMS: atom_id res chain seq x y z
N SER A 32 78.22 -10.02 30.38
CA SER A 32 77.47 -9.70 29.16
C SER A 32 75.98 -9.94 29.36
N LEU A 33 75.18 -9.53 28.37
CA LEU A 33 73.74 -9.70 28.45
C LEU A 33 73.32 -11.17 28.42
N GLN A 34 74.22 -12.06 27.98
CA GLN A 34 73.89 -13.48 27.94
C GLN A 34 73.53 -14.02 29.31
N PHE A 35 74.20 -13.54 30.36
CA PHE A 35 73.87 -13.98 31.71
C PHE A 35 72.45 -13.55 32.09
N VAL A 36 72.09 -12.30 31.78
CA VAL A 36 70.75 -11.82 32.11
C VAL A 36 69.70 -12.60 31.34
N PHE A 37 69.95 -12.92 30.07
CA PHE A 37 68.95 -13.65 29.31
C PHE A 37 68.84 -15.09 29.76
N ALA A 38 69.95 -15.71 30.13
CA ALA A 38 69.89 -17.06 30.71
C ALA A 38 69.12 -17.04 32.02
N CYS A 39 69.30 -16.00 32.84
CA CYS A 39 68.53 -15.88 34.07
C CYS A 39 67.05 -15.75 33.78
N ILE A 40 66.69 -14.91 32.80
CA ILE A 40 65.30 -14.76 32.39
C ILE A 40 64.71 -16.10 31.97
N SER A 41 65.44 -16.85 31.14
CA SER A 41 65.00 -18.18 30.77
C SER A 41 64.82 -19.08 31.98
N TYR A 42 65.72 -18.94 32.97
CA TYR A 42 65.61 -19.72 34.21
C TYR A 42 64.29 -19.43 34.92
N ALA A 43 63.94 -18.15 35.05
CA ALA A 43 62.83 -17.77 35.92
C ALA A 43 61.47 -18.07 35.27
N VAL A 44 61.23 -17.50 34.10
CA VAL A 44 59.90 -17.54 33.49
C VAL A 44 59.49 -18.98 33.22
N GLY A 45 58.33 -19.38 33.74
CA GLY A 45 57.82 -20.72 33.61
C GLY A 45 56.31 -20.72 33.41
N LEU A 46 55.66 -21.70 34.04
CA LEU A 46 54.21 -21.85 34.01
C LEU A 46 53.54 -21.45 35.31
N GLY A 47 54.25 -21.47 36.43
CA GLY A 47 53.65 -20.91 37.61
C GLY A 47 53.42 -19.42 37.55
N ASN A 48 53.95 -18.78 36.51
CA ASN A 48 53.83 -17.33 36.35
C ASN A 48 52.72 -16.90 35.42
N VAL A 49 52.51 -17.61 34.31
CA VAL A 49 51.50 -17.20 33.34
C VAL A 49 50.23 -18.03 33.43
N TRP A 50 50.22 -19.13 34.17
CA TRP A 50 49.04 -19.98 34.27
C TRP A 50 48.52 -20.09 35.70
N ARG A 51 49.39 -20.36 36.66
CA ARG A 51 48.94 -20.67 38.00
C ARG A 51 48.65 -19.41 38.81
N PHE A 52 49.44 -18.37 38.60
CA PHE A 52 49.33 -17.17 39.42
C PHE A 52 47.99 -16.47 39.25
N PRO A 53 47.48 -16.26 38.03
CA PRO A 53 46.16 -15.62 37.92
C PRO A 53 45.05 -16.47 38.49
N TYR A 54 45.11 -17.78 38.28
CA TYR A 54 44.10 -18.67 38.85
C TYR A 54 44.07 -18.57 40.37
N LEU A 55 45.25 -18.43 40.98
CA LEU A 55 45.28 -18.28 42.43
C LEU A 55 44.84 -16.89 42.85
N CYS A 56 45.20 -15.87 42.07
CA CYS A 56 44.92 -14.49 42.45
C CYS A 56 43.42 -14.22 42.43
N GLN A 57 42.74 -14.65 41.37
CA GLN A 57 41.29 -14.45 41.30
C GLN A 57 40.57 -15.20 42.41
N MET A 58 41.09 -16.36 42.82
CA MET A 58 40.37 -17.22 43.75
C MET A 58 40.34 -16.64 45.16
N TYR A 59 41.35 -15.87 45.54
CA TYR A 59 41.51 -15.43 46.92
C TYR A 59 41.42 -13.91 47.06
N GLY A 60 40.42 -13.30 46.43
CA GLY A 60 40.12 -11.91 46.61
C GLY A 60 40.77 -10.98 45.62
N GLY A 61 41.88 -11.39 45.00
CA GLY A 61 42.55 -10.54 44.05
C GLY A 61 43.41 -9.50 44.74
N GLY A 62 42.79 -8.44 45.27
CA GLY A 62 43.54 -7.45 46.02
C GLY A 62 44.15 -8.04 47.28
N SER A 63 43.42 -8.93 47.94
CA SER A 63 43.88 -9.55 49.16
C SER A 63 44.89 -10.67 48.92
N PHE A 64 45.50 -10.70 47.74
CA PHE A 64 46.47 -11.73 47.42
C PHE A 64 47.87 -11.20 47.19
N LEU A 65 48.03 -10.02 46.55
CA LEU A 65 49.37 -9.51 46.30
C LEU A 65 50.06 -9.12 47.60
N VAL A 66 49.33 -8.55 48.56
CA VAL A 66 49.91 -8.15 49.83
C VAL A 66 50.52 -9.38 50.50
N PRO A 67 49.78 -10.49 50.70
CA PRO A 67 50.44 -11.70 51.19
C PRO A 67 51.51 -12.20 50.25
N TYR A 68 51.31 -12.06 48.95
CA TYR A 68 52.31 -12.52 47.99
C TYR A 68 53.62 -11.77 48.16
N ILE A 69 53.56 -10.43 48.21
CA ILE A 69 54.78 -9.65 48.36
C ILE A 69 55.42 -9.89 49.72
N ILE A 70 54.60 -10.01 50.77
CA ILE A 70 55.14 -10.29 52.10
C ILE A 70 55.94 -11.58 52.08
N MET A 71 55.30 -12.67 51.65
CA MET A 71 55.99 -13.96 51.62
C MET A 71 57.17 -13.93 50.67
N LEU A 72 57.07 -13.14 49.60
CA LEU A 72 58.19 -13.01 48.66
C LEU A 72 59.41 -12.44 49.36
N ILE A 73 59.26 -11.31 50.03
CA ILE A 73 60.41 -10.64 50.63
C ILE A 73 60.95 -11.48 51.80
N VAL A 74 60.06 -12.20 52.50
CA VAL A 74 60.54 -12.88 53.70
C VAL A 74 61.01 -14.31 53.45
N GLU A 75 60.65 -14.92 52.31
CA GLU A 75 61.00 -16.32 52.10
C GLU A 75 61.44 -16.61 50.67
N GLY A 76 61.65 -15.59 49.85
CA GLY A 76 62.07 -15.83 48.48
C GLY A 76 63.47 -15.32 48.24
N MET A 77 63.87 -14.33 49.03
CA MET A 77 65.25 -13.89 49.08
C MET A 77 66.10 -14.83 49.92
N PRO A 78 65.74 -15.10 51.19
CA PRO A 78 66.71 -15.80 52.05
C PRO A 78 66.90 -17.25 51.71
N LEU A 79 65.81 -17.99 51.51
CA LEU A 79 65.93 -19.43 51.28
C LEU A 79 66.51 -19.73 49.91
N LEU A 80 66.19 -18.92 48.91
CA LEU A 80 66.81 -19.09 47.59
C LEU A 80 68.32 -18.92 47.68
N TYR A 81 68.77 -17.84 48.33
CA TYR A 81 70.20 -17.60 48.46
C TYR A 81 70.86 -18.71 49.28
N LEU A 82 70.21 -19.16 50.34
CA LEU A 82 70.75 -20.25 51.14
C LEU A 82 70.91 -21.52 50.32
N GLU A 83 69.91 -21.83 49.49
CA GLU A 83 69.95 -23.05 48.69
C GLU A 83 71.05 -22.97 47.64
N LEU A 84 71.16 -21.83 46.94
CA LEU A 84 72.25 -21.67 45.98
C LEU A 84 73.60 -21.74 46.68
N ALA A 85 73.72 -21.15 47.86
CA ALA A 85 74.99 -21.18 48.57
C ALA A 85 75.39 -22.59 48.97
N VAL A 86 74.44 -23.37 49.49
CA VAL A 86 74.75 -24.75 49.85
C VAL A 86 75.13 -25.56 48.62
N GLY A 87 74.36 -25.41 47.53
CA GLY A 87 74.68 -26.14 46.32
C GLY A 87 76.05 -25.79 45.76
N GLN A 88 76.47 -24.54 45.93
CA GLN A 88 77.79 -24.14 45.45
C GLN A 88 78.90 -24.56 46.40
N ARG A 89 78.61 -24.62 47.70
CA ARG A 89 79.60 -25.00 48.69
C ARG A 89 79.92 -26.47 48.66
N MET A 90 78.91 -27.34 48.65
CA MET A 90 79.21 -28.77 48.74
C MET A 90 79.63 -29.36 47.40
N ARG A 91 79.20 -28.77 46.29
CA ARG A 91 79.59 -29.24 44.96
C ARG A 91 79.24 -30.71 44.76
N GLN A 92 78.09 -31.11 45.29
CA GLN A 92 77.62 -32.47 45.22
C GLN A 92 76.16 -32.45 44.76
N GLY A 93 75.59 -33.64 44.57
CA GLY A 93 74.23 -33.75 44.11
C GLY A 93 73.23 -33.33 45.18
N SER A 94 71.95 -33.48 44.81
CA SER A 94 70.89 -33.10 45.73
C SER A 94 70.84 -34.01 46.95
N ILE A 95 71.19 -35.28 46.76
CA ILE A 95 71.13 -36.22 47.87
C ILE A 95 72.46 -36.29 48.61
N GLY A 96 73.58 -36.25 47.86
CA GLY A 96 74.88 -36.39 48.50
C GLY A 96 75.24 -35.25 49.43
N ALA A 97 74.81 -34.03 49.10
CA ALA A 97 75.09 -32.89 49.95
C ALA A 97 74.53 -33.10 51.35
N TRP A 98 73.23 -33.40 51.43
CA TRP A 98 72.60 -33.63 52.72
C TRP A 98 73.03 -34.96 53.31
N ARG A 99 73.58 -35.85 52.48
CA ARG A 99 74.21 -37.05 53.03
C ARG A 99 75.45 -36.70 53.84
N THR A 100 76.27 -35.80 53.32
CA THR A 100 77.51 -35.45 54.01
C THR A 100 77.27 -34.49 55.16
N ILE A 101 76.26 -33.63 55.05
CA ILE A 101 76.01 -32.67 56.14
C ILE A 101 75.74 -33.42 57.44
N SER A 102 75.09 -34.58 57.35
CA SER A 102 74.84 -35.47 58.48
C SER A 102 74.29 -36.78 57.94
N PRO A 103 74.59 -37.92 58.58
CA PRO A 103 73.96 -39.17 58.16
C PRO A 103 72.46 -39.21 58.42
N TYR A 104 71.94 -38.35 59.31
CA TYR A 104 70.51 -38.34 59.58
C TYR A 104 69.70 -37.92 58.36
N LEU A 105 70.27 -37.05 57.53
CA LEU A 105 69.51 -36.27 56.56
C LEU A 105 69.72 -36.72 55.12
N SER A 106 69.82 -38.03 54.87
CA SER A 106 69.99 -38.49 53.49
C SER A 106 68.67 -38.53 52.75
N GLY A 107 67.58 -38.85 53.46
CA GLY A 107 66.29 -39.06 52.84
C GLY A 107 65.60 -37.81 52.32
N VAL A 108 66.16 -36.63 52.65
CA VAL A 108 65.59 -35.39 52.15
C VAL A 108 65.72 -35.34 50.63
N GLY A 109 66.79 -35.91 50.09
CA GLY A 109 66.93 -35.98 48.64
C GLY A 109 65.92 -36.90 48.00
N VAL A 110 65.66 -38.04 48.66
CA VAL A 110 64.64 -38.97 48.16
C VAL A 110 63.27 -38.30 48.14
N ALA A 111 62.95 -37.57 49.22
CA ALA A 111 61.66 -36.87 49.26
C ALA A 111 61.58 -35.80 48.19
N SER A 112 62.65 -35.01 48.04
CA SER A 112 62.71 -33.97 47.02
C SER A 112 62.61 -34.53 45.61
N VAL A 113 63.08 -35.74 45.37
CA VAL A 113 62.95 -36.37 44.06
C VAL A 113 61.55 -36.89 43.83
N VAL A 114 60.96 -37.51 44.86
CA VAL A 114 59.58 -37.98 44.78
C VAL A 114 58.65 -36.81 44.48
N VAL A 115 58.97 -35.63 45.02
CA VAL A 115 58.14 -34.45 44.77
C VAL A 115 58.10 -34.13 43.27
N SER A 116 59.28 -34.09 42.63
CA SER A 116 59.34 -33.78 41.21
C SER A 116 58.69 -34.88 40.38
N PHE A 117 58.82 -36.13 40.83
CA PHE A 117 58.13 -37.22 40.15
C PHE A 117 56.62 -37.02 40.17
N PHE A 118 56.09 -36.63 41.33
CA PHE A 118 54.67 -36.31 41.43
C PHE A 118 54.31 -35.14 40.53
N LEU A 119 55.21 -34.17 40.43
CA LEU A 119 54.94 -32.98 39.63
C LEU A 119 54.79 -33.29 38.14
N SER A 120 55.72 -34.05 37.57
CA SER A 120 55.81 -34.16 36.11
C SER A 120 54.51 -34.65 35.47
N MET A 121 53.92 -35.69 36.07
CA MET A 121 52.78 -36.38 35.46
C MET A 121 51.61 -35.44 35.19
N TYR A 122 51.06 -34.82 36.24
CA TYR A 122 49.95 -33.90 36.03
C TYR A 122 50.41 -32.62 35.34
N TYR A 123 51.70 -32.31 35.44
CA TYR A 123 52.22 -31.11 34.78
C TYR A 123 52.03 -31.20 33.27
N ASN A 124 52.26 -32.38 32.69
CA ASN A 124 52.18 -32.46 31.22
C ASN A 124 50.77 -32.26 30.67
N VAL A 125 49.73 -32.37 31.51
CA VAL A 125 48.37 -32.19 31.01
C VAL A 125 48.16 -30.77 30.52
N ILE A 126 48.82 -29.80 31.16
CA ILE A 126 48.73 -28.42 30.74
C ILE A 126 49.29 -28.23 29.34
N ASN A 127 50.30 -29.00 28.95
CA ASN A 127 50.79 -28.95 27.59
C ASN A 127 49.84 -29.67 26.65
N ALA A 128 49.22 -30.75 27.13
CA ALA A 128 48.20 -31.43 26.33
C ALA A 128 47.08 -30.47 25.94
N TRP A 129 46.59 -29.70 26.90
CA TRP A 129 45.47 -28.81 26.65
C TRP A 129 45.83 -27.73 25.65
N ALA A 130 47.03 -27.16 25.77
CA ALA A 130 47.48 -26.17 24.82
C ALA A 130 47.65 -26.78 23.44
N PHE A 131 48.08 -28.05 23.39
CA PHE A 131 48.14 -28.76 22.13
C PHE A 131 46.78 -28.84 21.46
N TRP A 132 45.77 -29.23 22.24
CA TRP A 132 44.41 -29.33 21.72
C TRP A 132 43.91 -27.99 21.21
N TYR A 133 44.03 -26.95 22.03
CA TYR A 133 43.60 -25.63 21.61
C TYR A 133 44.33 -25.17 20.37
N LEU A 134 45.61 -25.55 20.24
CA LEU A 134 46.37 -25.17 19.06
C LEU A 134 45.84 -25.87 17.82
N PHE A 135 45.57 -27.18 17.93
CA PHE A 135 45.00 -27.93 16.82
C PHE A 135 43.63 -27.42 16.42
N HIS A 136 42.88 -26.83 17.35
CA HIS A 136 41.57 -26.28 17.03
C HIS A 136 41.64 -24.81 16.64
N SER A 137 42.81 -24.32 16.23
CA SER A 137 42.98 -22.94 15.82
C SER A 137 43.05 -22.77 14.31
N PHE A 138 43.07 -23.87 13.56
CA PHE A 138 43.07 -23.82 12.10
C PHE A 138 41.65 -23.99 11.54
N GLN A 139 40.71 -23.16 12.01
CA GLN A 139 39.33 -23.27 11.59
C GLN A 139 38.73 -21.88 11.41
N ASP A 140 37.52 -21.84 10.89
CA ASP A 140 36.77 -20.61 10.69
C ASP A 140 35.27 -20.92 10.68
N PRO A 141 34.51 -20.44 11.69
CA PRO A 141 35.01 -19.69 12.84
C PRO A 141 35.58 -20.64 13.89
N LEU A 142 36.27 -20.08 14.88
CA LEU A 142 36.86 -20.91 15.91
C LEU A 142 35.77 -21.49 16.79
N PRO A 143 35.89 -22.74 17.24
CA PRO A 143 34.77 -23.42 17.91
C PRO A 143 34.35 -22.78 19.21
N TRP A 144 35.16 -21.92 19.81
CA TRP A 144 34.81 -21.27 21.06
C TRP A 144 34.24 -19.88 20.84
N SER A 145 33.87 -19.55 19.61
CA SER A 145 33.37 -18.22 19.28
C SER A 145 31.88 -18.17 19.05
N VAL A 146 31.20 -19.30 18.88
CA VAL A 146 29.78 -19.34 18.61
C VAL A 146 29.16 -20.51 19.37
N CYS A 147 27.89 -20.49 19.49
CA CYS A 147 27.19 -21.57 20.15
C CYS A 147 26.52 -22.48 19.13
N PRO A 148 26.27 -23.75 19.47
CA PRO A 148 25.52 -24.61 18.57
C PRO A 148 24.04 -24.31 18.57
N LEU A 149 23.28 -24.98 17.72
CA LEU A 149 21.84 -24.79 17.62
C LEU A 149 21.11 -25.89 18.37
N ASN A 150 19.86 -25.60 18.72
CA ASN A 150 19.03 -26.56 19.44
C ASN A 150 18.41 -27.54 18.44
N GLY A 151 17.55 -28.43 18.94
CA GLY A 151 16.96 -29.43 18.06
C GLY A 151 15.94 -28.85 17.10
N ASN A 152 15.14 -27.90 17.57
CA ASN A 152 14.12 -27.29 16.74
C ASN A 152 14.64 -26.10 15.95
N HIS A 153 15.95 -25.85 16.00
CA HIS A 153 16.65 -24.91 15.12
C HIS A 153 16.16 -23.48 15.28
N THR A 154 15.48 -23.16 16.39
CA THR A 154 14.97 -21.81 16.59
C THR A 154 16.02 -20.92 17.23
N GLY A 155 16.66 -21.41 18.30
CA GLY A 155 17.67 -20.64 19.00
C GLY A 155 18.93 -21.47 19.22
N TYR A 156 19.82 -20.90 20.03
CA TYR A 156 21.07 -21.56 20.35
C TYR A 156 20.85 -22.65 21.40
N ASP A 157 21.93 -23.37 21.70
CA ASP A 157 21.87 -24.40 22.73
C ASP A 157 21.57 -23.79 24.09
N GLU A 158 20.93 -24.59 24.94
CA GLU A 158 20.53 -24.10 26.25
C GLU A 158 21.72 -23.99 27.19
N GLU A 159 22.60 -24.97 27.16
CA GLU A 159 23.78 -24.94 28.03
C GLU A 159 24.78 -23.91 27.54
N CYS A 160 24.90 -23.73 26.23
CA CYS A 160 25.84 -22.75 25.69
C CYS A 160 25.40 -21.32 25.95
N GLU A 161 24.18 -21.09 26.41
CA GLU A 161 23.71 -19.75 26.71
C GLU A 161 23.88 -19.38 28.18
N LYS A 162 23.60 -20.31 29.10
CA LYS A 162 23.87 -20.08 30.51
C LYS A 162 25.34 -19.74 30.71
N ALA A 163 26.22 -20.65 30.34
CA ALA A 163 27.64 -20.32 30.23
C ALA A 163 27.85 -19.49 28.97
N SER A 164 29.06 -18.96 28.83
CA SER A 164 29.38 -18.22 27.63
C SER A 164 29.83 -19.19 26.53
N SER A 165 30.20 -18.63 25.38
CA SER A 165 30.65 -19.44 24.27
C SER A 165 31.99 -20.13 24.55
N THR A 166 32.77 -19.62 25.50
CA THR A 166 34.08 -20.16 25.82
C THR A 166 34.06 -21.10 27.03
N GLN A 167 33.30 -20.73 28.06
CA GLN A 167 33.16 -21.64 29.21
C GLN A 167 32.53 -22.95 28.79
N TYR A 168 31.54 -22.91 27.90
CA TYR A 168 30.96 -24.16 27.41
C TYR A 168 31.98 -24.98 26.64
N PHE A 169 32.73 -24.34 25.74
CA PHE A 169 33.71 -25.08 24.95
C PHE A 169 34.78 -25.69 25.84
N TRP A 170 35.12 -25.02 26.94
CA TRP A 170 36.12 -25.59 27.84
C TRP A 170 35.55 -26.74 28.65
N TYR A 171 34.41 -26.53 29.31
CA TYR A 171 33.88 -27.52 30.23
C TYR A 171 33.27 -28.72 29.55
N ARG A 172 32.87 -28.58 28.29
CA ARG A 172 32.12 -29.64 27.60
C ARG A 172 32.81 -30.18 26.36
N LYS A 173 33.39 -29.34 25.52
CA LYS A 173 33.97 -29.81 24.27
C LYS A 173 35.35 -30.42 24.46
N THR A 174 36.19 -29.81 25.29
CA THR A 174 37.54 -30.31 25.50
C THR A 174 37.71 -31.08 26.79
N LEU A 175 36.74 -31.03 27.70
CA LEU A 175 36.83 -31.74 28.97
C LEU A 175 35.67 -32.71 29.20
N ASN A 176 34.45 -32.32 28.85
CA ASN A 176 33.25 -33.12 29.11
C ASN A 176 33.17 -33.50 30.58
N ILE A 177 33.16 -32.49 31.45
CA ILE A 177 33.13 -32.73 32.88
C ILE A 177 31.75 -33.22 33.29
N SER A 178 31.72 -34.07 34.29
CA SER A 178 30.61 -34.67 35.01
C SER A 178 30.16 -33.75 36.14
N PRO A 179 28.89 -33.82 36.54
CA PRO A 179 28.39 -32.90 37.58
C PRO A 179 28.88 -33.22 38.97
N SER A 180 29.66 -34.28 39.16
CA SER A 180 30.13 -34.66 40.47
C SER A 180 31.44 -35.43 40.33
N LEU A 181 31.97 -35.90 41.47
CA LEU A 181 33.19 -36.68 41.50
C LEU A 181 32.93 -38.18 41.43
N GLN A 182 31.74 -38.63 41.84
CA GLN A 182 31.42 -40.05 41.84
C GLN A 182 31.10 -40.58 40.46
N GLU A 183 30.69 -39.73 39.52
CA GLU A 183 30.37 -40.15 38.16
C GLU A 183 31.65 -40.06 37.33
N ASN A 184 32.48 -41.10 37.44
CA ASN A 184 33.77 -41.10 36.77
C ASN A 184 33.61 -41.35 35.27
N GLY A 185 33.03 -42.47 34.90
CA GLY A 185 32.91 -42.81 33.49
C GLY A 185 34.13 -43.55 32.96
N GLY A 186 34.50 -43.26 31.73
CA GLY A 186 35.58 -43.98 31.08
C GLY A 186 36.53 -43.03 30.38
N VAL A 187 37.75 -43.51 30.17
CA VAL A 187 38.79 -42.70 29.54
C VAL A 187 38.34 -42.30 28.13
N GLN A 188 38.46 -41.01 27.84
CA GLN A 188 38.15 -40.50 26.51
C GLN A 188 39.32 -40.76 25.57
N TRP A 189 39.17 -40.38 24.30
CA TRP A 189 40.20 -40.69 23.32
C TRP A 189 40.85 -39.48 22.68
N GLU A 190 40.22 -38.31 22.72
CA GLU A 190 40.87 -37.12 22.19
C GLU A 190 41.90 -36.56 23.18
N PRO A 191 41.53 -36.27 24.43
CA PRO A 191 42.55 -35.78 25.37
C PRO A 191 43.63 -36.80 25.63
N ALA A 192 43.30 -38.09 25.60
CA ALA A 192 44.31 -39.13 25.70
C ALA A 192 45.35 -38.99 24.60
N LEU A 193 44.91 -38.80 23.36
CA LEU A 193 45.85 -38.64 22.25
C LEU A 193 46.69 -37.38 22.41
N CYS A 194 46.07 -36.27 22.84
CA CYS A 194 46.84 -35.05 23.02
C CYS A 194 47.91 -35.22 24.09
N LEU A 195 47.57 -35.90 25.19
CA LEU A 195 48.54 -36.15 26.25
C LEU A 195 49.66 -37.07 25.77
N LEU A 196 49.30 -38.11 25.01
CA LEU A 196 50.32 -38.97 24.43
C LEU A 196 51.29 -38.19 23.56
N LEU A 197 50.76 -37.34 22.68
CA LEU A 197 51.63 -36.55 21.82
C LEU A 197 52.52 -35.61 22.64
N ALA A 198 51.97 -35.06 23.72
CA ALA A 198 52.79 -34.22 24.59
C ALA A 198 53.95 -35.01 25.17
N TRP A 199 53.69 -36.22 25.68
CA TRP A 199 54.78 -37.01 26.24
C TRP A 199 55.78 -37.40 25.17
N LEU A 200 55.31 -37.70 23.95
CA LEU A 200 56.23 -38.05 22.88
C LEU A 200 57.13 -36.88 22.53
N VAL A 201 56.57 -35.66 22.48
CA VAL A 201 57.40 -34.53 22.06
C VAL A 201 58.38 -34.15 23.16
N VAL A 202 57.98 -34.30 24.43
CA VAL A 202 58.95 -34.05 25.50
C VAL A 202 60.04 -35.12 25.48
N TYR A 203 59.68 -36.35 25.11
CA TYR A 203 60.68 -37.40 24.92
C TYR A 203 61.69 -37.00 23.86
N LEU A 204 61.18 -36.54 22.70
CA LEU A 204 62.08 -36.14 21.61
C LEU A 204 62.97 -34.97 22.02
N CYS A 205 62.44 -34.01 22.79
CA CYS A 205 63.28 -32.90 23.22
C CYS A 205 64.34 -33.34 24.22
N ILE A 206 64.03 -34.32 25.08
CA ILE A 206 65.02 -34.81 26.04
C ILE A 206 66.07 -35.71 25.39
N LEU A 207 65.72 -36.41 24.32
CA LEU A 207 66.68 -37.27 23.64
C LEU A 207 67.75 -36.47 22.90
N ARG A 208 67.54 -35.18 22.66
CA ARG A 208 68.54 -34.36 22.00
C ARG A 208 69.43 -33.63 23.00
N GLY A 209 70.02 -34.39 23.91
CA GLY A 209 70.94 -33.83 24.88
C GLY A 209 70.26 -33.03 25.97
N THR A 210 70.87 -33.00 27.17
CA THR A 210 70.31 -32.28 28.31
C THR A 210 70.77 -30.81 28.27
N GLU A 211 70.56 -30.20 27.12
CA GLU A 211 70.87 -28.79 26.91
C GLU A 211 70.06 -28.30 25.71
N SER A 212 69.50 -27.09 25.85
CA SER A 212 68.66 -26.52 24.80
C SER A 212 68.95 -25.06 24.50
N THR A 213 69.77 -24.39 25.28
CA THR A 213 70.07 -22.98 25.09
C THR A 213 71.42 -22.83 24.38
N GLY A 214 71.86 -21.58 24.24
CA GLY A 214 73.10 -21.28 23.54
C GLY A 214 72.85 -20.59 22.21
N LYS A 215 73.08 -19.27 22.17
CA LYS A 215 72.85 -18.46 20.97
C LYS A 215 71.38 -18.46 20.57
N VAL A 216 70.52 -19.03 21.43
CA VAL A 216 69.09 -19.13 21.16
C VAL A 216 68.25 -18.50 22.26
N VAL A 217 68.88 -18.05 23.35
CA VAL A 217 68.12 -17.55 24.50
C VAL A 217 67.43 -16.24 24.15
N TYR A 218 68.03 -15.44 23.26
CA TYR A 218 67.48 -14.13 22.95
C TYR A 218 66.08 -14.21 22.33
N PHE A 219 65.77 -15.32 21.67
CA PHE A 219 64.47 -15.49 21.05
C PHE A 219 63.47 -16.13 22.02
N THR A 220 63.89 -17.21 22.67
CA THR A 220 63.00 -17.97 23.54
C THR A 220 62.60 -17.13 24.74
N ALA A 221 63.55 -16.48 25.40
CA ALA A 221 63.22 -15.73 26.61
C ALA A 221 62.42 -14.48 26.28
N SER A 222 62.45 -14.02 25.03
CA SER A 222 61.80 -12.78 24.66
C SER A 222 60.39 -12.97 24.11
N LEU A 223 60.11 -14.09 23.46
CA LEU A 223 58.80 -14.29 22.84
C LEU A 223 57.64 -14.14 23.83
N PRO A 224 57.66 -14.75 25.02
CA PRO A 224 56.54 -14.55 25.95
C PRO A 224 56.28 -13.09 26.29
N TYR A 225 57.32 -12.30 26.53
CA TYR A 225 57.09 -10.91 26.88
C TYR A 225 56.52 -10.13 25.70
N CYS A 226 56.96 -10.43 24.48
CA CYS A 226 56.40 -9.76 23.32
C CYS A 226 54.92 -10.08 23.16
N VAL A 227 54.55 -11.36 23.30
CA VAL A 227 53.15 -11.71 23.14
C VAL A 227 52.31 -11.14 24.27
N LEU A 228 52.89 -11.03 25.46
CA LEU A 228 52.15 -10.42 26.57
C LEU A 228 51.96 -8.92 26.34
N ILE A 229 52.95 -8.24 25.77
CA ILE A 229 52.76 -6.85 25.41
C ILE A 229 51.63 -6.70 24.38
N ILE A 230 51.61 -7.59 23.40
CA ILE A 230 50.54 -7.55 22.39
C ILE A 230 49.17 -7.70 23.05
N TYR A 231 49.03 -8.72 23.90
CA TYR A 231 47.74 -8.96 24.53
C TYR A 231 47.37 -7.87 25.52
N LEU A 232 48.36 -7.24 26.16
CA LEU A 232 48.05 -6.11 27.03
C LEU A 232 47.53 -4.92 26.23
N ILE A 233 48.17 -4.64 25.10
CA ILE A 233 47.68 -3.59 24.21
C ILE A 233 46.24 -3.88 23.80
N ARG A 234 45.94 -5.14 23.46
CA ARG A 234 44.58 -5.48 23.05
C ARG A 234 43.60 -5.33 24.21
N GLY A 235 43.97 -5.81 25.39
CA GLY A 235 43.05 -5.88 26.51
C GLY A 235 42.86 -4.58 27.26
N LEU A 236 43.74 -3.62 27.06
CA LEU A 236 43.55 -2.33 27.73
C LEU A 236 42.62 -1.40 26.96
N THR A 237 42.29 -1.72 25.72
CA THR A 237 41.36 -0.92 24.92
C THR A 237 39.98 -1.56 24.85
N LEU A 238 39.56 -2.24 25.91
CA LEU A 238 38.27 -2.88 25.99
C LEU A 238 37.40 -2.17 27.03
N HIS A 239 36.12 -2.01 26.72
CA HIS A 239 35.21 -1.29 27.60
C HIS A 239 35.08 -2.00 28.94
N GLY A 240 35.34 -1.28 30.02
CA GLY A 240 35.16 -1.84 31.34
C GLY A 240 36.39 -2.57 31.84
N ALA A 241 37.56 -2.19 31.32
CA ALA A 241 38.80 -2.85 31.70
C ALA A 241 39.30 -2.42 33.06
N THR A 242 39.06 -1.16 33.44
CA THR A 242 39.55 -0.66 34.71
C THR A 242 38.93 -1.40 35.89
N ASN A 243 37.78 -2.02 35.67
CA ASN A 243 37.14 -2.78 36.75
C ASN A 243 37.99 -3.97 37.15
N GLY A 244 38.59 -4.65 36.17
CA GLY A 244 39.43 -5.80 36.49
C GLY A 244 40.66 -5.42 37.27
N LEU A 245 41.33 -4.34 36.86
CA LEU A 245 42.50 -3.86 37.58
C LEU A 245 42.13 -3.40 38.98
N MET A 246 41.00 -2.70 39.11
CA MET A 246 40.53 -2.31 40.43
C MET A 246 40.32 -3.54 41.31
N TYR A 247 39.68 -4.58 40.78
CA TYR A 247 39.45 -5.79 41.55
C TYR A 247 40.74 -6.51 41.89
N MET A 248 41.74 -6.41 41.02
CA MET A 248 42.99 -7.13 41.23
C MET A 248 43.87 -6.45 42.27
N PHE A 249 43.98 -5.13 42.22
CA PHE A 249 44.92 -4.42 43.08
C PHE A 249 44.31 -4.06 44.43
N THR A 250 43.16 -3.43 44.44
CA THR A 250 42.58 -2.90 45.67
C THR A 250 42.18 -4.01 46.61
N PRO A 251 42.75 -4.09 47.81
CA PRO A 251 42.39 -5.16 48.75
C PRO A 251 41.27 -4.76 49.69
N LYS A 252 40.40 -5.71 50.02
CA LYS A 252 39.36 -5.51 51.00
C LYS A 252 39.68 -6.36 52.23
N ILE A 253 39.63 -5.75 53.41
CA ILE A 253 40.07 -6.44 54.64
C ILE A 253 38.86 -7.18 55.18
N GLU A 254 38.55 -8.31 54.53
CA GLU A 254 37.70 -9.35 55.11
C GLU A 254 38.17 -10.76 54.79
N GLN A 255 38.93 -10.95 53.72
CA GLN A 255 39.53 -12.22 53.38
C GLN A 255 41.04 -12.19 53.57
N LEU A 256 41.59 -11.05 53.98
CA LEU A 256 42.99 -11.01 54.40
C LEU A 256 43.20 -11.74 55.71
N ALA A 257 42.12 -12.06 56.43
CA ALA A 257 42.18 -12.90 57.61
C ALA A 257 41.94 -14.36 57.28
N ASN A 258 41.97 -14.71 56.00
CA ASN A 258 41.78 -16.10 55.60
C ASN A 258 43.13 -16.82 55.58
N PRO A 259 43.35 -17.83 56.42
CA PRO A 259 44.65 -18.51 56.42
C PRO A 259 44.92 -19.27 55.15
N LYS A 260 43.89 -19.75 54.45
CA LYS A 260 44.06 -20.48 53.21
C LYS A 260 44.56 -19.60 52.08
N ALA A 261 44.68 -18.29 52.31
CA ALA A 261 45.30 -17.38 51.35
C ALA A 261 46.79 -17.23 51.58
N TRP A 262 47.20 -17.06 52.83
CA TRP A 262 48.63 -16.89 53.13
C TRP A 262 49.43 -18.10 52.72
N ILE A 263 48.99 -19.29 53.11
CA ILE A 263 49.77 -20.49 52.85
C ILE A 263 49.88 -20.74 51.35
N ASN A 264 48.78 -20.59 50.62
CA ASN A 264 48.77 -20.79 49.19
C ASN A 264 49.48 -19.66 48.43
N ALA A 265 49.69 -18.52 49.07
CA ALA A 265 50.53 -17.49 48.47
C ALA A 265 52.01 -17.77 48.69
N ALA A 266 52.37 -18.29 49.86
CA ALA A 266 53.77 -18.60 50.13
C ALA A 266 54.23 -19.80 49.31
N THR A 267 53.41 -20.84 49.27
CA THR A 267 53.82 -22.04 48.54
C THR A 267 53.72 -21.85 47.04
N GLN A 268 52.92 -20.89 46.56
CA GLN A 268 53.01 -20.53 45.15
C GLN A 268 54.38 -19.97 44.82
N ILE A 269 54.95 -19.16 45.72
CA ILE A 269 56.33 -18.71 45.57
C ILE A 269 57.27 -19.89 45.57
N PHE A 270 57.10 -20.79 46.54
CA PHE A 270 57.92 -21.98 46.61
C PHE A 270 57.86 -22.80 45.33
N PHE A 271 56.70 -22.84 44.68
CA PHE A 271 56.51 -23.59 43.45
C PHE A 271 57.06 -22.86 42.23
N SER A 272 57.09 -21.54 42.24
CA SER A 272 57.55 -20.80 41.08
C SER A 272 59.07 -20.73 41.00
N LEU A 273 59.75 -20.61 42.14
CA LEU A 273 61.20 -20.48 42.15
C LEU A 273 61.91 -21.82 42.01
N GLY A 274 61.24 -22.92 42.33
CA GLY A 274 61.85 -24.23 42.23
C GLY A 274 62.43 -24.76 43.51
N LEU A 275 62.16 -24.13 44.64
CA LEU A 275 62.63 -24.65 45.92
C LEU A 275 62.08 -26.05 46.16
N GLY A 276 62.78 -26.80 46.99
CA GLY A 276 62.31 -28.12 47.39
C GLY A 276 62.51 -29.19 46.34
N PHE A 277 62.50 -28.82 45.06
CA PHE A 277 62.63 -29.80 44.00
C PHE A 277 64.03 -30.36 43.87
N GLY A 278 64.98 -29.84 44.65
CA GLY A 278 66.35 -30.30 44.54
C GLY A 278 67.02 -29.99 43.22
N SER A 279 66.41 -29.18 42.38
CA SER A 279 67.01 -28.84 41.08
C SER A 279 68.03 -27.72 41.19
N LEU A 280 67.79 -26.75 42.08
CA LEU A 280 68.70 -25.61 42.16
C LEU A 280 70.00 -26.00 42.87
N ILE A 281 69.91 -26.90 43.84
CA ILE A 281 71.10 -27.42 44.50
C ILE A 281 71.99 -28.11 43.47
N ALA A 282 71.42 -29.04 42.72
CA ALA A 282 72.19 -29.77 41.73
C ALA A 282 72.60 -28.90 40.56
N PHE A 283 71.94 -27.77 40.34
CA PHE A 283 72.33 -26.90 39.24
C PHE A 283 73.65 -26.19 39.54
N ALA A 284 73.67 -25.40 40.60
CA ALA A 284 74.88 -24.66 40.98
C ALA A 284 75.80 -25.50 41.85
N SER A 285 76.07 -26.72 41.38
CA SER A 285 76.97 -27.64 42.06
C SER A 285 78.22 -27.89 41.24
N TYR A 286 78.06 -28.37 40.00
CA TYR A 286 79.17 -28.46 39.06
C TYR A 286 79.21 -27.23 38.15
N ASN A 287 79.13 -26.05 38.75
CA ASN A 287 79.11 -24.80 38.01
C ASN A 287 79.32 -23.67 39.01
N GLU A 288 79.53 -22.46 38.47
CA GLU A 288 79.72 -21.24 39.26
C GLU A 288 80.83 -21.42 40.29
N PRO A 289 82.11 -21.42 39.88
CA PRO A 289 83.20 -21.71 40.83
C PRO A 289 83.27 -20.75 42.00
N SER A 290 83.40 -19.45 41.72
CA SER A 290 83.50 -18.46 42.79
C SER A 290 82.70 -17.20 42.48
N ASN A 291 81.71 -17.31 41.61
CA ASN A 291 80.88 -16.15 41.29
C ASN A 291 79.89 -15.88 42.43
N ASN A 292 79.29 -14.70 42.39
CA ASN A 292 78.41 -14.27 43.47
C ASN A 292 77.07 -14.99 43.38
N CYS A 293 76.59 -15.49 44.52
CA CYS A 293 75.27 -16.08 44.60
C CYS A 293 74.21 -15.07 44.99
N GLN A 294 74.58 -14.00 45.69
CA GLN A 294 73.60 -13.02 46.12
C GLN A 294 72.99 -12.29 44.93
N LYS A 295 73.83 -11.80 44.03
CA LYS A 295 73.34 -11.13 42.84
C LYS A 295 72.45 -12.06 42.03
N HIS A 296 72.87 -13.31 41.87
CA HIS A 296 72.08 -14.28 41.12
C HIS A 296 70.69 -14.47 41.72
N ALA A 297 70.64 -14.76 43.02
CA ALA A 297 69.36 -15.02 43.68
C ALA A 297 68.47 -13.78 43.63
N ILE A 298 69.06 -12.59 43.80
CA ILE A 298 68.27 -11.37 43.80
C ILE A 298 67.66 -11.12 42.43
N ILE A 299 68.47 -11.26 41.37
CA ILE A 299 67.92 -11.10 40.02
C ILE A 299 66.84 -12.12 39.74
N VAL A 300 67.07 -13.39 40.15
CA VAL A 300 66.08 -14.43 39.88
C VAL A 300 64.76 -14.10 40.55
N SER A 301 64.79 -13.82 41.86
CA SER A 301 63.56 -13.54 42.58
C SER A 301 62.86 -12.32 42.00
N LEU A 302 63.62 -11.27 41.66
CA LEU A 302 62.99 -10.06 41.15
C LEU A 302 62.31 -10.31 39.82
N ILE A 303 62.98 -10.99 38.90
CA ILE A 303 62.40 -11.21 37.58
C ILE A 303 61.21 -12.19 37.66
N ASN A 304 61.30 -13.17 38.56
CA ASN A 304 60.16 -14.08 38.75
C ASN A 304 58.93 -13.33 39.23
N SER A 305 59.07 -12.57 40.33
CA SER A 305 57.93 -11.84 40.85
C SER A 305 57.42 -10.80 39.86
N PHE A 306 58.34 -10.13 39.14
CA PHE A 306 57.93 -9.13 38.17
C PHE A 306 57.12 -9.76 37.04
N THR A 307 57.58 -10.91 36.58
CA THR A 307 56.90 -11.65 35.52
C THR A 307 55.50 -12.05 35.98
N SER A 308 55.39 -12.51 37.21
CA SER A 308 54.09 -12.93 37.74
C SER A 308 53.14 -11.75 37.85
N ILE A 309 53.60 -10.63 38.41
CA ILE A 309 52.71 -9.48 38.59
C ILE A 309 52.33 -8.87 37.25
N PHE A 310 53.25 -8.87 36.28
CA PHE A 310 52.91 -8.30 34.98
C PHE A 310 51.97 -9.20 34.20
N ALA A 311 52.09 -10.52 34.34
CA ALA A 311 51.18 -11.41 33.66
C ALA A 311 49.81 -11.48 34.33
N SER A 312 49.73 -11.19 35.63
CA SER A 312 48.45 -11.18 36.32
C SER A 312 47.67 -9.89 36.08
N ILE A 313 48.05 -9.10 35.08
CA ILE A 313 47.35 -7.88 34.72
C ILE A 313 46.69 -7.98 33.35
N VAL A 314 47.40 -8.53 32.37
CA VAL A 314 46.81 -8.74 31.05
C VAL A 314 45.61 -9.66 31.14
N THR A 315 45.65 -10.64 32.04
CA THR A 315 44.49 -11.50 32.23
C THR A 315 43.35 -10.76 32.90
N PHE A 316 43.65 -9.95 33.92
CA PHE A 316 42.57 -9.35 34.70
C PHE A 316 41.93 -8.16 34.01
N SER A 317 42.61 -7.49 33.08
CA SER A 317 41.91 -6.52 32.26
C SER A 317 40.78 -7.19 31.48
N ILE A 318 41.08 -8.30 30.82
CA ILE A 318 40.07 -9.04 30.06
C ILE A 318 39.04 -9.64 30.99
N TYR A 319 39.44 -10.04 32.19
CA TYR A 319 38.48 -10.55 33.16
C TYR A 319 37.48 -9.48 33.56
N GLY A 320 37.95 -8.27 33.85
CA GLY A 320 37.03 -7.18 34.14
C GLY A 320 36.12 -6.86 32.97
N PHE A 321 36.67 -6.93 31.76
CA PHE A 321 35.82 -6.75 30.58
C PHE A 321 34.70 -7.77 30.55
N LYS A 322 35.02 -9.04 30.76
CA LYS A 322 34.01 -10.08 30.76
C LYS A 322 32.95 -9.84 31.83
N ALA A 323 33.40 -9.45 33.03
CA ALA A 323 32.45 -9.24 34.12
C ALA A 323 31.52 -8.07 33.83
N THR A 324 32.05 -6.96 33.34
CA THR A 324 31.18 -5.82 33.06
C THR A 324 30.24 -6.12 31.90
N PHE A 325 30.69 -6.93 30.93
CA PHE A 325 29.79 -7.32 29.86
C PHE A 325 28.62 -8.13 30.39
N ASN A 326 28.92 -9.13 31.23
CA ASN A 326 27.83 -9.94 31.78
C ASN A 326 26.89 -9.11 32.63
N TYR A 327 27.42 -8.10 33.34
CA TYR A 327 26.56 -7.25 34.15
C TYR A 327 25.63 -6.40 33.28
N GLU A 328 26.17 -5.77 32.24
CA GLU A 328 25.34 -5.03 31.31
C GLU A 328 24.30 -5.93 30.67
N ASN A 329 24.63 -7.20 30.44
CA ASN A 329 23.65 -8.12 29.87
C ASN A 329 22.50 -8.38 30.84
N CYS A 330 22.82 -8.66 32.11
CA CYS A 330 21.77 -8.75 33.13
C CYS A 330 20.84 -7.56 33.07
N LEU A 331 21.43 -6.36 33.08
CA LEU A 331 20.63 -5.14 33.14
C LEU A 331 19.74 -5.02 31.91
N LYS A 332 20.30 -5.26 30.73
CA LYS A 332 19.53 -5.14 29.50
C LYS A 332 18.39 -6.15 29.45
N LYS A 333 18.65 -7.36 29.91
CA LYS A 333 17.61 -8.38 29.90
C LYS A 333 16.46 -8.00 30.81
N VAL A 334 16.77 -7.49 32.01
CA VAL A 334 15.70 -7.10 32.93
C VAL A 334 14.92 -5.91 32.37
N SER A 335 15.63 -4.95 31.78
CA SER A 335 14.96 -3.80 31.19
C SER A 335 14.01 -4.23 30.09
N LEU A 336 14.45 -5.17 29.24
CA LEU A 336 13.59 -5.62 28.15
C LEU A 336 12.37 -6.36 28.68
N LEU A 337 12.54 -7.17 29.73
CA LEU A 337 11.39 -7.86 30.30
C LEU A 337 10.38 -6.87 30.85
N LEU A 338 10.85 -5.85 31.56
CA LEU A 338 9.92 -4.85 32.09
C LEU A 338 9.21 -4.11 30.97
N THR A 339 9.95 -3.80 29.89
CA THR A 339 9.34 -3.08 28.78
C THR A 339 8.27 -3.91 28.09
N ASN A 340 8.60 -5.15 27.73
CA ASN A 340 7.65 -6.01 27.04
C ASN A 340 6.46 -6.34 27.92
N THR A 341 6.65 -6.37 29.25
CA THR A 341 5.56 -6.83 30.11
C THR A 341 4.40 -5.86 30.16
N PHE A 342 4.62 -4.63 30.65
CA PHE A 342 3.46 -3.78 30.75
C PHE A 342 3.15 -3.12 29.43
N ASP A 343 3.86 -2.03 29.11
CA ASP A 343 4.13 -1.54 27.77
C ASP A 343 4.94 -0.26 27.96
N LEU A 344 6.05 -0.12 27.28
CA LEU A 344 6.84 1.09 27.40
C LEU A 344 7.52 1.40 26.08
N GLU A 345 7.60 2.68 25.75
CA GLU A 345 8.28 3.07 24.52
C GLU A 345 9.69 2.50 24.51
N ASP A 346 10.04 1.84 23.42
CA ASP A 346 11.35 1.25 23.35
C ASP A 346 12.40 2.32 23.47
N GLY A 347 13.34 2.09 24.37
CA GLY A 347 14.40 3.05 24.62
C GLY A 347 14.13 3.97 25.79
N PHE A 348 13.00 3.84 26.46
CA PHE A 348 12.70 4.69 27.59
C PHE A 348 13.45 4.24 28.84
N LEU A 349 13.29 2.98 29.21
CA LEU A 349 13.83 2.43 30.45
C LEU A 349 15.20 1.85 30.15
N THR A 350 16.24 2.66 30.29
CA THR A 350 17.54 2.14 29.86
C THR A 350 18.41 1.56 30.98
N ALA A 351 19.08 2.41 31.77
CA ALA A 351 19.91 1.89 32.84
C ALA A 351 19.99 2.83 34.02
N SER A 352 19.45 4.03 33.86
CA SER A 352 19.59 5.08 34.86
C SER A 352 18.27 5.41 35.54
N ASN A 353 17.18 5.34 34.80
CA ASN A 353 15.85 5.44 35.38
C ASN A 353 15.30 4.09 35.78
N LEU A 354 16.14 3.06 35.83
CA LEU A 354 15.65 1.72 36.13
C LEU A 354 15.03 1.65 37.51
N GLU A 355 15.67 2.29 38.49
CA GLU A 355 15.12 2.29 39.84
C GLU A 355 13.93 3.22 39.97
N GLN A 356 14.00 4.38 39.32
CA GLN A 356 12.86 5.30 39.30
C GLN A 356 11.62 4.61 38.76
N VAL A 357 11.77 3.90 37.63
CA VAL A 357 10.61 3.25 37.02
C VAL A 357 10.20 2.01 37.82
N LYS A 358 11.18 1.30 38.38
CA LYS A 358 10.84 0.20 39.28
C LYS A 358 9.93 0.66 40.41
N GLY A 359 10.27 1.80 41.01
CA GLY A 359 9.41 2.35 42.05
C GLY A 359 8.10 2.88 41.51
N TYR A 360 8.13 3.51 40.33
CA TYR A 360 6.92 4.04 39.74
C TYR A 360 5.91 2.94 39.47
N LEU A 361 6.38 1.75 39.09
CA LEU A 361 5.48 0.64 38.86
C LEU A 361 5.17 -0.06 40.18
N ALA A 362 4.81 0.73 41.18
CA ALA A 362 4.25 0.21 42.42
C ALA A 362 3.09 1.06 42.89
N SER A 363 2.83 2.19 42.24
CA SER A 363 1.70 3.05 42.54
C SER A 363 0.79 3.19 41.34
N ALA A 364 1.05 2.42 40.28
CA ALA A 364 0.22 2.41 39.09
C ALA A 364 -0.64 1.16 38.98
N TYR A 365 -0.03 -0.02 39.09
CA TYR A 365 -0.79 -1.25 39.10
C TYR A 365 0.02 -2.38 39.73
N PRO A 366 0.13 -2.41 41.06
CA PRO A 366 0.88 -3.51 41.69
C PRO A 366 0.21 -4.86 41.53
N SER A 367 -1.08 -4.90 41.23
CA SER A 367 -1.76 -6.17 41.00
C SER A 367 -1.07 -6.99 39.92
N LYS A 368 -0.59 -6.31 38.86
CA LYS A 368 0.17 -6.95 37.79
C LYS A 368 1.65 -7.08 38.13
N TYR A 369 2.15 -6.30 39.07
CA TYR A 369 3.57 -6.27 39.38
C TYR A 369 3.96 -7.37 40.35
N SER A 370 3.17 -7.56 41.41
CA SER A 370 3.54 -8.47 42.48
C SER A 370 3.73 -9.89 41.96
N GLU A 371 2.75 -10.40 41.22
CA GLU A 371 2.84 -11.75 40.68
C GLU A 371 3.93 -11.91 39.64
N MET A 372 4.60 -10.81 39.27
CA MET A 372 5.73 -10.85 38.35
C MET A 372 7.06 -10.64 39.06
N PHE A 373 7.04 -10.44 40.38
CA PHE A 373 8.28 -10.14 41.10
C PHE A 373 9.30 -11.28 41.09
N PRO A 374 8.92 -12.56 41.19
CA PRO A 374 9.96 -13.60 41.25
C PRO A 374 10.74 -13.79 39.96
N GLN A 375 10.47 -12.97 38.94
CA GLN A 375 11.23 -13.02 37.70
C GLN A 375 12.22 -11.88 37.53
N ILE A 376 12.06 -10.79 38.28
CA ILE A 376 12.97 -9.65 38.17
C ILE A 376 14.33 -10.08 38.71
N LYS A 377 15.30 -10.28 37.82
CA LYS A 377 16.64 -10.66 38.24
C LYS A 377 17.31 -9.51 38.95
N ASN A 378 17.97 -9.80 40.06
CA ASN A 378 18.72 -8.82 40.82
C ASN A 378 20.20 -9.03 40.56
N CYS A 379 20.81 -8.14 39.77
CA CYS A 379 22.18 -8.32 39.33
C CYS A 379 23.00 -7.10 39.74
N SER A 380 24.19 -7.34 40.28
CA SER A 380 25.13 -6.28 40.64
C SER A 380 26.52 -6.63 40.16
N LEU A 381 27.33 -5.59 39.97
CA LEU A 381 28.64 -5.77 39.34
C LEU A 381 29.61 -6.50 40.27
N GLU A 382 29.56 -6.21 41.57
CA GLU A 382 30.50 -6.85 42.50
C GLU A 382 30.31 -8.37 42.51
N SER A 383 29.06 -8.82 42.61
CA SER A 383 28.78 -10.24 42.64
C SER A 383 29.17 -10.93 41.34
N GLU A 384 29.41 -10.16 40.28
CA GLU A 384 29.83 -10.77 39.02
C GLU A 384 31.33 -10.74 38.87
N LEU A 385 31.97 -9.69 39.39
CA LEU A 385 33.43 -9.67 39.42
C LEU A 385 33.96 -10.74 40.35
N ASP A 386 33.17 -11.12 41.36
CA ASP A 386 33.62 -12.15 42.29
C ASP A 386 33.60 -13.53 41.65
N THR A 387 32.57 -13.83 40.87
CA THR A 387 32.41 -15.14 40.23
C THR A 387 31.98 -14.97 38.77
N ALA A 388 32.97 -14.91 37.88
CA ALA A 388 32.71 -14.91 36.44
C ALA A 388 33.33 -16.10 35.75
N VAL A 389 34.63 -16.33 35.89
CA VAL A 389 35.33 -17.37 35.15
C VAL A 389 36.21 -18.18 36.10
N GLN A 390 35.94 -18.08 37.40
CA GLN A 390 36.79 -18.72 38.39
C GLN A 390 36.96 -20.20 38.12
N GLY A 391 38.15 -20.71 38.40
CA GLY A 391 38.47 -22.11 38.19
C GLY A 391 39.91 -22.27 37.73
N THR A 392 40.30 -23.52 37.54
CA THR A 392 41.65 -23.86 37.14
C THR A 392 41.88 -23.75 35.64
N GLY A 393 40.88 -23.33 34.89
CA GLY A 393 41.04 -23.11 33.47
C GLY A 393 40.90 -21.63 33.16
N LEU A 394 41.06 -20.80 34.19
CA LEU A 394 40.90 -19.36 34.04
C LEU A 394 41.75 -18.83 32.90
N ALA A 395 43.03 -19.20 32.88
CA ALA A 395 43.92 -18.73 31.82
C ALA A 395 43.36 -19.06 30.45
N PHE A 396 42.84 -20.27 30.29
CA PHE A 396 42.36 -20.71 28.99
C PHE A 396 41.10 -19.96 28.59
N ILE A 397 40.07 -20.00 29.44
CA ILE A 397 38.80 -19.36 29.11
C ILE A 397 38.98 -17.87 28.86
N VAL A 398 39.78 -17.20 29.68
CA VAL A 398 39.96 -15.76 29.52
C VAL A 398 40.76 -15.45 28.27
N TYR A 399 41.88 -16.14 28.06
CA TYR A 399 42.70 -15.81 26.89
C TYR A 399 41.99 -16.15 25.59
N THR A 400 41.22 -17.24 25.55
CA THR A 400 40.45 -17.59 24.36
C THR A 400 39.22 -16.72 24.21
N GLU A 401 38.94 -15.88 25.19
CA GLU A 401 37.84 -14.92 25.12
C GLU A 401 38.25 -13.60 24.52
N ALA A 402 39.54 -13.25 24.58
CA ALA A 402 40.06 -12.05 23.98
C ALA A 402 40.60 -12.31 22.57
N ILE A 403 40.36 -13.47 22.00
CA ILE A 403 40.74 -13.77 20.64
C ILE A 403 39.58 -13.55 19.67
N LYS A 404 38.37 -13.91 20.08
CA LYS A 404 37.19 -13.63 19.27
C LYS A 404 36.95 -12.14 19.08
N ASN A 405 37.43 -11.31 20.00
CA ASN A 405 37.27 -9.86 19.90
C ASN A 405 38.44 -9.20 19.20
N MET A 406 39.16 -9.93 18.35
CA MET A 406 40.33 -9.41 17.68
C MET A 406 40.12 -9.41 16.17
N GLU A 407 41.01 -8.68 15.48
CA GLU A 407 40.84 -8.45 14.04
C GLU A 407 40.95 -9.75 13.26
N VAL A 408 42.10 -10.41 13.32
CA VAL A 408 42.28 -11.74 12.76
C VAL A 408 42.56 -12.67 13.94
N SER A 409 41.67 -13.64 14.15
CA SER A 409 41.68 -14.39 15.40
C SER A 409 42.66 -15.56 15.33
N GLN A 410 42.67 -16.28 14.22
CA GLN A 410 43.46 -17.51 14.14
C GLN A 410 44.94 -17.23 14.33
N LEU A 411 45.42 -16.10 13.81
CA LEU A 411 46.84 -15.75 13.95
C LEU A 411 47.22 -15.61 15.42
N TRP A 412 46.51 -14.75 16.15
CA TRP A 412 46.86 -14.54 17.55
C TRP A 412 46.63 -15.78 18.38
N SER A 413 45.62 -16.59 18.06
CA SER A 413 45.42 -17.83 18.78
C SER A 413 46.62 -18.76 18.60
N VAL A 414 47.05 -18.95 17.35
CA VAL A 414 48.22 -19.79 17.06
C VAL A 414 49.44 -19.27 17.80
N LEU A 415 49.65 -17.95 17.78
CA LEU A 415 50.85 -17.37 18.40
C LEU A 415 50.83 -17.59 19.91
N TYR A 416 49.73 -17.23 20.56
CA TYR A 416 49.67 -17.36 22.02
C TYR A 416 49.79 -18.80 22.44
N PHE A 417 49.15 -19.72 21.73
CA PHE A 417 49.20 -21.12 22.17
C PHE A 417 50.56 -21.74 21.88
N PHE A 418 51.24 -21.32 20.81
CA PHE A 418 52.61 -21.77 20.62
C PHE A 418 53.52 -21.22 21.72
N MET A 419 53.29 -19.98 22.16
CA MET A 419 54.02 -19.44 23.29
C MET A 419 53.83 -20.30 24.54
N LEU A 420 52.58 -20.61 24.85
CA LEU A 420 52.30 -21.42 26.03
C LEU A 420 52.93 -22.81 25.90
N LEU A 421 52.98 -23.34 24.69
CA LEU A 421 53.60 -24.65 24.48
C LEU A 421 55.11 -24.58 24.69
N MET A 422 55.75 -23.49 24.24
CA MET A 422 57.17 -23.32 24.52
C MET A 422 57.42 -23.27 26.02
N LEU A 423 56.66 -22.45 26.74
CA LEU A 423 56.82 -22.39 28.18
C LEU A 423 56.61 -23.76 28.82
N GLY A 424 55.62 -24.51 28.32
CA GLY A 424 55.34 -25.81 28.88
C GLY A 424 56.48 -26.79 28.68
N ILE A 425 57.00 -26.87 27.46
CA ILE A 425 58.10 -27.78 27.20
C ILE A 425 59.33 -27.36 27.99
N GLY A 426 59.53 -26.05 28.17
CA GLY A 426 60.67 -25.60 28.96
C GLY A 426 60.58 -26.03 30.40
N SER A 427 59.47 -25.69 31.07
CA SER A 427 59.32 -26.10 32.47
C SER A 427 59.29 -27.62 32.59
N MET A 428 58.81 -28.31 31.56
CA MET A 428 58.74 -29.76 31.63
C MET A 428 60.13 -30.39 31.58
N LEU A 429 60.98 -29.93 30.66
CA LEU A 429 62.35 -30.45 30.62
C LEU A 429 63.10 -30.05 31.88
N GLY A 430 62.87 -28.84 32.39
CA GLY A 430 63.52 -28.43 33.62
C GLY A 430 63.12 -29.28 34.80
N ASN A 431 61.87 -29.74 34.83
CA ASN A 431 61.43 -30.58 35.94
C ASN A 431 61.89 -32.03 35.74
N THR A 432 61.96 -32.50 34.50
CA THR A 432 62.45 -33.85 34.24
C THR A 432 63.94 -33.97 34.49
N ALA A 433 64.70 -32.88 34.38
CA ALA A 433 66.11 -32.94 34.71
C ALA A 433 66.32 -33.38 36.16
N ALA A 434 65.46 -32.91 37.07
CA ALA A 434 65.63 -33.23 38.49
C ALA A 434 65.26 -34.67 38.82
N ILE A 435 64.61 -35.39 37.90
CA ILE A 435 64.30 -36.80 38.13
C ILE A 435 65.20 -37.72 37.32
N LEU A 436 65.74 -37.24 36.19
CA LEU A 436 66.63 -38.09 35.41
C LEU A 436 68.03 -38.16 36.03
N THR A 437 68.65 -37.01 36.29
CA THR A 437 70.04 -37.00 36.73
C THR A 437 70.29 -37.74 38.04
N PRO A 438 69.43 -37.69 39.07
CA PRO A 438 69.71 -38.50 40.27
C PRO A 438 69.42 -39.97 40.05
N LEU A 439 69.13 -40.35 38.81
CA LEU A 439 68.90 -41.74 38.44
C LEU A 439 69.93 -42.28 37.46
N THR A 440 70.44 -41.45 36.57
CA THR A 440 71.49 -41.85 35.63
C THR A 440 72.88 -41.80 36.24
N ASP A 441 72.98 -41.58 37.55
CA ASP A 441 74.27 -41.53 38.23
C ASP A 441 74.51 -42.70 39.18
N SER A 442 73.45 -43.26 39.76
CA SER A 442 73.62 -44.40 40.67
C SER A 442 74.14 -45.61 39.92
N LYS A 443 75.26 -46.16 40.38
CA LYS A 443 75.96 -47.24 39.70
C LYS A 443 75.36 -48.61 39.98
N ILE A 444 74.11 -48.69 40.43
CA ILE A 444 73.43 -49.96 40.62
C ILE A 444 72.44 -50.24 39.50
N ILE A 445 71.67 -49.22 39.10
CA ILE A 445 70.61 -49.39 38.10
C ILE A 445 71.09 -49.10 36.68
N SER A 446 72.23 -48.43 36.52
CA SER A 446 72.71 -48.03 35.21
C SER A 446 73.49 -49.14 34.51
N SER A 447 73.28 -50.39 34.90
CA SER A 447 74.04 -51.50 34.33
C SER A 447 73.40 -52.05 33.05
N HIS A 448 72.15 -52.50 33.15
CA HIS A 448 71.47 -53.16 32.03
C HIS A 448 70.56 -52.22 31.26
N LEU A 449 70.46 -50.96 31.66
CA LEU A 449 69.55 -50.00 31.04
C LEU A 449 70.34 -48.78 30.60
N PRO A 450 70.46 -48.52 29.30
CA PRO A 450 71.14 -47.30 28.84
C PRO A 450 70.32 -46.05 29.09
N LYS A 451 70.85 -44.89 28.69
CA LYS A 451 70.22 -43.61 29.02
C LYS A 451 68.86 -43.47 28.34
N GLU A 452 68.84 -43.65 27.02
CA GLU A 452 67.60 -43.49 26.27
C GLU A 452 66.53 -44.45 26.77
N ALA A 453 66.92 -45.69 27.08
CA ALA A 453 65.95 -46.69 27.50
C ALA A 453 65.29 -46.32 28.83
N ILE A 454 66.08 -45.90 29.81
CA ILE A 454 65.51 -45.57 31.12
C ILE A 454 64.71 -44.27 31.03
N SER A 455 65.18 -43.32 30.22
CA SER A 455 64.41 -42.10 30.00
C SER A 455 63.03 -42.43 29.44
N GLY A 456 62.99 -43.25 28.39
CA GLY A 456 61.73 -43.65 27.82
C GLY A 456 60.87 -44.46 28.77
N LEU A 457 61.49 -45.26 29.63
CA LEU A 457 60.72 -46.02 30.61
C LEU A 457 60.01 -45.11 31.58
N VAL A 458 60.72 -44.11 32.11
CA VAL A 458 60.08 -43.15 33.02
C VAL A 458 58.99 -42.38 32.27
N CYS A 459 59.28 -41.95 31.04
CA CYS A 459 58.29 -41.22 30.25
C CYS A 459 57.04 -42.05 30.02
N LEU A 460 57.21 -43.34 29.73
CA LEU A 460 56.06 -44.20 29.45
C LEU A 460 55.25 -44.45 30.71
N VAL A 461 55.93 -44.68 31.85
CA VAL A 461 55.18 -44.88 33.08
C VAL A 461 54.41 -43.61 33.44
N ASN A 462 55.01 -42.45 33.21
CA ASN A 462 54.31 -41.19 33.49
C ASN A 462 53.13 -41.00 32.56
N CYS A 463 53.31 -41.27 31.27
CA CYS A 463 52.21 -41.16 30.32
C CYS A 463 51.07 -42.09 30.68
N ALA A 464 51.39 -43.30 31.17
CA ALA A 464 50.36 -44.24 31.54
C ALA A 464 49.66 -43.87 32.84
N ILE A 465 50.37 -43.30 33.81
CA ILE A 465 49.72 -42.92 35.06
C ILE A 465 48.90 -41.64 34.88
N GLY A 466 49.29 -40.81 33.91
CA GLY A 466 48.57 -39.57 33.66
C GLY A 466 47.28 -39.75 32.89
N MET A 467 46.87 -41.01 32.67
CA MET A 467 45.62 -41.26 32.00
C MET A 467 44.41 -41.12 32.91
N VAL A 468 44.63 -40.86 34.19
CA VAL A 468 43.49 -40.58 35.09
C VAL A 468 42.86 -39.24 34.73
N PHE A 469 43.65 -38.33 34.17
CA PHE A 469 43.21 -36.98 33.91
C PHE A 469 42.63 -36.80 32.51
N THR A 470 42.28 -37.88 31.82
CA THR A 470 41.56 -37.80 30.56
C THR A 470 40.18 -38.41 30.66
N MET A 471 39.72 -38.70 31.87
CA MET A 471 38.40 -39.27 32.10
C MET A 471 37.36 -38.16 32.10
N GLU A 472 36.12 -38.48 32.44
CA GLU A 472 35.08 -37.47 32.51
C GLU A 472 35.23 -36.61 33.75
N ALA A 473 35.43 -37.22 34.92
CA ALA A 473 35.76 -36.47 36.12
C ALA A 473 37.26 -36.41 36.34
N GLY A 474 37.99 -36.01 35.30
CA GLY A 474 39.43 -35.97 35.35
C GLY A 474 39.98 -34.65 35.83
N ASN A 475 39.26 -33.57 35.54
CA ASN A 475 39.66 -32.25 36.03
C ASN A 475 39.62 -32.16 37.55
N TYR A 476 38.67 -32.83 38.20
CA TYR A 476 38.66 -32.90 39.66
C TYR A 476 39.91 -33.57 40.19
N TRP A 477 40.33 -34.67 39.57
CA TRP A 477 41.55 -35.35 40.02
C TRP A 477 42.78 -34.50 39.74
N PHE A 478 42.78 -33.77 38.63
CA PHE A 478 43.86 -32.83 38.36
C PHE A 478 43.94 -31.77 39.45
N ASP A 479 42.79 -31.21 39.84
CA ASP A 479 42.79 -30.21 40.90
C ASP A 479 43.25 -30.80 42.22
N ILE A 480 42.85 -32.04 42.52
CA ILE A 480 43.28 -32.67 43.76
C ILE A 480 44.79 -32.87 43.76
N PHE A 481 45.33 -33.35 42.64
CA PHE A 481 46.75 -33.63 42.57
C PHE A 481 47.58 -32.36 42.56
N ASN A 482 47.02 -31.27 42.05
CA ASN A 482 47.77 -30.03 41.93
C ASN A 482 48.21 -29.49 43.29
N ASP A 483 47.23 -29.05 44.09
CA ASP A 483 47.50 -28.21 45.25
C ASP A 483 48.35 -28.91 46.31
N TYR A 484 47.82 -29.98 46.90
CA TYR A 484 48.49 -30.58 48.06
C TYR A 484 49.87 -31.12 47.67
N ALA A 485 49.92 -31.89 46.57
CA ALA A 485 51.16 -32.54 46.16
C ALA A 485 52.20 -31.53 45.71
N ALA A 486 51.77 -30.40 45.15
CA ALA A 486 52.74 -29.42 44.67
C ALA A 486 53.16 -28.46 45.76
N THR A 487 52.43 -28.38 46.86
CA THR A 487 52.65 -27.32 47.83
C THR A 487 53.18 -27.81 49.17
N LEU A 488 52.46 -28.72 49.84
CA LEU A 488 52.69 -28.92 51.27
C LEU A 488 54.02 -29.63 51.53
N SER A 489 54.29 -30.69 50.75
CA SER A 489 55.55 -31.40 50.89
C SER A 489 56.75 -30.47 50.77
N LEU A 490 56.78 -29.67 49.71
CA LEU A 490 57.91 -28.78 49.48
C LEU A 490 58.00 -27.71 50.56
N LEU A 491 56.86 -27.21 51.04
CA LEU A 491 56.89 -26.23 52.11
C LEU A 491 57.55 -26.81 53.35
N LEU A 492 57.31 -28.09 53.64
CA LEU A 492 57.94 -28.70 54.81
C LEU A 492 59.41 -29.03 54.55
N ILE A 493 59.74 -29.42 53.32
CA ILE A 493 61.11 -29.86 53.03
C ILE A 493 62.08 -28.69 53.07
N VAL A 494 61.66 -27.53 52.56
CA VAL A 494 62.58 -26.38 52.66
C VAL A 494 62.76 -25.99 54.13
N LEU A 495 61.72 -26.13 54.95
CA LEU A 495 61.85 -25.90 56.39
C LEU A 495 62.90 -26.82 57.01
N VAL A 496 62.83 -28.12 56.72
CA VAL A 496 63.78 -29.04 57.34
C VAL A 496 65.18 -28.79 56.81
N GLU A 497 65.29 -28.40 55.53
CA GLU A 497 66.60 -28.03 54.98
C GLU A 497 67.21 -26.88 55.76
N THR A 498 66.41 -25.84 56.02
CA THR A 498 66.94 -24.67 56.72
C THR A 498 67.30 -24.99 58.16
N ILE A 499 66.44 -25.75 58.86
CA ILE A 499 66.76 -26.16 60.22
C ILE A 499 68.09 -26.91 60.24
N ALA A 500 68.27 -27.83 59.29
CA ALA A 500 69.50 -28.62 59.25
C ALA A 500 70.72 -27.74 59.01
N VAL A 501 70.64 -26.84 58.03
CA VAL A 501 71.84 -26.06 57.68
C VAL A 501 72.14 -25.03 58.77
N CYS A 502 71.13 -24.67 59.56
CA CYS A 502 71.36 -23.64 60.57
C CYS A 502 71.85 -24.23 61.89
N TYR A 503 71.23 -25.31 62.37
CA TYR A 503 71.46 -25.77 63.72
C TYR A 503 72.09 -27.16 63.80
N VAL A 504 72.51 -27.74 62.68
CA VAL A 504 73.12 -29.07 62.72
C VAL A 504 74.50 -29.02 62.08
N TYR A 505 74.71 -28.09 61.16
CA TYR A 505 76.02 -27.90 60.54
C TYR A 505 76.80 -26.75 61.14
N GLY A 506 76.14 -25.83 61.84
CA GLY A 506 76.82 -24.70 62.43
C GLY A 506 76.75 -23.46 61.56
N LEU A 507 76.05 -22.45 62.05
CA LEU A 507 75.96 -21.19 61.31
C LEU A 507 77.33 -20.53 61.20
N ARG A 508 78.08 -20.49 62.30
CA ARG A 508 79.38 -19.84 62.28
C ARG A 508 80.37 -20.59 61.40
N ARG A 509 80.32 -21.92 61.45
CA ARG A 509 81.16 -22.71 60.56
C ARG A 509 80.86 -22.40 59.11
N PHE A 510 79.58 -22.30 58.75
CA PHE A 510 79.23 -22.05 57.36
C PHE A 510 79.64 -20.65 56.93
N GLU A 511 79.44 -19.65 57.79
CA GLU A 511 79.80 -18.29 57.37
C GLU A 511 81.31 -18.16 57.25
N SER A 512 82.07 -18.82 58.12
CA SER A 512 83.52 -18.82 57.96
C SER A 512 83.93 -19.52 56.68
N ASP A 513 83.29 -20.66 56.37
CA ASP A 513 83.60 -21.37 55.14
C ASP A 513 83.33 -20.50 53.92
N LEU A 514 82.18 -19.84 53.90
CA LEU A 514 81.84 -19.03 52.73
C LEU A 514 82.73 -17.79 52.62
N LYS A 515 83.13 -17.20 53.75
CA LYS A 515 84.06 -16.09 53.70
C LYS A 515 85.40 -16.54 53.13
N ALA A 516 85.90 -17.70 53.57
CA ALA A 516 87.17 -18.19 53.07
C ALA A 516 87.08 -18.64 51.62
N MET A 517 85.91 -19.06 51.16
CA MET A 517 85.76 -19.57 49.80
C MET A 517 85.56 -18.44 48.79
N THR A 518 84.61 -17.53 49.06
CA THR A 518 84.25 -16.48 48.13
C THR A 518 84.94 -15.15 48.42
N GLY A 519 85.39 -14.93 49.65
CA GLY A 519 86.02 -13.66 49.98
C GLY A 519 85.07 -12.54 50.31
N ARG A 520 83.87 -12.85 50.80
CA ARG A 520 82.91 -11.84 51.19
C ARG A 520 82.07 -12.37 52.35
N ALA A 521 81.81 -11.50 53.32
CA ALA A 521 80.98 -11.83 54.46
C ALA A 521 79.52 -11.51 54.16
N VAL A 522 78.63 -12.42 54.54
CA VAL A 522 77.20 -12.18 54.42
C VAL A 522 76.74 -11.28 55.55
N SER A 523 75.84 -10.35 55.24
CA SER A 523 75.35 -9.45 56.26
C SER A 523 74.50 -10.20 57.29
N TRP A 524 74.35 -9.59 58.47
CA TRP A 524 73.48 -10.17 59.48
C TRP A 524 72.02 -10.22 59.03
N TYR A 525 71.69 -9.46 57.98
CA TYR A 525 70.35 -9.51 57.38
C TYR A 525 69.98 -10.95 57.02
N TRP A 526 70.77 -11.57 56.12
CA TRP A 526 70.52 -12.96 55.77
C TRP A 526 70.76 -13.90 56.93
N LYS A 527 71.70 -13.57 57.82
CA LYS A 527 72.03 -14.47 58.93
C LYS A 527 70.82 -14.65 59.84
N VAL A 528 70.07 -13.58 60.08
CA VAL A 528 68.85 -13.70 60.88
C VAL A 528 67.68 -14.26 60.09
N MET A 529 67.62 -13.99 58.77
CA MET A 529 66.54 -14.53 57.96
C MET A 529 66.63 -16.04 57.84
N TRP A 530 67.84 -16.59 57.76
CA TRP A 530 67.99 -18.03 57.68
C TRP A 530 67.55 -18.69 58.98
N ALA A 531 68.04 -18.20 60.11
CA ALA A 531 67.83 -18.87 61.38
C ALA A 531 66.44 -18.60 61.95
N GLY A 532 66.10 -17.33 62.12
CA GLY A 532 64.92 -16.97 62.89
C GLY A 532 63.60 -16.86 62.17
N VAL A 533 63.50 -15.98 61.17
CA VAL A 533 62.20 -15.49 60.74
C VAL A 533 61.48 -16.53 59.88
N SER A 534 62.19 -17.18 58.96
CA SER A 534 61.52 -18.15 58.09
C SER A 534 61.10 -19.41 58.84
N PRO A 535 61.95 -20.06 59.64
CA PRO A 535 61.51 -21.26 60.37
C PRO A 535 60.44 -20.99 61.42
N LEU A 536 60.18 -19.74 61.80
CA LEU A 536 59.03 -19.45 62.66
C LEU A 536 57.79 -19.15 61.84
N LEU A 537 57.95 -18.39 60.76
CA LEU A 537 56.81 -18.00 59.94
C LEU A 537 56.17 -19.20 59.28
N ILE A 538 56.98 -20.14 58.79
CA ILE A 538 56.43 -21.31 58.12
C ILE A 538 55.63 -22.17 59.10
N VAL A 539 56.17 -22.39 60.30
CA VAL A 539 55.45 -23.20 61.28
C VAL A 539 54.17 -22.49 61.73
N SER A 540 54.23 -21.17 61.94
CA SER A 540 53.01 -20.45 62.32
C SER A 540 51.95 -20.56 61.24
N LEU A 541 52.36 -20.38 59.97
CA LEU A 541 51.44 -20.49 58.86
C LEU A 541 50.84 -21.89 58.75
N PHE A 542 51.63 -22.92 59.06
CA PHE A 542 51.12 -24.28 59.03
C PHE A 542 50.15 -24.58 60.15
N VAL A 543 50.44 -24.11 61.37
CA VAL A 543 49.52 -24.39 62.47
C VAL A 543 48.24 -23.59 62.34
N PHE A 544 48.30 -22.37 61.79
CA PHE A 544 47.07 -21.62 61.54
C PHE A 544 46.15 -22.37 60.59
N TYR A 545 46.72 -22.85 59.48
CA TYR A 545 45.93 -23.55 58.48
C TYR A 545 45.41 -24.88 59.00
N LEU A 546 46.24 -25.62 59.73
CA LEU A 546 45.80 -26.88 60.32
C LEU A 546 44.71 -26.67 61.37
N SER A 547 44.76 -25.56 62.10
CA SER A 547 43.71 -25.28 63.07
C SER A 547 42.41 -24.90 62.37
N ASP A 548 42.49 -24.01 61.37
CA ASP A 548 41.28 -23.63 60.65
C ASP A 548 40.76 -24.77 59.79
N TYR A 549 41.53 -25.85 59.61
CA TYR A 549 40.98 -27.08 59.06
C TYR A 549 40.27 -27.91 60.13
N ILE A 550 40.71 -27.81 61.39
CA ILE A 550 40.20 -28.68 62.45
C ILE A 550 38.96 -28.06 63.09
N LEU A 551 38.80 -26.74 62.93
CA LEU A 551 37.67 -26.05 63.53
C LEU A 551 36.48 -25.90 62.60
N THR A 552 36.64 -26.15 61.30
CA THR A 552 35.53 -26.15 60.36
C THR A 552 35.09 -27.53 59.91
N GLY A 553 36.00 -28.49 59.85
CA GLY A 553 35.66 -29.83 59.42
C GLY A 553 36.11 -30.12 58.01
N THR A 554 35.29 -30.89 57.31
CA THR A 554 35.60 -31.30 55.94
C THR A 554 35.54 -30.10 55.01
N LEU A 555 36.25 -30.20 53.89
CA LEU A 555 36.32 -29.14 52.90
C LEU A 555 35.58 -29.49 51.62
N LYS A 556 35.04 -28.46 50.97
CA LYS A 556 34.24 -28.58 49.75
C LYS A 556 35.05 -28.03 48.58
N TYR A 557 35.06 -28.74 47.45
CA TYR A 557 35.92 -28.27 46.39
C TYR A 557 35.22 -27.39 45.34
N GLN A 558 34.38 -27.98 44.49
CA GLN A 558 33.66 -27.27 43.43
C GLN A 558 32.89 -28.26 42.56
N ALA A 559 32.11 -27.75 41.61
CA ALA A 559 31.53 -28.57 40.55
C ALA A 559 31.16 -27.66 39.39
N TRP A 560 30.54 -28.22 38.36
CA TRP A 560 30.23 -27.46 37.16
C TRP A 560 28.75 -27.11 37.04
N ASP A 561 27.86 -28.03 37.41
CA ASP A 561 26.41 -27.79 37.36
C ASP A 561 25.99 -27.28 35.99
N ALA A 562 26.15 -28.16 35.00
CA ALA A 562 25.87 -27.81 33.61
C ALA A 562 24.45 -27.26 33.44
N SER A 563 23.52 -27.72 34.27
CA SER A 563 22.12 -27.30 34.11
C SER A 563 21.87 -25.88 34.58
N GLN A 564 22.84 -25.21 35.20
CA GLN A 564 22.60 -23.86 35.68
C GLN A 564 23.69 -22.90 35.17
N GLY A 565 24.89 -23.42 34.98
CA GLY A 565 25.96 -22.62 34.40
C GLY A 565 26.87 -21.91 35.37
N GLN A 566 26.99 -22.40 36.59
CA GLN A 566 27.89 -21.81 37.57
C GLN A 566 28.53 -22.91 38.40
N LEU A 567 29.58 -22.54 39.11
CA LEU A 567 30.36 -23.48 39.90
C LEU A 567 29.73 -23.63 41.28
N VAL A 568 29.06 -24.75 41.50
CA VAL A 568 28.57 -25.11 42.83
C VAL A 568 29.70 -25.78 43.60
N THR A 569 29.49 -26.00 44.90
CA THR A 569 30.59 -26.35 45.80
C THR A 569 30.37 -27.68 46.52
N LYS A 570 30.05 -28.74 45.78
CA LYS A 570 29.83 -30.07 46.33
C LYS A 570 30.98 -30.55 47.20
N ASP A 571 30.71 -31.54 48.05
CA ASP A 571 31.69 -32.00 49.04
C ASP A 571 32.58 -33.10 48.47
N TYR A 572 33.76 -33.21 49.05
CA TYR A 572 34.66 -34.30 48.73
C TYR A 572 34.15 -35.60 49.34
N PRO A 573 34.07 -36.67 48.57
CA PRO A 573 33.67 -37.97 49.14
C PRO A 573 34.71 -38.47 50.14
N ALA A 574 34.32 -39.45 50.95
CA ALA A 574 35.20 -39.92 52.02
C ALA A 574 36.44 -40.60 51.44
N TYR A 575 36.24 -41.44 50.41
CA TYR A 575 37.37 -42.13 49.80
C TYR A 575 38.32 -41.14 49.12
N ALA A 576 37.82 -39.95 48.78
CA ALA A 576 38.67 -38.94 48.17
C ALA A 576 39.72 -38.40 49.12
N LEU A 577 39.39 -38.28 50.41
CA LEU A 577 40.35 -37.79 51.38
C LEU A 577 41.52 -38.76 51.55
N ALA A 578 41.33 -40.02 51.18
CA ALA A 578 42.41 -41.00 51.26
C ALA A 578 43.61 -40.54 50.44
N VAL A 579 43.39 -40.21 49.17
CA VAL A 579 44.50 -39.79 48.31
C VAL A 579 45.06 -38.46 48.78
N ILE A 580 44.20 -37.57 49.28
CA ILE A 580 44.65 -36.28 49.80
C ILE A 580 45.65 -36.49 50.92
N GLY A 581 45.40 -37.48 51.79
CA GLY A 581 46.36 -37.81 52.82
C GLY A 581 47.60 -38.48 52.28
N LEU A 582 47.39 -39.48 51.41
CA LEU A 582 48.49 -40.31 50.93
C LEU A 582 49.51 -39.52 50.14
N LEU A 583 49.07 -38.51 49.38
CA LEU A 583 50.00 -37.71 48.59
C LEU A 583 51.06 -37.08 49.48
N VAL A 584 50.61 -36.23 50.41
CA VAL A 584 51.55 -35.54 51.29
C VAL A 584 52.30 -36.54 52.17
N ALA A 585 51.66 -37.64 52.53
CA ALA A 585 52.34 -38.66 53.32
C ALA A 585 53.53 -39.23 52.57
N SER A 586 53.26 -39.92 51.47
CA SER A 586 54.29 -40.58 50.66
C SER A 586 55.26 -39.58 50.05
N SER A 587 54.97 -38.28 50.06
CA SER A 587 55.93 -37.31 49.57
C SER A 587 56.65 -36.55 50.68
N THR A 588 56.29 -36.77 51.96
CA THR A 588 56.97 -36.06 53.04
C THR A 588 57.42 -36.99 54.16
N MET A 589 56.83 -38.17 54.33
CA MET A 589 57.19 -39.08 55.41
C MET A 589 58.43 -39.91 55.08
N CYS A 590 59.22 -39.49 54.10
CA CYS A 590 60.46 -40.19 53.79
C CYS A 590 61.63 -39.72 54.64
N ILE A 591 61.43 -38.70 55.46
CA ILE A 591 62.45 -38.23 56.40
C ILE A 591 62.55 -39.17 57.59
N PRO A 592 61.48 -39.45 58.34
CA PRO A 592 61.61 -40.29 59.54
C PRO A 592 61.93 -41.75 59.25
N LEU A 593 61.75 -42.22 58.01
CA LEU A 593 62.22 -43.56 57.67
C LEU A 593 63.70 -43.57 57.29
N ALA A 594 64.21 -42.49 56.73
CA ALA A 594 65.66 -42.37 56.59
C ALA A 594 66.34 -42.26 57.94
N ALA A 595 65.76 -41.47 58.86
CA ALA A 595 66.29 -41.34 60.21
C ALA A 595 66.22 -42.64 61.00
N LEU A 596 65.44 -43.62 60.56
CA LEU A 596 65.36 -44.95 61.17
C LEU A 596 66.24 -45.97 60.46
N GLY A 597 66.33 -45.91 59.14
CA GLY A 597 67.25 -46.78 58.43
C GLY A 597 68.70 -46.46 58.77
N THR A 598 68.99 -45.17 59.01
CA THR A 598 70.30 -44.77 59.49
C THR A 598 70.50 -45.06 60.97
N PHE A 599 69.45 -45.48 61.68
CA PHE A 599 69.54 -45.90 63.07
C PHE A 599 69.69 -47.40 63.22
N VAL A 600 69.10 -48.17 62.30
CA VAL A 600 69.26 -49.62 62.34
C VAL A 600 70.63 -50.03 61.77
N GLN A 601 71.20 -49.22 60.88
CA GLN A 601 72.54 -49.49 60.38
C GLN A 601 73.62 -49.09 61.37
N ARG A 602 73.33 -48.18 62.30
CA ARG A 602 74.28 -47.74 63.30
C ARG A 602 74.19 -48.58 64.58
N ARG A 603 73.74 -49.83 64.46
CA ARG A 603 73.66 -50.75 65.58
C ARG A 603 74.69 -51.87 65.47
N LEU A 604 74.67 -52.61 64.36
CA LEU A 604 75.61 -53.69 64.09
C LEU A 604 75.70 -54.69 65.24
N SER B 28 -44.86 50.55 42.27
CA SER B 28 -44.55 50.54 40.85
C SER B 28 -43.07 50.36 40.63
N THR B 29 -42.37 49.80 41.62
CA THR B 29 -40.92 49.87 41.63
C THR B 29 -40.27 49.21 40.42
N ILE B 30 -40.19 47.87 40.41
CA ILE B 30 -39.78 47.14 39.22
C ILE B 30 -40.67 45.92 39.07
N GLU B 31 -41.37 45.56 40.13
CA GLU B 31 -42.12 44.32 40.14
C GLU B 31 -43.50 44.46 39.53
N GLU B 32 -44.24 45.52 39.87
CA GLU B 32 -45.55 45.71 39.28
C GLU B 32 -45.48 45.96 37.78
N GLN B 33 -44.43 46.60 37.31
CA GLN B 33 -44.23 46.72 35.87
C GLN B 33 -44.05 45.36 35.23
N ALA B 34 -43.33 44.45 35.88
CA ALA B 34 -43.17 43.11 35.33
C ALA B 34 -44.51 42.38 35.27
N LYS B 35 -45.35 42.55 36.28
CA LYS B 35 -46.65 41.90 36.26
C LYS B 35 -47.52 42.45 35.13
N THR B 36 -47.55 43.78 34.98
CA THR B 36 -48.32 44.36 33.90
C THR B 36 -47.80 43.89 32.54
N PHE B 37 -46.49 43.75 32.40
CA PHE B 37 -45.94 43.25 31.15
C PHE B 37 -46.38 41.82 30.91
N LEU B 38 -46.36 40.99 31.96
CA LEU B 38 -46.70 39.59 31.80
C LEU B 38 -48.15 39.40 31.44
N ASP B 39 -49.04 40.28 31.92
CA ASP B 39 -50.45 40.15 31.54
C ASP B 39 -50.65 40.31 30.04
N LYS B 40 -50.07 41.37 29.48
CA LYS B 40 -50.17 41.60 28.05
C LYS B 40 -49.52 40.47 27.27
N PHE B 41 -48.36 39.99 27.74
CA PHE B 41 -47.72 38.87 27.07
C PHE B 41 -48.63 37.65 27.06
N ASN B 42 -49.23 37.34 28.21
CA ASN B 42 -50.11 36.18 28.29
C ASN B 42 -51.21 36.26 27.27
N HIS B 43 -51.94 37.38 27.25
CA HIS B 43 -53.04 37.54 26.30
C HIS B 43 -52.58 37.34 24.85
N GLU B 44 -51.58 38.11 24.43
CA GLU B 44 -51.21 38.07 23.01
C GLU B 44 -50.63 36.72 22.62
N ALA B 45 -49.80 36.15 23.49
CA ALA B 45 -49.18 34.86 23.18
C ALA B 45 -50.23 33.77 23.11
N GLU B 46 -51.24 33.83 23.97
CA GLU B 46 -52.30 32.84 23.92
C GLU B 46 -53.00 32.89 22.57
N ASP B 47 -53.32 34.09 22.10
CA ASP B 47 -54.00 34.20 20.82
C ASP B 47 -53.14 33.66 19.67
N LEU B 48 -51.89 34.11 19.61
CA LEU B 48 -51.02 33.69 18.50
C LEU B 48 -50.75 32.19 18.54
N PHE B 49 -50.63 31.62 19.75
CA PHE B 49 -50.38 30.20 19.87
C PHE B 49 -51.58 29.40 19.41
N TYR B 50 -52.79 29.84 19.77
CA TYR B 50 -53.97 29.17 19.25
C TYR B 50 -53.95 29.16 17.73
N GLN B 51 -53.64 30.30 17.13
CA GLN B 51 -53.65 30.36 15.66
C GLN B 51 -52.64 29.40 15.06
N SER B 52 -51.41 29.43 15.57
CA SER B 52 -50.37 28.56 15.02
C SER B 52 -50.72 27.09 15.19
N SER B 53 -51.25 26.73 16.36
CA SER B 53 -51.58 25.33 16.62
C SER B 53 -52.72 24.86 15.73
N LEU B 54 -53.72 25.72 15.53
CA LEU B 54 -54.83 25.35 14.65
C LEU B 54 -54.34 25.14 13.23
N ALA B 55 -53.43 25.99 12.76
CA ALA B 55 -52.86 25.81 11.44
C ALA B 55 -52.12 24.47 11.35
N SER B 56 -51.31 24.17 12.36
CA SER B 56 -50.53 22.94 12.33
C SER B 56 -51.42 21.71 12.37
N TRP B 57 -52.49 21.78 13.16
CA TRP B 57 -53.45 20.68 13.19
C TRP B 57 -54.09 20.48 11.83
N ASN B 58 -54.56 21.58 11.23
CA ASN B 58 -55.19 21.50 9.92
C ASN B 58 -54.25 20.87 8.91
N TYR B 59 -52.98 21.22 8.96
CA TYR B 59 -52.04 20.59 8.04
C TYR B 59 -51.87 19.10 8.34
N ASN B 60 -51.73 18.75 9.62
CA ASN B 60 -51.40 17.37 9.94
C ASN B 60 -52.55 16.42 9.65
N THR B 61 -53.79 16.86 9.83
CA THR B 61 -54.91 15.98 9.58
C THR B 61 -55.34 15.97 8.12
N ASN B 62 -54.82 16.89 7.30
CA ASN B 62 -55.23 16.99 5.90
C ASN B 62 -54.03 17.54 5.12
N ILE B 63 -53.23 16.64 4.56
CA ILE B 63 -51.99 17.03 3.90
C ILE B 63 -52.32 17.57 2.51
N THR B 64 -52.10 18.87 2.31
CA THR B 64 -52.15 19.47 0.98
C THR B 64 -50.89 20.29 0.76
N GLU B 65 -50.87 21.08 -0.30
CA GLU B 65 -49.76 21.98 -0.53
C GLU B 65 -50.01 23.33 0.13
N GLU B 66 -51.18 23.91 -0.12
CA GLU B 66 -51.54 25.20 0.47
C GLU B 66 -51.44 25.18 2.00
N ASN B 67 -51.81 24.07 2.61
CA ASN B 67 -51.75 23.95 4.07
C ASN B 67 -50.34 24.11 4.59
N VAL B 68 -49.34 23.67 3.82
CA VAL B 68 -47.95 23.78 4.28
C VAL B 68 -47.58 25.23 4.54
N GLN B 69 -47.72 26.09 3.54
CA GLN B 69 -47.41 27.49 3.76
C GLN B 69 -48.41 28.17 4.68
N ASN B 70 -49.67 27.71 4.70
CA ASN B 70 -50.63 28.27 5.64
C ASN B 70 -50.17 28.07 7.07
N MET B 71 -49.58 26.92 7.37
CA MET B 71 -49.05 26.66 8.70
C MET B 71 -47.71 27.35 8.91
N ASN B 72 -46.89 27.42 7.87
CA ASN B 72 -45.59 28.07 8.00
C ASN B 72 -45.74 29.55 8.32
N ASN B 73 -46.76 30.20 7.76
CA ASN B 73 -46.96 31.62 8.03
C ASN B 73 -47.22 31.86 9.51
N ALA B 74 -48.16 31.12 10.08
CA ALA B 74 -48.47 31.27 11.50
C ALA B 74 -47.26 30.87 12.35
N GLY B 75 -46.51 29.85 11.92
CA GLY B 75 -45.33 29.46 12.68
C GLY B 75 -44.29 30.56 12.74
N ASP B 76 -43.98 31.16 11.60
CA ASP B 76 -43.00 32.23 11.60
C ASP B 76 -43.50 33.45 12.35
N LYS B 77 -44.80 33.75 12.24
CA LYS B 77 -45.35 34.86 13.02
C LYS B 77 -45.18 34.62 14.51
N TRP B 78 -45.49 33.41 14.97
CA TRP B 78 -45.35 33.10 16.39
C TRP B 78 -43.89 33.19 16.83
N SER B 79 -42.97 32.63 16.04
CA SER B 79 -41.57 32.67 16.43
C SER B 79 -41.07 34.11 16.49
N ALA B 80 -41.47 34.95 15.53
CA ALA B 80 -41.05 36.33 15.55
C ALA B 80 -41.59 37.07 16.77
N PHE B 81 -42.88 36.86 17.08
CA PHE B 81 -43.46 37.47 18.26
C PHE B 81 -42.70 37.05 19.52
N LEU B 82 -42.34 35.77 19.59
CA LEU B 82 -41.63 35.28 20.77
C LEU B 82 -40.26 35.93 20.89
N LYS B 83 -39.54 36.06 19.77
CA LYS B 83 -38.23 36.69 19.83
C LYS B 83 -38.33 38.15 20.22
N GLU B 84 -39.32 38.86 19.68
CA GLU B 84 -39.51 40.26 20.04
C GLU B 84 -39.79 40.41 21.52
N GLN B 85 -40.73 39.62 22.04
CA GLN B 85 -41.05 39.69 23.47
C GLN B 85 -39.87 39.28 24.33
N SER B 86 -39.07 38.31 23.89
CA SER B 86 -37.91 37.91 24.65
C SER B 86 -36.92 39.04 24.79
N THR B 87 -36.60 39.72 23.68
CA THR B 87 -35.69 40.86 23.76
C THR B 87 -36.29 42.00 24.56
N LEU B 88 -37.59 42.22 24.47
CA LEU B 88 -38.22 43.26 25.27
C LEU B 88 -38.18 42.95 26.76
N ALA B 89 -38.21 41.67 27.12
CA ALA B 89 -38.30 41.29 28.53
C ALA B 89 -37.00 41.40 29.28
N GLN B 90 -35.88 41.67 28.60
CA GLN B 90 -34.62 41.81 29.30
C GLN B 90 -34.55 43.05 30.16
N MET B 91 -35.44 44.02 29.92
CA MET B 91 -35.38 45.30 30.61
C MET B 91 -35.88 45.23 32.05
N TYR B 92 -36.36 44.08 32.50
CA TYR B 92 -36.72 43.89 33.90
C TYR B 92 -35.68 42.98 34.53
N PRO B 93 -34.73 43.51 35.30
CA PRO B 93 -33.72 42.66 35.90
C PRO B 93 -34.34 41.60 36.80
N LEU B 94 -33.66 40.47 36.92
CA LEU B 94 -34.18 39.34 37.68
C LEU B 94 -33.91 39.45 39.17
N GLN B 95 -33.16 40.46 39.62
CA GLN B 95 -32.66 40.45 40.99
C GLN B 95 -33.66 40.96 42.01
N GLU B 96 -34.51 41.91 41.65
CA GLU B 96 -35.43 42.51 42.61
C GLU B 96 -36.84 41.96 42.52
N ILE B 97 -37.09 41.00 41.66
CA ILE B 97 -38.40 40.35 41.64
C ILE B 97 -38.47 39.39 42.82
N GLN B 98 -39.48 39.55 43.66
CA GLN B 98 -39.64 38.72 44.85
C GLN B 98 -40.59 37.56 44.64
N ASN B 99 -41.67 37.76 43.87
CA ASN B 99 -42.60 36.68 43.61
C ASN B 99 -41.92 35.60 42.80
N LEU B 100 -42.00 34.36 43.28
CA LEU B 100 -41.36 33.27 42.57
C LEU B 100 -42.09 32.90 41.28
N THR B 101 -43.40 33.11 41.21
CA THR B 101 -44.12 32.86 39.97
C THR B 101 -43.70 33.84 38.89
N VAL B 102 -43.69 35.14 39.22
CA VAL B 102 -43.26 36.14 38.26
C VAL B 102 -41.81 35.90 37.86
N LYS B 103 -40.97 35.53 38.82
CA LYS B 103 -39.58 35.26 38.50
C LYS B 103 -39.46 34.06 37.57
N LEU B 104 -40.27 33.03 37.80
CA LEU B 104 -40.25 31.87 36.92
C LEU B 104 -40.61 32.24 35.49
N GLN B 105 -41.69 32.99 35.33
CA GLN B 105 -42.10 33.37 33.99
C GLN B 105 -41.05 34.24 33.31
N LEU B 106 -40.53 35.23 34.04
CA LEU B 106 -39.54 36.13 33.43
C LEU B 106 -38.26 35.39 33.09
N GLN B 107 -37.87 34.42 33.91
CA GLN B 107 -36.68 33.65 33.62
C GLN B 107 -36.88 32.72 32.44
N ALA B 108 -38.09 32.21 32.26
CA ALA B 108 -38.37 31.42 31.07
C ALA B 108 -38.36 32.28 29.83
N LEU B 109 -38.77 33.53 29.94
CA LEU B 109 -38.87 34.41 28.79
C LEU B 109 -37.57 35.13 28.45
N GLN B 110 -36.66 35.27 29.41
CA GLN B 110 -35.44 36.03 29.21
C GLN B 110 -34.30 35.22 28.62
N GLN B 111 -34.41 33.89 28.59
CA GLN B 111 -33.27 33.09 28.16
C GLN B 111 -32.96 33.35 26.70
N ASN B 112 -31.72 33.75 26.42
CA ASN B 112 -31.33 34.08 25.07
C ASN B 112 -31.37 32.87 24.16
N GLY B 113 -30.88 31.74 24.64
CA GLY B 113 -30.78 30.56 23.80
C GLY B 113 -29.71 30.79 22.76
N SER B 114 -30.05 30.57 21.50
CA SER B 114 -29.15 30.97 20.42
C SER B 114 -29.29 32.47 20.24
N SER B 115 -28.76 33.00 19.14
CA SER B 115 -28.72 34.43 18.87
C SER B 115 -27.77 35.15 19.81
N VAL B 116 -27.07 34.44 20.68
CA VAL B 116 -25.92 35.01 21.36
C VAL B 116 -24.69 34.94 20.48
N LEU B 117 -24.70 34.06 19.47
CA LEU B 117 -23.57 33.94 18.58
C LEU B 117 -23.63 35.04 17.53
N SER B 118 -22.59 35.10 16.70
CA SER B 118 -22.58 36.03 15.57
C SER B 118 -23.63 35.62 14.55
N GLU B 119 -23.66 36.33 13.43
CA GLU B 119 -24.55 35.89 12.35
C GLU B 119 -23.90 34.80 11.53
N ASP B 120 -22.62 34.96 11.20
CA ASP B 120 -21.89 33.90 10.51
C ASP B 120 -21.94 32.61 11.31
N LYS B 121 -21.67 32.70 12.61
CA LYS B 121 -21.60 31.50 13.43
C LYS B 121 -22.97 30.83 13.56
N SER B 122 -24.01 31.63 13.79
CA SER B 122 -25.35 31.06 13.88
C SER B 122 -25.77 30.38 12.58
N LYS B 123 -25.47 31.01 11.45
CA LYS B 123 -25.84 30.40 10.17
C LYS B 123 -25.06 29.11 9.93
N ARG B 124 -23.79 29.09 10.29
CA ARG B 124 -23.01 27.86 10.14
C ARG B 124 -23.57 26.75 11.04
N LEU B 125 -24.00 27.11 12.24
CA LEU B 125 -24.58 26.11 13.13
C LEU B 125 -25.85 25.52 12.53
N ASN B 126 -26.75 26.37 12.04
CA ASN B 126 -27.96 25.83 11.44
C ASN B 126 -27.64 24.98 10.23
N THR B 127 -26.62 25.36 9.46
CA THR B 127 -26.25 24.58 8.29
C THR B 127 -25.79 23.19 8.68
N ILE B 128 -24.95 23.08 9.70
CA ILE B 128 -24.47 21.74 10.05
C ILE B 128 -25.58 20.93 10.71
N LEU B 129 -26.48 21.56 11.44
CA LEU B 129 -27.62 20.82 11.98
C LEU B 129 -28.45 20.21 10.86
N ASN B 130 -28.79 21.02 9.85
CA ASN B 130 -29.60 20.50 8.75
C ASN B 130 -28.84 19.45 7.97
N THR B 131 -27.54 19.62 7.80
CA THR B 131 -26.76 18.62 7.07
C THR B 131 -26.77 17.28 7.79
N MET B 132 -26.56 17.30 9.10
CA MET B 132 -26.57 16.05 9.86
C MET B 132 -27.93 15.38 9.79
N SER B 133 -29.00 16.15 9.94
CA SER B 133 -30.33 15.58 9.86
C SER B 133 -30.58 14.95 8.49
N THR B 134 -30.18 15.62 7.42
CA THR B 134 -30.44 15.10 6.09
C THR B 134 -29.57 13.88 5.78
N ILE B 135 -28.34 13.85 6.29
CA ILE B 135 -27.52 12.66 6.13
C ILE B 135 -28.18 11.48 6.80
N TYR B 136 -28.66 11.66 8.03
CA TYR B 136 -29.30 10.56 8.74
C TYR B 136 -30.56 10.11 8.03
N SER B 137 -31.32 11.05 7.48
CA SER B 137 -32.64 10.70 6.95
C SER B 137 -32.57 10.00 5.60
N THR B 138 -31.58 10.30 4.76
CA THR B 138 -31.55 9.79 3.40
C THR B 138 -30.26 9.03 3.09
N GLY B 139 -29.61 8.47 4.11
CA GLY B 139 -28.43 7.67 3.88
C GLY B 139 -28.81 6.29 3.41
N LYS B 140 -27.99 5.72 2.54
CA LYS B 140 -28.29 4.47 1.88
C LYS B 140 -27.05 3.58 1.90
N VAL B 141 -27.26 2.28 2.06
CA VAL B 141 -26.21 1.27 1.91
C VAL B 141 -26.73 0.18 1.01
N CYS B 142 -25.85 -0.47 0.25
CA CYS B 142 -26.29 -1.50 -0.68
C CYS B 142 -25.36 -2.69 -0.69
N ASN B 143 -25.92 -3.77 -1.24
CA ASN B 143 -25.31 -5.08 -1.22
C ASN B 143 -23.91 -5.06 -1.81
N PRO B 144 -23.05 -5.92 -1.35
CA PRO B 144 -21.70 -5.94 -1.90
C PRO B 144 -21.63 -6.72 -3.19
N ASP B 145 -22.67 -7.52 -3.47
CA ASP B 145 -22.70 -8.36 -4.66
C ASP B 145 -23.78 -7.95 -5.65
N ASN B 146 -24.53 -6.89 -5.38
CA ASN B 146 -25.50 -6.35 -6.32
C ASN B 146 -25.65 -4.87 -6.03
N PRO B 147 -24.68 -4.07 -6.44
CA PRO B 147 -24.61 -2.67 -5.96
C PRO B 147 -25.76 -1.80 -6.38
N GLN B 148 -26.77 -2.33 -7.07
CA GLN B 148 -27.93 -1.55 -7.46
C GLN B 148 -29.14 -1.84 -6.56
N GLU B 149 -28.89 -2.19 -5.30
CA GLU B 149 -29.92 -2.61 -4.36
C GLU B 149 -29.79 -1.87 -3.03
N CYS B 150 -29.69 -0.55 -3.09
CA CYS B 150 -29.41 0.22 -1.88
C CYS B 150 -30.66 0.35 -1.01
N LEU B 151 -30.47 0.16 0.29
CA LEU B 151 -31.52 0.22 1.30
C LEU B 151 -31.34 1.43 2.18
N LEU B 152 -32.44 2.08 2.56
CA LEU B 152 -32.38 3.13 3.55
C LEU B 152 -32.35 2.52 4.94
N LEU B 153 -32.41 3.37 5.96
CA LEU B 153 -32.47 2.83 7.31
C LEU B 153 -33.88 2.41 7.67
N GLU B 154 -34.85 3.31 7.52
CA GLU B 154 -36.17 3.04 8.09
C GLU B 154 -36.86 1.89 7.39
N PRO B 155 -37.25 1.98 6.14
CA PRO B 155 -37.85 0.79 5.57
C PRO B 155 -36.78 -0.13 4.97
N GLY B 156 -36.14 -0.93 5.82
CA GLY B 156 -35.30 -1.96 5.25
C GLY B 156 -34.02 -2.33 5.95
N LEU B 157 -33.37 -1.42 6.65
CA LEU B 157 -32.20 -1.82 7.44
C LEU B 157 -32.62 -2.28 8.83
N ASN B 158 -33.41 -1.48 9.52
CA ASN B 158 -33.91 -1.89 10.81
C ASN B 158 -35.12 -2.80 10.70
N GLU B 159 -35.33 -3.38 9.53
CA GLU B 159 -36.13 -4.59 9.39
C GLU B 159 -35.28 -5.84 9.37
N ILE B 160 -34.15 -5.79 8.66
CA ILE B 160 -33.14 -6.83 8.80
C ILE B 160 -32.76 -6.97 10.26
N MET B 161 -32.44 -5.85 10.91
CA MET B 161 -31.93 -5.92 12.27
C MET B 161 -32.97 -6.42 13.26
N ALA B 162 -34.25 -6.21 12.99
CA ALA B 162 -35.29 -6.66 13.89
C ALA B 162 -35.73 -8.09 13.66
N ASN B 163 -35.77 -8.56 12.41
CA ASN B 163 -36.34 -9.85 12.10
C ASN B 163 -35.33 -10.94 11.82
N SER B 164 -34.18 -10.62 11.25
CA SER B 164 -33.31 -11.65 10.70
C SER B 164 -32.69 -12.50 11.79
N LEU B 165 -32.24 -13.69 11.38
CA LEU B 165 -31.55 -14.63 12.26
C LEU B 165 -30.23 -15.09 11.66
N ASP B 166 -29.76 -14.39 10.63
CA ASP B 166 -28.53 -14.73 9.95
C ASP B 166 -27.40 -13.89 10.52
N TYR B 167 -26.42 -14.54 11.14
CA TYR B 167 -25.30 -13.81 11.72
C TYR B 167 -24.63 -12.92 10.68
N ASN B 168 -24.40 -13.45 9.49
CA ASN B 168 -23.64 -12.69 8.50
C ASN B 168 -24.42 -11.49 7.98
N GLU B 169 -25.74 -11.63 7.80
CA GLU B 169 -26.52 -10.51 7.31
C GLU B 169 -26.64 -9.42 8.36
N ARG B 170 -26.83 -9.81 9.62
CA ARG B 170 -26.86 -8.82 10.69
C ARG B 170 -25.52 -8.10 10.79
N LEU B 171 -24.42 -8.83 10.69
CA LEU B 171 -23.11 -8.18 10.76
C LEU B 171 -22.93 -7.23 9.58
N TRP B 172 -23.36 -7.62 8.39
CA TRP B 172 -23.23 -6.75 7.24
C TRP B 172 -24.00 -5.46 7.45
N ALA B 173 -25.26 -5.55 7.88
CA ALA B 173 -26.06 -4.34 8.08
C ALA B 173 -25.44 -3.46 9.14
N TRP B 174 -25.12 -4.04 10.30
CA TRP B 174 -24.57 -3.26 11.41
C TRP B 174 -23.28 -2.56 11.01
N GLU B 175 -22.36 -3.26 10.35
CA GLU B 175 -21.10 -2.65 10.00
C GLU B 175 -21.28 -1.59 8.93
N SER B 176 -22.08 -1.87 7.91
CA SER B 176 -22.15 -0.96 6.78
C SER B 176 -22.89 0.32 7.12
N TRP B 177 -23.89 0.26 8.00
CA TRP B 177 -24.55 1.50 8.39
C TRP B 177 -23.59 2.45 9.07
N ARG B 178 -22.75 1.95 9.96
CA ARG B 178 -21.81 2.80 10.66
C ARG B 178 -20.61 3.18 9.81
N SER B 179 -20.26 2.37 8.82
CA SER B 179 -19.11 2.63 7.99
C SER B 179 -19.40 3.55 6.83
N GLU B 180 -20.64 3.58 6.34
CA GLU B 180 -20.96 4.37 5.17
C GLU B 180 -21.69 5.66 5.51
N VAL B 181 -22.46 5.68 6.58
CA VAL B 181 -23.17 6.88 7.01
C VAL B 181 -22.58 7.46 8.28
N GLY B 182 -22.09 6.61 9.17
CA GLY B 182 -21.49 7.13 10.39
C GLY B 182 -20.26 7.96 10.14
N LYS B 183 -19.49 7.61 9.12
CA LYS B 183 -18.25 8.32 8.84
C LYS B 183 -18.47 9.68 8.21
N GLN B 184 -19.65 9.93 7.66
CA GLN B 184 -19.95 11.25 7.13
C GLN B 184 -20.29 12.25 8.22
N LEU B 185 -20.69 11.79 9.38
CA LEU B 185 -21.13 12.67 10.45
C LEU B 185 -20.02 13.05 11.42
N ARG B 186 -18.84 12.45 11.29
CA ARG B 186 -17.77 12.78 12.23
C ARG B 186 -17.28 14.21 12.08
N PRO B 187 -16.84 14.67 10.90
CA PRO B 187 -16.38 16.06 10.80
C PRO B 187 -17.46 17.07 11.08
N LEU B 188 -18.73 16.70 10.93
CA LEU B 188 -19.80 17.63 11.26
C LEU B 188 -20.04 17.66 12.76
N TYR B 189 -19.96 16.52 13.42
CA TYR B 189 -20.17 16.50 14.87
C TYR B 189 -19.06 17.22 15.60
N GLU B 190 -17.82 17.11 15.10
CA GLU B 190 -16.71 17.78 15.75
C GLU B 190 -16.92 19.29 15.76
N GLU B 191 -17.56 19.83 14.73
CA GLU B 191 -17.83 21.26 14.65
C GLU B 191 -19.07 21.64 15.45
N TYR B 192 -20.04 20.72 15.47
CA TYR B 192 -21.29 20.91 16.21
C TYR B 192 -20.97 21.07 17.71
N VAL B 193 -20.03 20.26 18.20
CA VAL B 193 -19.63 20.33 19.60
C VAL B 193 -19.09 21.71 19.94
N VAL B 194 -18.18 22.22 19.11
CA VAL B 194 -17.55 23.50 19.38
C VAL B 194 -18.56 24.62 19.37
N LEU B 195 -19.39 24.68 18.33
CA LEU B 195 -20.34 25.77 18.23
C LEU B 195 -21.35 25.74 19.38
N LYS B 196 -21.82 24.56 19.75
CA LYS B 196 -22.77 24.46 20.85
C LYS B 196 -22.12 24.84 22.17
N ASN B 197 -20.85 24.48 22.36
CA ASN B 197 -20.16 24.86 23.58
C ASN B 197 -20.01 26.37 23.68
N GLU B 198 -19.73 27.03 22.56
CA GLU B 198 -19.64 28.49 22.57
C GLU B 198 -21.00 29.10 22.90
N MET B 199 -22.06 28.61 22.26
CA MET B 199 -23.39 29.13 22.55
C MET B 199 -23.76 28.94 24.01
N ALA B 200 -23.29 27.85 24.61
CA ALA B 200 -23.64 27.58 26.01
C ALA B 200 -22.82 28.42 26.96
N ARG B 201 -21.52 28.56 26.73
CA ARG B 201 -20.69 29.37 27.60
C ARG B 201 -21.01 30.84 27.50
N ALA B 202 -21.54 31.30 26.38
CA ALA B 202 -21.95 32.69 26.30
C ALA B 202 -23.20 32.97 27.12
N ASN B 203 -23.85 31.95 27.67
CA ASN B 203 -24.96 32.14 28.59
C ASN B 203 -24.59 31.74 30.02
N HIS B 204 -23.30 31.68 30.32
CA HIS B 204 -22.80 31.33 31.65
C HIS B 204 -23.25 29.93 32.06
N TYR B 205 -22.74 28.91 31.33
CA TYR B 205 -23.15 27.54 31.59
C TYR B 205 -22.02 26.53 31.64
N GLU B 206 -20.81 26.87 31.24
CA GLU B 206 -19.60 26.03 31.26
C GLU B 206 -19.53 24.96 30.19
N ASP B 207 -20.64 24.60 29.56
CA ASP B 207 -20.66 23.69 28.41
C ASP B 207 -22.08 23.44 27.98
N TYR B 208 -22.25 22.69 26.89
CA TYR B 208 -23.59 22.32 26.48
C TYR B 208 -24.22 21.28 27.39
N GLY B 209 -23.42 20.38 27.96
CA GLY B 209 -23.97 19.41 28.88
C GLY B 209 -24.63 20.05 30.07
N ASP B 210 -24.01 21.09 30.63
CA ASP B 210 -24.61 21.78 31.75
C ASP B 210 -25.85 22.55 31.31
N TYR B 211 -25.83 23.12 30.11
CA TYR B 211 -27.03 23.74 29.58
C TYR B 211 -28.18 22.76 29.55
N TRP B 212 -27.93 21.53 29.12
CA TRP B 212 -28.97 20.53 29.08
C TRP B 212 -29.42 20.13 30.48
N ARG B 213 -28.48 19.88 31.38
CA ARG B 213 -28.83 19.53 32.75
C ARG B 213 -29.59 20.64 33.45
N GLY B 214 -29.53 21.86 32.94
CA GLY B 214 -30.23 22.97 33.56
C GLY B 214 -31.73 22.84 33.63
N ASP B 215 -32.30 21.76 33.12
CA ASP B 215 -33.75 21.59 33.18
C ASP B 215 -34.23 21.10 34.54
N TYR B 216 -33.36 20.46 35.31
CA TYR B 216 -33.72 19.91 36.61
C TYR B 216 -33.36 20.83 37.76
N GLU B 217 -32.89 22.03 37.49
CA GLU B 217 -32.36 22.91 38.51
C GLU B 217 -33.47 23.67 39.22
N VAL B 218 -33.32 23.82 40.53
CA VAL B 218 -34.23 24.59 41.36
C VAL B 218 -33.40 25.52 42.23
N ASN B 219 -33.85 26.75 42.39
CA ASN B 219 -33.12 27.75 43.17
C ASN B 219 -34.07 28.53 44.06
N GLY B 220 -33.72 28.66 45.32
CA GLY B 220 -34.41 29.55 46.23
C GLY B 220 -35.79 29.11 46.67
N VAL B 221 -35.90 27.90 47.20
CA VAL B 221 -37.14 27.44 47.82
C VAL B 221 -36.92 26.89 49.23
N ASP B 222 -35.67 26.70 49.65
CA ASP B 222 -35.32 26.39 51.04
C ASP B 222 -35.98 25.09 51.50
N GLY B 223 -35.50 24.01 50.91
CA GLY B 223 -35.95 22.69 51.27
C GLY B 223 -36.05 21.80 50.06
N TYR B 224 -36.29 22.43 48.90
CA TYR B 224 -36.48 21.71 47.66
C TYR B 224 -35.50 22.15 46.58
N ASP B 225 -34.33 22.66 46.95
CA ASP B 225 -33.38 23.07 45.94
C ASP B 225 -32.77 21.87 45.26
N TYR B 226 -32.13 22.12 44.12
CA TYR B 226 -31.54 21.04 43.32
C TYR B 226 -30.53 21.69 42.39
N SER B 227 -29.29 21.23 42.43
CA SER B 227 -28.24 21.80 41.62
C SER B 227 -28.14 21.09 40.28
N ARG B 228 -27.48 21.73 39.32
CA ARG B 228 -27.30 21.14 38.00
C ARG B 228 -26.24 20.06 37.99
N GLY B 229 -25.35 20.05 38.98
CA GLY B 229 -24.35 19.02 39.07
C GLY B 229 -24.72 17.88 39.98
N GLN B 230 -25.84 18.00 40.68
CA GLN B 230 -26.33 16.92 41.51
C GLN B 230 -27.01 15.84 40.69
N LEU B 231 -27.48 16.19 39.49
CA LEU B 231 -28.16 15.21 38.66
C LEU B 231 -27.23 14.05 38.31
N ILE B 232 -25.97 14.36 38.03
CA ILE B 232 -25.00 13.30 37.72
C ILE B 232 -24.87 12.35 38.90
N GLU B 233 -24.82 12.91 40.11
CA GLU B 233 -24.66 12.07 41.30
C GLU B 233 -25.89 11.20 41.52
N ASP B 234 -27.08 11.78 41.37
CA ASP B 234 -28.30 10.98 41.54
C ASP B 234 -28.37 9.87 40.50
N VAL B 235 -28.00 10.17 39.26
CA VAL B 235 -28.06 9.15 38.22
C VAL B 235 -27.08 8.03 38.54
N GLU B 236 -25.85 8.36 38.92
CA GLU B 236 -24.86 7.33 39.18
C GLU B 236 -25.15 6.56 40.46
N HIS B 237 -25.87 7.16 41.41
CA HIS B 237 -26.19 6.44 42.62
C HIS B 237 -27.41 5.56 42.45
N THR B 238 -28.33 5.92 41.57
CA THR B 238 -29.45 5.05 41.30
C THR B 238 -29.07 3.91 40.37
N PHE B 239 -28.12 4.15 39.46
CA PHE B 239 -27.74 3.07 38.56
C PHE B 239 -27.00 1.96 39.30
N GLU B 240 -26.36 2.28 40.41
CA GLU B 240 -25.59 1.27 41.13
C GLU B 240 -26.44 0.19 41.74
N GLU B 241 -27.73 0.44 41.93
CA GLU B 241 -28.63 -0.55 42.50
C GLU B 241 -29.34 -1.39 41.45
N ILE B 242 -29.26 -1.00 40.19
CA ILE B 242 -29.86 -1.80 39.12
C ILE B 242 -28.91 -2.85 38.58
N LYS B 243 -27.60 -2.70 38.82
CA LYS B 243 -26.66 -3.66 38.28
C LYS B 243 -26.90 -5.10 38.72
N PRO B 244 -27.31 -5.40 39.94
CA PRO B 244 -27.60 -6.80 40.27
C PRO B 244 -28.74 -7.40 39.47
N LEU B 245 -29.70 -6.61 39.00
CA LEU B 245 -30.78 -7.16 38.21
C LEU B 245 -30.41 -7.24 36.74
N TYR B 246 -29.76 -6.19 36.24
CA TYR B 246 -29.32 -6.21 34.85
C TYR B 246 -28.28 -7.29 34.62
N GLU B 247 -27.49 -7.63 35.62
CA GLU B 247 -26.49 -8.67 35.42
C GLU B 247 -27.15 -10.04 35.27
N HIS B 248 -28.18 -10.31 36.04
CA HIS B 248 -28.87 -11.59 35.89
C HIS B 248 -29.65 -11.65 34.58
N LEU B 249 -30.27 -10.54 34.18
CA LEU B 249 -30.93 -10.52 32.88
C LEU B 249 -29.94 -10.71 31.75
N HIS B 250 -28.78 -10.06 31.86
CA HIS B 250 -27.73 -10.20 30.86
C HIS B 250 -27.26 -11.64 30.76
N ALA B 251 -27.04 -12.29 31.91
CA ALA B 251 -26.58 -13.67 31.88
C ALA B 251 -27.61 -14.60 31.29
N TYR B 252 -28.88 -14.40 31.62
CA TYR B 252 -29.93 -15.25 31.07
C TYR B 252 -30.06 -15.07 29.57
N VAL B 253 -30.04 -13.83 29.10
CA VAL B 253 -30.13 -13.59 27.67
C VAL B 253 -28.92 -14.14 26.94
N ARG B 254 -27.74 -14.07 27.54
CA ARG B 254 -26.56 -14.65 26.91
C ARG B 254 -26.70 -16.16 26.79
N ALA B 255 -27.19 -16.81 27.84
CA ALA B 255 -27.37 -18.25 27.78
C ALA B 255 -28.40 -18.65 26.73
N LYS B 256 -29.45 -17.86 26.56
CA LYS B 256 -30.44 -18.21 25.54
C LYS B 256 -29.97 -17.88 24.14
N LEU B 257 -29.10 -16.89 23.97
CA LEU B 257 -28.54 -16.61 22.66
C LEU B 257 -27.47 -17.61 22.27
N MET B 258 -26.81 -18.23 23.23
CA MET B 258 -25.85 -19.27 22.85
C MET B 258 -26.50 -20.45 22.19
N ASN B 259 -27.81 -20.55 22.07
CA ASN B 259 -28.45 -21.62 21.31
C ASN B 259 -28.88 -21.20 19.93
N ALA B 260 -29.11 -19.91 19.70
CA ALA B 260 -29.47 -19.44 18.37
C ALA B 260 -28.24 -19.17 17.53
N TYR B 261 -27.14 -18.76 18.14
CA TYR B 261 -25.88 -18.53 17.45
C TYR B 261 -24.79 -19.33 18.14
N PRO B 262 -24.76 -20.64 17.96
CA PRO B 262 -23.72 -21.44 18.61
C PRO B 262 -22.37 -21.19 17.98
N SER B 263 -21.34 -21.23 18.83
CA SER B 263 -19.95 -21.01 18.43
C SER B 263 -19.65 -19.56 18.11
N TYR B 264 -20.54 -18.65 18.51
CA TYR B 264 -20.34 -17.23 18.29
C TYR B 264 -20.35 -16.41 19.56
N ILE B 265 -20.92 -16.92 20.65
CA ILE B 265 -20.99 -16.21 21.92
C ILE B 265 -20.08 -16.92 22.91
N SER B 266 -19.41 -16.15 23.75
CA SER B 266 -18.62 -16.85 24.74
C SER B 266 -19.33 -16.85 26.08
N PRO B 267 -19.36 -17.98 26.80
CA PRO B 267 -20.19 -18.06 28.00
C PRO B 267 -19.69 -17.24 29.16
N ILE B 268 -18.63 -16.46 29.01
CA ILE B 268 -18.15 -15.58 30.06
C ILE B 268 -17.86 -14.17 29.58
N GLY B 269 -18.15 -13.85 28.32
CA GLY B 269 -17.83 -12.56 27.76
C GLY B 269 -19.08 -11.71 27.53
N CYS B 270 -18.85 -10.60 26.84
CA CYS B 270 -19.92 -9.67 26.51
C CYS B 270 -20.76 -10.27 25.38
N LEU B 271 -21.70 -9.49 24.87
CA LEU B 271 -22.58 -9.90 23.79
C LEU B 271 -22.24 -9.11 22.54
N PRO B 272 -22.06 -9.75 21.39
CA PRO B 272 -21.76 -8.98 20.18
C PRO B 272 -22.87 -7.97 19.91
N ALA B 273 -22.48 -6.79 19.47
CA ALA B 273 -23.41 -5.67 19.46
C ALA B 273 -24.42 -5.75 18.34
N HIS B 274 -24.29 -6.70 17.43
CA HIS B 274 -25.20 -6.77 16.29
C HIS B 274 -26.28 -7.83 16.44
N LEU B 275 -26.31 -8.52 17.57
CA LEU B 275 -27.28 -9.60 17.78
C LEU B 275 -28.37 -9.22 18.76
N LEU B 276 -28.63 -7.93 18.93
CA LEU B 276 -29.40 -7.48 20.08
C LEU B 276 -30.85 -7.13 19.78
N GLY B 277 -31.25 -7.02 18.53
CA GLY B 277 -32.65 -6.79 18.28
C GLY B 277 -32.96 -5.56 17.46
N ASP B 278 -32.05 -4.60 17.41
CA ASP B 278 -32.19 -3.50 16.47
C ASP B 278 -30.80 -2.95 16.18
N MET B 279 -30.76 -1.83 15.48
CA MET B 279 -29.50 -1.38 14.91
C MET B 279 -28.52 -0.92 15.98
N TRP B 280 -29.01 -0.48 17.14
CA TRP B 280 -28.13 0.01 18.17
C TRP B 280 -28.13 -0.82 19.44
N GLY B 281 -29.21 -1.53 19.72
CA GLY B 281 -29.34 -2.19 20.99
C GLY B 281 -30.05 -1.37 22.03
N ARG B 282 -30.88 -0.42 21.60
CA ARG B 282 -31.54 0.46 22.54
C ARG B 282 -32.58 -0.29 23.35
N PHE B 283 -33.35 -1.16 22.73
CA PHE B 283 -34.29 -2.03 23.41
C PHE B 283 -33.97 -3.46 23.03
N TRP B 284 -34.13 -4.38 23.98
CA TRP B 284 -33.97 -5.79 23.70
C TRP B 284 -35.28 -6.47 23.39
N THR B 285 -36.30 -5.71 23.02
CA THR B 285 -37.65 -6.28 22.97
C THR B 285 -37.84 -7.27 21.85
N ASN B 286 -36.93 -7.32 20.89
CA ASN B 286 -37.07 -8.22 19.75
C ASN B 286 -36.41 -9.56 19.97
N LEU B 287 -35.79 -9.77 21.12
CA LEU B 287 -35.26 -11.07 21.49
C LEU B 287 -36.26 -11.90 22.28
N TYR B 288 -37.54 -11.55 22.23
CA TYR B 288 -38.50 -12.30 23.03
C TYR B 288 -38.72 -13.68 22.45
N SER B 289 -38.80 -13.80 21.14
CA SER B 289 -39.03 -15.09 20.53
C SER B 289 -37.90 -16.06 20.83
N LEU B 290 -36.68 -15.57 21.01
CA LEU B 290 -35.56 -16.45 21.33
C LEU B 290 -35.48 -16.77 22.81
N THR B 291 -35.93 -15.88 23.68
CA THR B 291 -35.68 -16.00 25.10
C THR B 291 -36.96 -16.12 25.92
N VAL B 292 -38.04 -16.56 25.30
CA VAL B 292 -39.29 -16.69 26.06
C VAL B 292 -39.13 -17.80 27.09
N PRO B 293 -39.54 -17.60 28.34
CA PRO B 293 -39.33 -18.63 29.36
C PRO B 293 -40.10 -19.90 29.11
N PHE B 294 -41.42 -19.81 28.96
CA PHE B 294 -42.28 -20.96 28.73
C PHE B 294 -42.99 -20.75 27.40
N GLY B 295 -42.38 -21.20 26.32
CA GLY B 295 -42.87 -20.89 25.00
C GLY B 295 -44.20 -21.47 24.60
N GLN B 296 -44.79 -22.34 25.43
CA GLN B 296 -46.03 -23.00 25.09
C GLN B 296 -47.24 -22.37 25.76
N LYS B 297 -47.05 -21.25 26.47
CA LYS B 297 -48.15 -20.54 27.12
C LYS B 297 -48.28 -19.17 26.47
N PRO B 298 -49.17 -18.98 25.51
CA PRO B 298 -49.33 -17.66 24.89
C PRO B 298 -49.93 -16.69 25.89
N ASN B 299 -49.38 -15.47 25.92
CA ASN B 299 -49.82 -14.50 26.91
C ASN B 299 -51.11 -13.85 26.47
N ILE B 300 -51.70 -13.09 27.40
CA ILE B 300 -53.02 -12.51 27.18
C ILE B 300 -53.00 -11.59 25.97
N ASP B 301 -53.97 -11.78 25.08
CA ASP B 301 -54.11 -10.92 23.91
C ASP B 301 -55.59 -10.87 23.57
N VAL B 302 -56.29 -9.86 24.09
CA VAL B 302 -57.72 -9.72 23.84
C VAL B 302 -57.86 -8.87 22.59
N THR B 303 -57.66 -9.52 21.44
CA THR B 303 -57.90 -8.88 20.16
C THR B 303 -59.10 -9.45 19.44
N ASP B 304 -59.15 -10.77 19.26
CA ASP B 304 -60.30 -11.38 18.62
C ASP B 304 -61.55 -11.22 19.46
N ALA B 305 -61.40 -11.20 20.78
CA ALA B 305 -62.56 -10.98 21.64
C ALA B 305 -63.12 -9.58 21.47
N MET B 306 -62.36 -8.69 20.84
CA MET B 306 -62.87 -7.34 20.57
C MET B 306 -63.65 -7.30 19.27
N VAL B 307 -63.12 -7.93 18.22
CA VAL B 307 -63.84 -7.93 16.95
C VAL B 307 -65.08 -8.80 17.03
N ASP B 308 -65.03 -9.89 17.79
CA ASP B 308 -66.20 -10.73 17.97
C ASP B 308 -67.30 -10.05 18.76
N GLN B 309 -66.97 -9.03 19.54
CA GLN B 309 -67.96 -8.25 20.26
C GLN B 309 -68.31 -6.96 19.55
N ALA B 310 -67.85 -6.79 18.30
CA ALA B 310 -68.16 -5.64 17.47
C ALA B 310 -67.70 -4.34 18.13
N TRP B 311 -66.39 -4.25 18.35
CA TRP B 311 -65.79 -3.05 18.92
C TRP B 311 -65.25 -2.17 17.80
N ASP B 312 -65.53 -0.88 17.92
CA ASP B 312 -65.10 0.11 16.93
C ASP B 312 -64.26 1.18 17.62
N ALA B 313 -63.74 2.10 16.82
CA ALA B 313 -62.84 3.12 17.35
C ALA B 313 -63.49 3.98 18.41
N GLN B 314 -64.81 4.14 18.39
CA GLN B 314 -65.45 4.95 19.41
C GLN B 314 -65.65 4.21 20.72
N ARG B 315 -65.89 2.90 20.66
CA ARG B 315 -66.03 2.13 21.89
C ARG B 315 -64.74 2.12 22.69
N ILE B 316 -63.60 2.05 22.03
CA ILE B 316 -62.32 2.09 22.71
C ILE B 316 -62.20 3.35 23.55
N PHE B 317 -62.45 4.50 22.94
CA PHE B 317 -62.27 5.75 23.66
C PHE B 317 -63.36 5.97 24.70
N LYS B 318 -64.56 5.43 24.47
CA LYS B 318 -65.57 5.51 25.51
C LYS B 318 -65.15 4.70 26.73
N GLU B 319 -64.56 3.53 26.52
CA GLU B 319 -64.07 2.75 27.65
C GLU B 319 -62.93 3.46 28.36
N ALA B 320 -62.02 4.07 27.60
CA ALA B 320 -60.93 4.81 28.22
C ALA B 320 -61.47 5.96 29.07
N GLU B 321 -62.42 6.72 28.54
CA GLU B 321 -62.99 7.82 29.30
C GLU B 321 -63.69 7.31 30.55
N LYS B 322 -64.38 6.18 30.46
CA LYS B 322 -65.02 5.62 31.64
C LYS B 322 -63.99 5.23 32.69
N PHE B 323 -62.86 4.65 32.25
CA PHE B 323 -61.80 4.31 33.18
C PHE B 323 -61.28 5.55 33.89
N PHE B 324 -61.11 6.64 33.16
CA PHE B 324 -60.56 7.84 33.77
C PHE B 324 -61.56 8.48 34.73
N VAL B 325 -62.85 8.45 34.38
CA VAL B 325 -63.87 8.95 35.31
C VAL B 325 -63.99 8.06 36.53
N SER B 326 -63.62 6.78 36.42
CA SER B 326 -63.75 5.87 37.55
C SER B 326 -62.93 6.34 38.75
N VAL B 327 -61.74 6.90 38.51
CA VAL B 327 -60.87 7.32 39.60
C VAL B 327 -61.18 8.72 40.11
N GLY B 328 -62.15 9.41 39.51
CA GLY B 328 -62.52 10.72 39.94
C GLY B 328 -62.04 11.87 39.08
N LEU B 329 -61.62 11.60 37.86
CA LEU B 329 -61.18 12.65 36.96
C LEU B 329 -62.32 13.04 36.03
N PRO B 330 -62.29 14.24 35.45
CA PRO B 330 -63.44 14.73 34.68
C PRO B 330 -63.65 13.98 33.38
N ASN B 331 -64.81 14.24 32.77
CA ASN B 331 -65.17 13.72 31.47
C ASN B 331 -64.29 14.34 30.40
N MET B 332 -64.59 14.00 29.15
CA MET B 332 -63.98 14.72 28.04
C MET B 332 -64.76 16.00 27.76
N THR B 333 -64.12 16.93 27.06
CA THR B 333 -64.60 18.31 27.02
C THR B 333 -65.76 18.53 26.06
N GLN B 334 -66.25 17.48 25.40
CA GLN B 334 -67.43 17.54 24.54
C GLN B 334 -67.13 18.28 23.23
N GLY B 335 -65.97 18.91 23.16
CA GLY B 335 -65.46 19.37 21.88
C GLY B 335 -64.47 18.35 21.41
N PHE B 336 -64.02 17.54 22.36
CA PHE B 336 -63.11 16.44 22.06
C PHE B 336 -63.76 15.42 21.14
N TRP B 337 -65.07 15.23 21.26
CA TRP B 337 -65.75 14.23 20.45
C TRP B 337 -66.04 14.71 19.04
N GLU B 338 -66.11 16.02 18.83
CA GLU B 338 -66.42 16.54 17.51
C GLU B 338 -65.18 16.80 16.67
N ASN B 339 -64.14 17.37 17.26
CA ASN B 339 -63.01 17.83 16.49
C ASN B 339 -61.89 16.82 16.35
N SER B 340 -61.90 15.77 17.16
CA SER B 340 -60.86 14.75 17.11
C SER B 340 -60.95 13.80 15.92
N MET B 341 -59.80 13.36 15.44
CA MET B 341 -59.72 12.44 14.30
C MET B 341 -59.36 11.07 14.84
N LEU B 342 -60.39 10.30 15.24
CA LEU B 342 -60.16 9.01 15.86
C LEU B 342 -60.00 7.88 14.86
N THR B 343 -60.31 8.10 13.59
CA THR B 343 -60.17 7.07 12.57
C THR B 343 -59.37 7.61 11.39
N ASP B 344 -58.84 6.70 10.61
CA ASP B 344 -58.13 7.09 9.40
C ASP B 344 -59.13 7.65 8.39
N PRO B 345 -58.92 8.86 7.88
CA PRO B 345 -59.81 9.38 6.83
C PRO B 345 -59.63 8.59 5.55
N GLY B 346 -60.73 8.09 5.02
CA GLY B 346 -60.66 7.05 4.02
C GLY B 346 -60.13 7.41 2.66
N ASN B 347 -60.89 8.19 1.89
CA ASN B 347 -60.68 8.26 0.45
C ASN B 347 -59.31 8.83 0.07
N VAL B 348 -59.15 10.14 0.18
CA VAL B 348 -57.84 10.79 0.12
C VAL B 348 -57.85 12.00 1.04
N GLN B 349 -57.33 11.83 2.24
CA GLN B 349 -57.20 12.93 3.20
C GLN B 349 -55.90 12.77 3.95
N LYS B 350 -54.84 12.45 3.21
CA LYS B 350 -53.59 11.95 3.77
C LYS B 350 -53.19 12.73 5.02
N ALA B 351 -52.95 11.99 6.11
CA ALA B 351 -52.61 12.57 7.40
C ALA B 351 -51.48 11.75 8.00
N VAL B 352 -50.69 12.39 8.86
CA VAL B 352 -49.60 11.68 9.53
C VAL B 352 -50.22 10.80 10.62
N CYS B 353 -50.32 9.50 10.34
CA CYS B 353 -50.92 8.55 11.27
C CYS B 353 -49.92 8.28 12.38
N HIS B 354 -49.77 9.26 13.27
CA HIS B 354 -48.93 9.13 14.44
C HIS B 354 -49.72 9.62 15.65
N PRO B 355 -50.00 8.74 16.61
CA PRO B 355 -50.94 9.10 17.69
C PRO B 355 -50.36 10.17 18.58
N THR B 356 -51.08 11.29 18.70
CA THR B 356 -50.65 12.40 19.54
C THR B 356 -51.85 13.03 20.22
N ALA B 357 -51.57 13.78 21.29
CA ALA B 357 -52.57 14.56 22.01
C ALA B 357 -52.29 16.03 21.77
N TRP B 358 -53.30 16.76 21.30
CA TRP B 358 -53.17 18.17 20.96
C TRP B 358 -53.84 19.04 22.00
N ASP B 359 -53.17 20.14 22.32
CA ASP B 359 -53.56 21.06 23.38
C ASP B 359 -53.67 22.47 22.82
N LEU B 360 -54.46 22.64 21.76
CA LEU B 360 -54.43 23.86 20.97
C LEU B 360 -54.55 25.12 21.81
N GLY B 361 -55.16 25.05 22.98
CA GLY B 361 -55.32 26.20 23.83
C GLY B 361 -56.75 26.68 23.87
N LYS B 362 -57.00 27.60 24.81
CA LYS B 362 -58.32 28.20 24.98
C LYS B 362 -59.40 27.16 25.18
N GLY B 363 -59.03 25.96 25.64
CA GLY B 363 -60.01 24.92 25.88
C GLY B 363 -60.23 23.98 24.71
N ASP B 364 -59.23 23.79 23.85
CA ASP B 364 -59.36 22.91 22.70
C ASP B 364 -58.38 21.75 22.86
N PHE B 365 -58.89 20.61 23.31
CA PHE B 365 -58.12 19.39 23.46
C PHE B 365 -58.58 18.38 22.43
N ARG B 366 -57.64 17.78 21.71
CA ARG B 366 -57.97 16.84 20.65
C ARG B 366 -57.00 15.68 20.67
N ILE B 367 -57.34 14.63 19.93
CA ILE B 367 -56.51 13.43 19.81
C ILE B 367 -56.42 13.08 18.35
N LEU B 368 -55.20 12.81 17.87
CA LEU B 368 -54.98 12.46 16.47
C LEU B 368 -54.36 11.07 16.42
N MET B 369 -55.17 10.07 16.04
CA MET B 369 -54.64 8.73 15.85
C MET B 369 -55.58 7.94 14.95
N CYS B 370 -54.99 7.07 14.15
CA CYS B 370 -55.71 6.22 13.21
C CYS B 370 -55.83 4.85 13.84
N THR B 371 -56.85 4.67 14.67
CA THR B 371 -56.94 3.46 15.48
C THR B 371 -57.51 2.30 14.66
N LYS B 372 -56.87 1.15 14.79
CA LYS B 372 -57.44 -0.11 14.33
C LYS B 372 -58.23 -0.70 15.50
N VAL B 373 -58.66 -1.95 15.36
CA VAL B 373 -59.26 -2.63 16.48
C VAL B 373 -58.32 -3.76 16.90
N THR B 374 -57.43 -3.46 17.83
CA THR B 374 -56.46 -4.42 18.32
C THR B 374 -56.37 -4.25 19.84
N MET B 375 -55.35 -4.85 20.44
CA MET B 375 -55.07 -4.62 21.84
C MET B 375 -54.11 -3.47 22.06
N ASP B 376 -53.12 -3.32 21.19
CA ASP B 376 -52.14 -2.25 21.36
C ASP B 376 -52.78 -0.89 21.23
N ASP B 377 -53.74 -0.72 20.31
CA ASP B 377 -54.45 0.54 20.24
C ASP B 377 -55.35 0.76 21.45
N PHE B 378 -55.86 -0.33 22.03
CA PHE B 378 -56.62 -0.20 23.26
C PHE B 378 -55.76 0.37 24.38
N LEU B 379 -54.46 0.12 24.35
CA LEU B 379 -53.58 0.68 25.37
C LEU B 379 -53.11 2.08 24.99
N THR B 380 -52.85 2.31 23.71
CA THR B 380 -52.43 3.63 23.28
C THR B 380 -53.53 4.67 23.51
N ALA B 381 -54.79 4.25 23.45
CA ALA B 381 -55.87 5.16 23.79
C ALA B 381 -55.71 5.67 25.22
N HIS B 382 -55.46 4.77 26.16
CA HIS B 382 -55.26 5.17 27.55
C HIS B 382 -54.02 6.03 27.69
N HIS B 383 -52.93 5.67 27.01
CA HIS B 383 -51.71 6.45 27.10
C HIS B 383 -51.94 7.88 26.65
N GLU B 384 -52.65 8.09 25.55
CA GLU B 384 -52.86 9.43 25.03
C GLU B 384 -53.88 10.21 25.85
N MET B 385 -54.95 9.57 26.30
CA MET B 385 -55.88 10.28 27.16
C MET B 385 -55.24 10.65 28.48
N GLY B 386 -54.19 9.96 28.89
CA GLY B 386 -53.44 10.43 30.05
C GLY B 386 -52.81 11.79 29.81
N HIS B 387 -52.18 11.97 28.65
CA HIS B 387 -51.67 13.29 28.27
C HIS B 387 -52.78 14.31 28.26
N ILE B 388 -53.94 13.95 27.70
CA ILE B 388 -55.03 14.90 27.62
C ILE B 388 -55.50 15.31 29.00
N GLN B 389 -55.53 14.37 29.94
CA GLN B 389 -55.95 14.71 31.30
C GLN B 389 -54.92 15.59 32.00
N TYR B 390 -53.64 15.32 31.79
CA TYR B 390 -52.62 16.21 32.31
C TYR B 390 -52.80 17.62 31.76
N ASP B 391 -53.09 17.74 30.47
CA ASP B 391 -53.27 19.06 29.86
C ASP B 391 -54.51 19.76 30.41
N MET B 392 -55.59 19.02 30.60
CA MET B 392 -56.79 19.62 31.16
C MET B 392 -56.58 20.05 32.60
N ALA B 393 -55.64 19.40 33.29
CA ALA B 393 -55.46 19.69 34.71
C ALA B 393 -54.91 21.09 34.95
N TYR B 394 -53.82 21.44 34.29
CA TYR B 394 -53.14 22.71 34.54
C TYR B 394 -53.54 23.81 33.59
N ALA B 395 -54.69 23.70 32.93
CA ALA B 395 -55.08 24.74 31.99
C ALA B 395 -55.40 26.06 32.65
N ALA B 396 -55.35 26.14 33.97
CA ALA B 396 -55.60 27.39 34.68
C ALA B 396 -54.34 28.13 35.05
N GLN B 397 -53.18 27.66 34.61
CA GLN B 397 -51.93 28.33 34.93
C GLN B 397 -51.61 29.39 33.87
N PRO B 398 -50.74 30.34 34.20
CA PRO B 398 -50.25 31.27 33.18
C PRO B 398 -49.60 30.52 32.04
N PHE B 399 -49.63 31.15 30.86
CA PHE B 399 -49.29 30.44 29.63
C PHE B 399 -47.90 29.80 29.70
N LEU B 400 -46.95 30.48 30.32
CA LEU B 400 -45.60 29.95 30.34
C LEU B 400 -45.43 28.77 31.29
N LEU B 401 -46.34 28.60 32.24
CA LEU B 401 -46.24 27.55 33.25
C LEU B 401 -47.18 26.39 32.96
N ARG B 402 -47.35 26.02 31.70
CA ARG B 402 -48.19 24.91 31.29
C ARG B 402 -47.28 23.86 30.67
N ASN B 403 -46.81 22.94 31.50
CA ASN B 403 -45.97 21.83 31.06
C ASN B 403 -45.79 20.92 32.27
N GLY B 404 -45.15 19.79 32.06
CA GLY B 404 -44.82 18.93 33.17
C GLY B 404 -43.81 19.58 34.09
N ALA B 405 -43.71 19.05 35.31
CA ALA B 405 -42.80 19.64 36.29
C ALA B 405 -41.37 19.63 35.77
N ASN B 406 -40.99 18.59 35.02
CA ASN B 406 -39.78 18.64 34.22
C ASN B 406 -40.01 17.77 32.99
N GLU B 407 -38.94 17.46 32.28
CA GLU B 407 -39.10 16.81 30.99
C GLU B 407 -39.54 15.37 31.08
N GLY B 408 -39.57 14.77 32.27
CA GLY B 408 -39.92 13.37 32.36
C GLY B 408 -41.27 13.09 32.97
N PHE B 409 -42.01 14.12 33.37
CA PHE B 409 -43.26 13.88 34.07
C PHE B 409 -44.38 13.49 33.12
N HIS B 410 -44.45 14.13 31.95
CA HIS B 410 -45.59 13.94 31.07
C HIS B 410 -45.69 12.49 30.60
N GLU B 411 -44.58 11.94 30.09
CA GLU B 411 -44.62 10.59 29.58
C GLU B 411 -44.82 9.56 30.70
N ALA B 412 -44.34 9.85 31.90
CA ALA B 412 -44.57 8.93 33.02
C ALA B 412 -46.05 8.88 33.37
N VAL B 413 -46.69 10.04 33.46
CA VAL B 413 -48.12 10.07 33.72
C VAL B 413 -48.87 9.37 32.60
N GLY B 414 -48.38 9.48 31.37
CA GLY B 414 -48.98 8.72 30.29
C GLY B 414 -48.83 7.22 30.46
N GLU B 415 -47.65 6.77 30.85
CA GLU B 415 -47.35 5.34 30.87
C GLU B 415 -48.04 4.59 31.99
N ILE B 416 -48.23 5.22 33.15
CA ILE B 416 -48.84 4.46 34.24
C ILE B 416 -50.27 4.07 33.90
N MET B 417 -50.93 4.83 33.03
CA MET B 417 -52.30 4.48 32.64
C MET B 417 -52.32 3.19 31.83
N SER B 418 -51.44 3.09 30.84
CA SER B 418 -51.37 1.86 30.07
C SER B 418 -50.88 0.70 30.93
N LEU B 419 -50.05 1.00 31.93
CA LEU B 419 -49.66 -0.05 32.87
C LEU B 419 -50.87 -0.62 33.58
N SER B 420 -51.71 0.26 34.12
CA SER B 420 -52.85 -0.20 34.90
C SER B 420 -53.93 -0.83 34.04
N ALA B 421 -54.09 -0.39 32.79
CA ALA B 421 -55.22 -0.85 32.00
C ALA B 421 -54.97 -2.15 31.25
N ALA B 422 -53.79 -2.76 31.40
CA ALA B 422 -53.47 -3.99 30.69
C ALA B 422 -53.35 -5.18 31.62
N THR B 423 -53.91 -5.10 32.81
CA THR B 423 -53.87 -6.23 33.72
C THR B 423 -55.08 -7.12 33.51
N PRO B 424 -54.95 -8.43 33.70
CA PRO B 424 -56.09 -9.32 33.54
C PRO B 424 -57.26 -8.97 34.43
N LYS B 425 -56.99 -8.39 35.61
CA LYS B 425 -58.08 -7.99 36.48
C LYS B 425 -58.95 -6.93 35.84
N HIS B 426 -58.35 -6.01 35.08
CA HIS B 426 -59.12 -4.98 34.42
C HIS B 426 -59.78 -5.51 33.15
N LEU B 427 -59.04 -6.32 32.38
CA LEU B 427 -59.58 -6.85 31.14
C LEU B 427 -60.78 -7.75 31.39
N LYS B 428 -60.74 -8.57 32.42
CA LYS B 428 -61.86 -9.45 32.72
C LYS B 428 -63.02 -8.72 33.36
N SER B 429 -62.80 -7.52 33.89
CA SER B 429 -63.91 -6.71 34.38
C SER B 429 -64.56 -5.89 33.29
N ILE B 430 -63.80 -5.53 32.25
CA ILE B 430 -64.41 -4.90 31.09
C ILE B 430 -65.34 -5.87 30.39
N GLY B 431 -64.91 -7.11 30.22
CA GLY B 431 -65.63 -8.11 29.45
C GLY B 431 -64.82 -8.74 28.34
N LEU B 432 -63.54 -8.45 28.22
CA LEU B 432 -62.73 -9.02 27.15
C LEU B 432 -62.07 -10.33 27.55
N LEU B 433 -62.23 -10.79 28.78
CA LEU B 433 -61.72 -12.07 29.22
C LEU B 433 -62.85 -12.92 29.76
N SER B 434 -62.64 -14.24 29.75
CA SER B 434 -63.61 -15.14 30.34
C SER B 434 -63.79 -14.80 31.82
N PRO B 435 -65.00 -14.89 32.36
CA PRO B 435 -65.21 -14.47 33.75
C PRO B 435 -64.43 -15.28 34.76
N ASP B 436 -63.97 -16.48 34.42
CA ASP B 436 -63.15 -17.25 35.36
C ASP B 436 -61.67 -17.03 35.11
N PHE B 437 -61.17 -17.45 33.94
CA PHE B 437 -59.79 -17.24 33.51
C PHE B 437 -58.77 -17.42 34.62
N GLN B 438 -58.62 -18.63 35.14
CA GLN B 438 -57.59 -18.87 36.13
C GLN B 438 -56.22 -18.55 35.56
N GLU B 439 -55.47 -17.70 36.27
CA GLU B 439 -54.13 -17.33 35.86
C GLU B 439 -53.12 -18.26 36.49
N ASP B 440 -51.92 -18.30 35.90
CA ASP B 440 -50.84 -19.14 36.41
C ASP B 440 -49.57 -18.32 36.47
N ASN B 441 -48.61 -18.82 37.26
CA ASN B 441 -47.37 -18.08 37.45
C ASN B 441 -46.46 -18.13 36.23
N GLU B 442 -46.62 -19.13 35.37
CA GLU B 442 -45.80 -19.18 34.17
C GLU B 442 -46.13 -18.03 33.22
N THR B 443 -47.42 -17.72 33.08
CA THR B 443 -47.78 -16.57 32.26
C THR B 443 -47.32 -15.27 32.89
N GLU B 444 -47.30 -15.20 34.23
CA GLU B 444 -46.78 -14.02 34.89
C GLU B 444 -45.29 -13.83 34.60
N ILE B 445 -44.53 -14.92 34.62
CA ILE B 445 -43.11 -14.79 34.30
C ILE B 445 -42.92 -14.39 32.84
N ASN B 446 -43.71 -14.97 31.94
CA ASN B 446 -43.67 -14.55 30.55
C ASN B 446 -43.87 -13.05 30.42
N PHE B 447 -44.91 -12.54 31.08
CA PHE B 447 -45.21 -11.12 31.01
C PHE B 447 -44.09 -10.28 31.58
N LEU B 448 -43.57 -10.66 32.75
CA LEU B 448 -42.55 -9.84 33.38
C LEU B 448 -41.27 -9.82 32.57
N LEU B 449 -40.93 -10.93 31.90
CA LEU B 449 -39.74 -10.90 31.08
C LEU B 449 -39.95 -10.07 29.83
N LYS B 450 -41.14 -10.16 29.22
CA LYS B 450 -41.41 -9.28 28.09
C LYS B 450 -41.32 -7.82 28.50
N GLN B 451 -41.68 -7.51 29.74
CA GLN B 451 -41.55 -6.13 30.21
C GLN B 451 -40.11 -5.75 30.49
N ALA B 452 -39.32 -6.66 31.06
CA ALA B 452 -37.96 -6.33 31.44
C ALA B 452 -37.06 -6.23 30.23
N LEU B 453 -37.43 -6.87 29.12
CA LEU B 453 -36.60 -6.73 27.92
C LEU B 453 -36.68 -5.32 27.36
N THR B 454 -37.71 -4.57 27.72
CA THR B 454 -37.90 -3.21 27.25
C THR B 454 -37.57 -2.16 28.30
N ILE B 455 -38.03 -2.35 29.53
CA ILE B 455 -37.81 -1.36 30.59
C ILE B 455 -36.40 -1.44 31.13
N VAL B 456 -35.92 -2.65 31.44
CA VAL B 456 -34.62 -2.78 32.08
C VAL B 456 -33.49 -2.81 31.06
N GLY B 457 -33.71 -3.42 29.90
CA GLY B 457 -32.65 -3.51 28.93
C GLY B 457 -32.19 -2.19 28.37
N THR B 458 -32.90 -1.10 28.66
CA THR B 458 -32.58 0.19 28.09
C THR B 458 -32.04 1.19 29.09
N LEU B 459 -31.86 0.81 30.34
CA LEU B 459 -31.33 1.75 31.31
C LEU B 459 -29.82 1.85 31.22
N PRO B 460 -29.07 0.75 31.12
CA PRO B 460 -27.63 0.88 30.89
C PRO B 460 -27.30 1.62 29.62
N PHE B 461 -28.03 1.37 28.54
CA PHE B 461 -27.77 2.05 27.28
C PHE B 461 -27.97 3.56 27.43
N THR B 462 -29.09 3.96 28.01
CA THR B 462 -29.38 5.38 28.18
C THR B 462 -28.34 6.05 29.05
N TYR B 463 -28.04 5.45 30.20
CA TYR B 463 -27.06 6.02 31.11
C TYR B 463 -25.71 6.17 30.44
N MET B 464 -25.25 5.13 29.76
CA MET B 464 -23.93 5.17 29.14
C MET B 464 -23.87 6.20 28.02
N LEU B 465 -24.90 6.29 27.20
CA LEU B 465 -24.87 7.26 26.09
C LEU B 465 -24.83 8.67 26.63
N GLU B 466 -25.71 9.01 27.57
CA GLU B 466 -25.71 10.37 28.06
C GLU B 466 -24.46 10.67 28.86
N LYS B 467 -23.88 9.69 29.53
CA LYS B 467 -22.61 9.92 30.21
C LYS B 467 -21.50 10.25 29.22
N TRP B 468 -21.42 9.49 28.13
CA TRP B 468 -20.42 9.80 27.11
C TRP B 468 -20.60 11.21 26.57
N ARG B 469 -21.85 11.61 26.31
CA ARG B 469 -22.05 12.94 25.75
C ARG B 469 -21.70 14.02 26.76
N TRP B 470 -22.02 13.82 28.02
CA TRP B 470 -21.64 14.78 29.05
C TRP B 470 -20.13 14.94 29.11
N MET B 471 -19.40 13.83 29.15
CA MET B 471 -17.95 13.90 29.23
C MET B 471 -17.35 14.49 27.96
N VAL B 472 -18.01 14.35 26.82
CA VAL B 472 -17.47 14.91 25.59
C VAL B 472 -17.67 16.42 25.56
N PHE B 473 -18.86 16.88 25.96
CA PHE B 473 -19.08 18.32 26.01
C PHE B 473 -18.21 18.98 27.06
N LYS B 474 -17.92 18.27 28.14
CA LYS B 474 -17.13 18.84 29.23
C LYS B 474 -15.67 19.01 28.85
N GLY B 475 -15.16 18.15 27.98
CA GLY B 475 -13.76 18.18 27.63
C GLY B 475 -12.93 17.08 28.24
N GLU B 476 -13.53 16.18 29.00
CA GLU B 476 -12.77 15.11 29.63
C GLU B 476 -12.36 14.03 28.64
N ILE B 477 -12.87 14.05 27.41
CA ILE B 477 -12.46 13.13 26.37
C ILE B 477 -11.92 13.96 25.21
N PRO B 478 -10.62 13.93 24.93
CA PRO B 478 -10.09 14.66 23.79
C PRO B 478 -10.58 14.05 22.49
N LYS B 479 -10.68 14.90 21.46
CA LYS B 479 -11.36 14.44 20.26
C LYS B 479 -10.58 13.38 19.49
N ASP B 480 -9.40 12.98 19.96
CA ASP B 480 -8.71 11.85 19.38
C ASP B 480 -8.87 10.59 20.20
N GLN B 481 -9.84 10.56 21.11
CA GLN B 481 -10.13 9.38 21.89
C GLN B 481 -11.62 9.18 22.06
N TRP B 482 -12.41 9.62 21.09
CA TRP B 482 -13.86 9.49 21.21
C TRP B 482 -14.30 8.05 21.08
N MET B 483 -13.83 7.35 20.05
CA MET B 483 -14.29 5.98 19.83
C MET B 483 -13.66 5.02 20.83
N LYS B 484 -12.42 5.28 21.24
CA LYS B 484 -11.80 4.46 22.26
C LYS B 484 -12.65 4.44 23.52
N LYS B 485 -13.03 5.61 24.01
CA LYS B 485 -13.81 5.69 25.23
C LYS B 485 -15.24 5.18 25.00
N TRP B 486 -15.80 5.41 23.81
CA TRP B 486 -17.13 4.90 23.53
C TRP B 486 -17.16 3.39 23.71
N TRP B 487 -16.22 2.68 23.09
CA TRP B 487 -16.30 1.23 23.18
C TRP B 487 -15.77 0.70 24.51
N GLU B 488 -14.89 1.42 25.18
CA GLU B 488 -14.53 1.02 26.54
C GLU B 488 -15.74 1.08 27.46
N MET B 489 -16.47 2.19 27.45
CA MET B 489 -17.66 2.31 28.28
C MET B 489 -18.74 1.36 27.85
N LYS B 490 -18.81 1.00 26.58
CA LYS B 490 -19.79 0.01 26.17
C LYS B 490 -19.46 -1.37 26.72
N ARG B 491 -18.19 -1.77 26.66
CA ARG B 491 -17.82 -3.06 27.23
C ARG B 491 -18.00 -3.07 28.74
N GLU B 492 -17.75 -1.96 29.41
CA GLU B 492 -17.75 -1.95 30.85
C GLU B 492 -19.13 -1.75 31.46
N ILE B 493 -19.85 -0.71 31.06
CA ILE B 493 -21.14 -0.39 31.66
C ILE B 493 -22.26 -1.24 31.06
N VAL B 494 -22.44 -1.17 29.75
CA VAL B 494 -23.55 -1.86 29.11
C VAL B 494 -23.31 -3.35 29.07
N GLY B 495 -22.11 -3.77 28.67
CA GLY B 495 -21.80 -5.17 28.59
C GLY B 495 -21.88 -5.77 27.21
N VAL B 496 -21.70 -4.97 26.17
CA VAL B 496 -21.72 -5.43 24.78
C VAL B 496 -20.42 -5.03 24.12
N VAL B 497 -19.98 -5.84 23.16
CA VAL B 497 -18.68 -5.69 22.52
C VAL B 497 -18.90 -5.54 21.02
N GLU B 498 -18.02 -4.79 20.38
CA GLU B 498 -18.17 -4.58 18.95
C GLU B 498 -17.59 -5.76 18.19
N PRO B 499 -18.19 -6.15 17.07
CA PRO B 499 -17.66 -7.26 16.29
C PRO B 499 -16.53 -6.88 15.35
N VAL B 500 -16.22 -5.60 15.19
CA VAL B 500 -15.19 -5.12 14.28
C VAL B 500 -14.55 -3.88 14.91
N PRO B 501 -13.23 -3.75 14.93
CA PRO B 501 -12.62 -2.60 15.59
C PRO B 501 -12.92 -1.29 14.86
N HIS B 502 -13.07 -0.22 15.64
CA HIS B 502 -13.46 1.08 15.10
C HIS B 502 -12.47 2.14 15.56
N ASP B 503 -11.73 2.72 14.62
CA ASP B 503 -10.75 3.76 14.91
C ASP B 503 -11.45 5.12 14.97
N GLU B 504 -10.67 6.20 14.91
CA GLU B 504 -11.20 7.55 15.08
C GLU B 504 -11.73 8.15 13.80
N THR B 505 -11.93 7.36 12.77
CA THR B 505 -12.62 7.86 11.58
C THR B 505 -14.11 7.61 11.63
N TYR B 506 -14.60 6.89 12.64
CA TYR B 506 -16.01 6.61 12.81
C TYR B 506 -16.64 7.60 13.75
N CYS B 507 -17.97 7.61 13.77
CA CYS B 507 -18.74 8.26 14.83
C CYS B 507 -19.99 7.42 15.02
N ASP B 508 -19.91 6.46 15.91
CA ASP B 508 -20.99 5.53 16.18
C ASP B 508 -22.10 6.15 17.02
N PRO B 509 -21.82 7.05 17.94
CA PRO B 509 -22.93 7.75 18.60
C PRO B 509 -23.81 8.52 17.62
N ALA B 510 -23.21 9.26 16.70
CA ALA B 510 -23.97 10.12 15.81
C ALA B 510 -24.86 9.33 14.86
N SER B 511 -24.73 8.01 14.81
CA SER B 511 -25.60 7.21 13.97
C SER B 511 -26.89 6.82 14.67
N LEU B 512 -27.26 7.51 15.74
CA LEU B 512 -28.55 7.35 16.39
C LEU B 512 -29.34 8.64 16.25
N PHE B 513 -30.66 8.52 16.18
CA PHE B 513 -31.48 9.68 15.85
C PHE B 513 -31.25 10.82 16.83
N HIS B 514 -31.27 10.52 18.12
CA HIS B 514 -31.21 11.58 19.11
C HIS B 514 -29.87 12.26 19.16
N VAL B 515 -28.82 11.63 18.66
CA VAL B 515 -27.49 12.23 18.74
C VAL B 515 -27.24 13.16 17.58
N SER B 516 -27.65 12.80 16.39
CA SER B 516 -27.43 13.64 15.23
C SER B 516 -28.53 14.67 15.02
N ASN B 517 -29.65 14.55 15.73
CA ASN B 517 -30.72 15.52 15.63
C ASN B 517 -30.84 16.38 16.88
N ASP B 518 -29.83 16.36 17.76
CA ASP B 518 -29.71 17.31 18.85
C ASP B 518 -30.86 17.23 19.84
N TYR B 519 -31.01 16.06 20.46
CA TYR B 519 -32.00 15.86 21.50
C TYR B 519 -31.32 15.33 22.75
N SER B 520 -31.76 15.79 23.91
CA SER B 520 -31.23 15.25 25.14
C SER B 520 -31.83 13.88 25.40
N PHE B 521 -31.07 13.04 26.08
CA PHE B 521 -31.41 11.64 26.21
C PHE B 521 -31.68 11.20 27.64
N ILE B 522 -31.45 12.04 28.64
CA ILE B 522 -31.67 11.61 30.01
C ILE B 522 -33.14 11.57 30.39
N ARG B 523 -34.01 12.21 29.60
CA ARG B 523 -35.43 12.17 29.93
C ARG B 523 -35.99 10.76 29.84
N TYR B 524 -35.28 9.85 29.19
CA TYR B 524 -35.74 8.47 29.14
C TYR B 524 -35.27 7.68 30.34
N TYR B 525 -34.22 8.13 31.01
CA TYR B 525 -33.78 7.46 32.22
C TYR B 525 -34.62 7.86 33.41
N THR B 526 -34.80 9.15 33.63
CA THR B 526 -35.56 9.59 34.79
C THR B 526 -37.02 9.19 34.71
N ARG B 527 -37.66 9.35 33.55
CA ARG B 527 -39.05 8.96 33.42
C ARG B 527 -39.25 7.51 33.86
N THR B 528 -38.47 6.59 33.30
CA THR B 528 -38.59 5.18 33.67
C THR B 528 -38.62 5.00 35.18
N LEU B 529 -37.89 5.82 35.92
CA LEU B 529 -37.97 5.74 37.36
C LEU B 529 -39.25 6.34 37.90
N TYR B 530 -39.51 7.63 37.60
CA TYR B 530 -40.71 8.29 38.12
C TYR B 530 -41.94 7.43 37.93
N GLN B 531 -42.12 6.92 36.72
CA GLN B 531 -43.26 6.07 36.40
C GLN B 531 -43.54 5.09 37.53
N PHE B 532 -42.57 4.24 37.84
CA PHE B 532 -42.82 3.21 38.84
C PHE B 532 -43.09 3.80 40.20
N GLN B 533 -42.34 4.83 40.59
CA GLN B 533 -42.64 5.52 41.84
C GLN B 533 -44.12 5.89 41.89
N PHE B 534 -44.60 6.58 40.86
CA PHE B 534 -46.01 6.97 40.84
C PHE B 534 -46.89 5.76 41.08
N GLN B 535 -46.64 4.67 40.36
CA GLN B 535 -47.48 3.50 40.49
C GLN B 535 -47.45 2.97 41.91
N GLU B 536 -46.27 2.89 42.51
CA GLU B 536 -46.22 2.37 43.87
C GLU B 536 -46.94 3.28 44.84
N ALA B 537 -46.97 4.58 44.57
CA ALA B 537 -47.68 5.47 45.48
C ALA B 537 -49.17 5.40 45.23
N LEU B 538 -49.58 4.97 44.04
CA LEU B 538 -51.00 4.89 43.75
C LEU B 538 -51.57 3.52 44.05
N CYS B 539 -50.72 2.49 44.13
CA CYS B 539 -51.18 1.19 44.56
C CYS B 539 -51.51 1.16 46.04
N GLN B 540 -50.72 1.83 46.87
CA GLN B 540 -50.99 1.88 48.30
C GLN B 540 -52.23 2.70 48.63
N ALA B 541 -52.50 3.78 47.90
CA ALA B 541 -53.70 4.56 48.16
C ALA B 541 -54.95 3.78 47.79
N ALA B 542 -54.85 2.88 46.83
CA ALA B 542 -55.97 2.03 46.46
C ALA B 542 -56.02 0.74 47.26
N LYS B 543 -55.09 0.56 48.21
CA LYS B 543 -55.05 -0.60 49.09
C LYS B 543 -54.92 -1.90 48.29
N HIS B 544 -53.87 -1.97 47.49
CA HIS B 544 -53.54 -3.19 46.78
C HIS B 544 -52.86 -4.16 47.73
N GLU B 545 -53.02 -5.45 47.46
CA GLU B 545 -52.49 -6.48 48.34
C GLU B 545 -51.38 -7.32 47.71
N GLY B 546 -51.63 -7.91 46.55
CA GLY B 546 -50.68 -8.81 45.94
C GLY B 546 -49.43 -8.11 45.44
N PRO B 547 -48.72 -8.73 44.51
CA PRO B 547 -47.54 -8.09 43.93
C PRO B 547 -47.91 -6.80 43.23
N LEU B 548 -46.89 -5.97 42.99
CA LEU B 548 -47.14 -4.67 42.39
C LEU B 548 -47.59 -4.78 40.96
N HIS B 549 -47.05 -5.73 40.20
CA HIS B 549 -47.38 -5.83 38.79
C HIS B 549 -48.80 -6.31 38.53
N LYS B 550 -49.62 -6.45 39.58
CA LYS B 550 -51.02 -6.78 39.42
C LYS B 550 -51.94 -5.65 39.86
N CYS B 551 -51.41 -4.44 39.99
CA CYS B 551 -52.21 -3.33 40.47
C CYS B 551 -53.21 -2.88 39.41
N ASP B 552 -54.33 -2.34 39.87
CA ASP B 552 -55.32 -1.70 39.03
C ASP B 552 -55.97 -0.60 39.84
N ILE B 553 -55.69 0.65 39.49
CA ILE B 553 -56.07 1.77 40.33
C ILE B 553 -57.51 2.19 40.08
N SER B 554 -58.17 1.54 39.13
CA SER B 554 -59.53 1.91 38.81
C SER B 554 -60.44 1.73 40.01
N ASN B 555 -61.54 2.48 40.03
CA ASN B 555 -62.56 2.46 41.07
C ASN B 555 -62.05 2.95 42.42
N SER B 556 -60.92 3.62 42.46
CA SER B 556 -60.37 4.17 43.70
C SER B 556 -60.15 5.66 43.54
N THR B 557 -60.92 6.46 44.25
CA THR B 557 -60.83 7.91 44.12
C THR B 557 -59.68 8.51 44.92
N GLU B 558 -59.15 7.81 45.91
CA GLU B 558 -58.00 8.36 46.64
C GLU B 558 -56.78 8.44 45.75
N ALA B 559 -56.58 7.44 44.89
CA ALA B 559 -55.49 7.53 43.92
C ALA B 559 -55.73 8.66 42.94
N GLY B 560 -56.97 8.83 42.49
CA GLY B 560 -57.28 9.95 41.62
C GLY B 560 -56.96 11.28 42.28
N GLN B 561 -57.21 11.40 43.57
CA GLN B 561 -56.92 12.64 44.27
C GLN B 561 -55.43 12.85 44.42
N LYS B 562 -54.70 11.81 44.81
CA LYS B 562 -53.25 11.95 44.93
C LYS B 562 -52.61 12.32 43.60
N LEU B 563 -53.19 11.85 42.50
CA LEU B 563 -52.63 12.20 41.20
C LEU B 563 -53.04 13.60 40.79
N PHE B 564 -54.28 13.98 41.07
CA PHE B 564 -54.73 15.31 40.67
C PHE B 564 -54.05 16.41 41.46
N ASN B 565 -53.57 16.11 42.67
CA ASN B 565 -52.86 17.12 43.43
C ASN B 565 -51.54 17.49 42.78
N MET B 566 -50.98 16.62 41.94
CA MET B 566 -49.76 16.93 41.22
C MET B 566 -50.02 17.34 39.78
N LEU B 567 -51.08 16.84 39.17
CA LEU B 567 -51.33 17.16 37.78
C LEU B 567 -51.59 18.64 37.58
N ARG B 568 -52.24 19.29 38.55
CA ARG B 568 -52.70 20.66 38.35
C ARG B 568 -51.65 21.70 38.66
N LEU B 569 -50.42 21.32 38.96
CA LEU B 569 -49.42 22.32 39.27
C LEU B 569 -48.74 22.87 38.04
N GLY B 570 -48.52 22.04 37.02
CA GLY B 570 -47.73 22.50 35.89
C GLY B 570 -46.31 22.71 36.36
N LYS B 571 -45.71 23.84 35.95
CA LYS B 571 -44.40 24.23 36.43
C LYS B 571 -44.46 25.30 37.51
N SER B 572 -45.62 25.46 38.15
CA SER B 572 -45.72 26.47 39.21
C SER B 572 -44.73 26.20 40.32
N GLU B 573 -44.62 24.95 40.75
CA GLU B 573 -43.77 24.54 41.86
C GLU B 573 -42.56 23.79 41.34
N PRO B 574 -41.46 23.79 42.08
CA PRO B 574 -40.30 22.99 41.67
C PRO B 574 -40.68 21.53 41.55
N TRP B 575 -39.97 20.80 40.68
CA TRP B 575 -40.35 19.43 40.45
C TRP B 575 -40.16 18.57 41.70
N THR B 576 -39.22 18.93 42.56
CA THR B 576 -39.04 18.18 43.79
C THR B 576 -40.23 18.30 44.72
N LEU B 577 -40.95 19.40 44.67
CA LEU B 577 -42.18 19.52 45.45
C LEU B 577 -43.31 18.72 44.83
N ALA B 578 -43.51 18.86 43.52
CA ALA B 578 -44.58 18.12 42.86
C ALA B 578 -44.41 16.62 43.03
N LEU B 579 -43.18 16.13 42.96
CA LEU B 579 -42.93 14.73 43.19
C LEU B 579 -43.32 14.32 44.60
N GLU B 580 -43.13 15.22 45.56
CA GLU B 580 -43.46 14.91 46.95
C GLU B 580 -44.97 14.83 47.16
N ASN B 581 -45.74 15.57 46.38
CA ASN B 581 -47.19 15.55 46.54
C ASN B 581 -47.80 14.19 46.20
N VAL B 582 -47.02 13.28 45.61
CA VAL B 582 -47.50 11.96 45.28
C VAL B 582 -46.73 10.87 46.01
N VAL B 583 -45.41 10.88 45.90
CA VAL B 583 -44.60 9.81 46.44
C VAL B 583 -44.40 9.96 47.94
N GLY B 584 -44.21 11.17 48.42
CA GLY B 584 -43.83 11.42 49.79
C GLY B 584 -42.36 11.67 49.99
N ALA B 585 -41.56 11.58 48.93
CA ALA B 585 -40.13 11.84 48.98
C ALA B 585 -39.80 13.03 48.09
N LYS B 586 -38.53 13.42 48.09
CA LYS B 586 -38.10 14.58 47.33
C LYS B 586 -37.23 14.23 46.13
N ASN B 587 -36.65 13.04 46.09
CA ASN B 587 -35.75 12.68 45.02
C ASN B 587 -36.27 11.43 44.31
N MET B 588 -35.63 11.08 43.21
CA MET B 588 -36.05 9.90 42.46
C MET B 588 -35.41 8.66 43.05
N ASN B 589 -36.20 7.60 43.14
CA ASN B 589 -35.82 6.39 43.84
C ASN B 589 -35.95 5.19 42.92
N VAL B 590 -35.02 4.25 43.04
CA VAL B 590 -35.02 3.05 42.22
C VAL B 590 -35.58 1.85 42.94
N ARG B 591 -36.10 2.00 44.15
CA ARG B 591 -36.65 0.86 44.86
C ARG B 591 -37.97 0.37 44.29
N PRO B 592 -38.92 1.22 43.89
CA PRO B 592 -40.17 0.69 43.32
C PRO B 592 -39.98 -0.10 42.04
N LEU B 593 -38.96 0.21 41.23
CA LEU B 593 -38.69 -0.58 40.04
C LEU B 593 -38.33 -2.01 40.41
N LEU B 594 -37.42 -2.18 41.37
CA LEU B 594 -37.05 -3.51 41.81
C LEU B 594 -38.22 -4.21 42.49
N ASN B 595 -39.05 -3.46 43.21
CA ASN B 595 -40.25 -4.07 43.76
C ASN B 595 -41.16 -4.59 42.65
N TYR B 596 -41.22 -3.87 41.54
CA TYR B 596 -42.03 -4.33 40.41
C TYR B 596 -41.47 -5.62 39.84
N PHE B 597 -40.16 -5.70 39.67
CA PHE B 597 -39.55 -6.85 39.01
C PHE B 597 -39.07 -7.93 39.98
N GLU B 598 -39.50 -7.88 41.25
CA GLU B 598 -39.08 -8.90 42.22
C GLU B 598 -39.32 -10.34 41.80
N PRO B 599 -40.52 -10.76 41.37
CA PRO B 599 -40.68 -12.17 41.00
C PRO B 599 -39.74 -12.61 39.89
N LEU B 600 -39.54 -11.77 38.90
CA LEU B 600 -38.59 -12.11 37.85
C LEU B 600 -37.18 -12.18 38.40
N PHE B 601 -36.84 -11.32 39.36
CA PHE B 601 -35.50 -11.37 39.94
C PHE B 601 -35.26 -12.70 40.64
N THR B 602 -36.24 -13.14 41.43
CA THR B 602 -36.12 -14.44 42.08
C THR B 602 -35.95 -15.55 41.05
N TRP B 603 -36.82 -15.58 40.04
CA TRP B 603 -36.76 -16.65 39.05
C TRP B 603 -35.42 -16.65 38.31
N LEU B 604 -34.91 -15.47 37.96
CA LEU B 604 -33.65 -15.40 37.24
C LEU B 604 -32.49 -15.82 38.12
N LYS B 605 -32.49 -15.40 39.39
CA LYS B 605 -31.45 -15.84 40.29
C LYS B 605 -31.46 -17.35 40.44
N ASP B 606 -32.63 -17.96 40.32
CA ASP B 606 -32.71 -19.41 40.36
C ASP B 606 -32.30 -20.08 39.07
N GLN B 607 -32.43 -19.40 37.93
CA GLN B 607 -32.07 -20.03 36.66
C GLN B 607 -30.58 -19.96 36.36
N ASN B 608 -29.84 -19.08 37.01
CA ASN B 608 -28.41 -18.91 36.73
C ASN B 608 -27.55 -19.57 37.80
N LYS B 609 -27.98 -20.72 38.30
CA LYS B 609 -27.16 -21.44 39.28
C LYS B 609 -25.86 -21.91 38.65
N ASN B 610 -25.91 -22.37 37.40
CA ASN B 610 -24.76 -22.94 36.73
C ASN B 610 -24.09 -21.97 35.77
N SER B 611 -24.77 -20.90 35.37
CA SER B 611 -24.16 -19.93 34.49
C SER B 611 -23.19 -19.06 35.27
N PHE B 612 -22.59 -18.09 34.59
CA PHE B 612 -21.62 -17.18 35.19
C PHE B 612 -22.18 -15.77 35.11
N VAL B 613 -22.72 -15.27 36.20
CA VAL B 613 -23.34 -13.95 36.23
C VAL B 613 -22.23 -12.90 36.15
N GLY B 614 -22.20 -12.15 35.06
CA GLY B 614 -21.20 -11.14 34.83
C GLY B 614 -20.55 -11.30 33.47
N TRP B 615 -19.61 -10.42 33.20
CA TRP B 615 -18.93 -10.44 31.91
C TRP B 615 -17.51 -9.93 32.10
N SER B 616 -16.64 -10.37 31.21
CA SER B 616 -15.24 -9.95 31.20
C SER B 616 -15.00 -9.06 30.01
N THR B 617 -14.32 -7.95 30.22
CA THR B 617 -14.13 -6.95 29.18
C THR B 617 -12.92 -7.21 28.32
N ASP B 618 -12.49 -8.46 28.18
CA ASP B 618 -11.34 -8.81 27.36
C ASP B 618 -11.69 -9.60 26.12
N TRP B 619 -12.60 -10.57 26.22
CA TRP B 619 -12.99 -11.35 25.06
C TRP B 619 -13.65 -10.47 24.02
N SER B 620 -13.29 -10.68 22.76
CA SER B 620 -13.89 -10.01 21.62
C SER B 620 -14.08 -11.03 20.52
N PRO B 621 -15.13 -10.89 19.70
CA PRO B 621 -15.44 -11.93 18.74
C PRO B 621 -14.40 -12.10 17.65
N TYR B 622 -13.41 -11.23 17.57
CA TYR B 622 -12.37 -11.33 16.56
C TYR B 622 -11.00 -11.64 17.12
N ALA B 623 -10.84 -11.72 18.43
CA ALA B 623 -9.55 -11.92 19.06
C ALA B 623 -9.04 -13.29 18.93
N ASP B 624 -9.79 -14.21 18.35
CA ASP B 624 -9.32 -15.57 18.15
C ASP B 624 -8.39 -15.69 16.96
N GLN B 625 -8.60 -14.90 15.92
CA GLN B 625 -7.80 -14.98 14.71
C GLN B 625 -6.86 -13.79 14.55
N SER B 626 -6.57 -13.08 15.63
CA SER B 626 -5.69 -11.93 15.57
C SER B 626 -4.24 -12.37 15.72
N ILE B 627 -3.35 -11.64 15.08
CA ILE B 627 -1.92 -11.80 15.24
C ILE B 627 -1.38 -10.55 15.90
N LYS B 628 -0.47 -10.72 16.87
CA LYS B 628 0.08 -9.59 17.58
C LYS B 628 1.44 -9.20 17.00
N VAL B 629 1.63 -7.90 16.82
CA VAL B 629 2.84 -7.36 16.23
C VAL B 629 3.51 -6.42 17.23
N ARG B 630 4.82 -6.57 17.38
CA ARG B 630 5.63 -5.76 18.29
C ARG B 630 6.83 -5.21 17.53
N ILE B 631 7.08 -3.91 17.65
CA ILE B 631 8.05 -3.22 16.81
C ILE B 631 8.99 -2.40 17.68
N SER B 632 10.29 -2.59 17.51
CA SER B 632 11.31 -1.92 18.31
C SER B 632 12.16 -1.05 17.39
N LEU B 633 11.85 0.24 17.34
CA LEU B 633 12.55 1.11 16.40
C LEU B 633 13.89 1.57 16.93
N LYS B 634 13.93 2.01 18.19
CA LYS B 634 15.18 2.54 18.74
C LYS B 634 16.23 1.45 18.88
N SER B 635 15.80 0.21 19.12
CA SER B 635 16.75 -0.89 19.22
C SER B 635 17.42 -1.18 17.89
N ALA B 636 16.71 -1.00 16.78
CA ALA B 636 17.24 -1.43 15.49
C ALA B 636 18.05 -0.33 14.81
N LEU B 637 17.58 0.91 14.88
CA LEU B 637 18.15 1.99 14.11
C LEU B 637 18.94 3.01 14.92
N GLY B 638 18.82 3.00 16.24
CA GLY B 638 19.57 3.93 17.04
C GLY B 638 19.06 5.35 16.91
N ASP B 639 19.96 6.34 16.96
CA ASP B 639 19.52 7.72 16.79
C ASP B 639 19.42 8.07 15.31
N LYS B 640 18.72 7.23 14.57
CA LYS B 640 18.53 7.41 13.14
C LYS B 640 17.13 6.92 12.80
N ALA B 641 16.36 6.64 13.85
CA ALA B 641 15.04 6.04 13.69
C ALA B 641 14.02 7.10 13.34
N TYR B 642 13.13 6.77 12.42
CA TYR B 642 12.02 7.62 12.09
C TYR B 642 10.96 7.52 13.18
N GLU B 643 9.96 8.39 13.08
CA GLU B 643 8.84 8.35 14.01
C GLU B 643 7.66 7.65 13.36
N TRP B 644 6.84 7.03 14.20
CA TRP B 644 5.78 6.14 13.73
C TRP B 644 4.45 6.87 13.79
N ASN B 645 4.12 7.59 12.72
CA ASN B 645 2.81 8.21 12.60
C ASN B 645 1.86 7.23 11.93
N ASP B 646 0.72 7.72 11.47
CA ASP B 646 -0.27 6.84 10.86
C ASP B 646 -0.02 6.57 9.39
N ASN B 647 0.87 7.32 8.74
CA ASN B 647 1.32 6.91 7.42
C ASN B 647 2.12 5.63 7.48
N GLU B 648 2.87 5.42 8.56
CA GLU B 648 3.55 4.15 8.73
C GLU B 648 2.57 3.01 8.92
N MET B 649 1.47 3.25 9.62
CA MET B 649 0.45 2.21 9.72
C MET B 649 -0.21 1.95 8.39
N TYR B 650 -0.41 2.99 7.58
CA TYR B 650 -0.91 2.78 6.23
C TYR B 650 0.03 1.88 5.44
N LEU B 651 1.32 2.15 5.48
CA LEU B 651 2.27 1.33 4.75
C LEU B 651 2.31 -0.09 5.29
N PHE B 652 2.15 -0.27 6.60
CA PHE B 652 2.14 -1.63 7.14
C PHE B 652 0.92 -2.40 6.63
N ARG B 653 -0.25 -1.77 6.65
CA ARG B 653 -1.43 -2.45 6.13
C ARG B 653 -1.30 -2.78 4.66
N SER B 654 -0.71 -1.90 3.87
CA SER B 654 -0.47 -2.22 2.47
C SER B 654 0.51 -3.36 2.29
N SER B 655 1.56 -3.42 3.10
CA SER B 655 2.48 -4.56 3.03
C SER B 655 1.79 -5.87 3.35
N VAL B 656 0.95 -5.89 4.38
CA VAL B 656 0.25 -7.13 4.71
C VAL B 656 -0.71 -7.52 3.60
N ALA B 657 -1.39 -6.53 2.99
CA ALA B 657 -2.27 -6.85 1.87
C ALA B 657 -1.50 -7.43 0.70
N TYR B 658 -0.33 -6.88 0.40
CA TYR B 658 0.49 -7.43 -0.66
C TYR B 658 0.91 -8.85 -0.37
N ALA B 659 1.31 -9.12 0.87
CA ALA B 659 1.69 -10.48 1.24
C ALA B 659 0.55 -11.45 1.05
N MET B 660 -0.67 -11.05 1.43
CA MET B 660 -1.81 -11.92 1.25
C MET B 660 -2.09 -12.17 -0.23
N ARG B 661 -2.03 -11.13 -1.04
CA ARG B 661 -2.20 -11.32 -2.48
C ARG B 661 -1.22 -12.34 -3.03
N GLN B 662 0.06 -12.17 -2.70
CA GLN B 662 1.07 -13.09 -3.20
C GLN B 662 0.84 -14.51 -2.75
N TYR B 663 0.53 -14.72 -1.47
CA TYR B 663 0.30 -16.09 -1.02
C TYR B 663 -0.90 -16.72 -1.71
N PHE B 664 -1.97 -15.98 -1.89
CA PHE B 664 -3.13 -16.59 -2.54
C PHE B 664 -2.91 -16.79 -4.03
N LEU B 665 -1.99 -16.07 -4.63
CA LEU B 665 -1.70 -16.30 -6.04
C LEU B 665 -0.75 -17.46 -6.27
N LYS B 666 0.29 -17.59 -5.45
CA LYS B 666 1.34 -18.56 -5.72
C LYS B 666 1.10 -19.92 -5.11
N VAL B 667 0.12 -20.08 -4.23
CA VAL B 667 -0.13 -21.34 -3.55
C VAL B 667 -1.54 -21.84 -3.82
N LYS B 668 -2.54 -20.96 -3.71
CA LYS B 668 -3.91 -21.33 -3.94
C LYS B 668 -4.34 -21.16 -5.39
N ASN B 669 -3.49 -20.56 -6.22
CA ASN B 669 -3.79 -20.32 -7.63
C ASN B 669 -5.04 -19.48 -7.83
N GLN B 670 -5.36 -18.62 -6.87
CA GLN B 670 -6.49 -17.71 -6.99
C GLN B 670 -5.99 -16.28 -6.99
N MET B 671 -6.76 -15.38 -7.58
CA MET B 671 -6.45 -13.97 -7.63
C MET B 671 -7.50 -13.23 -6.81
N ILE B 672 -7.10 -12.70 -5.66
CA ILE B 672 -7.99 -12.01 -4.74
C ILE B 672 -7.41 -10.65 -4.46
N LEU B 673 -8.24 -9.61 -4.56
CA LEU B 673 -7.75 -8.23 -4.48
C LEU B 673 -7.90 -7.71 -3.07
N PHE B 674 -7.02 -8.17 -2.19
CA PHE B 674 -6.94 -7.62 -0.85
C PHE B 674 -6.48 -6.18 -0.92
N GLY B 675 -7.01 -5.35 -0.02
CA GLY B 675 -6.63 -3.96 0.06
C GLY B 675 -6.20 -3.61 1.48
N GLU B 676 -5.80 -2.34 1.64
CA GLU B 676 -5.38 -1.91 2.96
C GLU B 676 -6.54 -1.77 3.92
N GLU B 677 -7.77 -1.73 3.42
CA GLU B 677 -8.93 -1.62 4.29
C GLU B 677 -9.45 -2.97 4.76
N ASP B 678 -8.85 -4.06 4.31
CA ASP B 678 -9.21 -5.39 4.75
C ASP B 678 -8.32 -5.90 5.86
N VAL B 679 -7.35 -5.10 6.28
CA VAL B 679 -6.48 -5.43 7.41
C VAL B 679 -6.97 -4.60 8.59
N ARG B 680 -7.63 -5.25 9.54
CA ARG B 680 -8.22 -4.58 10.68
C ARG B 680 -7.23 -4.59 11.83
N VAL B 681 -6.98 -3.41 12.42
CA VAL B 681 -5.97 -3.20 13.43
C VAL B 681 -6.64 -2.81 14.73
N ALA B 682 -6.11 -3.28 15.85
CA ALA B 682 -6.67 -2.97 17.17
C ALA B 682 -5.56 -2.87 18.21
N ASN B 683 -5.86 -2.16 19.28
CA ASN B 683 -5.01 -2.09 20.48
C ASN B 683 -3.65 -1.46 20.18
N LEU B 684 -3.66 -0.30 19.56
CA LEU B 684 -2.41 0.37 19.26
C LEU B 684 -1.82 0.96 20.54
N LYS B 685 -0.61 0.53 20.89
CA LYS B 685 0.10 0.94 22.08
C LYS B 685 1.34 1.73 21.71
N PRO B 686 1.90 2.49 22.65
CA PRO B 686 3.02 3.36 22.29
C PRO B 686 4.37 2.66 22.25
N ARG B 687 4.42 1.40 22.64
CA ARG B 687 5.65 0.61 22.57
C ARG B 687 5.60 -0.13 21.25
N ILE B 688 4.84 0.45 20.32
CA ILE B 688 4.62 -0.14 19.01
C ILE B 688 4.06 -1.52 19.28
N SER B 689 2.75 -1.67 19.18
CA SER B 689 2.15 -2.97 19.46
C SER B 689 0.72 -2.94 19.02
N PHE B 690 0.28 -3.99 18.35
CA PHE B 690 -1.12 -4.05 18.00
C PHE B 690 -1.48 -5.48 17.64
N ASN B 691 -2.77 -5.69 17.41
CA ASN B 691 -3.29 -6.92 16.85
C ASN B 691 -3.86 -6.60 15.49
N PHE B 692 -3.84 -7.57 14.59
CA PHE B 692 -4.49 -7.39 13.31
C PHE B 692 -5.08 -8.69 12.85
N PHE B 693 -6.14 -8.58 12.05
CA PHE B 693 -6.69 -9.72 11.33
C PHE B 693 -7.10 -9.28 9.94
N VAL B 694 -7.39 -10.24 9.08
CA VAL B 694 -7.61 -9.98 7.67
C VAL B 694 -8.98 -10.51 7.27
N THR B 695 -9.67 -9.73 6.44
CA THR B 695 -11.02 -10.00 6.00
C THR B 695 -11.05 -10.10 4.48
N ALA B 696 -11.92 -10.97 3.96
CA ALA B 696 -12.09 -11.06 2.52
C ALA B 696 -12.45 -9.69 1.95
N PRO B 697 -12.15 -9.45 0.67
CA PRO B 697 -12.19 -8.07 0.15
C PRO B 697 -13.47 -7.31 0.40
N LYS B 698 -14.64 -7.88 0.16
CA LYS B 698 -15.87 -7.14 0.39
C LYS B 698 -16.87 -7.86 1.27
N ASN B 699 -16.49 -8.97 1.88
CA ASN B 699 -17.38 -9.74 2.75
C ASN B 699 -16.86 -9.60 4.18
N VAL B 700 -17.35 -8.59 4.90
CA VAL B 700 -16.82 -8.27 6.21
C VAL B 700 -16.93 -9.42 7.20
N SER B 701 -17.82 -10.37 6.96
CA SER B 701 -17.97 -11.49 7.88
C SER B 701 -17.06 -12.65 7.57
N ASP B 702 -16.17 -12.51 6.59
CA ASP B 702 -15.29 -13.58 6.15
C ASP B 702 -13.89 -13.29 6.65
N ILE B 703 -13.48 -13.97 7.70
CA ILE B 703 -12.16 -13.78 8.30
C ILE B 703 -11.25 -14.89 7.85
N ILE B 704 -10.13 -14.52 7.23
CA ILE B 704 -9.13 -15.52 6.85
C ILE B 704 -8.56 -16.16 8.11
N PRO B 705 -8.43 -17.48 8.17
CA PRO B 705 -7.94 -18.12 9.40
C PRO B 705 -6.53 -17.67 9.76
N ARG B 706 -6.20 -17.85 11.04
CA ARG B 706 -4.90 -17.41 11.53
C ARG B 706 -3.77 -18.21 10.91
N THR B 707 -4.01 -19.48 10.57
CA THR B 707 -2.97 -20.31 10.00
C THR B 707 -2.57 -19.87 8.61
N GLU B 708 -3.55 -19.53 7.76
CA GLU B 708 -3.20 -19.06 6.43
C GLU B 708 -2.53 -17.70 6.47
N VAL B 709 -2.89 -16.84 7.41
CA VAL B 709 -2.18 -15.57 7.53
C VAL B 709 -0.75 -15.80 8.02
N GLU B 710 -0.54 -16.76 8.92
CA GLU B 710 0.82 -17.09 9.31
C GLU B 710 1.64 -17.59 8.13
N LYS B 711 1.05 -18.45 7.29
CA LYS B 711 1.78 -18.90 6.11
C LYS B 711 2.09 -17.75 5.17
N ALA B 712 1.12 -16.89 4.90
CA ALA B 712 1.32 -15.78 4.00
C ALA B 712 2.38 -14.82 4.52
N ILE B 713 2.53 -14.71 5.83
CA ILE B 713 3.55 -13.81 6.37
C ILE B 713 4.92 -14.50 6.39
N ARG B 714 4.97 -15.80 6.64
CA ARG B 714 6.23 -16.51 6.48
C ARG B 714 6.76 -16.38 5.07
N MET B 715 5.87 -16.44 4.08
CA MET B 715 6.33 -16.43 2.69
C MET B 715 6.98 -15.10 2.31
N SER B 716 6.59 -14.00 2.94
CA SER B 716 7.01 -12.68 2.49
C SER B 716 7.64 -11.86 3.60
N ARG B 717 8.12 -12.51 4.66
CA ARG B 717 8.60 -11.76 5.81
C ARG B 717 9.85 -10.96 5.47
N SER B 718 10.74 -11.51 4.65
CA SER B 718 11.98 -10.83 4.33
C SER B 718 11.76 -9.57 3.52
N ARG B 719 10.56 -9.39 2.99
CA ARG B 719 10.22 -8.22 2.21
C ARG B 719 9.57 -7.16 3.06
N ILE B 720 8.64 -7.57 3.93
CA ILE B 720 8.08 -6.68 4.92
C ILE B 720 9.16 -6.11 5.83
N ASN B 721 10.15 -6.93 6.18
CA ASN B 721 11.28 -6.40 6.94
C ASN B 721 11.96 -5.27 6.18
N ASP B 722 12.30 -5.51 4.92
CA ASP B 722 13.05 -4.52 4.16
C ASP B 722 12.27 -3.22 4.00
N ALA B 723 10.95 -3.30 3.89
CA ALA B 723 10.17 -2.08 3.71
C ALA B 723 10.31 -1.13 4.89
N PHE B 724 10.69 -1.62 6.07
CA PHE B 724 10.75 -0.79 7.27
C PHE B 724 12.15 -0.69 7.88
N ARG B 725 13.14 -1.40 7.33
CA ARG B 725 14.50 -1.43 7.84
C ARG B 725 14.58 -2.13 9.19
N LEU B 726 13.83 -3.21 9.34
CA LEU B 726 13.83 -4.00 10.56
C LEU B 726 14.35 -5.40 10.23
N ASN B 727 14.75 -6.13 11.26
CA ASN B 727 15.58 -7.31 11.02
C ASN B 727 15.14 -8.49 11.86
N ASP B 728 13.85 -8.78 11.88
CA ASP B 728 13.36 -10.07 12.37
C ASP B 728 13.49 -10.22 13.88
N ASN B 729 14.18 -9.28 14.52
CA ASN B 729 14.20 -9.14 15.95
C ASN B 729 13.62 -7.82 16.40
N SER B 730 13.43 -6.90 15.45
CA SER B 730 12.78 -5.64 15.71
C SER B 730 11.36 -5.59 15.18
N LEU B 731 10.94 -6.62 14.45
CA LEU B 731 9.59 -6.73 13.92
C LEU B 731 9.12 -8.14 14.23
N GLU B 732 8.43 -8.29 15.36
CA GLU B 732 8.06 -9.60 15.88
C GLU B 732 6.58 -9.85 15.62
N PHE B 733 6.27 -10.89 14.87
CA PHE B 733 4.93 -11.42 14.74
C PHE B 733 4.80 -12.54 15.77
N LEU B 734 4.26 -12.22 16.93
CA LEU B 734 4.24 -13.15 18.06
C LEU B 734 3.51 -14.42 17.67
N GLY B 735 4.22 -15.54 17.75
CA GLY B 735 3.69 -16.82 17.32
C GLY B 735 4.31 -17.36 16.06
N ILE B 736 5.11 -16.55 15.37
CA ILE B 736 5.79 -16.95 14.15
C ILE B 736 7.28 -16.81 14.39
N GLN B 737 7.98 -17.93 14.39
CA GLN B 737 9.39 -17.90 14.79
C GLN B 737 10.28 -18.22 13.60
N PRO B 738 11.37 -17.47 13.44
CA PRO B 738 12.31 -17.78 12.36
C PRO B 738 13.19 -18.98 12.73
N THR B 739 13.43 -19.84 11.73
CA THR B 739 14.06 -21.14 11.95
C THR B 739 15.13 -21.42 10.90
N LEU B 740 16.04 -20.48 10.69
CA LEU B 740 17.05 -20.70 9.66
C LEU B 740 18.45 -20.46 10.23
N GLY B 741 19.45 -20.67 9.37
CA GLY B 741 20.83 -20.35 9.67
C GLY B 741 21.75 -21.50 10.03
N PRO B 742 21.66 -22.58 9.26
CA PRO B 742 22.48 -23.77 9.52
C PRO B 742 23.91 -23.62 9.03
N PRO B 743 24.86 -23.98 9.87
CA PRO B 743 26.28 -23.88 9.51
C PRO B 743 26.81 -25.16 8.88
N ASN B 744 27.53 -25.05 7.79
CA ASN B 744 28.04 -26.24 7.12
C ASN B 744 29.25 -25.93 6.27
N GLN B 745 30.38 -26.51 6.63
CA GLN B 745 31.61 -26.27 5.88
C GLN B 745 32.76 -27.19 6.27
N PRO B 746 32.54 -28.11 7.22
CA PRO B 746 33.66 -28.99 7.58
C PRO B 746 33.53 -30.36 6.94
N PRO B 747 34.59 -30.83 6.29
CA PRO B 747 34.57 -32.15 5.65
C PRO B 747 35.06 -33.28 6.56
N VAL B 748 35.49 -32.95 7.77
CA VAL B 748 35.97 -33.97 8.71
C VAL B 748 36.67 -33.33 9.91
N SER B 749 37.68 -34.02 10.46
CA SER B 749 38.41 -33.52 11.60
C SER B 749 39.60 -32.67 11.16
N ILE B 750 39.30 -31.47 10.68
CA ILE B 750 40.34 -30.55 10.22
C ILE B 750 41.52 -30.50 11.18
N TRP B 751 41.24 -30.69 12.47
CA TRP B 751 42.28 -30.67 13.49
C TRP B 751 43.06 -31.98 13.52
N LEU B 752 42.38 -33.08 13.18
CA LEU B 752 43.01 -34.39 13.11
C LEU B 752 44.13 -34.41 12.08
N ILE B 753 43.99 -33.62 11.02
CA ILE B 753 45.00 -33.58 9.97
C ILE B 753 46.31 -33.03 10.52
N VAL B 754 46.25 -31.89 11.21
CA VAL B 754 47.46 -31.29 11.77
C VAL B 754 48.01 -32.17 12.88
N PHE B 755 47.12 -32.78 13.67
CA PHE B 755 47.58 -33.71 14.70
C PHE B 755 48.39 -34.84 14.09
N GLY B 756 47.88 -35.43 13.01
CA GLY B 756 48.57 -36.50 12.31
C GLY B 756 49.89 -36.08 11.67
N VAL B 757 49.93 -34.92 11.02
CA VAL B 757 51.19 -34.49 10.40
C VAL B 757 52.25 -34.24 11.48
N VAL B 758 51.85 -33.60 12.59
CA VAL B 758 52.81 -33.33 13.65
C VAL B 758 53.29 -34.62 14.27
N MET B 759 52.37 -35.56 14.49
CA MET B 759 52.75 -36.85 15.04
C MET B 759 53.69 -37.62 14.12
N GLY B 760 53.46 -37.55 12.81
CA GLY B 760 54.36 -38.20 11.87
C GLY B 760 55.77 -37.63 11.95
N VAL B 761 55.87 -36.29 11.89
CA VAL B 761 57.17 -35.65 11.97
C VAL B 761 57.88 -36.00 13.28
N ILE B 762 57.11 -36.03 14.37
CA ILE B 762 57.69 -36.28 15.68
C ILE B 762 58.22 -37.70 15.78
N VAL B 763 57.41 -38.68 15.36
CA VAL B 763 57.87 -40.07 15.43
C VAL B 763 59.06 -40.28 14.50
N VAL B 764 59.10 -39.61 13.35
CA VAL B 764 60.23 -39.76 12.44
C VAL B 764 61.51 -39.23 13.09
N GLY B 765 61.44 -38.03 13.68
CA GLY B 765 62.59 -37.54 14.42
C GLY B 765 63.00 -38.48 15.54
N ILE B 766 62.00 -39.10 16.18
CA ILE B 766 62.29 -40.02 17.28
C ILE B 766 63.10 -41.22 16.78
N VAL B 767 62.67 -41.86 15.69
CA VAL B 767 63.37 -43.05 15.22
C VAL B 767 64.75 -42.68 14.71
N ILE B 768 64.87 -41.50 14.06
CA ILE B 768 66.18 -41.04 13.61
C ILE B 768 67.11 -40.91 14.82
N LEU B 769 66.60 -40.34 15.90
CA LEU B 769 67.44 -40.11 17.07
C LEU B 769 67.82 -41.41 17.76
N ILE B 770 66.89 -42.35 17.85
CA ILE B 770 67.22 -43.64 18.46
C ILE B 770 68.28 -44.36 17.62
N PHE B 771 68.12 -44.36 16.30
CA PHE B 771 69.07 -45.00 15.42
C PHE B 771 70.46 -44.37 15.56
N THR B 772 70.49 -43.04 15.57
CA THR B 772 71.77 -42.34 15.73
C THR B 772 72.43 -42.68 17.06
N GLY B 773 71.68 -42.58 18.16
CA GLY B 773 72.25 -42.84 19.46
C GLY B 773 72.57 -44.30 19.73
N ILE B 774 72.02 -45.20 18.90
CA ILE B 774 72.28 -46.63 19.07
C ILE B 774 73.51 -47.03 18.27
N ARG B 775 73.54 -46.72 16.98
CA ARG B 775 74.66 -47.14 16.15
C ARG B 775 75.94 -46.36 16.49
N ASP B 776 75.82 -45.12 16.96
CA ASP B 776 76.99 -44.35 17.37
C ASP B 776 77.48 -44.72 18.76
N ARG B 777 76.64 -45.32 19.60
CA ARG B 777 77.08 -45.75 20.92
C ARG B 777 77.67 -47.16 20.86
N THR C 34 -102.90 47.11 26.29
CA THR C 34 -101.92 47.64 27.23
C THR C 34 -100.51 47.47 26.67
N ASN C 35 -99.70 48.52 26.77
CA ASN C 35 -98.34 48.54 26.24
C ASN C 35 -97.47 47.66 27.12
N LEU C 36 -97.03 46.53 26.57
CA LEU C 36 -96.17 45.61 27.30
C LEU C 36 -94.73 46.12 27.30
N CYS C 37 -93.93 45.56 28.19
CA CYS C 37 -92.51 45.94 28.26
C CYS C 37 -91.79 45.44 27.00
N PRO C 38 -91.01 46.28 26.34
CA PRO C 38 -90.31 45.86 25.12
C PRO C 38 -89.07 45.03 25.41
N PHE C 39 -89.26 43.94 26.17
CA PHE C 39 -88.19 42.99 26.42
C PHE C 39 -87.75 42.26 25.16
N ASP C 40 -88.56 42.30 24.11
CA ASP C 40 -88.27 41.59 22.88
C ASP C 40 -87.13 42.22 22.09
N GLU C 41 -86.68 43.42 22.46
CA GLU C 41 -85.57 44.06 21.76
C GLU C 41 -84.24 43.89 22.47
N VAL C 42 -84.18 44.10 23.79
CA VAL C 42 -82.92 43.94 24.49
C VAL C 42 -82.52 42.48 24.57
N PHE C 43 -83.45 41.57 24.27
CA PHE C 43 -83.12 40.14 24.22
C PHE C 43 -82.89 39.63 22.81
N ASN C 44 -83.49 40.26 21.81
CA ASN C 44 -83.33 39.83 20.42
C ASN C 44 -82.41 40.75 19.63
N ALA C 45 -81.64 41.60 20.30
CA ALA C 45 -80.74 42.50 19.59
C ALA C 45 -79.76 41.70 18.74
N THR C 46 -79.87 41.88 17.42
CA THR C 46 -79.02 41.14 16.50
C THR C 46 -77.54 41.48 16.66
N ARG C 47 -77.23 42.59 17.32
CA ARG C 47 -75.85 42.96 17.61
C ARG C 47 -75.77 43.47 19.03
N PHE C 48 -75.02 42.79 19.88
CA PHE C 48 -74.86 43.19 21.27
C PHE C 48 -73.68 44.15 21.41
N ALA C 49 -73.56 44.72 22.60
CA ALA C 49 -72.53 45.69 22.91
C ALA C 49 -71.37 45.03 23.64
N SER C 50 -70.20 45.65 23.54
CA SER C 50 -69.03 45.19 24.25
C SER C 50 -69.22 45.40 25.75
N VAL C 51 -68.28 44.87 26.53
CA VAL C 51 -68.39 44.94 27.98
C VAL C 51 -67.83 46.26 28.50
N TYR C 52 -66.80 46.78 27.86
CA TYR C 52 -66.26 48.07 28.27
C TYR C 52 -67.23 49.20 27.92
N ALA C 53 -68.06 49.00 26.90
CA ALA C 53 -69.14 49.92 26.56
C ALA C 53 -70.43 49.10 26.52
N TRP C 54 -71.04 48.93 27.68
CA TRP C 54 -72.24 48.12 27.78
C TRP C 54 -73.49 48.94 27.50
N ASN C 55 -74.49 48.28 26.93
CA ASN C 55 -75.73 48.97 26.60
C ASN C 55 -76.63 49.02 27.82
N ARG C 56 -77.38 50.12 27.93
CA ARG C 56 -78.28 50.32 29.07
C ARG C 56 -79.58 50.90 28.54
N LYS C 57 -80.69 50.18 28.74
CA LYS C 57 -82.00 50.61 28.30
C LYS C 57 -82.92 50.77 29.50
N ARG C 58 -83.52 51.94 29.64
CA ARG C 58 -84.45 52.22 30.73
C ARG C 58 -85.87 51.99 30.25
N ILE C 59 -86.65 51.25 31.04
CA ILE C 59 -88.01 50.88 30.68
C ILE C 59 -88.97 51.74 31.47
N SER C 60 -89.91 52.39 30.76
CA SER C 60 -90.78 53.39 31.34
C SER C 60 -92.03 52.74 31.92
N ASN C 61 -93.01 53.56 32.29
CA ASN C 61 -94.22 53.09 32.96
C ASN C 61 -95.05 52.26 31.99
N CYS C 62 -95.08 50.95 32.20
CA CYS C 62 -95.80 50.01 31.36
C CYS C 62 -96.21 48.84 32.26
N VAL C 63 -96.55 47.71 31.63
CA VAL C 63 -96.76 46.46 32.35
C VAL C 63 -95.59 45.53 32.05
N ALA C 64 -95.05 44.90 33.08
CA ALA C 64 -93.82 44.12 32.98
C ALA C 64 -94.16 42.64 32.92
N ASP C 65 -93.86 42.00 31.80
CA ASP C 65 -94.09 40.56 31.62
C ASP C 65 -92.77 39.84 31.83
N TYR C 66 -92.59 39.29 33.03
CA TYR C 66 -91.45 38.42 33.29
C TYR C 66 -91.71 36.98 32.87
N SER C 67 -92.94 36.65 32.49
CA SER C 67 -93.30 35.31 32.07
C SER C 67 -92.93 35.02 30.62
N VAL C 68 -92.38 35.99 29.90
CA VAL C 68 -91.95 35.75 28.53
C VAL C 68 -90.53 35.21 28.47
N LEU C 69 -89.69 35.57 29.44
CA LEU C 69 -88.31 35.11 29.49
C LEU C 69 -88.14 33.89 30.38
N TYR C 70 -88.88 33.79 31.48
CA TYR C 70 -88.68 32.68 32.40
C TYR C 70 -89.14 31.36 31.81
N ASN C 71 -90.20 31.37 31.01
CA ASN C 71 -90.62 30.16 30.32
C ASN C 71 -89.82 29.91 29.05
N PHE C 72 -88.91 30.82 28.69
CA PHE C 72 -88.37 30.83 27.34
C PHE C 72 -87.37 29.70 27.09
N ALA C 73 -86.25 29.71 27.82
CA ALA C 73 -85.10 28.94 27.36
C ALA C 73 -84.33 28.33 28.53
N PRO C 74 -83.36 27.42 28.27
CA PRO C 74 -82.54 26.88 29.36
C PRO C 74 -81.88 27.94 30.21
N PHE C 75 -81.37 29.01 29.58
CA PHE C 75 -80.86 30.16 30.31
C PHE C 75 -79.73 29.76 31.26
N PHE C 76 -78.59 29.38 30.70
CA PHE C 76 -77.46 28.84 31.43
C PHE C 76 -77.17 29.54 32.75
N ALA C 77 -77.47 30.83 32.84
CA ALA C 77 -77.32 31.56 34.10
C ALA C 77 -78.58 32.39 34.33
N PHE C 78 -79.19 32.22 35.50
CA PHE C 78 -80.32 33.06 35.90
C PHE C 78 -80.29 33.15 37.43
N LYS C 79 -79.65 34.19 37.95
CA LYS C 79 -79.45 34.34 39.38
C LYS C 79 -80.15 35.62 39.84
N CYS C 80 -81.03 35.49 40.82
CA CYS C 80 -81.76 36.64 41.35
C CYS C 80 -81.50 36.80 42.85
N TYR C 81 -81.10 38.01 43.23
CA TYR C 81 -80.61 38.29 44.57
C TYR C 81 -81.63 39.05 45.42
N GLY C 82 -82.10 40.20 44.95
CA GLY C 82 -82.97 41.03 45.75
C GLY C 82 -84.35 40.45 45.96
N VAL C 83 -85.04 40.15 44.87
CA VAL C 83 -86.35 39.56 44.93
C VAL C 83 -86.22 38.07 44.62
N SER C 84 -87.23 37.30 45.01
CA SER C 84 -87.11 35.92 44.58
C SER C 84 -87.59 35.79 43.14
N PRO C 85 -86.99 34.86 42.37
CA PRO C 85 -87.31 34.78 40.93
C PRO C 85 -88.75 34.43 40.64
N THR C 86 -89.53 34.04 41.64
CA THR C 86 -90.88 33.54 41.42
C THR C 86 -91.95 34.63 41.50
N LYS C 87 -91.73 35.67 42.31
CA LYS C 87 -92.78 36.62 42.65
C LYS C 87 -92.60 37.96 41.94
N LEU C 88 -92.07 37.93 40.73
CA LEU C 88 -91.90 39.15 39.95
C LEU C 88 -93.24 39.72 39.50
N ASN C 89 -94.33 39.03 39.84
CA ASN C 89 -95.65 39.37 39.34
C ASN C 89 -96.56 39.96 40.41
N ASP C 90 -96.02 40.34 41.57
CA ASP C 90 -96.81 40.99 42.61
C ASP C 90 -96.11 42.18 43.25
N LEU C 91 -94.85 42.43 42.91
CA LEU C 91 -94.12 43.59 43.41
C LEU C 91 -93.87 44.57 42.27
N CYS C 92 -93.77 45.86 42.62
CA CYS C 92 -93.63 46.90 41.62
C CYS C 92 -92.51 47.84 42.03
N PHE C 93 -91.95 48.52 41.02
CA PHE C 93 -90.78 49.38 41.20
C PHE C 93 -90.85 50.52 40.20
N THR C 94 -90.13 51.61 40.49
CA THR C 94 -90.30 52.84 39.73
C THR C 94 -89.88 52.67 38.28
N ASN C 95 -88.60 52.37 38.04
CA ASN C 95 -88.11 52.10 36.70
C ASN C 95 -87.09 50.98 36.76
N VAL C 96 -86.95 50.28 35.64
CA VAL C 96 -86.02 49.17 35.55
C VAL C 96 -85.03 49.44 34.41
N TYR C 97 -83.77 49.08 34.65
CA TYR C 97 -82.72 49.18 33.67
C TYR C 97 -82.33 47.78 33.20
N ALA C 98 -82.08 47.66 31.90
CA ALA C 98 -81.57 46.43 31.31
C ALA C 98 -80.19 46.75 30.75
N ASP C 99 -79.15 46.17 31.36
CA ASP C 99 -77.79 46.32 30.86
C ASP C 99 -77.39 45.06 30.12
N SER C 100 -76.88 45.26 28.91
CA SER C 100 -76.60 44.18 27.98
C SER C 100 -75.16 44.25 27.52
N PHE C 101 -74.49 43.09 27.52
CA PHE C 101 -73.14 43.00 26.95
C PHE C 101 -72.82 41.54 26.66
N VAL C 102 -71.58 41.31 26.27
CA VAL C 102 -71.08 39.97 25.92
C VAL C 102 -69.73 39.79 26.60
N ILE C 103 -69.57 38.67 27.30
CA ILE C 103 -68.30 38.35 27.94
C ILE C 103 -67.92 36.90 27.67
N ARG C 104 -66.76 36.49 28.14
CA ARG C 104 -66.34 35.10 27.98
C ARG C 104 -67.15 34.20 28.90
N GLY C 105 -66.97 32.89 28.75
CA GLY C 105 -67.75 31.95 29.53
C GLY C 105 -67.40 31.99 31.01
N ASN C 106 -66.11 31.89 31.33
CA ASN C 106 -65.69 31.80 32.72
C ASN C 106 -65.59 33.15 33.41
N GLU C 107 -66.15 34.20 32.83
CA GLU C 107 -66.23 35.49 33.50
C GLU C 107 -67.62 35.81 34.00
N VAL C 108 -68.62 34.97 33.68
CA VAL C 108 -69.97 35.20 34.17
C VAL C 108 -70.03 35.17 35.68
N SER C 109 -69.16 34.40 36.33
CA SER C 109 -69.12 34.36 37.78
C SER C 109 -68.73 35.70 38.39
N GLN C 110 -68.12 36.60 37.62
CA GLN C 110 -67.72 37.90 38.13
C GLN C 110 -68.86 38.90 38.16
N ILE C 111 -69.98 38.61 37.52
CA ILE C 111 -71.13 39.53 37.49
C ILE C 111 -71.94 39.21 38.74
N ALA C 112 -71.51 39.77 39.86
CA ALA C 112 -72.13 39.52 41.15
C ALA C 112 -71.61 40.51 42.18
N PRO C 113 -72.43 40.96 43.12
CA PRO C 113 -71.96 41.92 44.12
C PRO C 113 -70.86 41.31 44.98
N GLY C 114 -69.74 42.01 45.06
CA GLY C 114 -68.60 41.53 45.82
C GLY C 114 -67.70 40.58 45.06
N GLN C 115 -67.29 40.95 43.85
CA GLN C 115 -66.40 40.14 43.03
C GLN C 115 -65.24 40.98 42.55
N THR C 116 -64.11 40.32 42.32
CA THR C 116 -62.93 40.97 41.78
C THR C 116 -62.50 40.25 40.52
N GLY C 117 -61.86 40.99 39.63
CA GLY C 117 -61.40 40.45 38.37
C GLY C 117 -61.40 41.51 37.30
N ASN C 118 -60.79 41.17 36.16
CA ASN C 118 -60.63 42.14 35.09
C ASN C 118 -61.96 42.70 34.60
N ILE C 119 -63.06 41.99 34.81
CA ILE C 119 -64.36 42.47 34.40
C ILE C 119 -65.05 43.24 35.51
N ALA C 120 -64.97 42.75 36.74
CA ALA C 120 -65.60 43.40 37.88
C ALA C 120 -64.81 44.62 38.36
N ASP C 121 -63.67 44.92 37.74
CA ASP C 121 -62.84 46.03 38.17
C ASP C 121 -62.71 47.13 37.14
N TYR C 122 -62.64 46.77 35.86
CA TYR C 122 -62.38 47.75 34.81
C TYR C 122 -63.49 47.84 33.77
N ASN C 123 -64.46 46.93 33.78
CA ASN C 123 -65.46 46.90 32.74
C ASN C 123 -66.88 47.07 33.25
N TYR C 124 -67.26 46.37 34.32
CA TYR C 124 -68.62 46.45 34.83
C TYR C 124 -68.60 46.07 36.31
N LYS C 125 -69.20 46.92 37.15
CA LYS C 125 -69.23 46.70 38.58
C LYS C 125 -70.67 46.69 39.07
N LEU C 126 -70.93 45.85 40.07
CA LEU C 126 -72.25 45.76 40.69
C LEU C 126 -72.17 46.13 42.16
N PRO C 127 -73.00 47.04 42.65
CA PRO C 127 -72.95 47.40 44.07
C PRO C 127 -73.48 46.28 44.94
N ASP C 128 -72.97 46.23 46.17
CA ASP C 128 -73.26 45.13 47.07
C ASP C 128 -74.72 45.11 47.49
N ASP C 129 -75.41 46.24 47.40
CA ASP C 129 -76.84 46.34 47.74
C ASP C 129 -77.69 46.19 46.50
N PHE C 130 -77.26 45.36 45.56
CA PHE C 130 -77.98 45.16 44.32
C PHE C 130 -79.38 44.66 44.56
N THR C 131 -80.35 45.22 43.84
CA THR C 131 -81.74 44.84 43.97
C THR C 131 -82.31 44.16 42.72
N GLY C 132 -81.72 44.38 41.55
CA GLY C 132 -82.06 43.65 40.35
C GLY C 132 -81.47 42.25 40.37
N CYS C 133 -81.30 41.67 39.20
CA CYS C 133 -80.74 40.32 39.08
C CYS C 133 -79.96 40.18 37.78
N VAL C 134 -79.43 38.99 37.51
CA VAL C 134 -78.67 38.78 36.29
C VAL C 134 -79.14 37.52 35.57
N ILE C 135 -78.95 37.51 34.25
CA ILE C 135 -79.17 36.33 33.41
C ILE C 135 -78.12 36.34 32.31
N ALA C 136 -77.71 35.15 31.89
CA ALA C 136 -76.73 35.01 30.82
C ALA C 136 -77.01 33.70 30.08
N TRP C 137 -76.64 33.67 28.81
CA TRP C 137 -76.79 32.46 28.02
C TRP C 137 -75.69 32.38 26.99
N ASN C 138 -75.55 31.19 26.40
CA ASN C 138 -74.50 30.94 25.42
C ASN C 138 -74.97 31.37 24.04
N SER C 139 -74.04 31.93 23.26
CA SER C 139 -74.32 32.43 21.93
C SER C 139 -73.20 32.05 20.98
N ASN C 140 -72.66 30.85 21.13
CA ASN C 140 -71.54 30.42 20.29
C ASN C 140 -71.94 30.40 18.82
N LYS C 141 -73.15 29.93 18.52
CA LYS C 141 -73.62 29.85 17.15
C LYS C 141 -73.93 31.20 16.54
N LEU C 142 -73.88 32.29 17.32
CA LEU C 142 -74.23 33.60 16.82
C LEU C 142 -73.02 34.53 16.74
N ASP C 143 -72.32 34.75 17.84
CA ASP C 143 -71.30 35.78 17.94
C ASP C 143 -69.90 35.26 17.66
N SER C 144 -69.78 34.05 17.12
CA SER C 144 -68.48 33.46 16.83
C SER C 144 -68.39 33.08 15.36
N LYS C 145 -67.26 33.38 14.74
CA LYS C 145 -67.05 33.11 13.33
C LYS C 145 -65.66 32.51 13.12
N VAL C 146 -65.56 31.61 12.15
CA VAL C 146 -64.28 31.01 11.81
C VAL C 146 -63.34 32.08 11.33
N GLY C 147 -62.16 32.15 11.93
CA GLY C 147 -61.17 33.14 11.60
C GLY C 147 -61.03 34.27 12.60
N GLY C 148 -61.97 34.40 13.54
CA GLY C 148 -61.85 35.40 14.58
C GLY C 148 -62.88 36.51 14.47
N ASN C 149 -63.58 36.78 15.56
CA ASN C 149 -64.56 37.85 15.63
C ASN C 149 -64.01 38.91 16.57
N TYR C 150 -63.19 39.82 16.01
CA TYR C 150 -62.50 40.84 16.80
C TYR C 150 -63.36 42.07 17.03
N ASN C 151 -64.69 41.95 16.95
CA ASN C 151 -65.57 43.07 17.17
C ASN C 151 -66.05 43.19 18.61
N TYR C 152 -65.47 42.41 19.52
CA TYR C 152 -65.84 42.44 20.93
C TYR C 152 -64.60 42.78 21.74
N LEU C 153 -64.66 43.88 22.47
CA LEU C 153 -63.51 44.41 23.18
C LEU C 153 -63.72 44.32 24.69
N TYR C 154 -62.62 44.54 25.42
CA TYR C 154 -62.64 44.64 26.86
C TYR C 154 -61.38 45.35 27.32
N ARG C 155 -61.49 46.06 28.43
CA ARG C 155 -60.38 46.81 28.99
C ARG C 155 -59.73 45.99 30.10
N LEU C 156 -58.40 45.91 30.05
CA LEU C 156 -57.67 45.15 31.05
C LEU C 156 -56.64 45.98 31.81
N PHE C 157 -56.48 47.26 31.45
CA PHE C 157 -55.57 48.15 32.16
C PHE C 157 -56.33 49.38 32.59
N ARG C 158 -56.11 49.81 33.84
CA ARG C 158 -56.72 51.03 34.34
C ARG C 158 -55.98 51.48 35.58
N LYS C 159 -56.10 52.77 35.89
CA LYS C 159 -55.39 53.32 37.03
C LYS C 159 -56.05 52.90 38.34
N SER C 160 -57.38 52.89 38.39
CA SER C 160 -58.10 52.58 39.61
C SER C 160 -59.36 51.79 39.28
N ASN C 161 -59.99 51.26 40.33
CA ASN C 161 -61.17 50.45 40.17
C ASN C 161 -62.36 51.31 39.72
N LEU C 162 -63.35 50.65 39.13
CA LEU C 162 -64.56 51.33 38.71
C LEU C 162 -65.53 51.45 39.89
N LYS C 163 -66.40 52.43 39.80
CA LYS C 163 -67.47 52.59 40.76
C LYS C 163 -68.73 51.88 40.27
N PRO C 164 -69.66 51.56 41.17
CA PRO C 164 -70.87 50.84 40.74
C PRO C 164 -71.58 51.55 39.60
N PHE C 165 -71.83 50.79 38.53
CA PHE C 165 -72.52 51.27 37.34
C PHE C 165 -71.80 52.43 36.67
N GLU C 166 -70.48 52.41 36.70
CA GLU C 166 -69.67 53.38 35.98
C GLU C 166 -69.34 52.84 34.60
N ARG C 167 -69.32 53.73 33.61
CA ARG C 167 -69.01 53.36 32.24
C ARG C 167 -67.86 54.22 31.74
N ASP C 168 -66.82 53.58 31.22
CA ASP C 168 -65.61 54.25 30.78
C ASP C 168 -65.27 53.81 29.37
N ILE C 169 -65.14 54.78 28.46
CA ILE C 169 -64.88 54.52 27.05
C ILE C 169 -63.59 55.18 26.59
N SER C 170 -62.86 55.83 27.51
CA SER C 170 -61.62 56.51 27.15
C SER C 170 -60.63 55.53 26.55
N THR C 171 -59.80 56.04 25.65
CA THR C 171 -58.82 55.23 24.94
C THR C 171 -57.42 55.78 25.14
N GLU C 172 -57.15 56.34 26.32
CA GLU C 172 -55.85 56.89 26.63
C GLU C 172 -54.85 55.76 26.88
N ILE C 173 -53.61 56.00 26.49
CA ILE C 173 -52.58 54.97 26.57
C ILE C 173 -52.13 54.82 28.02
N TYR C 174 -52.43 53.67 28.61
CA TYR C 174 -52.13 53.43 30.02
C TYR C 174 -50.63 53.45 30.26
N GLN C 175 -50.21 54.20 31.27
CA GLN C 175 -48.80 54.38 31.60
C GLN C 175 -48.46 53.51 32.80
N ALA C 176 -47.54 52.57 32.62
CA ALA C 176 -47.20 51.62 33.67
C ALA C 176 -46.03 52.08 34.53
N GLY C 177 -44.96 52.57 33.90
CA GLY C 177 -43.77 53.00 34.62
C GLY C 177 -43.94 54.38 35.22
N ASN C 178 -42.82 55.09 35.33
CA ASN C 178 -42.81 56.44 35.85
C ASN C 178 -42.51 57.47 34.77
N LYS C 179 -42.22 57.04 33.54
CA LYS C 179 -41.90 58.00 32.50
C LYS C 179 -43.12 58.24 31.62
N PRO C 180 -43.44 59.49 31.32
CA PRO C 180 -44.58 59.75 30.44
C PRO C 180 -44.32 59.22 29.04
N CYS C 181 -45.39 58.85 28.36
CA CYS C 181 -45.23 58.19 27.06
C CYS C 181 -45.82 59.00 25.92
N ASN C 182 -46.43 60.15 26.20
CA ASN C 182 -46.85 61.13 25.19
C ASN C 182 -47.79 60.55 24.14
N GLY C 183 -48.69 59.66 24.52
CA GLY C 183 -49.68 59.22 23.57
C GLY C 183 -49.18 58.33 22.45
N VAL C 184 -48.18 57.50 22.75
CA VAL C 184 -47.67 56.52 21.80
C VAL C 184 -47.53 55.20 22.54
N ALA C 185 -47.64 54.09 21.82
CA ALA C 185 -47.43 52.80 22.44
C ALA C 185 -45.93 52.54 22.58
N GLY C 186 -45.60 51.60 23.45
CA GLY C 186 -44.22 51.19 23.60
C GLY C 186 -43.88 50.62 24.95
N PHE C 187 -42.64 50.86 25.39
CA PHE C 187 -42.11 50.28 26.61
C PHE C 187 -42.76 50.94 27.81
N ASN C 188 -43.38 50.14 28.66
CA ASN C 188 -44.06 50.59 29.87
C ASN C 188 -45.26 51.49 29.59
N CYS C 189 -45.80 51.47 28.36
CA CYS C 189 -47.03 52.20 28.05
C CYS C 189 -47.75 51.40 26.98
N TYR C 190 -48.97 50.94 27.29
CA TYR C 190 -49.68 49.98 26.47
C TYR C 190 -51.06 50.51 26.09
N PHE C 191 -51.62 49.93 25.04
CA PHE C 191 -52.99 50.20 24.67
C PHE C 191 -53.95 49.51 25.63
N PRO C 192 -54.97 50.20 26.14
CA PRO C 192 -55.76 49.66 27.24
C PRO C 192 -56.86 48.69 26.85
N LEU C 193 -57.15 48.51 25.56
CA LEU C 193 -58.27 47.68 25.15
C LEU C 193 -57.78 46.54 24.28
N ARG C 194 -58.35 45.35 24.49
CA ARG C 194 -58.06 44.17 23.69
C ARG C 194 -59.36 43.50 23.26
N SER C 195 -59.22 42.42 22.50
CA SER C 195 -60.36 41.82 21.81
C SER C 195 -60.48 40.33 22.13
N TYR C 196 -61.71 39.86 22.21
CA TYR C 196 -61.98 38.43 22.28
C TYR C 196 -61.91 37.82 20.89
N GLY C 197 -60.90 37.01 20.63
CA GLY C 197 -60.81 36.36 19.34
C GLY C 197 -61.75 35.18 19.24
N PHE C 198 -63.06 35.43 19.35
CA PHE C 198 -64.03 34.34 19.41
C PHE C 198 -63.98 33.49 18.16
N ARG C 199 -64.04 32.18 18.35
CA ARG C 199 -64.07 31.20 17.28
C ARG C 199 -64.98 30.06 17.71
N PRO C 200 -65.54 29.30 16.76
CA PRO C 200 -66.46 28.23 17.15
C PRO C 200 -65.78 27.06 17.81
N THR C 201 -64.49 26.83 17.55
CA THR C 201 -63.77 25.70 18.13
C THR C 201 -63.09 26.10 19.44
N TYR C 202 -63.87 26.60 20.38
CA TYR C 202 -63.42 26.92 21.72
C TYR C 202 -64.13 26.04 22.73
N GLY C 203 -63.62 26.04 23.94
CA GLY C 203 -64.25 25.30 25.01
C GLY C 203 -65.21 26.14 25.81
N VAL C 204 -66.21 25.48 26.39
CA VAL C 204 -67.17 26.17 27.24
C VAL C 204 -66.41 26.86 28.36
N GLY C 205 -66.47 28.19 28.38
CA GLY C 205 -65.63 28.99 29.23
C GLY C 205 -64.75 29.96 28.47
N HIS C 206 -64.43 29.63 27.22
CA HIS C 206 -63.79 30.56 26.31
C HIS C 206 -64.71 30.99 25.19
N GLN C 207 -65.99 30.65 25.25
CA GLN C 207 -66.96 30.96 24.22
C GLN C 207 -67.76 32.19 24.60
N PRO C 208 -68.35 32.87 23.62
CA PRO C 208 -69.12 34.08 23.92
C PRO C 208 -70.39 33.78 24.68
N TYR C 209 -70.68 34.63 25.66
CA TYR C 209 -71.91 34.54 26.45
C TYR C 209 -72.56 35.92 26.52
N ARG C 210 -73.84 35.97 26.19
CA ARG C 210 -74.61 37.20 26.24
C ARG C 210 -75.21 37.36 27.63
N VAL C 211 -74.97 38.52 28.24
CA VAL C 211 -75.39 38.80 29.60
C VAL C 211 -76.34 39.98 29.59
N VAL C 212 -77.49 39.81 30.26
CA VAL C 212 -78.47 40.86 30.49
C VAL C 212 -78.74 40.91 31.99
N VAL C 213 -78.52 42.07 32.59
CA VAL C 213 -78.77 42.27 34.01
C VAL C 213 -79.86 43.33 34.17
N LEU C 214 -80.89 42.98 34.92
CA LEU C 214 -81.98 43.91 35.21
C LEU C 214 -81.70 44.57 36.55
N SER C 215 -82.10 45.83 36.68
CA SER C 215 -81.87 46.61 37.90
C SER C 215 -83.14 47.38 38.23
N PHE C 216 -83.65 47.17 39.43
CA PHE C 216 -84.88 47.80 39.89
C PHE C 216 -84.58 49.08 40.67
N GLU C 217 -85.62 49.88 40.88
CA GLU C 217 -85.48 51.19 41.52
C GLU C 217 -86.83 51.65 42.04
N LEU C 218 -86.84 52.23 43.25
CA LEU C 218 -88.03 52.78 43.88
C LEU C 218 -87.61 54.00 44.70
N LEU C 219 -87.63 55.18 44.08
CA LEU C 219 -87.25 56.40 44.81
C LEU C 219 -88.43 56.96 45.60
N HIS C 220 -89.44 57.48 44.89
CA HIS C 220 -90.63 57.98 45.55
C HIS C 220 -91.92 57.77 44.76
N ALA C 221 -91.89 57.11 43.60
CA ALA C 221 -93.03 57.17 42.70
C ALA C 221 -94.20 56.35 43.23
N PRO C 222 -95.41 56.92 43.22
CA PRO C 222 -96.58 56.19 43.75
C PRO C 222 -97.07 55.07 42.85
N ALA C 223 -97.19 55.33 41.55
CA ALA C 223 -97.73 54.35 40.60
C ALA C 223 -96.75 54.23 39.45
N THR C 224 -96.20 53.04 39.25
CA THR C 224 -95.08 52.84 38.34
C THR C 224 -95.36 51.62 37.46
N VAL C 225 -94.33 51.21 36.72
CA VAL C 225 -94.41 50.04 35.86
C VAL C 225 -94.23 48.78 36.70
N CYS C 226 -95.12 47.81 36.52
CA CYS C 226 -94.96 46.49 37.12
C CYS C 226 -95.93 45.49 36.47
N GLY C 227 -95.93 44.28 37.02
CA GLY C 227 -96.44 43.11 36.33
C GLY C 227 -97.94 43.13 36.15
N PRO C 228 -98.41 42.15 35.35
CA PRO C 228 -99.84 42.06 35.05
C PRO C 228 -100.59 41.15 36.01
N LYS C 229 -101.89 41.40 36.12
CA LYS C 229 -102.79 40.59 36.94
C LYS C 229 -103.82 39.92 36.04
N LYS C 230 -104.41 38.84 36.54
CA LYS C 230 -105.36 38.03 35.78
C LYS C 230 -106.77 38.54 36.04
N SER C 231 -107.49 38.83 34.96
CA SER C 231 -108.87 39.31 35.06
C SER C 231 -109.79 38.53 34.13
N SER D 32 82.34 -18.27 -4.55
CA SER D 32 81.20 -18.26 -3.65
C SER D 32 80.01 -17.55 -4.28
N LEU D 33 78.86 -17.61 -3.60
CA LEU D 33 77.65 -16.97 -4.11
C LEU D 33 77.76 -15.45 -4.12
N GLN D 34 78.72 -14.90 -3.39
CA GLN D 34 78.89 -13.44 -3.38
C GLN D 34 79.17 -12.89 -4.76
N PHE D 35 79.92 -13.62 -5.58
CA PHE D 35 80.19 -13.18 -6.95
C PHE D 35 78.90 -13.12 -7.76
N VAL D 36 78.06 -14.16 -7.63
CA VAL D 36 76.81 -14.19 -8.38
C VAL D 36 75.89 -13.06 -7.94
N PHE D 37 75.84 -12.77 -6.64
CA PHE D 37 74.95 -11.72 -6.16
C PHE D 37 75.47 -10.34 -6.55
N ALA D 38 76.78 -10.15 -6.53
CA ALA D 38 77.35 -8.90 -7.03
C ALA D 38 77.07 -8.72 -8.52
N CYS D 39 77.12 -9.80 -9.29
CA CYS D 39 76.78 -9.73 -10.71
C CYS D 39 75.31 -9.35 -10.88
N ILE D 40 74.43 -9.97 -10.11
CA ILE D 40 73.01 -9.61 -10.16
C ILE D 40 72.81 -8.14 -9.86
N SER D 41 73.46 -7.63 -8.81
CA SER D 41 73.39 -6.20 -8.52
C SER D 41 73.91 -5.38 -9.68
N TYR D 42 74.95 -5.85 -10.35
CA TYR D 42 75.49 -5.15 -11.52
C TYR D 42 74.43 -5.01 -12.61
N ALA D 43 73.73 -6.10 -12.91
CA ALA D 43 72.88 -6.14 -14.09
C ALA D 43 71.58 -5.38 -13.89
N VAL D 44 70.81 -5.77 -12.86
CA VAL D 44 69.44 -5.26 -12.69
C VAL D 44 69.48 -3.75 -12.47
N GLY D 45 68.75 -3.02 -13.31
CA GLY D 45 68.69 -1.57 -13.26
C GLY D 45 67.28 -1.06 -13.54
N LEU D 46 67.23 0.04 -14.28
CA LEU D 46 65.97 0.66 -14.70
C LEU D 46 65.63 0.44 -16.15
N GLY D 47 66.61 0.17 -16.99
CA GLY D 47 66.26 -0.22 -18.33
C GLY D 47 65.54 -1.54 -18.42
N ASN D 48 65.47 -2.27 -17.32
CA ASN D 48 64.84 -3.58 -17.27
C ASN D 48 63.41 -3.57 -16.75
N VAL D 49 63.12 -2.77 -15.72
CA VAL D 49 61.79 -2.76 -15.12
C VAL D 49 60.96 -1.56 -15.54
N TRP D 50 61.55 -0.57 -16.20
CA TRP D 50 60.82 0.62 -16.60
C TRP D 50 60.82 0.82 -18.11
N ARG D 51 61.99 0.73 -18.75
CA ARG D 51 62.08 1.11 -20.16
C ARG D 51 61.66 -0.04 -21.08
N PHE D 52 61.95 -1.27 -20.69
CA PHE D 52 61.70 -2.40 -21.58
C PHE D 52 60.22 -2.60 -21.85
N PRO D 53 59.33 -2.56 -20.85
CA PRO D 53 57.90 -2.72 -21.19
C PRO D 53 57.35 -1.58 -22.03
N TYR D 54 57.79 -0.35 -21.73
CA TYR D 54 57.35 0.78 -22.54
C TYR D 54 57.77 0.63 -23.99
N LEU D 55 58.95 0.07 -24.23
CA LEU D 55 59.37 -0.16 -25.61
C LEU D 55 58.64 -1.35 -26.22
N CYS D 56 58.40 -2.39 -25.41
CA CYS D 56 57.79 -3.61 -25.92
C CYS D 56 56.36 -3.36 -26.38
N GLN D 57 55.57 -2.68 -25.56
CA GLN D 57 54.19 -2.38 -25.94
C GLN D 57 54.14 -1.49 -27.18
N MET D 58 55.11 -0.60 -27.35
CA MET D 58 55.04 0.40 -28.41
C MET D 58 55.25 -0.20 -29.79
N TYR D 59 56.00 -1.29 -29.89
CA TYR D 59 56.43 -1.83 -31.18
C TYR D 59 55.88 -3.24 -31.42
N GLY D 60 54.60 -3.44 -31.15
CA GLY D 60 53.92 -4.66 -31.49
C GLY D 60 53.89 -5.71 -30.40
N GLY D 61 54.82 -5.65 -29.47
CA GLY D 61 54.85 -6.63 -28.40
C GLY D 61 55.48 -7.93 -28.84
N GLY D 62 54.73 -8.74 -29.59
CA GLY D 62 55.30 -9.96 -30.12
C GLY D 62 56.42 -9.69 -31.11
N SER D 63 56.28 -8.63 -31.91
CA SER D 63 57.26 -8.27 -32.90
C SER D 63 58.45 -7.55 -32.30
N PHE D 64 58.65 -7.65 -30.99
CA PHE D 64 59.77 -6.99 -30.33
C PHE D 64 60.77 -7.96 -29.71
N LEU D 65 60.33 -9.07 -29.13
CA LEU D 65 61.27 -9.99 -28.51
C LEU D 65 62.16 -10.66 -29.55
N VAL D 66 61.60 -11.00 -30.71
CA VAL D 66 62.38 -11.63 -31.77
C VAL D 66 63.54 -10.71 -32.16
N PRO D 67 63.30 -9.44 -32.51
CA PRO D 67 64.45 -8.55 -32.72
C PRO D 67 65.29 -8.38 -31.48
N TYR D 68 64.66 -8.38 -30.29
CA TYR D 68 65.42 -8.22 -29.06
C TYR D 68 66.39 -9.38 -28.86
N ILE D 69 65.90 -10.62 -29.01
CA ILE D 69 66.78 -11.78 -28.81
C ILE D 69 67.84 -11.84 -29.90
N ILE D 70 67.47 -11.50 -31.14
CA ILE D 70 68.45 -11.50 -32.22
C ILE D 70 69.59 -10.53 -31.90
N MET D 71 69.25 -9.27 -31.62
CA MET D 71 70.28 -8.29 -31.32
C MET D 71 71.04 -8.66 -30.06
N LEU D 72 70.36 -9.32 -29.10
CA LEU D 72 71.03 -9.76 -27.88
C LEU D 72 72.15 -10.74 -28.20
N ILE D 73 71.83 -11.80 -28.94
CA ILE D 73 72.83 -12.83 -29.21
C ILE D 73 73.94 -12.30 -30.11
N VAL D 74 73.60 -11.36 -31.00
CA VAL D 74 74.62 -10.95 -31.97
C VAL D 74 75.44 -9.74 -31.51
N GLU D 75 74.98 -8.99 -30.50
CA GLU D 75 75.68 -7.77 -30.12
C GLU D 75 75.75 -7.56 -28.61
N GLY D 76 75.34 -8.54 -27.82
CA GLY D 76 75.38 -8.39 -26.38
C GLY D 76 76.39 -9.33 -25.76
N MET D 77 76.65 -10.43 -26.44
CA MET D 77 77.75 -11.32 -26.08
C MET D 77 79.08 -10.75 -26.58
N PRO D 78 79.24 -10.45 -27.87
CA PRO D 78 80.59 -10.16 -28.37
C PRO D 78 81.14 -8.84 -27.90
N LEU D 79 80.35 -7.76 -28.01
CA LEU D 79 80.87 -6.44 -27.68
C LEU D 79 81.07 -6.28 -26.19
N LEU D 80 80.21 -6.88 -25.37
CA LEU D 80 80.42 -6.86 -23.93
C LEU D 80 81.75 -7.53 -23.55
N TYR D 81 81.98 -8.73 -24.09
CA TYR D 81 83.22 -9.43 -23.79
C TYR D 81 84.43 -8.66 -24.30
N LEU D 82 84.32 -8.07 -25.50
CA LEU D 82 85.42 -7.28 -26.03
C LEU D 82 85.72 -6.08 -25.13
N GLU D 83 84.68 -5.41 -24.64
CA GLU D 83 84.88 -4.24 -23.79
C GLU D 83 85.52 -4.62 -22.47
N LEU D 84 85.02 -5.69 -21.83
CA LEU D 84 85.65 -6.16 -20.60
C LEU D 84 87.09 -6.58 -20.83
N ALA D 85 87.36 -7.23 -21.96
CA ALA D 85 88.72 -7.68 -22.24
C ALA D 85 89.67 -6.50 -22.44
N VAL D 86 89.23 -5.47 -23.17
CA VAL D 86 90.08 -4.30 -23.35
C VAL D 86 90.31 -3.60 -22.01
N GLY D 87 89.25 -3.42 -21.22
CA GLY D 87 89.41 -2.78 -19.93
C GLY D 87 90.35 -3.53 -19.01
N GLN D 88 90.35 -4.87 -19.11
CA GLN D 88 91.25 -5.66 -18.26
C GLN D 88 92.67 -5.68 -18.81
N ARG D 89 92.83 -5.60 -20.13
CA ARG D 89 94.14 -5.63 -20.75
C ARG D 89 94.92 -4.33 -20.55
N MET D 90 94.30 -3.18 -20.81
CA MET D 90 95.07 -1.94 -20.71
C MET D 90 95.23 -1.46 -19.28
N ARG D 91 94.31 -1.80 -18.39
CA ARG D 91 94.41 -1.43 -16.98
C ARG D 91 94.54 0.09 -16.82
N GLN D 92 93.80 0.82 -17.66
CA GLN D 92 93.81 2.27 -17.66
C GLN D 92 92.36 2.76 -17.66
N GLY D 93 92.19 4.07 -17.58
CA GLY D 93 90.87 4.66 -17.56
C GLY D 93 90.17 4.55 -18.90
N SER D 94 88.97 5.11 -18.94
CA SER D 94 88.16 5.06 -20.16
C SER D 94 88.80 5.88 -21.27
N ILE D 95 89.48 6.97 -20.92
CA ILE D 95 90.08 7.82 -21.95
C ILE D 95 91.52 7.39 -22.23
N GLY D 96 92.28 7.03 -21.19
CA GLY D 96 93.68 6.69 -21.39
C GLY D 96 93.89 5.45 -22.23
N ALA D 97 93.00 4.46 -22.11
CA ALA D 97 93.13 3.24 -22.89
C ALA D 97 93.12 3.56 -24.39
N TRP D 98 92.08 4.26 -24.84
CA TRP D 98 92.00 4.62 -26.25
C TRP D 98 93.01 5.70 -26.61
N ARG D 99 93.55 6.39 -25.61
CA ARG D 99 94.67 7.29 -25.88
C ARG D 99 95.91 6.50 -26.29
N THR D 100 96.18 5.40 -25.59
CA THR D 100 97.38 4.62 -25.89
C THR D 100 97.20 3.74 -27.11
N ILE D 101 95.97 3.27 -27.36
CA ILE D 101 95.76 2.40 -28.52
C ILE D 101 96.16 3.12 -29.80
N SER D 102 95.95 4.44 -29.85
CA SER D 102 96.36 5.30 -30.96
C SER D 102 96.15 6.74 -30.53
N PRO D 103 96.98 7.68 -30.99
CA PRO D 103 96.72 9.10 -30.72
C PRO D 103 95.47 9.62 -31.42
N TYR D 104 94.99 8.93 -32.46
CA TYR D 104 93.80 9.39 -33.17
C TYR D 104 92.57 9.33 -32.27
N LEU D 105 92.53 8.36 -31.36
CA LEU D 105 91.29 7.94 -30.70
C LEU D 105 91.18 8.38 -29.25
N SER D 106 91.65 9.58 -28.90
CA SER D 106 91.54 10.03 -27.51
C SER D 106 90.13 10.56 -27.21
N GLY D 107 89.49 11.17 -28.21
CA GLY D 107 88.21 11.83 -28.00
C GLY D 107 87.04 10.90 -27.78
N VAL D 108 87.24 9.60 -27.98
CA VAL D 108 86.15 8.65 -27.74
C VAL D 108 85.78 8.63 -26.26
N GLY D 109 86.77 8.85 -25.40
CA GLY D 109 86.49 8.94 -23.98
C GLY D 109 85.70 10.18 -23.63
N VAL D 110 86.04 11.31 -24.27
CA VAL D 110 85.29 12.54 -24.06
C VAL D 110 83.84 12.37 -24.48
N ALA D 111 83.63 11.74 -25.65
CA ALA D 111 82.27 11.51 -26.12
C ALA D 111 81.51 10.58 -25.17
N SER D 112 82.16 9.48 -24.76
CA SER D 112 81.55 8.54 -23.82
C SER D 112 81.22 9.18 -22.48
N VAL D 113 81.98 10.18 -22.05
CA VAL D 113 81.67 10.88 -20.80
C VAL D 113 80.51 11.86 -20.99
N VAL D 114 80.52 12.58 -22.11
CA VAL D 114 79.42 13.49 -22.43
C VAL D 114 78.10 12.71 -22.49
N VAL D 115 78.16 11.46 -22.96
CA VAL D 115 76.95 10.64 -23.04
C VAL D 115 76.36 10.44 -21.65
N SER D 116 77.20 10.04 -20.69
CA SER D 116 76.72 9.81 -19.33
C SER D 116 76.25 11.10 -18.67
N PHE D 117 76.91 12.21 -19.00
CA PHE D 117 76.46 13.50 -18.50
C PHE D 117 75.06 13.80 -19.00
N PHE D 118 74.81 13.55 -20.29
CA PHE D 118 73.47 13.73 -20.83
C PHE D 118 72.48 12.79 -20.13
N LEU D 119 72.93 11.58 -19.82
CA LEU D 119 72.05 10.60 -19.20
C LEU D 119 71.56 11.03 -17.83
N SER D 120 72.47 11.46 -16.96
CA SER D 120 72.15 11.60 -15.53
C SER D 120 70.96 12.54 -15.30
N MET D 121 70.94 13.68 -15.99
CA MET D 121 69.98 14.74 -15.71
C MET D 121 68.54 14.26 -15.87
N TYR D 122 68.17 13.81 -17.07
CA TYR D 122 66.81 13.32 -17.25
C TYR D 122 66.58 12.00 -16.52
N TYR D 123 67.65 11.27 -16.24
CA TYR D 123 67.52 10.01 -15.52
C TYR D 123 66.92 10.24 -14.14
N ASN D 124 67.33 11.30 -13.46
CA ASN D 124 66.85 11.48 -12.08
C ASN D 124 65.35 11.79 -12.00
N VAL D 125 64.73 12.20 -13.10
CA VAL D 125 63.30 12.51 -13.05
C VAL D 125 62.49 11.26 -12.73
N ILE D 126 62.95 10.11 -13.19
CA ILE D 126 62.27 8.85 -12.88
C ILE D 126 62.28 8.57 -11.39
N ASN D 127 63.33 8.96 -10.69
CA ASN D 127 63.33 8.84 -9.23
C ASN D 127 62.43 9.89 -8.59
N ALA D 128 62.39 11.08 -9.18
CA ALA D 128 61.46 12.11 -8.69
C ALA D 128 60.02 11.60 -8.71
N TRP D 129 59.63 10.97 -9.82
CA TRP D 129 58.25 10.53 -9.98
C TRP D 129 57.90 9.44 -8.96
N ALA D 130 58.83 8.51 -8.76
CA ALA D 130 58.60 7.46 -7.76
C ALA D 130 58.55 8.06 -6.36
N PHE D 131 59.33 9.11 -6.11
CA PHE D 131 59.25 9.84 -4.85
C PHE D 131 57.85 10.40 -4.64
N TRP D 132 57.32 11.07 -5.66
CA TRP D 132 55.98 11.64 -5.58
C TRP D 132 54.93 10.57 -5.30
N TYR D 133 54.94 9.51 -6.11
CA TYR D 133 53.99 8.42 -5.92
C TYR D 133 54.12 7.82 -4.53
N LEU D 134 55.34 7.75 -4.01
CA LEU D 134 55.53 7.21 -2.67
C LEU D 134 54.92 8.12 -1.62
N PHE D 135 55.15 9.42 -1.74
CA PHE D 135 54.55 10.38 -0.82
C PHE D 135 53.04 10.37 -0.87
N HIS D 136 52.44 10.03 -2.02
CA HIS D 136 51.00 9.96 -2.14
C HIS D 136 50.46 8.57 -1.83
N SER D 137 51.21 7.76 -1.11
CA SER D 137 50.78 6.42 -0.74
C SER D 137 50.33 6.31 0.71
N PHE D 138 50.48 7.37 1.49
CA PHE D 138 50.01 7.41 2.87
C PHE D 138 48.64 8.07 2.98
N GLN D 139 47.67 7.58 2.21
CA GLN D 139 46.34 8.16 2.18
C GLN D 139 45.29 7.06 2.10
N ASP D 140 44.03 7.46 2.22
CA ASP D 140 42.90 6.56 2.12
C ASP D 140 41.67 7.35 1.69
N PRO D 141 41.13 7.11 0.49
CA PRO D 141 41.69 6.18 -0.50
C PRO D 141 42.82 6.82 -1.28
N LEU D 142 43.55 6.01 -2.04
CA LEU D 142 44.67 6.54 -2.80
C LEU D 142 44.15 7.40 -3.94
N PRO D 143 44.83 8.52 -4.25
CA PRO D 143 44.25 9.49 -5.19
C PRO D 143 44.05 8.96 -6.60
N TRP D 144 44.68 7.85 -6.98
CA TRP D 144 44.53 7.28 -8.30
C TRP D 144 43.48 6.18 -8.35
N SER D 145 42.67 6.06 -7.30
CA SER D 145 41.69 4.99 -7.20
C SER D 145 40.26 5.44 -7.45
N VAL D 146 39.98 6.75 -7.43
CA VAL D 146 38.64 7.28 -7.60
C VAL D 146 38.72 8.53 -8.46
N CYS D 147 37.61 8.94 -8.95
CA CYS D 147 37.55 10.16 -9.74
C CYS D 147 36.94 11.29 -8.92
N PRO D 148 37.25 12.54 -9.26
CA PRO D 148 36.60 13.67 -8.57
C PRO D 148 35.18 13.87 -9.05
N LEU D 149 34.46 14.81 -8.43
CA LEU D 149 33.08 15.10 -8.79
C LEU D 149 33.02 16.34 -9.66
N ASN D 150 31.92 16.48 -10.40
CA ASN D 150 31.71 17.62 -11.28
C ASN D 150 31.18 18.79 -10.46
N GLY D 151 30.86 19.89 -11.15
CA GLY D 151 30.40 21.08 -10.44
C GLY D 151 29.02 20.92 -9.87
N ASN D 152 28.12 20.28 -10.61
CA ASN D 152 26.75 20.09 -10.16
C ASN D 152 26.59 18.83 -9.32
N HIS D 153 27.69 18.16 -8.98
CA HIS D 153 27.72 17.08 -7.99
C HIS D 153 26.86 15.89 -8.36
N THR D 154 26.49 15.76 -9.63
CA THR D 154 25.64 14.65 -10.06
C THR D 154 26.47 13.42 -10.40
N GLY D 155 27.54 13.61 -11.19
CA GLY D 155 28.40 12.52 -11.59
C GLY D 155 29.86 12.86 -11.38
N TYR D 156 30.72 11.99 -11.90
CA TYR D 156 32.14 12.19 -11.78
C TYR D 156 32.63 13.22 -12.78
N ASP D 157 33.92 13.52 -12.71
CA ASP D 157 34.53 14.46 -13.65
C ASP D 157 34.46 13.91 -15.07
N GLU D 158 34.42 14.83 -16.04
CA GLU D 158 34.30 14.43 -17.43
C GLU D 158 35.61 13.88 -17.96
N GLU D 159 36.73 14.52 -17.62
CA GLU D 159 38.02 14.04 -18.08
C GLU D 159 38.43 12.77 -17.37
N CYS D 160 38.08 12.63 -16.09
CA CYS D 160 38.42 11.43 -15.36
C CYS D 160 37.64 10.21 -15.80
N GLU D 161 36.60 10.38 -16.63
CA GLU D 161 35.84 9.26 -17.14
C GLU D 161 36.30 8.78 -18.50
N LYS D 162 36.65 9.70 -19.41
CA LYS D 162 37.24 9.30 -20.68
C LYS D 162 38.50 8.49 -20.44
N ALA D 163 39.48 9.07 -19.77
CA ALA D 163 40.60 8.30 -19.26
C ALA D 163 40.13 7.51 -18.03
N SER D 164 40.99 6.62 -17.57
CA SER D 164 40.66 5.88 -16.36
C SER D 164 41.05 6.70 -15.13
N SER D 165 40.84 6.11 -13.96
CA SER D 165 41.19 6.78 -12.72
C SER D 165 42.69 6.97 -12.54
N THR D 166 43.51 6.18 -13.23
CA THR D 166 44.95 6.23 -13.10
C THR D 166 45.61 7.05 -14.22
N GLN D 167 45.13 6.91 -15.45
CA GLN D 167 45.66 7.74 -16.52
C GLN D 167 45.41 9.22 -16.25
N TYR D 168 44.24 9.55 -15.71
CA TYR D 168 43.98 10.95 -15.36
C TYR D 168 44.94 11.42 -14.27
N PHE D 169 45.11 10.62 -13.23
CA PHE D 169 46.00 11.03 -12.14
C PHE D 169 47.43 11.20 -12.62
N TRP D 170 47.84 10.40 -13.59
CA TRP D 170 49.19 10.55 -14.11
C TRP D 170 49.31 11.78 -15.00
N TYR D 171 48.44 11.93 -15.99
CA TYR D 171 48.58 12.98 -16.98
C TYR D 171 48.21 14.36 -16.44
N ARG D 172 47.42 14.43 -15.37
CA ARG D 172 46.90 15.71 -14.89
C ARG D 172 47.32 16.05 -13.47
N LYS D 173 47.32 15.11 -12.54
CA LYS D 173 47.60 15.43 -11.16
C LYS D 173 49.09 15.53 -10.88
N THR D 174 49.89 14.64 -11.45
CA THR D 174 51.33 14.65 -11.21
C THR D 174 52.13 15.24 -12.35
N LEU D 175 51.53 15.48 -13.51
CA LEU D 175 52.22 16.04 -14.65
C LEU D 175 51.58 17.32 -15.16
N ASN D 176 50.26 17.38 -15.23
CA ASN D 176 49.53 18.53 -15.80
C ASN D 176 50.04 18.84 -17.21
N ILE D 177 49.95 17.84 -18.08
CA ILE D 177 50.44 18.00 -19.43
C ILE D 177 49.50 18.90 -20.22
N SER D 178 50.07 19.65 -21.13
CA SER D 178 49.49 20.55 -22.12
C SER D 178 49.13 19.78 -23.38
N PRO D 179 48.13 20.25 -24.15
CA PRO D 179 47.70 19.49 -25.33
C PRO D 179 48.67 19.55 -26.49
N SER D 180 49.78 20.28 -26.37
CA SER D 180 50.73 20.41 -27.47
C SER D 180 52.11 20.71 -26.89
N LEU D 181 53.07 20.91 -27.79
CA LEU D 181 54.43 21.24 -27.41
C LEU D 181 54.68 22.74 -27.33
N GLN D 182 53.90 23.53 -28.07
CA GLN D 182 54.09 24.97 -28.08
C GLN D 182 53.55 25.67 -26.84
N GLU D 183 52.63 25.04 -26.11
CA GLU D 183 52.06 25.62 -24.90
C GLU D 183 52.92 25.15 -23.72
N ASN D 184 54.04 25.86 -23.52
CA ASN D 184 54.99 25.46 -22.49
C ASN D 184 54.48 25.82 -21.10
N GLY D 185 54.22 27.10 -20.86
CA GLY D 185 53.80 27.53 -19.54
C GLY D 185 54.96 27.84 -18.64
N GLY D 186 54.82 27.51 -17.36
CA GLY D 186 55.84 27.87 -16.37
C GLY D 186 56.14 26.69 -15.47
N VAL D 187 57.33 26.75 -14.88
CA VAL D 187 57.79 25.67 -14.00
C VAL D 187 56.85 25.51 -12.82
N GLN D 188 56.43 24.27 -12.58
CA GLN D 188 55.58 23.98 -11.43
C GLN D 188 56.42 23.88 -10.17
N TRP D 189 55.78 23.65 -9.03
CA TRP D 189 56.50 23.65 -7.77
C TRP D 189 56.47 22.32 -7.03
N GLU D 190 55.54 21.43 -7.32
CA GLU D 190 55.56 20.12 -6.69
C GLU D 190 56.59 19.19 -7.33
N PRO D 191 56.55 18.98 -8.66
CA PRO D 191 57.58 18.13 -9.26
C PRO D 191 58.97 18.72 -9.13
N ALA D 192 59.09 20.05 -9.12
CA ALA D 192 60.37 20.68 -8.86
C ALA D 192 60.92 20.26 -7.51
N LEU D 193 60.08 20.29 -6.47
CA LEU D 193 60.54 19.89 -5.15
C LEU D 193 60.91 18.41 -5.12
N CYS D 194 60.12 17.56 -5.76
CA CYS D 194 60.45 16.14 -5.76
C CYS D 194 61.79 15.89 -6.45
N LEU D 195 62.04 16.58 -7.57
CA LEU D 195 63.32 16.43 -8.26
C LEU D 195 64.47 16.95 -7.41
N LEU D 196 64.27 18.08 -6.75
CA LEU D 196 65.29 18.60 -5.84
C LEU D 196 65.63 17.59 -4.76
N LEU D 197 64.61 17.01 -4.12
CA LEU D 197 64.85 16.02 -3.08
C LEU D 197 65.58 14.80 -3.64
N ALA D 198 65.24 14.39 -4.86
CA ALA D 198 65.96 13.29 -5.49
C ALA D 198 67.44 13.61 -5.64
N TRP D 199 67.76 14.81 -6.15
CA TRP D 199 69.17 15.16 -6.31
C TRP D 199 69.86 15.26 -4.95
N LEU D 200 69.17 15.76 -3.94
CA LEU D 200 69.79 15.83 -2.61
C LEU D 200 70.09 14.45 -2.06
N VAL D 201 69.18 13.50 -2.24
CA VAL D 201 69.41 12.18 -1.67
C VAL D 201 70.49 11.44 -2.43
N VAL D 202 70.57 11.64 -3.76
CA VAL D 202 71.68 11.03 -4.48
C VAL D 202 73.01 11.67 -4.08
N TYR D 203 72.98 12.97 -3.77
CA TYR D 203 74.16 13.64 -3.24
C TYR D 203 74.60 12.98 -1.93
N LEU D 204 73.66 12.77 -1.02
CA LEU D 204 73.99 12.15 0.26
C LEU D 204 74.52 10.74 0.09
N CYS D 205 73.95 9.97 -0.85
CA CYS D 205 74.47 8.63 -1.07
C CYS D 205 75.87 8.64 -1.67
N ILE D 206 76.18 9.61 -2.53
CA ILE D 206 77.52 9.68 -3.12
C ILE D 206 78.55 10.21 -2.14
N LEU D 207 78.15 11.06 -1.18
CA LEU D 207 79.08 11.57 -0.20
C LEU D 207 79.56 10.51 0.78
N ARG D 208 78.85 9.39 0.88
CA ARG D 208 79.27 8.31 1.78
C ARG D 208 80.12 7.28 1.06
N GLY D 209 81.19 7.74 0.40
CA GLY D 209 82.11 6.85 -0.27
C GLY D 209 81.58 6.27 -1.56
N THR D 210 82.47 5.98 -2.51
CA THR D 210 82.07 5.41 -3.80
C THR D 210 81.99 3.89 -3.71
N GLU D 211 81.25 3.44 -2.71
CA GLU D 211 80.99 2.02 -2.49
C GLU D 211 79.75 1.89 -1.62
N SER D 212 78.89 0.94 -1.99
CA SER D 212 77.62 0.74 -1.28
C SER D 212 77.30 -0.71 -0.98
N THR D 213 78.05 -1.67 -1.51
CA THR D 213 77.79 -3.08 -1.32
C THR D 213 78.72 -3.64 -0.23
N GLY D 214 78.65 -4.95 -0.03
CA GLY D 214 79.44 -5.60 1.00
C GLY D 214 78.60 -6.10 2.14
N LYS D 215 78.34 -7.41 2.17
CA LYS D 215 77.51 -8.04 3.19
C LYS D 215 76.07 -7.52 3.13
N VAL D 216 75.75 -6.75 2.10
CA VAL D 216 74.43 -6.17 1.92
C VAL D 216 73.81 -6.54 0.58
N VAL D 217 74.55 -7.23 -0.28
CA VAL D 217 74.06 -7.51 -1.63
C VAL D 217 72.89 -8.49 -1.59
N TYR D 218 72.89 -9.40 -0.61
CA TYR D 218 71.87 -10.44 -0.54
C TYR D 218 70.46 -9.86 -0.38
N PHE D 219 70.36 -8.68 0.21
CA PHE D 219 69.05 -8.04 0.42
C PHE D 219 68.68 -7.16 -0.77
N THR D 220 69.62 -6.31 -1.19
CA THR D 220 69.34 -5.36 -2.26
C THR D 220 69.05 -6.06 -3.58
N ALA D 221 69.90 -7.04 -3.95
CA ALA D 221 69.72 -7.70 -5.23
C ALA D 221 68.48 -8.60 -5.24
N SER D 222 67.98 -8.97 -4.06
CA SER D 222 66.87 -9.89 -3.97
C SER D 222 65.51 -9.23 -3.87
N LEU D 223 65.44 -8.03 -3.27
CA LEU D 223 64.15 -7.38 -3.07
C LEU D 223 63.36 -7.19 -4.37
N PRO D 224 63.94 -6.69 -5.47
CA PRO D 224 63.16 -6.55 -6.71
C PRO D 224 62.54 -7.85 -7.19
N TYR D 225 63.31 -8.93 -7.12
CA TYR D 225 62.83 -10.24 -7.55
C TYR D 225 61.64 -10.69 -6.71
N CYS D 226 61.72 -10.49 -5.40
CA CYS D 226 60.64 -10.87 -4.50
C CYS D 226 59.38 -10.07 -4.79
N VAL D 227 59.52 -8.75 -4.96
CA VAL D 227 58.33 -7.93 -5.21
C VAL D 227 57.73 -8.26 -6.57
N LEU D 228 58.58 -8.62 -7.54
CA LEU D 228 58.06 -9.01 -8.84
C LEU D 228 57.32 -10.34 -8.77
N ILE D 229 57.80 -11.28 -7.96
CA ILE D 229 57.05 -12.52 -7.75
C ILE D 229 55.70 -12.21 -7.13
N ILE D 230 55.67 -11.31 -6.15
CA ILE D 230 54.40 -10.94 -5.52
C ILE D 230 53.43 -10.38 -6.55
N TYR D 231 53.90 -9.42 -7.35
CA TYR D 231 53.02 -8.80 -8.32
C TYR D 231 52.62 -9.76 -9.44
N LEU D 232 53.48 -10.72 -9.79
CA LEU D 232 53.09 -11.72 -10.77
C LEU D 232 52.00 -12.62 -10.23
N ILE D 233 52.13 -13.04 -8.97
CA ILE D 233 51.07 -13.81 -8.33
C ILE D 233 49.77 -13.04 -8.36
N ARG D 234 49.81 -11.74 -8.06
CA ARG D 234 48.59 -10.95 -8.07
C ARG D 234 48.01 -10.82 -9.48
N GLY D 235 48.87 -10.56 -10.47
CA GLY D 235 48.41 -10.24 -11.80
C GLY D 235 48.03 -11.43 -12.65
N LEU D 236 48.44 -12.63 -12.25
CA LEU D 236 48.04 -13.81 -13.00
C LEU D 236 46.66 -14.33 -12.61
N THR D 237 46.09 -13.85 -11.50
CA THR D 237 44.76 -14.26 -11.08
C THR D 237 43.72 -13.19 -11.40
N LEU D 238 43.90 -12.47 -12.49
CA LEU D 238 42.98 -11.44 -12.92
C LEU D 238 42.29 -11.88 -14.22
N HIS D 239 41.00 -11.59 -14.32
CA HIS D 239 40.21 -12.01 -15.47
C HIS D 239 40.74 -11.36 -16.75
N GLY D 240 41.06 -12.18 -17.73
CA GLY D 240 41.49 -11.67 -19.02
C GLY D 240 42.98 -11.41 -19.08
N ALA D 241 43.74 -12.13 -18.25
CA ALA D 241 45.18 -11.94 -18.20
C ALA D 241 45.90 -12.61 -19.36
N THR D 242 45.37 -13.72 -19.85
CA THR D 242 46.03 -14.43 -20.95
C THR D 242 46.08 -13.59 -22.21
N ASN D 243 45.20 -12.60 -22.33
CA ASN D 243 45.21 -11.73 -23.50
C ASN D 243 46.49 -10.92 -23.56
N GLY D 244 46.96 -10.44 -22.42
CA GLY D 244 48.18 -9.64 -22.41
C GLY D 244 49.40 -10.46 -22.79
N LEU D 245 49.50 -11.67 -22.25
CA LEU D 245 50.62 -12.54 -22.60
C LEU D 245 50.56 -12.93 -24.08
N MET D 246 49.36 -13.23 -24.59
CA MET D 246 49.21 -13.50 -26.01
C MET D 246 49.69 -12.33 -26.85
N TYR D 247 49.30 -11.11 -26.48
CA TYR D 247 49.73 -9.93 -27.21
C TYR D 247 51.23 -9.71 -27.10
N MET D 248 51.83 -10.08 -25.97
CA MET D 248 53.25 -9.82 -25.76
C MET D 248 54.13 -10.82 -26.51
N PHE D 249 53.77 -12.10 -26.50
CA PHE D 249 54.62 -13.13 -27.08
C PHE D 249 54.37 -13.33 -28.56
N THR D 250 53.13 -13.54 -28.96
CA THR D 250 52.82 -13.93 -30.33
C THR D 250 53.12 -12.78 -31.30
N PRO D 251 54.02 -12.97 -32.25
CA PRO D 251 54.34 -11.89 -33.19
C PRO D 251 53.51 -11.94 -34.46
N LYS D 252 53.13 -10.77 -34.97
CA LYS D 252 52.44 -10.66 -36.25
C LYS D 252 53.38 -10.04 -37.27
N ILE D 253 53.49 -10.66 -38.44
CA ILE D 253 54.49 -10.22 -39.43
C ILE D 253 53.82 -9.15 -40.28
N GLU D 254 53.72 -7.94 -39.69
CA GLU D 254 53.49 -6.73 -40.45
C GLU D 254 54.29 -5.55 -39.93
N GLN D 255 54.69 -5.55 -38.66
CA GLN D 255 55.56 -4.53 -38.10
C GLN D 255 56.95 -5.08 -37.81
N LEU D 256 57.19 -6.35 -38.10
CA LEU D 256 58.55 -6.88 -38.07
C LEU D 256 59.39 -6.33 -39.22
N ALA D 257 58.74 -5.72 -40.21
CA ALA D 257 59.42 -5.01 -41.27
C ALA D 257 59.60 -3.53 -40.95
N ASN D 258 59.36 -3.14 -39.71
CA ASN D 258 59.53 -1.75 -39.30
C ASN D 258 60.97 -1.52 -38.83
N PRO D 259 61.76 -0.69 -39.52
CA PRO D 259 63.14 -0.49 -39.08
C PRO D 259 63.26 0.21 -37.75
N LYS D 260 62.28 1.04 -37.38
CA LYS D 260 62.31 1.74 -36.10
C LYS D 260 62.12 0.80 -34.92
N ALA D 261 61.85 -0.48 -35.18
CA ALA D 261 61.80 -1.49 -34.12
C ALA D 261 63.15 -2.14 -33.90
N TRP D 262 63.85 -2.51 -34.98
CA TRP D 262 65.14 -3.17 -34.84
C TRP D 262 66.16 -2.27 -34.13
N ILE D 263 66.27 -1.02 -34.58
CA ILE D 263 67.29 -0.13 -34.02
C ILE D 263 67.02 0.14 -32.55
N ASN D 264 65.75 0.41 -32.20
CA ASN D 264 65.37 0.67 -30.83
C ASN D 264 65.41 -0.57 -29.97
N ALA D 265 65.40 -1.77 -30.55
CA ALA D 265 65.63 -2.97 -29.79
C ALA D 265 67.11 -3.23 -29.53
N ALA D 266 67.96 -2.92 -30.51
CA ALA D 266 69.40 -3.10 -30.32
C ALA D 266 69.96 -2.09 -29.34
N THR D 267 69.56 -0.83 -29.50
CA THR D 267 70.10 0.19 -28.61
C THR D 267 69.49 0.13 -27.22
N GLN D 268 68.32 -0.48 -27.06
CA GLN D 268 67.84 -0.78 -25.71
C GLN D 268 68.78 -1.74 -25.01
N ILE D 269 69.29 -2.74 -25.74
CA ILE D 269 70.32 -3.62 -25.20
C ILE D 269 71.56 -2.81 -24.85
N PHE D 270 72.00 -1.97 -25.79
CA PHE D 270 73.16 -1.13 -25.54
C PHE D 270 72.99 -0.26 -24.29
N PHE D 271 71.77 0.19 -24.01
CA PHE D 271 71.47 1.04 -22.86
C PHE D 271 71.36 0.23 -21.57
N SER D 272 70.93 -1.03 -21.66
CA SER D 272 70.75 -1.81 -20.44
C SER D 272 72.06 -2.38 -19.91
N LEU D 273 72.97 -2.77 -20.80
CA LEU D 273 74.23 -3.38 -20.37
C LEU D 273 75.27 -2.35 -19.96
N GLY D 274 75.14 -1.11 -20.40
CA GLY D 274 76.08 -0.07 -20.05
C GLY D 274 77.17 0.16 -21.06
N LEU D 275 77.06 -0.41 -22.26
CA LEU D 275 78.04 -0.14 -23.29
C LEU D 275 78.09 1.35 -23.62
N GLY D 276 79.22 1.77 -24.16
CA GLY D 276 79.35 3.15 -24.61
C GLY D 276 79.57 4.16 -23.49
N PHE D 277 79.04 3.87 -22.30
CA PHE D 277 79.17 4.82 -21.19
C PHE D 277 80.57 4.88 -20.63
N GLY D 278 81.49 4.03 -21.08
CA GLY D 278 82.83 4.01 -20.55
C GLY D 278 82.93 3.57 -19.11
N SER D 279 81.84 3.05 -18.54
CA SER D 279 81.87 2.60 -17.15
C SER D 279 82.44 1.20 -17.00
N LEU D 280 82.18 0.32 -17.96
CA LEU D 280 82.63 -1.06 -17.83
C LEU D 280 84.13 -1.17 -18.09
N ILE D 281 84.65 -0.34 -18.99
CA ILE D 281 86.09 -0.29 -19.22
C ILE D 281 86.80 0.12 -17.94
N ALA D 282 86.37 1.23 -17.35
CA ALA D 282 87.00 1.72 -16.13
C ALA D 282 86.73 0.82 -14.93
N PHE D 283 85.69 -0.01 -14.99
CA PHE D 283 85.41 -0.90 -13.87
C PHE D 283 86.45 -2.03 -13.80
N ALA D 284 86.53 -2.84 -14.84
CA ALA D 284 87.47 -3.96 -14.87
C ALA D 284 88.84 -3.52 -15.37
N SER D 285 89.34 -2.43 -14.79
CA SER D 285 90.66 -1.90 -15.10
C SER D 285 91.61 -2.04 -13.93
N TYR D 286 91.26 -1.46 -12.78
CA TYR D 286 91.98 -1.70 -11.54
C TYR D 286 91.34 -2.82 -10.73
N ASN D 287 91.06 -3.95 -11.38
CA ASN D 287 90.39 -5.07 -10.76
C ASN D 287 90.49 -6.26 -11.70
N GLU D 288 90.12 -7.45 -11.19
CA GLU D 288 90.13 -8.70 -11.95
C GLU D 288 91.50 -8.95 -12.58
N PRO D 289 92.50 -9.35 -11.81
CA PRO D 289 93.86 -9.50 -12.35
C PRO D 289 93.96 -10.48 -13.50
N SER D 290 93.55 -11.73 -13.27
CA SER D 290 93.65 -12.76 -14.30
C SER D 290 92.42 -13.66 -14.32
N ASN D 291 91.30 -13.19 -13.79
CA ASN D 291 90.09 -13.97 -13.80
C ASN D 291 89.46 -13.96 -15.20
N ASN D 292 88.51 -14.87 -15.41
CA ASN D 292 87.92 -15.04 -16.72
C ASN D 292 86.94 -13.91 -17.01
N CYS D 293 87.03 -13.35 -18.22
CA CYS D 293 86.06 -12.36 -18.65
C CYS D 293 84.89 -12.96 -19.42
N GLN D 294 85.09 -14.14 -20.01
CA GLN D 294 84.01 -14.76 -20.78
C GLN D 294 82.86 -15.18 -19.88
N LYS D 295 83.18 -15.88 -18.79
CA LYS D 295 82.14 -16.28 -17.84
C LYS D 295 81.42 -15.06 -17.28
N HIS D 296 82.16 -14.01 -16.95
CA HIS D 296 81.55 -12.79 -16.41
C HIS D 296 80.56 -12.19 -17.40
N ALA D 297 81.01 -11.96 -18.64
CA ALA D 297 80.15 -11.34 -19.64
C ALA D 297 78.93 -12.20 -19.93
N ILE D 298 79.12 -13.52 -19.97
CA ILE D 298 77.99 -14.40 -20.29
C ILE D 298 76.95 -14.36 -19.17
N ILE D 299 77.40 -14.44 -17.91
CA ILE D 299 76.46 -14.34 -16.80
C ILE D 299 75.74 -13.00 -16.83
N VAL D 300 76.49 -11.92 -17.06
CA VAL D 300 75.88 -10.58 -17.05
C VAL D 300 74.79 -10.49 -18.12
N SER D 301 75.12 -10.85 -19.36
CA SER D 301 74.14 -10.73 -20.43
C SER D 301 72.94 -11.61 -20.17
N LEU D 302 73.17 -12.83 -19.67
CA LEU D 302 72.06 -13.73 -19.45
C LEU D 302 71.11 -13.20 -18.36
N ILE D 303 71.66 -12.73 -17.24
CA ILE D 303 70.81 -12.26 -16.16
C ILE D 303 70.11 -10.96 -16.55
N ASN D 304 70.78 -10.10 -17.33
CA ASN D 304 70.13 -8.88 -17.80
C ASN D 304 68.93 -9.21 -18.67
N SER D 305 69.13 -10.02 -19.71
CA SER D 305 68.03 -10.37 -20.60
C SER D 305 66.93 -11.12 -19.86
N PHE D 306 67.31 -12.00 -18.94
CA PHE D 306 66.31 -12.76 -18.20
C PHE D 306 65.46 -11.85 -17.33
N THR D 307 66.08 -10.89 -16.66
CA THR D 307 65.30 -9.98 -15.84
C THR D 307 64.38 -9.14 -16.73
N SER D 308 64.88 -8.68 -17.87
CA SER D 308 64.02 -7.89 -18.76
C SER D 308 62.81 -8.69 -19.20
N ILE D 309 63.02 -9.93 -19.66
CA ILE D 309 61.91 -10.72 -20.16
C ILE D 309 60.95 -11.10 -19.03
N PHE D 310 61.47 -11.35 -17.83
CA PHE D 310 60.59 -11.70 -16.73
C PHE D 310 59.81 -10.50 -16.22
N ALA D 311 60.40 -9.31 -16.25
CA ALA D 311 59.67 -8.12 -15.83
C ALA D 311 58.69 -7.64 -16.89
N SER D 312 58.91 -7.96 -18.16
CA SER D 312 57.97 -7.59 -19.20
C SER D 312 56.78 -8.52 -19.29
N ILE D 313 56.54 -9.33 -18.25
CA ILE D 313 55.41 -10.23 -18.20
C ILE D 313 54.43 -9.85 -17.09
N VAL D 314 54.95 -9.50 -15.92
CA VAL D 314 54.10 -9.05 -14.82
C VAL D 314 53.35 -7.78 -15.23
N THR D 315 54.00 -6.93 -16.02
CA THR D 315 53.31 -5.74 -16.50
C THR D 315 52.24 -6.09 -17.53
N PHE D 316 52.55 -7.00 -18.45
CA PHE D 316 51.63 -7.25 -19.54
C PHE D 316 50.44 -8.12 -19.15
N SER D 317 50.56 -8.92 -18.10
CA SER D 317 49.35 -9.56 -17.58
C SER D 317 48.33 -8.51 -17.15
N ILE D 318 48.77 -7.53 -16.37
CA ILE D 318 47.87 -6.47 -15.92
C ILE D 318 47.43 -5.59 -17.08
N TYR D 319 48.30 -5.42 -18.08
CA TYR D 319 47.91 -4.68 -19.27
C TYR D 319 46.78 -5.37 -20.01
N GLY D 320 46.89 -6.68 -20.20
CA GLY D 320 45.80 -7.42 -20.83
C GLY D 320 44.52 -7.35 -20.01
N PHE D 321 44.66 -7.40 -18.68
CA PHE D 321 43.48 -7.23 -17.83
C PHE D 321 42.80 -5.89 -18.09
N LYS D 322 43.59 -4.82 -18.12
CA LYS D 322 43.03 -3.50 -18.37
C LYS D 322 42.34 -3.43 -19.72
N ALA D 323 42.96 -4.01 -20.75
CA ALA D 323 42.38 -3.95 -22.09
C ALA D 323 41.06 -4.72 -22.15
N THR D 324 41.02 -5.92 -21.59
CA THR D 324 39.79 -6.69 -21.65
C THR D 324 38.69 -6.03 -20.81
N PHE D 325 39.06 -5.37 -19.71
CA PHE D 325 38.07 -4.64 -18.94
C PHE D 325 37.47 -3.52 -19.77
N ASN D 326 38.31 -2.72 -20.42
CA ASN D 326 37.79 -1.63 -21.23
C ASN D 326 36.92 -2.15 -22.37
N TYR D 327 37.27 -3.30 -22.93
CA TYR D 327 36.47 -3.87 -24.01
C TYR D 327 35.09 -4.30 -23.52
N GLU D 328 35.06 -5.02 -22.40
CA GLU D 328 33.78 -5.39 -21.81
C GLU D 328 32.96 -4.16 -21.46
N ASN D 329 33.60 -3.06 -21.08
CA ASN D 329 32.87 -1.85 -20.79
C ASN D 329 32.22 -1.27 -22.04
N CYS D 330 32.98 -1.18 -23.13
CA CYS D 330 32.39 -0.79 -24.41
C CYS D 330 31.14 -1.61 -24.71
N LEU D 331 31.27 -2.93 -24.61
CA LEU D 331 30.17 -3.81 -24.97
C LEU D 331 28.96 -3.57 -24.07
N LYS D 332 29.18 -3.46 -22.77
CA LYS D 332 28.08 -3.26 -21.84
C LYS D 332 27.39 -1.93 -22.09
N LYS D 333 28.16 -0.88 -22.38
CA LYS D 333 27.57 0.42 -22.63
C LYS D 333 26.68 0.39 -23.88
N VAL D 334 27.16 -0.25 -24.94
CA VAL D 334 26.36 -0.32 -26.16
C VAL D 334 25.10 -1.15 -25.93
N SER D 335 25.23 -2.26 -25.21
CA SER D 335 24.07 -3.08 -24.91
C SER D 335 23.03 -2.30 -24.13
N LEU D 336 23.47 -1.52 -23.13
CA LEU D 336 22.54 -0.75 -22.34
C LEU D 336 21.85 0.33 -23.18
N LEU D 337 22.59 0.97 -24.07
CA LEU D 337 21.97 1.98 -24.93
C LEU D 337 20.90 1.35 -25.81
N LEU D 338 21.20 0.20 -26.40
CA LEU D 338 20.20 -0.46 -27.24
C LEU D 338 18.98 -0.86 -26.43
N THR D 339 19.20 -1.34 -25.20
CA THR D 339 18.08 -1.76 -24.37
C THR D 339 17.20 -0.57 -23.99
N ASN D 340 17.80 0.50 -23.48
CA ASN D 340 17.02 1.66 -23.08
C ASN D 340 16.33 2.32 -24.26
N THR D 341 16.91 2.21 -25.45
CA THR D 341 16.36 2.96 -26.58
C THR D 341 15.02 2.43 -27.03
N PHE D 342 14.96 1.19 -27.50
CA PHE D 342 13.67 0.76 -28.00
C PHE D 342 12.77 0.31 -26.86
N ASP D 343 12.95 -0.93 -26.41
CA ASP D 343 12.61 -1.42 -25.08
C ASP D 343 12.96 -2.89 -25.07
N LEU D 344 13.70 -3.37 -24.10
CA LEU D 344 14.04 -4.77 -24.04
C LEU D 344 14.14 -5.22 -22.59
N GLU D 345 13.68 -6.43 -22.32
CA GLU D 345 13.79 -6.97 -20.98
C GLU D 345 15.23 -6.90 -20.50
N ASP D 346 15.44 -6.34 -19.32
CA ASP D 346 16.78 -6.21 -18.82
C ASP D 346 17.39 -7.58 -18.68
N GLY D 347 18.58 -7.72 -19.23
CA GLY D 347 19.28 -8.99 -19.20
C GLY D 347 19.10 -9.83 -20.44
N PHE D 348 18.33 -9.36 -21.42
CA PHE D 348 18.12 -10.12 -22.64
C PHE D 348 19.32 -10.01 -23.57
N LEU D 349 19.71 -8.79 -23.90
CA LEU D 349 20.76 -8.53 -24.89
C LEU D 349 22.09 -8.43 -24.16
N THR D 350 22.79 -9.54 -24.01
CA THR D 350 23.99 -9.46 -23.19
C THR D 350 25.30 -9.27 -23.94
N ALA D 351 25.84 -10.33 -24.54
CA ALA D 351 27.10 -10.18 -25.27
C ALA D 351 27.21 -11.16 -26.43
N SER D 352 26.28 -12.08 -26.51
CA SER D 352 26.35 -13.19 -27.47
C SER D 352 25.28 -13.08 -28.53
N ASN D 353 24.09 -12.61 -28.17
CA ASN D 353 23.04 -12.30 -29.12
C ASN D 353 23.13 -10.86 -29.61
N LEU D 354 24.25 -10.18 -29.34
CA LEU D 354 24.35 -8.77 -29.70
C LEU D 354 24.23 -8.58 -31.20
N GLU D 355 24.89 -9.45 -31.98
CA GLU D 355 24.82 -9.32 -33.43
C GLU D 355 23.48 -9.82 -33.95
N GLN D 356 22.95 -10.90 -33.37
CA GLN D 356 21.63 -11.38 -33.75
C GLN D 356 20.59 -10.29 -33.57
N VAL D 357 20.61 -9.61 -32.43
CA VAL D 357 19.61 -8.58 -32.16
C VAL D 357 19.90 -7.32 -32.98
N LYS D 358 21.19 -7.01 -33.18
CA LYS D 358 21.52 -5.90 -34.07
C LYS D 358 20.90 -6.10 -35.45
N GLY D 359 21.01 -7.31 -35.99
CA GLY D 359 20.37 -7.59 -37.26
C GLY D 359 18.86 -7.63 -37.17
N TYR D 360 18.33 -8.17 -36.08
CA TYR D 360 16.88 -8.24 -35.91
C TYR D 360 16.26 -6.85 -35.90
N LEU D 361 16.96 -5.87 -35.34
CA LEU D 361 16.46 -4.50 -35.33
C LEU D 361 16.82 -3.82 -36.64
N ALA D 362 16.54 -4.49 -37.75
CA ALA D 362 16.59 -3.89 -39.07
C ALA D 362 15.42 -4.32 -39.91
N SER D 363 14.62 -5.27 -39.44
CA SER D 363 13.41 -5.72 -40.11
C SER D 363 12.18 -5.47 -39.26
N ALA D 364 12.35 -4.78 -38.12
CA ALA D 364 11.25 -4.43 -37.25
C ALA D 364 10.87 -2.97 -37.34
N TYR D 365 11.83 -2.07 -37.19
CA TYR D 365 11.58 -0.65 -37.36
C TYR D 365 12.87 0.11 -37.65
N PRO D 366 13.38 0.03 -38.88
CA PRO D 366 14.60 0.78 -39.21
C PRO D 366 14.41 2.29 -39.18
N SER D 367 13.18 2.77 -39.28
CA SER D 367 12.92 4.21 -39.20
C SER D 367 13.49 4.80 -37.91
N LYS D 368 13.37 4.06 -36.80
CA LYS D 368 13.93 4.46 -35.53
C LYS D 368 15.39 4.08 -35.38
N TYR D 369 15.87 3.12 -36.17
CA TYR D 369 17.22 2.61 -36.03
C TYR D 369 18.24 3.46 -36.78
N SER D 370 17.90 3.84 -38.02
CA SER D 370 18.87 4.52 -38.87
C SER D 370 19.35 5.82 -38.24
N GLU D 371 18.42 6.67 -37.81
CA GLU D 371 18.79 7.94 -37.20
C GLU D 371 19.50 7.78 -35.87
N MET D 372 19.62 6.55 -35.38
CA MET D 372 20.36 6.25 -34.16
C MET D 372 21.70 5.57 -34.44
N PHE D 373 22.02 5.32 -35.71
CA PHE D 373 23.24 4.58 -36.02
C PHE D 373 24.52 5.32 -35.65
N PRO D 374 24.64 6.65 -35.78
CA PRO D 374 25.94 7.28 -35.47
C PRO D 374 26.30 7.26 -34.00
N GLN D 375 25.48 6.63 -33.16
CA GLN D 375 25.80 6.49 -31.75
C GLN D 375 26.25 5.10 -31.34
N ILE D 376 25.97 4.08 -32.17
CA ILE D 376 26.37 2.72 -31.84
C ILE D 376 27.89 2.64 -31.92
N LYS D 377 28.55 2.55 -30.77
CA LYS D 377 30.00 2.45 -30.74
C LYS D 377 30.44 1.08 -31.27
N ASN D 378 31.45 1.09 -32.11
CA ASN D 378 32.02 -0.13 -32.66
C ASN D 378 33.34 -0.40 -31.94
N CYS D 379 33.34 -1.41 -31.06
CA CYS D 379 34.49 -1.68 -30.21
C CYS D 379 34.95 -3.12 -30.41
N SER D 380 36.26 -3.31 -30.56
CA SER D 380 36.84 -4.64 -30.68
C SER D 380 38.05 -4.75 -29.77
N LEU D 381 38.38 -5.99 -29.40
CA LEU D 381 39.41 -6.22 -28.39
C LEU D 381 40.81 -5.91 -28.94
N GLU D 382 41.07 -6.23 -30.21
CA GLU D 382 42.39 -6.00 -30.78
C GLU D 382 42.74 -4.51 -30.76
N SER D 383 41.80 -3.67 -31.21
CA SER D 383 42.04 -2.24 -31.25
C SER D 383 42.22 -1.66 -29.86
N GLU D 384 41.86 -2.40 -28.82
CA GLU D 384 42.04 -1.90 -27.47
C GLU D 384 43.33 -2.42 -26.86
N LEU D 385 43.72 -3.64 -27.22
CA LEU D 385 45.01 -4.16 -26.81
C LEU D 385 46.13 -3.37 -27.47
N ASP D 386 45.86 -2.82 -28.65
CA ASP D 386 46.88 -2.04 -29.35
C ASP D 386 47.13 -0.70 -28.67
N THR D 387 46.07 -0.03 -28.22
CA THR D 387 46.17 1.29 -27.59
C THR D 387 45.29 1.36 -26.35
N ALA D 388 45.87 1.01 -25.19
CA ALA D 388 45.21 1.17 -23.91
C ALA D 388 45.95 2.13 -22.99
N VAL D 389 47.23 1.90 -22.73
CA VAL D 389 47.97 2.69 -21.75
C VAL D 389 49.32 3.10 -22.34
N GLN D 390 49.44 3.04 -23.67
CA GLN D 390 50.72 3.30 -24.33
C GLN D 390 51.29 4.65 -23.93
N GLY D 391 52.59 4.71 -23.80
CA GLY D 391 53.27 5.93 -23.43
C GLY D 391 54.48 5.63 -22.55
N THR D 392 55.19 6.70 -22.18
CA THR D 392 56.39 6.59 -21.37
C THR D 392 56.10 6.48 -19.88
N GLY D 393 54.83 6.46 -19.50
CA GLY D 393 54.47 6.27 -18.12
C GLY D 393 53.76 4.95 -17.94
N LEU D 394 53.95 4.06 -18.91
CA LEU D 394 53.27 2.77 -18.90
C LEU D 394 53.51 2.04 -17.58
N ALA D 395 54.77 1.96 -17.15
CA ALA D 395 55.08 1.28 -15.90
C ALA D 395 54.27 1.85 -14.75
N PHE D 396 54.17 3.18 -14.69
CA PHE D 396 53.49 3.83 -13.58
C PHE D 396 51.99 3.56 -13.62
N ILE D 397 51.34 3.89 -14.75
CA ILE D 397 49.90 3.73 -14.84
C ILE D 397 49.49 2.28 -14.63
N VAL D 398 50.23 1.33 -15.21
CA VAL D 398 49.85 -0.07 -15.08
C VAL D 398 50.09 -0.57 -13.66
N TYR D 399 51.25 -0.28 -13.08
CA TYR D 399 51.52 -0.79 -11.75
C TYR D 399 50.60 -0.17 -10.70
N THR D 400 50.27 1.11 -10.84
CA THR D 400 49.34 1.76 -9.92
C THR D 400 47.90 1.36 -10.19
N GLU D 401 47.67 0.61 -11.26
CA GLU D 401 46.35 0.09 -11.59
C GLU D 401 46.09 -1.27 -10.96
N ALA D 402 47.14 -2.02 -10.65
CA ALA D 402 47.02 -3.30 -9.97
C ALA D 402 47.17 -3.17 -8.46
N ILE D 403 47.15 -1.95 -7.94
CA ILE D 403 47.19 -1.73 -6.50
C ILE D 403 45.78 -1.50 -5.94
N LYS D 404 44.95 -0.78 -6.69
CA LYS D 404 43.56 -0.60 -6.29
C LYS D 404 42.79 -1.91 -6.26
N ASN D 405 43.22 -2.91 -7.03
CA ASN D 405 42.56 -4.21 -7.07
C ASN D 405 43.18 -5.19 -6.08
N MET D 406 43.79 -4.69 -5.01
CA MET D 406 44.46 -5.54 -4.04
C MET D 406 43.82 -5.40 -2.67
N GLU D 407 44.16 -6.34 -1.78
CA GLU D 407 43.49 -6.42 -0.48
C GLU D 407 43.79 -5.18 0.37
N VAL D 408 45.05 -4.95 0.69
CA VAL D 408 45.48 -3.73 1.35
C VAL D 408 46.40 -3.01 0.38
N SER D 409 45.99 -1.82 -0.05
CA SER D 409 46.64 -1.18 -1.19
C SER D 409 47.88 -0.41 -0.78
N GLN D 410 47.79 0.35 0.33
CA GLN D 410 48.89 1.24 0.71
C GLN D 410 50.18 0.46 0.97
N LEU D 411 50.06 -0.74 1.54
CA LEU D 411 51.25 -1.53 1.82
C LEU D 411 51.99 -1.88 0.54
N TRP D 412 51.30 -2.49 -0.42
CA TRP D 412 51.95 -2.89 -1.66
C TRP D 412 52.44 -1.68 -2.45
N SER D 413 51.70 -0.57 -2.40
CA SER D 413 52.16 0.63 -3.08
C SER D 413 53.48 1.11 -2.51
N VAL D 414 53.54 1.22 -1.17
CA VAL D 414 54.78 1.63 -0.50
C VAL D 414 55.92 0.70 -0.85
N LEU D 415 55.66 -0.62 -0.84
CA LEU D 415 56.72 -1.59 -1.10
C LEU D 415 57.25 -1.47 -2.52
N TYR D 416 56.34 -1.47 -3.51
CA TYR D 416 56.76 -1.41 -4.90
C TYR D 416 57.49 -0.10 -5.20
N PHE D 417 57.01 1.01 -4.66
CA PHE D 417 57.65 2.28 -4.98
C PHE D 417 58.99 2.43 -4.27
N PHE D 418 59.13 1.87 -3.07
CA PHE D 418 60.45 1.84 -2.44
C PHE D 418 61.41 0.96 -3.24
N MET D 419 60.91 -0.14 -3.79
CA MET D 419 61.74 -0.96 -4.67
C MET D 419 62.23 -0.16 -5.88
N LEU D 420 61.31 0.54 -6.54
CA LEU D 420 61.70 1.33 -7.71
C LEU D 420 62.68 2.43 -7.32
N LEU D 421 62.53 2.99 -6.11
CA LEU D 421 63.47 4.02 -5.65
C LEU D 421 64.84 3.43 -5.40
N MET D 422 64.91 2.22 -4.84
CA MET D 422 66.21 1.57 -4.68
C MET D 422 66.88 1.36 -6.03
N LEU D 423 66.14 0.81 -6.99
CA LEU D 423 66.71 0.61 -8.32
C LEU D 423 67.16 1.94 -8.92
N GLY D 424 66.39 3.00 -8.70
CA GLY D 424 66.73 4.29 -9.25
C GLY D 424 68.01 4.85 -8.66
N ILE D 425 68.14 4.81 -7.33
CA ILE D 425 69.36 5.32 -6.71
C ILE D 425 70.55 4.47 -7.11
N GLY D 426 70.34 3.16 -7.29
CA GLY D 426 71.44 2.31 -7.72
C GLY D 426 71.95 2.67 -9.10
N SER D 427 71.06 2.68 -10.08
CA SER D 427 71.47 3.05 -11.43
C SER D 427 72.00 4.47 -11.47
N MET D 428 71.49 5.35 -10.61
CA MET D 428 71.93 6.74 -10.61
C MET D 428 73.35 6.86 -10.11
N LEU D 429 73.68 6.20 -9.01
CA LEU D 429 75.06 6.22 -8.52
C LEU D 429 75.99 5.55 -9.52
N GLY D 430 75.53 4.45 -10.13
CA GLY D 430 76.35 3.77 -11.12
C GLY D 430 76.64 4.64 -12.34
N ASN D 431 75.69 5.50 -12.71
CA ASN D 431 75.91 6.38 -13.85
C ASN D 431 76.75 7.59 -13.45
N THR D 432 76.59 8.07 -12.22
CA THR D 432 77.39 9.20 -11.75
C THR D 432 78.85 8.81 -11.53
N ALA D 433 79.11 7.53 -11.27
CA ALA D 433 80.51 7.11 -11.14
C ALA D 433 81.28 7.37 -12.43
N ALA D 434 80.63 7.17 -13.58
CA ALA D 434 81.32 7.34 -14.86
C ALA D 434 81.57 8.80 -15.20
N ILE D 435 80.95 9.73 -14.49
CA ILE D 435 81.20 11.15 -14.73
C ILE D 435 82.07 11.76 -13.63
N LEU D 436 82.06 11.20 -12.42
CA LEU D 436 82.90 11.74 -11.36
C LEU D 436 84.36 11.30 -11.53
N THR D 437 84.60 10.00 -11.64
CA THR D 437 85.97 9.50 -11.64
C THR D 437 86.85 10.05 -12.76
N PRO D 438 86.38 10.23 -14.02
CA PRO D 438 87.25 10.84 -15.04
C PRO D 438 87.43 12.33 -14.82
N LEU D 439 86.91 12.85 -13.71
CA LEU D 439 87.05 14.26 -13.36
C LEU D 439 87.86 14.47 -12.09
N THR D 440 87.76 13.56 -11.12
CA THR D 440 88.55 13.65 -9.89
C THR D 440 89.96 13.10 -10.06
N ASP D 441 90.38 12.79 -11.28
CA ASP D 441 91.72 12.29 -11.54
C ASP D 441 92.61 13.25 -12.31
N SER D 442 92.04 14.11 -13.15
CA SER D 442 92.84 15.06 -13.90
C SER D 442 93.48 16.07 -12.96
N LYS D 443 94.79 16.18 -13.04
CA LYS D 443 95.57 17.02 -12.11
C LYS D 443 95.58 18.49 -12.49
N ILE D 444 94.62 18.95 -13.29
CA ILE D 444 94.50 20.37 -13.62
C ILE D 444 93.37 21.01 -12.84
N ILE D 445 92.22 20.34 -12.74
CA ILE D 445 91.04 20.90 -12.11
C ILE D 445 90.93 20.54 -10.64
N SER D 446 91.67 19.54 -10.16
CA SER D 446 91.58 19.07 -8.79
C SER D 446 92.43 19.89 -7.83
N SER D 447 92.77 21.13 -8.20
CA SER D 447 93.65 21.95 -7.37
C SER D 447 92.87 22.74 -6.32
N HIS D 448 91.94 23.58 -6.76
CA HIS D 448 91.21 24.48 -5.87
C HIS D 448 89.85 23.95 -5.46
N LEU D 449 89.46 22.78 -5.94
CA LEU D 449 88.14 22.21 -5.68
C LEU D 449 88.30 20.82 -5.09
N PRO D 450 87.93 20.60 -3.82
CA PRO D 450 87.99 19.26 -3.25
C PRO D 450 86.92 18.33 -3.81
N LYS D 451 86.88 17.10 -3.32
CA LYS D 451 86.00 16.08 -3.89
C LYS D 451 84.54 16.44 -3.67
N GLU D 452 84.16 16.68 -2.41
CA GLU D 452 82.77 16.98 -2.08
C GLU D 452 82.29 18.23 -2.83
N ALA D 453 83.16 19.23 -2.95
CA ALA D 453 82.75 20.49 -3.59
C ALA D 453 82.43 20.28 -5.06
N ILE D 454 83.31 19.58 -5.79
CA ILE D 454 83.07 19.38 -7.22
C ILE D 454 81.91 18.43 -7.46
N SER D 455 81.76 17.42 -6.59
CA SER D 455 80.61 16.54 -6.68
C SER D 455 79.32 17.34 -6.55
N GLY D 456 79.24 18.19 -5.52
CA GLY D 456 78.06 19.02 -5.34
C GLY D 456 77.86 20.01 -6.47
N LEU D 457 78.94 20.51 -7.05
CA LEU D 457 78.81 21.44 -8.17
C LEU D 457 78.15 20.75 -9.36
N VAL D 458 78.62 19.55 -9.70
CA VAL D 458 78.00 18.82 -10.81
C VAL D 458 76.55 18.50 -10.47
N CYS D 459 76.30 18.07 -9.23
CA CYS D 459 74.93 17.74 -8.82
C CYS D 459 74.02 18.95 -8.94
N LEU D 460 74.51 20.13 -8.54
CA LEU D 460 73.69 21.33 -8.58
C LEU D 460 73.43 21.77 -10.02
N VAL D 461 74.45 21.70 -10.88
CA VAL D 461 74.23 22.07 -12.27
C VAL D 461 73.23 21.12 -12.92
N ASN D 462 73.31 19.83 -12.57
CA ASN D 462 72.35 18.87 -13.11
C ASN D 462 70.94 19.13 -12.61
N CYS D 463 70.81 19.40 -11.30
CA CYS D 463 69.50 19.71 -10.75
C CYS D 463 68.91 20.95 -11.39
N ALA D 464 69.74 21.95 -11.69
CA ALA D 464 69.25 23.16 -12.31
C ALA D 464 68.89 22.97 -13.78
N ILE D 465 69.63 22.15 -14.51
CA ILE D 465 69.31 21.94 -15.92
C ILE D 465 68.10 21.02 -16.05
N GLY D 466 67.87 20.16 -15.06
CA GLY D 466 66.74 19.25 -15.12
C GLY D 466 65.42 19.89 -14.76
N MET D 467 65.40 21.22 -14.62
CA MET D 467 64.16 21.92 -14.34
C MET D 467 63.31 22.13 -15.59
N VAL D 468 63.81 21.75 -16.76
CA VAL D 468 62.98 21.81 -17.96
C VAL D 468 61.86 20.79 -17.88
N PHE D 469 62.10 19.70 -17.17
CA PHE D 469 61.16 18.58 -17.12
C PHE D 469 60.17 18.68 -15.98
N THR D 470 60.01 19.86 -15.38
CA THR D 470 58.96 20.08 -14.39
C THR D 470 57.95 21.11 -14.88
N MET D 471 58.00 21.48 -16.15
CA MET D 471 57.09 22.44 -16.74
C MET D 471 55.79 21.73 -17.12
N GLU D 472 54.89 22.45 -17.80
CA GLU D 472 53.65 21.83 -18.24
C GLU D 472 53.87 20.90 -19.43
N ALA D 473 54.61 21.35 -20.43
CA ALA D 473 55.02 20.47 -21.52
C ALA D 473 56.41 19.90 -21.27
N GLY D 474 56.61 19.34 -20.09
CA GLY D 474 57.91 18.82 -19.70
C GLY D 474 58.09 17.36 -20.05
N ASN D 475 57.00 16.59 -20.06
CA ASN D 475 57.08 15.21 -20.48
C ASN D 475 57.47 15.06 -21.94
N TYR D 476 57.04 15.97 -22.81
CA TYR D 476 57.49 15.95 -24.18
C TYR D 476 59.01 16.14 -24.29
N TRP D 477 59.56 17.07 -23.50
CA TRP D 477 60.99 17.27 -23.52
C TRP D 477 61.73 16.08 -22.93
N PHE D 478 61.14 15.46 -21.91
CA PHE D 478 61.73 14.22 -21.38
C PHE D 478 61.77 13.14 -22.45
N ASP D 479 60.68 12.97 -23.20
CA ASP D 479 60.66 11.98 -24.26
C ASP D 479 61.68 12.31 -25.35
N ILE D 480 61.82 13.58 -25.69
CA ILE D 480 62.79 13.98 -26.71
C ILE D 480 64.20 13.66 -26.23
N PHE D 481 64.50 13.99 -24.97
CA PHE D 481 65.84 13.79 -24.46
C PHE D 481 66.16 12.31 -24.27
N ASN D 482 65.14 11.50 -24.01
CA ASN D 482 65.36 10.09 -23.74
C ASN D 482 65.98 9.37 -24.93
N ASP D 483 65.21 9.23 -26.01
CA ASP D 483 65.53 8.30 -27.07
C ASP D 483 66.83 8.61 -27.79
N TYR D 484 66.91 9.76 -28.46
CA TYR D 484 68.06 10.04 -29.31
C TYR D 484 69.34 10.11 -28.50
N ALA D 485 69.32 10.88 -27.40
CA ALA D 485 70.51 11.10 -26.60
C ALA D 485 70.97 9.82 -25.91
N ALA D 486 70.03 8.93 -25.57
CA ALA D 486 70.43 7.72 -24.86
C ALA D 486 70.82 6.61 -25.83
N THR D 487 70.46 6.72 -27.10
CA THR D 487 70.61 5.59 -28.01
C THR D 487 71.66 5.80 -29.10
N LEU D 488 71.51 6.87 -29.90
CA LEU D 488 72.23 6.91 -31.18
C LEU D 488 73.72 7.11 -30.98
N SER D 489 74.09 8.06 -30.11
CA SER D 489 75.49 8.31 -29.83
C SER D 489 76.20 7.04 -29.40
N LEU D 490 75.64 6.34 -28.41
CA LEU D 490 76.29 5.12 -27.89
C LEU D 490 76.35 4.03 -28.95
N LEU D 491 75.30 3.91 -29.78
CA LEU D 491 75.33 2.94 -30.86
C LEU D 491 76.50 3.19 -31.79
N LEU D 492 76.79 4.46 -32.07
CA LEU D 492 77.91 4.76 -32.97
C LEU D 492 79.26 4.60 -32.25
N ILE D 493 79.30 4.92 -30.96
CA ILE D 493 80.58 4.89 -30.25
C ILE D 493 81.07 3.46 -30.05
N VAL D 494 80.16 2.53 -29.75
CA VAL D 494 80.63 1.15 -29.64
C VAL D 494 81.11 0.63 -30.99
N LEU D 495 80.47 1.07 -32.08
CA LEU D 495 80.94 0.74 -33.42
C LEU D 495 82.38 1.22 -33.65
N VAL D 496 82.66 2.48 -33.33
CA VAL D 496 84.00 3.00 -33.57
C VAL D 496 85.01 2.33 -32.66
N GLU D 497 84.59 1.98 -31.43
CA GLU D 497 85.46 1.23 -30.53
C GLU D 497 85.86 -0.10 -31.15
N THR D 498 84.88 -0.83 -31.69
CA THR D 498 85.17 -2.14 -32.27
C THR D 498 86.04 -2.02 -33.51
N ILE D 499 85.74 -1.07 -34.39
CA ILE D 499 86.59 -0.87 -35.56
C ILE D 499 88.02 -0.60 -35.14
N ALA D 500 88.20 0.25 -34.13
CA ALA D 500 89.54 0.59 -33.68
C ALA D 500 90.27 -0.63 -33.13
N VAL D 501 89.60 -1.39 -32.26
CA VAL D 501 90.30 -2.51 -31.61
C VAL D 501 90.56 -3.63 -32.61
N CYS D 502 89.79 -3.69 -33.69
CA CYS D 502 89.95 -4.78 -34.64
C CYS D 502 90.99 -4.47 -35.70
N TYR D 503 90.93 -3.28 -36.30
CA TYR D 503 91.71 -2.99 -37.49
C TYR D 503 92.76 -1.89 -37.29
N VAL D 504 92.98 -1.43 -36.07
CA VAL D 504 93.98 -0.38 -35.85
C VAL D 504 95.01 -0.86 -34.82
N TYR D 505 94.60 -1.75 -33.93
CA TYR D 505 95.52 -2.32 -32.96
C TYR D 505 96.01 -3.71 -33.35
N GLY D 506 95.33 -4.39 -34.26
CA GLY D 506 95.75 -5.70 -34.68
C GLY D 506 95.01 -6.80 -33.95
N LEU D 507 94.18 -7.55 -34.68
CA LEU D 507 93.46 -8.67 -34.07
C LEU D 507 94.43 -9.74 -33.58
N ARG D 508 95.43 -10.09 -34.40
CA ARG D 508 96.36 -11.13 -34.02
C ARG D 508 97.22 -10.70 -32.85
N ARG D 509 97.64 -9.44 -32.84
CA ARG D 509 98.38 -8.92 -31.69
C ARG D 509 97.57 -9.04 -30.41
N PHE D 510 96.28 -8.69 -30.47
CA PHE D 510 95.46 -8.74 -29.27
C PHE D 510 95.22 -10.16 -28.81
N GLU D 511 94.97 -11.09 -29.74
CA GLU D 511 94.72 -12.46 -29.31
C GLU D 511 95.99 -13.10 -28.74
N SER D 512 97.16 -12.77 -29.31
CA SER D 512 98.39 -13.24 -28.71
C SER D 512 98.62 -12.65 -27.33
N ASP D 513 98.33 -11.35 -27.17
CA ASP D 513 98.47 -10.71 -25.87
C ASP D 513 97.57 -11.37 -24.84
N LEU D 514 96.31 -11.62 -25.19
CA LEU D 514 95.38 -12.20 -24.23
C LEU D 514 95.73 -13.65 -23.93
N LYS D 515 96.23 -14.40 -24.92
CA LYS D 515 96.68 -15.76 -24.64
C LYS D 515 97.85 -15.75 -23.66
N ALA D 516 98.81 -14.86 -23.87
CA ALA D 516 99.96 -14.79 -22.98
C ALA D 516 99.59 -14.25 -21.61
N MET D 517 98.54 -13.44 -21.50
CA MET D 517 98.16 -12.85 -20.22
C MET D 517 97.30 -13.78 -19.39
N THR D 518 96.25 -14.34 -19.98
CA THR D 518 95.29 -15.16 -19.27
C THR D 518 95.54 -16.65 -19.40
N GLY D 519 96.24 -17.08 -20.45
CA GLY D 519 96.48 -18.50 -20.64
C GLY D 519 95.36 -19.26 -21.31
N ARG D 520 94.54 -18.58 -22.11
CA ARG D 520 93.47 -19.24 -22.83
C ARG D 520 93.25 -18.53 -24.16
N ALA D 521 93.02 -19.30 -25.21
CA ALA D 521 92.74 -18.78 -26.53
C ALA D 521 91.24 -18.58 -26.70
N VAL D 522 90.87 -17.44 -27.29
CA VAL D 522 89.47 -17.19 -27.62
C VAL D 522 89.10 -17.94 -28.89
N SER D 523 87.90 -18.50 -28.92
CA SER D 523 87.46 -19.25 -30.09
C SER D 523 87.27 -18.31 -31.28
N TRP D 524 87.29 -18.89 -32.47
CA TRP D 524 87.01 -18.11 -33.68
C TRP D 524 85.60 -17.56 -33.69
N TYR D 525 84.73 -18.11 -32.83
CA TYR D 525 83.38 -17.57 -32.67
C TYR D 525 83.41 -16.09 -32.36
N TRP D 526 84.04 -15.72 -31.23
CA TRP D 526 84.18 -14.30 -30.90
C TRP D 526 85.07 -13.55 -31.87
N LYS D 527 86.07 -14.23 -32.45
CA LYS D 527 86.99 -13.56 -33.36
C LYS D 527 86.26 -13.02 -34.58
N VAL D 528 85.29 -13.80 -35.10
CA VAL D 528 84.49 -13.33 -36.23
C VAL D 528 83.39 -12.37 -35.78
N MET D 529 82.86 -12.53 -34.58
CA MET D 529 81.82 -11.62 -34.10
C MET D 529 82.36 -10.22 -33.89
N TRP D 530 83.60 -10.10 -33.41
CA TRP D 530 84.19 -8.79 -33.21
C TRP D 530 84.42 -8.08 -34.55
N ALA D 531 85.04 -8.78 -35.50
CA ALA D 531 85.46 -8.14 -36.74
C ALA D 531 84.30 -7.96 -37.71
N GLY D 532 83.62 -9.06 -38.05
CA GLY D 532 82.69 -9.04 -39.16
C GLY D 532 81.25 -8.67 -38.88
N VAL D 533 80.57 -9.41 -38.01
CA VAL D 533 79.11 -9.41 -38.01
C VAL D 533 78.55 -8.14 -37.37
N SER D 534 79.12 -7.73 -36.23
CA SER D 534 78.58 -6.54 -35.57
C SER D 534 78.86 -5.26 -36.33
N PRO D 535 80.08 -4.97 -36.80
CA PRO D 535 80.31 -3.74 -37.57
C PRO D 535 79.58 -3.69 -38.91
N LEU D 536 79.05 -4.79 -39.41
CA LEU D 536 78.19 -4.73 -40.59
C LEU D 536 76.73 -4.56 -40.21
N LEU D 537 76.29 -5.26 -39.16
CA LEU D 537 74.89 -5.21 -38.76
C LEU D 537 74.52 -3.83 -38.27
N ILE D 538 75.42 -3.18 -37.50
CA ILE D 538 75.11 -1.87 -36.97
C ILE D 538 74.98 -0.85 -38.09
N VAL D 539 75.90 -0.88 -39.06
CA VAL D 539 75.82 0.06 -40.17
C VAL D 539 74.59 -0.20 -41.03
N SER D 540 74.25 -1.46 -41.28
CA SER D 540 73.06 -1.76 -42.05
C SER D 540 71.81 -1.25 -41.33
N LEU D 541 71.73 -1.49 -40.02
CA LEU D 541 70.60 -1.01 -39.24
C LEU D 541 70.51 0.50 -39.24
N PHE D 542 71.65 1.19 -39.23
CA PHE D 542 71.64 2.64 -39.29
C PHE D 542 71.21 3.19 -40.64
N VAL D 543 71.69 2.59 -41.73
CA VAL D 543 71.30 3.10 -43.04
C VAL D 543 69.84 2.78 -43.35
N PHE D 544 69.32 1.64 -42.87
CA PHE D 544 67.90 1.35 -43.05
C PHE D 544 67.03 2.42 -42.38
N TYR D 545 67.37 2.76 -41.13
CA TYR D 545 66.58 3.72 -40.38
C TYR D 545 66.73 5.12 -40.96
N LEU D 546 67.95 5.49 -41.37
CA LEU D 546 68.14 6.80 -41.99
C LEU D 546 67.43 6.91 -43.33
N SER D 547 67.33 5.81 -44.08
CA SER D 547 66.59 5.84 -45.33
C SER D 547 65.09 5.95 -45.08
N ASP D 548 64.56 5.14 -44.16
CA ASP D 548 63.13 5.23 -43.86
C ASP D 548 62.79 6.53 -43.13
N TYR D 549 63.78 7.29 -42.68
CA TYR D 549 63.54 8.66 -42.26
C TYR D 549 63.50 9.62 -43.44
N ILE D 550 64.24 9.32 -44.50
CA ILE D 550 64.40 10.25 -45.62
C ILE D 550 63.28 10.04 -46.64
N LEU D 551 62.65 8.86 -46.62
CA LEU D 551 61.59 8.56 -47.57
C LEU D 551 60.19 8.86 -47.05
N THR D 552 60.03 9.12 -45.75
CA THR D 552 58.75 9.54 -45.20
C THR D 552 58.68 11.00 -44.83
N GLY D 553 59.80 11.61 -44.44
CA GLY D 553 59.81 13.01 -44.07
C GLY D 553 59.88 13.20 -42.57
N THR D 554 59.19 14.25 -42.11
CA THR D 554 59.18 14.59 -40.69
C THR D 554 58.45 13.53 -39.89
N LEU D 555 58.78 13.45 -38.61
CA LEU D 555 58.19 12.47 -37.70
C LEU D 555 57.25 13.14 -36.69
N LYS D 556 56.23 12.37 -36.29
CA LYS D 556 55.19 12.82 -35.37
C LYS D 556 55.37 12.10 -34.04
N TYR D 557 55.26 12.81 -32.93
CA TYR D 557 55.56 12.14 -31.67
C TYR D 557 54.32 11.61 -30.94
N GLN D 558 53.51 12.49 -30.35
CA GLN D 558 52.31 12.13 -29.60
C GLN D 558 51.68 13.35 -28.95
N ALA D 559 50.53 13.19 -28.32
CA ALA D 559 49.96 14.20 -27.45
C ALA D 559 48.99 13.53 -26.50
N TRP D 560 48.30 14.33 -25.69
CA TRP D 560 47.40 13.78 -24.67
C TRP D 560 45.93 13.95 -25.02
N ASP D 561 45.54 15.10 -25.59
CA ASP D 561 44.16 15.35 -26.01
C ASP D 561 43.19 15.09 -24.86
N ALA D 562 43.34 15.92 -23.82
CA ALA D 562 42.54 15.76 -22.60
C ALA D 562 41.05 15.72 -22.91
N SER D 563 40.61 16.42 -23.95
CA SER D 563 39.19 16.50 -24.26
C SER D 563 38.63 15.22 -24.85
N GLN D 564 39.45 14.24 -25.18
CA GLN D 564 38.94 13.01 -25.78
C GLN D 564 39.44 11.78 -25.03
N GLY D 565 40.62 11.87 -24.44
CA GLY D 565 41.13 10.80 -23.61
C GLY D 565 42.01 9.77 -24.29
N GLN D 566 42.66 10.12 -25.39
CA GLN D 566 43.55 9.22 -26.08
C GLN D 566 44.74 9.99 -26.61
N LEU D 567 45.77 9.26 -26.99
CA LEU D 567 47.03 9.85 -27.46
C LEU D 567 46.94 10.12 -28.95
N VAL D 568 46.77 11.39 -29.31
CA VAL D 568 46.86 11.82 -30.70
C VAL D 568 48.33 12.03 -31.06
N THR D 569 48.62 12.24 -32.34
CA THR D 569 49.98 12.15 -32.85
C THR D 569 50.45 13.43 -33.53
N LYS D 570 50.30 14.58 -32.85
CA LYS D 570 50.70 15.87 -33.38
C LYS D 570 52.16 15.89 -33.83
N ASP D 571 52.51 16.87 -34.66
CA ASP D 571 53.83 16.93 -35.28
C ASP D 571 54.82 17.70 -34.41
N TYR D 572 56.10 17.37 -34.60
CA TYR D 572 57.15 18.12 -33.96
C TYR D 572 57.32 19.48 -34.63
N PRO D 573 57.37 20.56 -33.86
CA PRO D 573 57.62 21.87 -34.46
C PRO D 573 59.02 21.96 -35.07
N ALA D 574 59.25 22.97 -35.91
CA ALA D 574 60.51 23.06 -36.63
C ALA D 574 61.66 23.32 -35.65
N TYR D 575 61.45 24.22 -34.69
CA TYR D 575 62.52 24.52 -33.74
C TYR D 575 62.82 23.32 -32.86
N ALA D 576 61.88 22.39 -32.74
CA ALA D 576 62.11 21.19 -31.95
C ALA D 576 63.16 20.27 -32.58
N LEU D 577 63.21 20.19 -33.91
CA LEU D 577 64.21 19.35 -34.57
C LEU D 577 65.62 19.87 -34.31
N ALA D 578 65.76 21.15 -33.96
CA ALA D 578 67.07 21.70 -33.65
C ALA D 578 67.74 20.91 -32.53
N VAL D 579 67.05 20.75 -31.40
CA VAL D 579 67.64 20.03 -30.28
C VAL D 579 67.84 18.56 -30.62
N ILE D 580 66.92 17.98 -31.40
CA ILE D 580 67.05 16.60 -31.84
C ILE D 580 68.36 16.41 -32.59
N GLY D 581 68.73 17.37 -33.43
CA GLY D 581 70.01 17.30 -34.11
C GLY D 581 71.18 17.56 -33.18
N LEU D 582 71.06 18.60 -32.36
CA LEU D 582 72.18 19.05 -31.53
C LEU D 582 72.58 18.00 -30.51
N LEU D 583 71.62 17.25 -29.98
CA LEU D 583 71.94 16.22 -28.99
C LEU D 583 72.94 15.23 -29.54
N VAL D 584 72.54 14.53 -30.61
CA VAL D 584 73.42 13.52 -31.19
C VAL D 584 74.69 14.15 -31.75
N ALA D 585 74.59 15.40 -32.23
CA ALA D 585 75.79 16.08 -32.72
C ALA D 585 76.81 16.27 -31.61
N SER D 586 76.46 17.07 -30.61
CA SER D 586 77.35 17.37 -29.50
C SER D 586 77.70 16.16 -28.66
N SER D 587 77.02 15.03 -28.83
CA SER D 587 77.40 13.81 -28.14
C SER D 587 78.12 12.80 -29.01
N THR D 588 78.26 13.06 -30.32
CA THR D 588 78.95 12.12 -31.18
C THR D 588 80.02 12.77 -32.06
N MET D 589 79.93 14.07 -32.33
CA MET D 589 80.88 14.74 -33.20
C MET D 589 82.16 15.14 -32.47
N CYS D 590 82.44 14.53 -31.32
CA CYS D 590 83.68 14.78 -30.61
C CYS D 590 84.83 13.91 -31.09
N ILE D 591 84.55 12.97 -31.99
CA ILE D 591 85.59 12.14 -32.59
C ILE D 591 86.37 12.93 -33.64
N PRO D 592 85.73 13.51 -34.66
CA PRO D 592 86.49 14.19 -35.71
C PRO D 592 87.17 15.47 -35.27
N LEU D 593 86.80 16.04 -34.13
CA LEU D 593 87.55 17.17 -33.57
C LEU D 593 88.76 16.71 -32.78
N ALA D 594 88.69 15.54 -32.14
CA ALA D 594 89.90 14.96 -31.57
C ALA D 594 90.88 14.56 -32.67
N ALA D 595 90.38 13.96 -33.75
CA ALA D 595 91.23 13.59 -34.88
C ALA D 595 91.83 14.79 -35.59
N LEU D 596 91.32 16.00 -35.34
CA LEU D 596 91.89 17.23 -35.88
C LEU D 596 92.79 17.95 -34.90
N GLY D 597 92.45 17.94 -33.61
CA GLY D 597 93.35 18.48 -32.60
C GLY D 597 94.63 17.67 -32.51
N THR D 598 94.54 16.36 -32.72
CA THR D 598 95.73 15.52 -32.79
C THR D 598 96.45 15.64 -34.12
N PHE D 599 95.86 16.35 -35.09
CA PHE D 599 96.51 16.63 -36.36
C PHE D 599 97.18 18.00 -36.39
N VAL D 600 96.65 18.97 -35.64
CA VAL D 600 97.29 20.28 -35.55
C VAL D 600 98.46 20.24 -34.58
N GLN D 601 98.43 19.32 -33.61
CA GLN D 601 99.56 19.16 -32.69
C GLN D 601 100.71 18.38 -33.33
N ARG D 602 100.42 17.57 -34.35
CA ARG D 602 101.42 16.78 -35.05
C ARG D 602 102.01 17.54 -36.24
N ARG D 603 101.99 18.87 -36.21
CA ARG D 603 102.57 19.69 -37.25
C ARG D 603 103.82 20.41 -36.75
N LEU D 604 103.72 21.17 -35.67
CA LEU D 604 104.84 21.89 -35.08
C LEU D 604 105.60 22.74 -36.10
N SER E 28 -44.05 -34.88 -56.57
CA SER E 28 -44.22 -34.90 -55.12
C SER E 28 -42.89 -35.22 -54.45
N THR E 29 -41.79 -34.96 -55.15
CA THR E 29 -40.52 -35.53 -54.71
C THR E 29 -40.08 -35.04 -53.34
N ILE E 30 -39.57 -33.82 -53.23
CA ILE E 30 -39.32 -33.21 -51.94
C ILE E 30 -39.75 -31.75 -51.99
N GLU E 31 -39.93 -31.24 -53.21
CA GLU E 31 -40.19 -29.82 -53.38
C GLU E 31 -41.66 -29.46 -53.22
N GLU E 32 -42.56 -30.23 -53.81
CA GLU E 32 -43.98 -29.94 -53.68
C GLU E 32 -44.46 -30.10 -52.24
N GLN E 33 -43.87 -31.05 -51.51
CA GLN E 33 -44.17 -31.15 -50.08
C GLN E 33 -43.75 -29.89 -49.34
N ALA E 34 -42.60 -29.31 -49.69
CA ALA E 34 -42.18 -28.07 -49.06
C ALA E 34 -43.16 -26.93 -49.36
N LYS E 35 -43.65 -26.87 -50.59
CA LYS E 35 -44.61 -25.82 -50.94
C LYS E 35 -45.91 -25.99 -50.15
N THR E 36 -46.42 -27.21 -50.09
CA THR E 36 -47.63 -27.45 -49.33
C THR E 36 -47.43 -27.11 -47.86
N PHE E 37 -46.24 -27.41 -47.31
CA PHE E 37 -45.97 -27.06 -45.93
C PHE E 37 -45.96 -25.54 -45.76
N LEU E 38 -45.35 -24.84 -46.71
CA LEU E 38 -45.23 -23.39 -46.59
C LEU E 38 -46.58 -22.70 -46.68
N ASP E 39 -47.52 -23.26 -47.44
CA ASP E 39 -48.85 -22.66 -47.50
C ASP E 39 -49.53 -22.66 -46.14
N LYS E 40 -49.55 -23.82 -45.50
CA LYS E 40 -50.14 -23.92 -44.18
C LYS E 40 -49.42 -23.04 -43.17
N PHE E 41 -48.08 -23.00 -43.24
CA PHE E 41 -47.35 -22.12 -42.35
C PHE E 41 -47.75 -20.67 -42.56
N ASN E 42 -47.84 -20.23 -43.82
CA ASN E 42 -48.20 -18.85 -44.09
C ASN E 42 -49.54 -18.51 -43.46
N HIS E 43 -50.55 -19.32 -43.72
CA HIS E 43 -51.88 -19.05 -43.17
C HIS E 43 -51.85 -18.94 -41.65
N GLU E 44 -51.35 -19.97 -40.97
CA GLU E 44 -51.43 -19.99 -39.52
C GLU E 44 -50.58 -18.89 -38.90
N ALA E 45 -49.38 -18.67 -39.43
CA ALA E 45 -48.49 -17.65 -38.88
C ALA E 45 -49.08 -16.27 -39.07
N GLU E 46 -49.74 -16.04 -40.22
CA GLU E 46 -50.38 -14.74 -40.43
C GLU E 46 -51.43 -14.49 -39.36
N ASP E 47 -52.26 -15.49 -39.07
CA ASP E 47 -53.29 -15.29 -38.06
C ASP E 47 -52.69 -15.01 -36.68
N LEU E 48 -51.74 -15.86 -36.26
CA LEU E 48 -51.17 -15.69 -34.93
C LEU E 48 -50.41 -14.38 -34.81
N PHE E 49 -49.76 -13.95 -35.89
CA PHE E 49 -49.02 -12.68 -35.85
C PHE E 49 -49.96 -11.51 -35.73
N TYR E 50 -51.07 -11.54 -36.48
CA TYR E 50 -52.05 -10.48 -36.29
C TYR E 50 -52.50 -10.40 -34.84
N GLN E 51 -52.80 -11.55 -34.23
CA GLN E 51 -53.27 -11.52 -32.86
C GLN E 51 -52.23 -10.92 -31.92
N SER E 52 -50.98 -11.39 -32.03
CA SER E 52 -49.94 -10.88 -31.15
C SER E 52 -49.71 -9.39 -31.34
N SER E 53 -49.70 -8.94 -32.59
CA SER E 53 -49.45 -7.53 -32.86
C SER E 53 -50.60 -6.67 -32.35
N LEU E 54 -51.83 -7.12 -32.50
CA LEU E 54 -52.95 -6.36 -31.98
C LEU E 54 -52.88 -6.24 -30.47
N ALA E 55 -52.50 -7.33 -29.79
CA ALA E 55 -52.34 -7.27 -28.35
C ALA E 55 -51.26 -6.27 -27.96
N SER E 56 -50.13 -6.30 -28.66
CA SER E 56 -49.02 -5.41 -28.33
C SER E 56 -49.40 -3.95 -28.58
N TRP E 57 -50.13 -3.69 -29.66
CA TRP E 57 -50.61 -2.34 -29.92
C TRP E 57 -51.54 -1.87 -28.82
N ASN E 58 -52.51 -2.71 -28.44
CA ASN E 58 -53.44 -2.36 -27.38
C ASN E 58 -52.70 -2.03 -26.09
N TYR E 59 -51.65 -2.78 -25.78
CA TYR E 59 -50.89 -2.45 -24.59
C TYR E 59 -50.16 -1.13 -24.74
N ASN E 60 -49.53 -0.91 -25.89
CA ASN E 60 -48.67 0.26 -26.03
C ASN E 60 -49.46 1.54 -26.05
N THR E 61 -50.66 1.54 -26.63
CA THR E 61 -51.44 2.77 -26.67
C THR E 61 -52.27 2.99 -25.42
N ASN E 62 -52.37 2.00 -24.53
CA ASN E 62 -53.19 2.11 -23.32
C ASN E 62 -52.54 1.23 -22.24
N ILE E 63 -51.69 1.84 -21.43
CA ILE E 63 -50.92 1.10 -20.44
C ILE E 63 -51.82 0.77 -19.26
N THR E 64 -52.11 -0.50 -19.06
CA THR E 64 -52.76 -0.98 -17.85
C THR E 64 -51.98 -2.16 -17.30
N GLU E 65 -52.55 -2.86 -16.32
CA GLU E 65 -51.93 -4.08 -15.82
C GLU E 65 -52.40 -5.30 -16.59
N GLU E 66 -53.72 -5.44 -16.74
CA GLU E 66 -54.28 -6.56 -17.48
C GLU E 66 -53.71 -6.65 -18.90
N ASN E 67 -53.49 -5.51 -19.55
CA ASN E 67 -52.97 -5.51 -20.90
C ASN E 67 -51.59 -6.15 -20.97
N VAL E 68 -50.79 -6.03 -19.92
CA VAL E 68 -49.45 -6.62 -19.94
C VAL E 68 -49.53 -8.12 -20.15
N GLN E 69 -50.25 -8.83 -19.29
CA GLN E 69 -50.37 -10.27 -19.48
C GLN E 69 -51.20 -10.61 -20.69
N ASN E 70 -52.16 -9.77 -21.07
CA ASN E 70 -52.93 -10.02 -22.28
C ASN E 70 -52.02 -10.07 -23.50
N MET E 71 -51.01 -9.21 -23.54
CA MET E 71 -50.05 -9.20 -24.63
C MET E 71 -49.02 -10.31 -24.46
N ASN E 72 -48.63 -10.59 -23.22
CA ASN E 72 -47.64 -11.64 -22.99
C ASN E 72 -48.17 -13.01 -23.42
N ASN E 73 -49.47 -13.25 -23.23
CA ASN E 73 -50.04 -14.53 -23.62
C ASN E 73 -49.90 -14.75 -25.12
N ALA E 74 -50.33 -13.76 -25.91
CA ALA E 74 -50.20 -13.88 -27.36
C ALA E 74 -48.75 -13.96 -27.79
N GLY E 75 -47.87 -13.23 -27.09
CA GLY E 75 -46.46 -13.29 -27.44
C GLY E 75 -45.87 -14.68 -27.24
N ASP E 76 -46.14 -15.28 -26.09
CA ASP E 76 -45.62 -16.62 -25.85
C ASP E 76 -46.25 -17.64 -26.78
N LYS E 77 -47.54 -17.48 -27.09
CA LYS E 77 -48.16 -18.38 -28.05
C LYS E 77 -47.48 -18.29 -29.41
N TRP E 78 -47.21 -17.08 -29.87
CA TRP E 78 -46.55 -16.90 -31.16
C TRP E 78 -45.15 -17.50 -31.14
N SER E 79 -44.38 -17.24 -30.09
CA SER E 79 -43.03 -17.77 -30.03
C SER E 79 -43.03 -19.30 -30.01
N ALA E 80 -43.96 -19.89 -29.28
CA ALA E 80 -44.04 -21.34 -29.23
C ALA E 80 -44.41 -21.92 -30.60
N PHE E 81 -45.39 -21.31 -31.27
CA PHE E 81 -45.75 -21.76 -32.61
C PHE E 81 -44.55 -21.67 -33.54
N LEU E 82 -43.78 -20.60 -33.44
CA LEU E 82 -42.63 -20.44 -34.31
C LEU E 82 -41.58 -21.51 -34.04
N LYS E 83 -41.33 -21.81 -32.77
CA LYS E 83 -40.35 -22.85 -32.46
C LYS E 83 -40.81 -24.21 -32.95
N GLU E 84 -42.09 -24.52 -32.77
CA GLU E 84 -42.62 -25.79 -33.24
C GLU E 84 -42.47 -25.92 -34.75
N GLN E 85 -42.88 -24.89 -35.49
CA GLN E 85 -42.76 -24.93 -36.94
C GLN E 85 -41.30 -24.98 -37.37
N SER E 86 -40.42 -24.31 -36.66
CA SER E 86 -39.00 -24.35 -37.02
C SER E 86 -38.46 -25.77 -36.90
N THR E 87 -38.74 -26.44 -35.79
CA THR E 87 -38.29 -27.82 -35.66
C THR E 87 -38.96 -28.75 -36.65
N LEU E 88 -40.22 -28.51 -36.98
CA LEU E 88 -40.88 -29.32 -37.98
C LEU E 88 -40.29 -29.11 -39.37
N ALA E 89 -39.77 -27.93 -39.66
CA ALA E 89 -39.30 -27.61 -41.00
C ALA E 89 -37.95 -28.19 -41.33
N GLN E 90 -37.25 -28.78 -40.37
CA GLN E 90 -35.95 -29.37 -40.64
C GLN E 90 -36.05 -30.61 -41.51
N MET E 91 -37.22 -31.21 -41.61
CA MET E 91 -37.39 -32.47 -42.31
C MET E 91 -37.39 -32.32 -43.83
N TYR E 92 -37.30 -31.10 -44.34
CA TYR E 92 -37.12 -30.88 -45.77
C TYR E 92 -35.70 -30.40 -46.01
N PRO E 93 -34.80 -31.26 -46.48
CA PRO E 93 -33.42 -30.83 -46.70
C PRO E 93 -33.35 -29.67 -47.68
N LEU E 94 -32.34 -28.84 -47.53
CA LEU E 94 -32.19 -27.65 -48.35
C LEU E 94 -31.53 -27.92 -49.70
N GLN E 95 -31.06 -29.14 -49.94
CA GLN E 95 -30.19 -29.38 -51.09
C GLN E 95 -30.94 -29.58 -52.40
N GLU E 96 -32.13 -30.16 -52.37
CA GLU E 96 -32.86 -30.48 -53.59
C GLU E 96 -33.96 -29.49 -53.92
N ILE E 97 -34.14 -28.44 -53.11
CA ILE E 97 -35.09 -27.40 -53.45
C ILE E 97 -34.47 -26.53 -54.54
N GLN E 98 -35.17 -26.40 -55.66
CA GLN E 98 -34.67 -25.62 -56.79
C GLN E 98 -35.21 -24.20 -56.83
N ASN E 99 -36.46 -24.00 -56.44
CA ASN E 99 -37.01 -22.64 -56.41
C ASN E 99 -36.29 -21.81 -55.37
N LEU E 100 -35.80 -20.65 -55.79
CA LEU E 100 -35.08 -19.79 -54.86
C LEU E 100 -36.00 -19.15 -53.84
N THR E 101 -37.27 -18.91 -54.19
CA THR E 101 -38.20 -18.36 -53.21
C THR E 101 -38.48 -19.37 -52.10
N VAL E 102 -38.80 -20.60 -52.48
CA VAL E 102 -39.05 -21.64 -51.50
C VAL E 102 -37.80 -21.87 -50.66
N LYS E 103 -36.64 -21.86 -51.29
CA LYS E 103 -35.40 -22.06 -50.55
C LYS E 103 -35.17 -20.91 -49.58
N LEU E 104 -35.49 -19.69 -49.97
CA LEU E 104 -35.35 -18.54 -49.07
C LEU E 104 -36.22 -18.70 -47.84
N GLN E 105 -37.49 -19.04 -48.06
CA GLN E 105 -38.40 -19.19 -46.93
C GLN E 105 -37.94 -20.32 -46.01
N LEU E 106 -37.59 -21.47 -46.59
CA LEU E 106 -37.19 -22.60 -45.76
C LEU E 106 -35.91 -22.31 -45.01
N GLN E 107 -35.00 -21.57 -45.63
CA GLN E 107 -33.75 -21.24 -44.94
C GLN E 107 -33.98 -20.23 -43.83
N ALA E 108 -34.95 -19.34 -44.01
CA ALA E 108 -35.30 -18.44 -42.92
C ALA E 108 -35.95 -19.19 -41.77
N LEU E 109 -36.71 -20.24 -42.07
CA LEU E 109 -37.44 -20.97 -41.06
C LEU E 109 -36.61 -22.05 -40.38
N GLN E 110 -35.56 -22.54 -41.02
CA GLN E 110 -34.78 -23.65 -40.50
C GLN E 110 -33.69 -23.24 -39.55
N GLN E 111 -33.34 -21.97 -39.48
CA GLN E 111 -32.18 -21.55 -38.69
C GLN E 111 -32.44 -21.83 -37.21
N ASN E 112 -31.55 -22.60 -36.59
CA ASN E 112 -31.74 -22.98 -35.20
C ASN E 112 -31.64 -21.77 -34.29
N GLY E 113 -30.67 -20.89 -34.54
CA GLY E 113 -30.46 -19.77 -33.64
C GLY E 113 -29.89 -20.29 -32.34
N SER E 114 -30.50 -19.90 -31.23
CA SER E 114 -30.16 -20.52 -29.96
C SER E 114 -30.84 -21.88 -29.91
N SER E 115 -30.89 -22.49 -28.73
CA SER E 115 -31.41 -23.84 -28.53
C SER E 115 -30.51 -24.89 -29.18
N VAL E 116 -29.38 -24.50 -29.76
CA VAL E 116 -28.34 -25.46 -30.08
C VAL E 116 -27.49 -25.74 -28.86
N LEU E 117 -27.51 -24.87 -27.87
CA LEU E 117 -26.74 -25.07 -26.67
C LEU E 117 -27.48 -26.04 -25.75
N SER E 118 -26.83 -26.40 -24.64
CA SER E 118 -27.45 -27.22 -23.63
C SER E 118 -28.57 -26.42 -22.94
N GLU E 119 -29.18 -27.02 -21.93
CA GLU E 119 -30.15 -26.27 -21.15
C GLU E 119 -29.45 -25.40 -20.12
N ASP E 120 -28.47 -25.96 -19.42
CA ASP E 120 -27.68 -25.17 -18.49
C ASP E 120 -27.05 -23.98 -19.19
N LYS E 121 -26.43 -24.22 -20.35
CA LYS E 121 -25.72 -23.16 -21.04
C LYS E 121 -26.68 -22.08 -21.54
N SER E 122 -27.81 -22.50 -22.12
CA SER E 122 -28.79 -21.52 -22.59
C SER E 122 -29.33 -20.68 -21.44
N LYS E 123 -29.63 -21.31 -20.30
CA LYS E 123 -30.14 -20.54 -19.17
C LYS E 123 -29.08 -19.57 -18.64
N ARG E 124 -27.83 -20.00 -18.59
CA ARG E 124 -26.78 -19.09 -18.14
C ARG E 124 -26.63 -17.92 -19.10
N LEU E 125 -26.76 -18.17 -20.40
CA LEU E 125 -26.69 -17.08 -21.37
C LEU E 125 -27.80 -16.07 -21.15
N ASN E 126 -29.03 -16.54 -21.01
CA ASN E 126 -30.12 -15.61 -20.78
C ASN E 126 -29.92 -14.83 -19.48
N THR E 127 -29.37 -15.50 -18.46
CA THR E 127 -29.14 -14.83 -17.19
C THR E 127 -28.14 -13.69 -17.34
N ILE E 128 -27.04 -13.92 -18.06
CA ILE E 128 -26.07 -12.83 -18.19
C ILE E 128 -26.58 -11.74 -19.10
N LEU E 129 -27.38 -12.08 -20.11
CA LEU E 129 -27.98 -11.02 -20.92
C LEU E 129 -28.85 -10.11 -20.07
N ASN E 130 -29.74 -10.71 -19.27
CA ASN E 130 -30.62 -9.88 -18.44
C ASN E 130 -29.83 -9.11 -17.40
N THR E 131 -28.78 -9.69 -16.85
CA THR E 131 -27.98 -8.98 -15.87
C THR E 131 -27.32 -7.77 -16.48
N MET E 132 -26.73 -7.91 -17.67
CA MET E 132 -26.10 -6.78 -18.32
C MET E 132 -27.11 -5.68 -18.64
N SER E 133 -28.27 -6.07 -19.15
CA SER E 133 -29.30 -5.07 -19.44
C SER E 133 -29.72 -4.32 -18.19
N THR E 134 -29.91 -5.03 -17.07
CA THR E 134 -30.37 -4.38 -15.87
C THR E 134 -29.30 -3.51 -15.25
N ILE E 135 -28.03 -3.92 -15.35
CA ILE E 135 -26.95 -3.07 -14.88
C ILE E 135 -26.94 -1.77 -15.66
N TYR E 136 -27.06 -1.86 -16.98
CA TYR E 136 -27.04 -0.64 -17.80
C TYR E 136 -28.24 0.25 -17.48
N SER E 137 -29.39 -0.36 -17.24
CA SER E 137 -30.61 0.43 -17.11
C SER E 137 -30.74 1.15 -15.78
N THR E 138 -30.21 0.59 -14.69
CA THR E 138 -30.41 1.13 -13.36
C THR E 138 -29.10 1.43 -12.64
N GLY E 139 -28.04 1.68 -13.38
CA GLY E 139 -26.79 2.05 -12.75
C GLY E 139 -26.80 3.51 -12.35
N LYS E 140 -26.14 3.81 -11.24
CA LYS E 140 -26.19 5.13 -10.63
C LYS E 140 -24.80 5.55 -10.23
N VAL E 141 -24.49 6.84 -10.37
CA VAL E 141 -23.27 7.44 -9.86
C VAL E 141 -23.65 8.70 -9.10
N CYS E 142 -22.87 9.04 -8.08
CA CYS E 142 -23.20 10.21 -7.27
C CYS E 142 -21.98 11.03 -6.92
N ASN E 143 -22.29 12.26 -6.51
CA ASN E 143 -21.31 13.29 -6.27
C ASN E 143 -20.23 12.82 -5.29
N PRO E 144 -19.05 13.33 -5.41
CA PRO E 144 -17.99 12.93 -4.48
C PRO E 144 -18.07 13.71 -3.18
N ASP E 145 -18.81 14.83 -3.20
CA ASP E 145 -18.92 15.68 -2.03
C ASP E 145 -20.32 15.72 -1.43
N ASN E 146 -21.26 14.95 -1.98
CA ASN E 146 -22.60 14.82 -1.40
C ASN E 146 -23.14 13.46 -1.80
N PRO E 147 -22.66 12.39 -1.17
CA PRO E 147 -22.92 11.04 -1.68
C PRO E 147 -24.37 10.62 -1.67
N GLN E 148 -25.30 11.50 -1.30
CA GLN E 148 -26.71 11.18 -1.33
C GLN E 148 -27.41 11.81 -2.53
N GLU E 149 -26.70 11.97 -3.63
CA GLU E 149 -27.19 12.66 -4.82
C GLU E 149 -26.92 11.85 -6.08
N CYS E 150 -27.29 10.58 -6.08
CA CYS E 150 -26.93 9.71 -7.17
C CYS E 150 -27.82 9.95 -8.38
N LEU E 151 -27.19 9.99 -9.55
CA LEU E 151 -27.84 10.24 -10.84
C LEU E 151 -27.82 8.98 -11.68
N LEU E 152 -28.90 8.73 -12.41
CA LEU E 152 -28.89 7.65 -13.40
C LEU E 152 -28.24 8.15 -14.67
N LEU E 153 -28.27 7.32 -15.72
CA LEU E 153 -27.73 7.77 -16.98
C LEU E 153 -28.73 8.62 -17.74
N GLU E 154 -29.95 8.10 -17.93
CA GLU E 154 -30.86 8.76 -18.86
C GLU E 154 -31.31 10.12 -18.35
N PRO E 155 -32.07 10.23 -17.28
CA PRO E 155 -32.37 11.59 -16.86
C PRO E 155 -31.30 12.11 -15.92
N GLY E 156 -30.21 12.63 -16.48
CA GLY E 156 -29.28 13.34 -15.62
C GLY E 156 -27.80 13.23 -15.89
N LEU E 157 -27.31 12.10 -16.41
CA LEU E 157 -25.91 12.06 -16.77
C LEU E 157 -25.70 12.54 -18.20
N ASN E 158 -26.46 12.02 -19.14
CA ASN E 158 -26.37 12.51 -20.51
C ASN E 158 -27.18 13.77 -20.71
N GLU E 159 -27.54 14.46 -19.63
CA GLU E 159 -27.89 15.87 -19.69
C GLU E 159 -26.71 16.75 -19.33
N ILE E 160 -25.94 16.38 -18.31
CA ILE E 160 -24.65 17.01 -18.09
C ILE E 160 -23.83 16.94 -19.36
N MET E 161 -23.71 15.74 -19.94
CA MET E 161 -22.82 15.57 -21.06
C MET E 161 -23.28 16.32 -22.30
N ALA E 162 -24.57 16.58 -22.44
CA ALA E 162 -25.08 17.29 -23.59
C ALA E 162 -25.07 18.81 -23.43
N ASN E 163 -25.32 19.32 -22.22
CA ASN E 163 -25.49 20.75 -22.04
C ASN E 163 -24.31 21.45 -21.40
N SER E 164 -23.57 20.79 -20.52
CA SER E 164 -22.62 21.49 -19.68
C SER E 164 -21.45 22.04 -20.49
N LEU E 165 -20.77 23.03 -19.90
CA LEU E 165 -19.58 23.63 -20.48
C LEU E 165 -18.44 23.66 -19.47
N ASP E 166 -18.56 22.91 -18.40
CA ASP E 166 -17.56 22.85 -17.35
C ASP E 166 -16.65 21.65 -17.60
N TYR E 167 -15.37 21.90 -17.85
CA TYR E 167 -14.44 20.81 -18.10
C TYR E 167 -14.45 19.80 -16.97
N ASN E 168 -14.44 20.29 -15.72
CA ASN E 168 -14.31 19.39 -14.59
C ASN E 168 -15.57 18.53 -14.41
N GLU E 169 -16.75 19.12 -14.62
CA GLU E 169 -17.97 18.35 -14.46
C GLU E 169 -18.12 17.30 -15.55
N ARG E 170 -17.78 17.65 -16.78
CA ARG E 170 -17.80 16.69 -17.86
C ARG E 170 -16.83 15.55 -17.60
N LEU E 171 -15.63 15.88 -17.12
CA LEU E 171 -14.67 14.83 -16.82
C LEU E 171 -15.17 13.94 -15.70
N TRP E 172 -15.79 14.52 -14.68
CA TRP E 172 -16.32 13.72 -13.60
C TRP E 172 -17.36 12.74 -14.09
N ALA E 173 -18.32 13.23 -14.88
CA ALA E 173 -19.38 12.35 -15.37
C ALA E 173 -18.81 11.25 -16.26
N TRP E 174 -17.96 11.62 -17.23
CA TRP E 174 -17.40 10.66 -18.15
C TRP E 174 -16.61 9.58 -17.42
N GLU E 175 -15.76 9.98 -16.48
CA GLU E 175 -14.94 8.99 -15.79
C GLU E 175 -15.77 8.12 -14.88
N SER E 176 -16.70 8.70 -14.13
CA SER E 176 -17.41 7.93 -13.13
C SER E 176 -18.40 6.95 -13.75
N TRP E 177 -19.00 7.30 -14.90
CA TRP E 177 -19.89 6.33 -15.53
C TRP E 177 -19.14 5.07 -15.94
N ARG E 178 -17.96 5.22 -16.50
CA ARG E 178 -17.19 4.07 -16.93
C ARG E 178 -16.50 3.36 -15.78
N SER E 179 -16.22 4.07 -14.69
CA SER E 179 -15.53 3.47 -13.57
C SER E 179 -16.46 2.77 -12.59
N GLU E 180 -17.72 3.18 -12.49
CA GLU E 180 -18.62 2.60 -11.53
C GLU E 180 -19.60 1.61 -12.14
N VAL E 181 -19.97 1.79 -13.41
CA VAL E 181 -20.88 0.88 -14.08
C VAL E 181 -20.15 0.06 -15.14
N GLY E 182 -19.17 0.64 -15.80
CA GLY E 182 -18.44 -0.10 -16.81
C GLY E 182 -17.68 -1.28 -16.23
N LYS E 183 -17.19 -1.15 -15.00
CA LYS E 183 -16.40 -2.21 -14.41
C LYS E 183 -17.25 -3.39 -13.96
N GLN E 184 -18.56 -3.20 -13.80
CA GLN E 184 -19.42 -4.32 -13.45
C GLN E 184 -19.74 -5.20 -14.64
N LEU E 185 -19.58 -4.70 -15.86
CA LEU E 185 -19.94 -5.44 -17.05
C LEU E 185 -18.77 -6.22 -17.64
N ARG E 186 -17.56 -6.05 -17.14
CA ARG E 186 -16.43 -6.76 -17.73
C ARG E 186 -16.53 -8.26 -17.50
N PRO E 187 -16.64 -8.77 -16.28
CA PRO E 187 -16.73 -10.23 -16.11
C PRO E 187 -17.94 -10.84 -16.77
N LEU E 188 -18.99 -10.06 -16.99
CA LEU E 188 -20.16 -10.60 -17.68
C LEU E 188 -19.93 -10.63 -19.19
N TYR E 189 -19.27 -9.60 -19.74
CA TYR E 189 -19.01 -9.59 -21.16
C TYR E 189 -18.03 -10.69 -21.55
N GLU E 190 -17.06 -10.96 -20.70
CA GLU E 190 -16.09 -12.01 -21.02
C GLU E 190 -16.77 -13.37 -21.18
N GLU E 191 -17.84 -13.60 -20.43
CA GLU E 191 -18.58 -14.84 -20.51
C GLU E 191 -19.58 -14.83 -21.66
N TYR E 192 -20.13 -13.65 -21.93
CA TYR E 192 -21.07 -13.46 -23.02
C TYR E 192 -20.38 -13.81 -24.35
N VAL E 193 -19.13 -13.37 -24.49
CA VAL E 193 -18.37 -13.64 -25.71
C VAL E 193 -18.26 -15.14 -25.94
N VAL E 194 -17.85 -15.87 -24.90
CA VAL E 194 -17.62 -17.30 -25.04
C VAL E 194 -18.92 -18.03 -25.39
N LEU E 195 -19.99 -17.74 -24.65
CA LEU E 195 -21.24 -18.45 -24.92
C LEU E 195 -21.76 -18.15 -26.31
N LYS E 196 -21.68 -16.89 -26.75
CA LYS E 196 -22.17 -16.55 -28.08
C LYS E 196 -21.31 -17.19 -29.15
N ASN E 197 -20.01 -17.28 -28.93
CA ASN E 197 -19.15 -17.94 -29.90
C ASN E 197 -19.48 -19.41 -30.02
N GLU E 198 -19.78 -20.07 -28.90
CA GLU E 198 -20.20 -21.46 -28.98
C GLU E 198 -21.51 -21.61 -29.74
N MET E 199 -22.49 -20.76 -29.43
CA MET E 199 -23.76 -20.82 -30.13
C MET E 199 -23.58 -20.60 -31.62
N ALA E 200 -22.62 -19.75 -32.00
CA ALA E 200 -22.41 -19.47 -33.41
C ALA E 200 -21.68 -20.59 -34.12
N ARG E 201 -20.63 -21.12 -33.50
CA ARG E 201 -19.89 -22.21 -34.12
C ARG E 201 -20.70 -23.49 -34.21
N ALA E 202 -21.67 -23.69 -33.32
CA ALA E 202 -22.52 -24.85 -33.45
C ALA E 202 -23.49 -24.75 -34.62
N ASN E 203 -23.56 -23.60 -35.29
CA ASN E 203 -24.33 -23.46 -36.52
C ASN E 203 -23.44 -23.28 -37.74
N HIS E 204 -22.17 -23.67 -37.63
CA HIS E 204 -21.20 -23.57 -38.72
C HIS E 204 -21.01 -22.12 -39.18
N TYR E 205 -20.44 -21.31 -38.27
CA TYR E 205 -20.27 -19.89 -38.57
C TYR E 205 -18.91 -19.32 -38.21
N GLU E 206 -18.06 -20.03 -37.49
CA GLU E 206 -16.70 -19.64 -37.09
C GLU E 206 -16.60 -18.59 -35.99
N ASP E 207 -17.66 -17.86 -35.72
CA ASP E 207 -17.72 -16.94 -34.58
C ASP E 207 -19.04 -16.19 -34.59
N TYR E 208 -19.27 -15.36 -33.57
CA TYR E 208 -20.48 -14.56 -33.55
C TYR E 208 -20.42 -13.42 -34.56
N GLY E 209 -19.23 -12.87 -34.81
CA GLY E 209 -19.11 -11.82 -35.80
C GLY E 209 -19.55 -12.27 -37.17
N ASP E 210 -19.17 -13.48 -37.57
CA ASP E 210 -19.60 -14.00 -38.85
C ASP E 210 -21.09 -14.28 -38.87
N TYR E 211 -21.63 -14.75 -37.74
CA TYR E 211 -23.08 -14.91 -37.63
C TYR E 211 -23.79 -13.61 -37.90
N TRP E 212 -23.27 -12.51 -37.35
CA TRP E 212 -23.88 -11.21 -37.58
C TRP E 212 -23.73 -10.77 -39.03
N ARG E 213 -22.53 -10.90 -39.58
CA ARG E 213 -22.32 -10.52 -40.97
C ARG E 213 -23.14 -11.35 -41.93
N GLY E 214 -23.65 -12.49 -41.49
CA GLY E 214 -24.45 -13.32 -42.35
C GLY E 214 -25.73 -12.71 -42.86
N ASP E 215 -26.04 -11.48 -42.49
CA ASP E 215 -27.26 -10.84 -42.98
C ASP E 215 -27.11 -10.29 -44.40
N TYR E 216 -25.88 -10.03 -44.84
CA TYR E 216 -25.63 -9.46 -46.15
C TYR E 216 -25.27 -10.50 -47.19
N GLU E 217 -25.32 -11.77 -46.84
CA GLU E 217 -24.83 -12.84 -47.70
C GLU E 217 -25.86 -13.22 -48.75
N VAL E 218 -25.38 -13.47 -49.97
CA VAL E 218 -26.20 -13.94 -51.07
C VAL E 218 -25.51 -15.14 -51.70
N ASN E 219 -26.27 -16.16 -52.06
CA ASN E 219 -25.71 -17.38 -52.63
C ASN E 219 -26.55 -17.85 -53.81
N GLY E 220 -25.89 -18.15 -54.91
CA GLY E 220 -26.53 -18.82 -56.03
C GLY E 220 -27.48 -17.96 -56.84
N VAL E 221 -27.02 -16.81 -57.31
CA VAL E 221 -27.78 -16.00 -58.26
C VAL E 221 -26.97 -15.63 -59.49
N ASP E 222 -25.66 -15.89 -59.50
CA ASP E 222 -24.83 -15.80 -60.71
C ASP E 222 -24.84 -14.38 -61.27
N GLY E 223 -24.23 -13.48 -60.50
CA GLY E 223 -24.07 -12.10 -60.92
C GLY E 223 -24.25 -11.18 -59.75
N TYR E 224 -25.02 -11.62 -58.76
CA TYR E 224 -25.33 -10.82 -57.59
C TYR E 224 -24.93 -11.50 -56.29
N ASP E 225 -23.95 -12.39 -56.32
CA ASP E 225 -23.53 -13.04 -55.10
C ASP E 225 -22.80 -12.07 -54.19
N TYR E 226 -22.67 -12.46 -52.93
CA TYR E 226 -22.02 -11.61 -51.93
C TYR E 226 -21.62 -12.49 -50.77
N SER E 227 -20.34 -12.48 -50.41
CA SER E 227 -19.85 -13.33 -49.35
C SER E 227 -19.93 -12.62 -48.01
N ARG E 228 -19.85 -13.40 -46.93
CA ARG E 228 -19.89 -12.82 -45.60
C ARG E 228 -18.58 -12.17 -45.20
N GLY E 229 -17.49 -12.51 -45.87
CA GLY E 229 -16.21 -11.87 -45.59
C GLY E 229 -15.90 -10.72 -46.50
N GLN E 230 -16.71 -10.50 -47.52
CA GLN E 230 -16.54 -9.36 -48.40
C GLN E 230 -17.05 -8.08 -47.77
N LEU E 231 -17.95 -8.18 -46.80
CA LEU E 231 -18.47 -6.98 -46.15
C LEU E 231 -17.37 -6.20 -45.48
N ILE E 232 -16.42 -6.89 -44.85
CA ILE E 232 -15.31 -6.20 -44.20
C ILE E 232 -14.52 -5.42 -45.23
N GLU E 233 -14.28 -6.02 -46.40
CA GLU E 233 -13.51 -5.34 -47.43
C GLU E 233 -14.25 -4.13 -47.97
N ASP E 234 -15.55 -4.26 -48.22
CA ASP E 234 -16.31 -3.12 -48.71
C ASP E 234 -16.32 -2.00 -47.69
N VAL E 235 -16.47 -2.33 -46.41
CA VAL E 235 -16.49 -1.30 -45.38
C VAL E 235 -15.16 -0.58 -45.33
N GLU E 236 -14.06 -1.33 -45.33
CA GLU E 236 -12.75 -0.71 -45.22
C GLU E 236 -12.36 0.05 -46.49
N HIS E 237 -12.91 -0.33 -47.63
CA HIS E 237 -12.59 0.40 -48.85
C HIS E 237 -13.43 1.64 -49.02
N THR E 238 -14.65 1.64 -48.48
CA THR E 238 -15.43 2.87 -48.52
C THR E 238 -15.00 3.85 -47.45
N PHE E 239 -14.51 3.36 -46.31
CA PHE E 239 -14.08 4.29 -45.28
C PHE E 239 -12.83 5.05 -45.70
N GLU E 240 -12.03 4.48 -46.59
CA GLU E 240 -10.78 5.13 -46.98
C GLU E 240 -11.00 6.41 -47.76
N GLU E 241 -12.17 6.59 -48.35
CA GLU E 241 -12.47 7.80 -49.10
C GLU E 241 -13.14 8.87 -48.28
N ILE E 242 -13.59 8.55 -47.06
CA ILE E 242 -14.17 9.56 -46.19
C ILE E 242 -13.14 10.26 -45.34
N LYS E 243 -11.95 9.67 -45.18
CA LYS E 243 -10.95 10.29 -44.32
C LYS E 243 -10.57 11.70 -44.73
N PRO E 244 -10.46 12.06 -46.01
CA PRO E 244 -10.15 13.45 -46.33
C PRO E 244 -11.21 14.45 -45.89
N LEU E 245 -12.47 14.03 -45.77
CA LEU E 245 -13.49 14.97 -45.32
C LEU E 245 -13.59 14.98 -43.81
N TYR E 246 -13.50 13.82 -43.18
CA TYR E 246 -13.53 13.76 -41.74
C TYR E 246 -12.31 14.44 -41.14
N GLU E 247 -11.18 14.45 -41.84
CA GLU E 247 -10.00 15.11 -41.28
C GLU E 247 -10.18 16.61 -41.26
N HIS E 248 -10.78 17.18 -42.30
CA HIS E 248 -11.01 18.61 -42.30
C HIS E 248 -12.08 19.00 -41.29
N LEU E 249 -13.13 18.19 -41.16
CA LEU E 249 -14.13 18.46 -40.13
C LEU E 249 -13.52 18.36 -38.74
N HIS E 250 -12.67 17.36 -38.51
CA HIS E 250 -11.99 17.20 -37.23
C HIS E 250 -11.12 18.41 -36.93
N ALA E 251 -10.36 18.88 -37.91
CA ALA E 251 -9.49 20.03 -37.68
C ALA E 251 -10.29 21.28 -37.37
N TYR E 252 -11.39 21.49 -38.10
CA TYR E 252 -12.21 22.67 -37.85
C TYR E 252 -12.84 22.63 -36.46
N VAL E 253 -13.38 21.48 -36.07
CA VAL E 253 -13.98 21.36 -34.75
C VAL E 253 -12.93 21.52 -33.66
N ARG E 254 -11.72 21.02 -33.89
CA ARG E 254 -10.66 21.22 -32.90
C ARG E 254 -10.32 22.69 -32.74
N ALA E 255 -10.22 23.41 -33.85
CA ALA E 255 -9.93 24.82 -33.76
C ALA E 255 -11.03 25.59 -33.06
N LYS E 256 -12.28 25.21 -33.26
CA LYS E 256 -13.36 25.93 -32.58
C LYS E 256 -13.48 25.54 -31.11
N LEU E 257 -13.08 24.32 -30.75
CA LEU E 257 -13.06 23.93 -29.35
C LEU E 257 -11.89 24.55 -28.59
N MET E 258 -10.81 24.87 -29.27
CA MET E 258 -9.73 25.54 -28.57
C MET E 258 -10.10 26.90 -28.07
N ASN E 259 -11.29 27.44 -28.35
CA ASN E 259 -11.73 28.70 -27.77
C ASN E 259 -12.67 28.52 -26.60
N ALA E 260 -13.38 27.40 -26.52
CA ALA E 260 -14.25 27.15 -25.39
C ALA E 260 -13.51 26.53 -24.23
N TYR E 261 -12.47 25.74 -24.50
CA TYR E 261 -11.65 25.14 -23.47
C TYR E 261 -10.19 25.49 -23.76
N PRO E 262 -9.79 26.73 -23.51
CA PRO E 262 -8.39 27.10 -23.77
C PRO E 262 -7.47 26.44 -22.77
N SER E 263 -6.27 26.09 -23.25
CA SER E 263 -5.23 25.44 -22.46
C SER E 263 -5.54 24.00 -22.16
N TYR E 264 -6.52 23.41 -22.85
CA TYR E 264 -6.87 22.02 -22.66
C TYR E 264 -6.77 21.18 -23.92
N ILE E 265 -6.78 21.79 -25.10
CA ILE E 265 -6.69 21.08 -26.36
C ILE E 265 -5.34 21.39 -26.99
N SER E 266 -4.74 20.40 -27.63
CA SER E 266 -3.51 20.73 -28.29
C SER E 266 -3.73 20.91 -29.78
N PRO E 267 -3.17 21.94 -30.40
CA PRO E 267 -3.51 22.24 -31.80
C PRO E 267 -2.98 21.24 -32.81
N ILE E 268 -2.35 20.14 -32.37
CA ILE E 268 -1.89 19.11 -33.29
C ILE E 268 -2.25 17.71 -32.80
N GLY E 269 -2.99 17.57 -31.71
CA GLY E 269 -3.32 16.28 -31.16
C GLY E 269 -4.78 15.91 -31.35
N CYS E 270 -5.16 14.83 -30.69
CA CYS E 270 -6.52 14.33 -30.75
C CYS E 270 -7.42 15.23 -29.90
N LEU E 271 -8.67 14.84 -29.75
CA LEU E 271 -9.65 15.57 -28.96
C LEU E 271 -9.98 14.79 -27.72
N PRO E 272 -9.97 15.39 -26.54
CA PRO E 272 -10.32 14.63 -25.34
C PRO E 272 -11.72 14.07 -25.47
N ALA E 273 -11.91 12.84 -24.99
CA ALA E 273 -13.11 12.11 -25.33
C ALA E 273 -14.33 12.58 -24.56
N HIS E 274 -14.17 13.49 -23.61
CA HIS E 274 -15.31 13.91 -22.79
C HIS E 274 -15.87 15.25 -23.22
N LEU E 275 -15.33 15.86 -24.26
CA LEU E 275 -15.76 17.18 -24.69
C LEU E 275 -16.57 17.14 -25.97
N LEU E 276 -17.18 16.00 -26.30
CA LEU E 276 -17.67 15.77 -27.65
C LEU E 276 -19.17 15.94 -27.82
N GLY E 277 -19.94 16.04 -26.75
CA GLY E 277 -21.34 16.30 -26.96
C GLY E 277 -22.28 15.29 -26.34
N ASP E 278 -21.81 14.09 -26.06
CA ASP E 278 -22.58 13.15 -25.27
C ASP E 278 -21.62 12.18 -24.60
N MET E 279 -22.17 11.14 -23.98
CA MET E 279 -21.36 10.33 -23.08
C MET E 279 -20.31 9.52 -23.83
N TRP E 280 -20.55 9.21 -25.10
CA TRP E 280 -19.61 8.40 -25.85
C TRP E 280 -18.95 9.11 -27.00
N GLY E 281 -19.58 10.13 -27.56
CA GLY E 281 -19.10 10.73 -28.77
C GLY E 281 -19.69 10.13 -30.02
N ARG E 282 -20.88 9.54 -29.91
CA ARG E 282 -21.48 8.88 -31.06
C ARG E 282 -21.91 9.88 -32.11
N PHE E 283 -22.50 11.00 -31.70
CA PHE E 283 -22.83 12.10 -32.59
C PHE E 283 -22.20 13.36 -32.05
N TRP E 284 -21.73 14.22 -32.96
CA TRP E 284 -21.20 15.51 -32.57
C TRP E 284 -22.25 16.61 -32.64
N THR E 285 -23.53 16.26 -32.63
CA THR E 285 -24.54 17.23 -32.97
C THR E 285 -24.73 18.29 -31.90
N ASN E 286 -24.20 18.08 -30.71
CA ASN E 286 -24.37 19.04 -29.62
C ASN E 286 -23.26 20.08 -29.56
N LEU E 287 -22.29 20.01 -30.45
CA LEU E 287 -21.28 21.03 -30.57
C LEU E 287 -21.64 22.10 -31.58
N TYR E 288 -22.92 22.20 -31.95
CA TYR E 288 -23.28 23.18 -32.96
C TYR E 288 -23.19 24.59 -32.41
N SER E 289 -23.63 24.80 -31.17
CA SER E 289 -23.58 26.12 -30.59
C SER E 289 -22.16 26.65 -30.48
N LEU E 290 -21.18 25.77 -30.31
CA LEU E 290 -19.80 26.21 -30.23
C LEU E 290 -19.16 26.40 -31.59
N THR E 291 -19.61 25.67 -32.60
CA THR E 291 -18.90 25.62 -33.87
C THR E 291 -19.75 26.12 -35.03
N VAL E 292 -20.77 26.92 -34.75
CA VAL E 292 -21.60 27.42 -35.84
C VAL E 292 -20.77 28.36 -36.72
N PRO E 293 -20.83 28.24 -38.04
CA PRO E 293 -20.00 29.07 -38.90
C PRO E 293 -20.33 30.55 -38.82
N PHE E 294 -21.58 30.91 -39.08
CA PHE E 294 -22.03 32.30 -39.06
C PHE E 294 -23.14 32.40 -38.02
N GLY E 295 -22.78 32.68 -36.78
CA GLY E 295 -23.72 32.62 -35.69
C GLY E 295 -24.83 33.64 -35.70
N GLN E 296 -24.81 34.61 -36.61
CA GLN E 296 -25.81 35.66 -36.63
C GLN E 296 -26.89 35.43 -37.68
N LYS E 297 -26.88 34.28 -38.35
CA LYS E 297 -27.90 33.93 -39.34
C LYS E 297 -28.68 32.72 -38.84
N PRO E 298 -29.83 32.90 -38.20
CA PRO E 298 -30.59 31.75 -37.74
C PRO E 298 -31.15 30.97 -38.92
N ASN E 299 -31.05 29.65 -38.85
CA ASN E 299 -31.47 28.83 -39.97
C ASN E 299 -32.98 28.66 -39.99
N ILE E 300 -33.47 28.09 -41.08
CA ILE E 300 -34.91 28.00 -41.31
C ILE E 300 -35.55 27.20 -40.20
N ASP E 301 -36.64 27.74 -39.65
CA ASP E 301 -37.41 27.04 -38.61
C ASP E 301 -38.85 27.51 -38.75
N VAL E 302 -39.65 26.76 -39.51
CA VAL E 302 -41.05 27.12 -39.72
C VAL E 302 -41.84 26.44 -38.60
N THR E 303 -41.80 27.03 -37.43
CA THR E 303 -42.61 26.58 -36.31
C THR E 303 -43.71 27.56 -35.95
N ASP E 304 -43.37 28.82 -35.73
CA ASP E 304 -44.39 29.82 -35.44
C ASP E 304 -45.30 30.04 -36.63
N ALA E 305 -44.77 29.91 -37.85
CA ALA E 305 -45.61 30.05 -39.02
C ALA E 305 -46.63 28.92 -39.11
N MET E 306 -46.44 27.85 -38.33
CA MET E 306 -47.43 26.78 -38.30
C MET E 306 -48.53 27.07 -37.30
N VAL E 307 -48.17 27.54 -36.11
CA VAL E 307 -49.20 27.84 -35.12
C VAL E 307 -49.99 29.08 -35.54
N ASP E 308 -49.35 30.04 -36.17
CA ASP E 308 -50.06 31.22 -36.65
C ASP E 308 -51.03 30.90 -37.79
N GLN E 309 -50.84 29.78 -38.48
CA GLN E 309 -51.77 29.35 -39.50
C GLN E 309 -52.72 28.28 -38.99
N ALA E 310 -52.75 28.05 -37.69
CA ALA E 310 -53.67 27.10 -37.05
C ALA E 310 -53.49 25.69 -37.61
N TRP E 311 -52.28 25.16 -37.42
CA TRP E 311 -51.97 23.81 -37.84
C TRP E 311 -52.12 22.85 -36.68
N ASP E 312 -52.78 21.72 -36.93
CA ASP E 312 -53.01 20.71 -35.92
C ASP E 312 -52.41 19.39 -36.37
N ALA E 313 -52.49 18.38 -35.51
CA ALA E 313 -51.87 17.10 -35.79
C ALA E 313 -52.42 16.44 -37.04
N GLN E 314 -53.65 16.73 -37.43
CA GLN E 314 -54.19 16.13 -38.63
C GLN E 314 -53.72 16.83 -39.90
N ARG E 315 -53.51 18.13 -39.85
CA ARG E 315 -53.02 18.85 -41.02
C ARG E 315 -51.62 18.38 -41.40
N ILE E 316 -50.77 18.10 -40.40
CA ILE E 316 -49.43 17.60 -40.67
C ILE E 316 -49.49 16.34 -41.50
N PHE E 317 -50.28 15.37 -41.06
CA PHE E 317 -50.32 14.09 -41.76
C PHE E 317 -51.05 14.20 -43.09
N LYS E 318 -52.01 15.10 -43.21
CA LYS E 318 -52.62 15.33 -44.52
C LYS E 318 -51.60 15.87 -45.50
N GLU E 319 -50.75 16.78 -45.06
CA GLU E 319 -49.71 17.30 -45.94
C GLU E 319 -48.72 16.22 -46.30
N ALA E 320 -48.34 15.37 -45.34
CA ALA E 320 -47.43 14.27 -45.64
C ALA E 320 -48.02 13.34 -46.68
N GLU E 321 -49.29 12.97 -46.50
CA GLU E 321 -49.94 12.08 -47.45
C GLU E 321 -50.02 12.72 -48.83
N LYS E 322 -50.27 14.02 -48.88
CA LYS E 322 -50.30 14.70 -50.17
C LYS E 322 -48.93 14.67 -50.83
N PHE E 323 -47.87 14.86 -50.05
CA PHE E 323 -46.52 14.78 -50.60
C PHE E 323 -46.25 13.40 -51.17
N PHE E 324 -46.69 12.36 -50.48
CA PHE E 324 -46.41 11.01 -50.97
C PHE E 324 -47.23 10.70 -52.21
N VAL E 325 -48.47 11.17 -52.27
CA VAL E 325 -49.26 10.99 -53.49
C VAL E 325 -48.71 11.80 -54.65
N SER E 326 -47.99 12.89 -54.37
CA SER E 326 -47.46 13.73 -55.43
C SER E 326 -46.51 12.94 -56.34
N VAL E 327 -45.71 12.04 -55.78
CA VAL E 327 -44.75 11.30 -56.58
C VAL E 327 -45.34 10.06 -57.23
N GLY E 328 -46.60 9.76 -56.99
CA GLY E 328 -47.25 8.62 -57.58
C GLY E 328 -47.47 7.43 -56.68
N LEU E 329 -47.37 7.59 -55.38
CA LEU E 329 -47.61 6.52 -54.45
C LEU E 329 -49.04 6.59 -53.92
N PRO E 330 -49.58 5.48 -53.43
CA PRO E 330 -51.00 5.44 -53.08
C PRO E 330 -51.34 6.29 -51.86
N ASN E 331 -52.63 6.45 -51.66
CA ASN E 331 -53.18 7.14 -50.50
C ASN E 331 -52.94 6.31 -49.24
N MET E 332 -53.47 6.79 -48.13
CA MET E 332 -53.51 5.98 -46.92
C MET E 332 -54.71 5.06 -46.97
N THR E 333 -54.66 4.00 -46.16
CA THR E 333 -55.56 2.86 -46.34
C THR E 333 -56.97 3.09 -45.79
N GLN E 334 -57.25 4.28 -45.25
CA GLN E 334 -58.59 4.66 -44.80
C GLN E 334 -58.96 3.94 -43.50
N GLY E 335 -58.16 2.96 -43.10
CA GLY E 335 -58.26 2.42 -41.77
C GLY E 335 -57.17 3.08 -40.96
N PHE E 336 -56.21 3.65 -41.69
CA PHE E 336 -55.13 4.39 -41.07
C PHE E 336 -55.64 5.61 -40.33
N TRP E 337 -56.70 6.23 -40.84
CA TRP E 337 -57.23 7.44 -40.22
C TRP E 337 -58.07 7.16 -38.99
N GLU E 338 -58.64 5.96 -38.88
CA GLU E 338 -59.50 5.64 -37.75
C GLU E 338 -58.74 5.03 -36.59
N ASN E 339 -57.80 4.13 -36.87
CA ASN E 339 -57.19 3.34 -35.81
C ASN E 339 -55.89 3.93 -35.28
N SER E 340 -55.31 4.89 -36.01
CA SER E 340 -54.04 5.50 -35.59
C SER E 340 -54.18 6.48 -34.43
N MET E 341 -53.14 6.54 -33.59
CA MET E 341 -53.13 7.45 -32.45
C MET E 341 -52.18 8.59 -32.78
N LEU E 342 -52.72 9.62 -33.42
CA LEU E 342 -51.89 10.74 -33.88
C LEU E 342 -51.68 11.80 -32.82
N THR E 343 -52.42 11.76 -31.71
CA THR E 343 -52.27 12.73 -30.65
C THR E 343 -52.09 12.03 -29.32
N ASP E 344 -51.54 12.75 -28.35
CA ASP E 344 -51.41 12.20 -27.01
C ASP E 344 -52.79 12.06 -26.39
N PRO E 345 -53.16 10.89 -25.89
CA PRO E 345 -54.44 10.75 -25.20
C PRO E 345 -54.41 11.51 -23.89
N GLY E 346 -55.40 12.37 -23.68
CA GLY E 346 -55.29 13.38 -22.66
C GLY E 346 -55.36 12.94 -21.22
N ASN E 347 -56.52 12.49 -20.76
CA ASN E 347 -56.80 12.43 -19.34
C ASN E 347 -55.89 11.47 -18.58
N VAL E 348 -56.14 10.17 -18.72
CA VAL E 348 -55.21 9.13 -18.30
C VAL E 348 -55.34 7.93 -19.24
N GLN E 349 -54.45 7.86 -20.22
CA GLN E 349 -54.42 6.74 -21.13
C GLN E 349 -52.98 6.41 -21.44
N LYS E 350 -52.15 6.41 -20.40
CA LYS E 350 -50.69 6.42 -20.55
C LYS E 350 -50.21 5.49 -21.64
N ALA E 351 -49.43 6.04 -22.56
CA ALA E 351 -48.92 5.31 -23.71
C ALA E 351 -47.46 5.67 -23.90
N VAL E 352 -46.71 4.77 -24.52
CA VAL E 352 -45.30 5.04 -24.79
C VAL E 352 -45.22 6.01 -25.96
N CYS E 353 -44.96 7.29 -25.65
CA CYS E 353 -44.89 8.33 -26.67
C CYS E 353 -43.57 8.20 -27.42
N HIS E 354 -43.49 7.18 -28.25
CA HIS E 354 -42.35 6.95 -29.12
C HIS E 354 -42.84 6.69 -30.53
N PRO E 355 -42.52 7.56 -31.48
CA PRO E 355 -43.14 7.47 -32.80
C PRO E 355 -42.71 6.21 -33.54
N THR E 356 -43.69 5.41 -33.94
CA THR E 356 -43.43 4.18 -34.67
C THR E 356 -44.50 3.94 -35.71
N ALA E 357 -44.17 3.09 -36.67
CA ALA E 357 -45.11 2.65 -37.70
C ALA E 357 -45.43 1.19 -37.47
N TRP E 358 -46.70 0.86 -37.38
CA TRP E 358 -47.16 -0.49 -37.08
C TRP E 358 -47.74 -1.14 -38.32
N ASP E 359 -47.41 -2.41 -38.49
CA ASP E 359 -47.74 -3.21 -39.66
C ASP E 359 -48.48 -4.47 -39.24
N LEU E 360 -49.56 -4.30 -38.48
CA LEU E 360 -50.18 -5.43 -37.78
C LEU E 360 -50.44 -6.62 -38.69
N GLY E 361 -50.61 -6.41 -39.98
CA GLY E 361 -50.88 -7.49 -40.90
C GLY E 361 -52.31 -7.47 -41.41
N LYS E 362 -52.55 -8.29 -42.42
CA LYS E 362 -53.87 -8.43 -43.02
C LYS E 362 -54.45 -7.09 -43.48
N GLY E 363 -53.58 -6.13 -43.75
CA GLY E 363 -54.02 -4.83 -44.21
C GLY E 363 -54.25 -3.81 -43.12
N ASP E 364 -53.57 -3.91 -41.99
CA ASP E 364 -53.73 -2.99 -40.88
C ASP E 364 -52.42 -2.23 -40.67
N PHE E 365 -52.37 -1.01 -41.19
CA PHE E 365 -51.23 -0.13 -41.03
C PHE E 365 -51.61 1.04 -40.15
N ARG E 366 -50.79 1.33 -39.14
CA ARG E 366 -51.11 2.38 -38.18
C ARG E 366 -49.84 3.15 -37.84
N ILE E 367 -50.02 4.29 -37.19
CA ILE E 367 -48.91 5.14 -36.76
C ILE E 367 -49.16 5.53 -35.31
N LEU E 368 -48.14 5.39 -34.47
CA LEU E 368 -48.24 5.73 -33.07
C LEU E 368 -47.24 6.84 -32.75
N MET E 369 -47.74 8.06 -32.58
CA MET E 369 -46.89 9.15 -32.18
C MET E 369 -47.74 10.25 -31.55
N CYS E 370 -47.17 10.93 -30.57
CA CYS E 370 -47.81 12.01 -29.85
C CYS E 370 -47.26 13.32 -30.41
N THR E 371 -47.85 13.78 -31.51
CA THR E 371 -47.30 14.91 -32.23
C THR E 371 -47.66 16.22 -31.57
N LYS E 372 -46.66 17.08 -31.43
CA LYS E 372 -46.90 18.48 -31.10
C LYS E 372 -47.05 19.25 -32.42
N VAL E 373 -47.06 20.57 -32.35
CA VAL E 373 -47.02 21.37 -33.57
C VAL E 373 -45.69 22.08 -33.62
N THR E 374 -44.70 21.45 -34.25
CA THR E 374 -43.37 22.01 -34.37
C THR E 374 -42.89 21.74 -35.79
N MET E 375 -41.59 21.94 -36.02
CA MET E 375 -41.00 21.55 -37.29
C MET E 375 -40.45 20.13 -37.26
N ASP E 376 -39.87 19.71 -36.14
CA ASP E 376 -39.32 18.36 -36.06
C ASP E 376 -40.39 17.30 -36.21
N ASP E 377 -41.56 17.51 -35.64
CA ASP E 377 -42.64 16.56 -35.85
C ASP E 377 -43.15 16.60 -37.28
N PHE E 378 -43.07 17.76 -37.93
CA PHE E 378 -43.41 17.83 -39.34
C PHE E 378 -42.51 16.95 -40.18
N LEU E 379 -41.27 16.75 -39.74
CA LEU E 379 -40.36 15.87 -40.47
C LEU E 379 -40.52 14.42 -40.05
N THR E 380 -40.76 14.19 -38.75
CA THR E 380 -40.96 12.82 -38.29
C THR E 380 -42.20 12.20 -38.90
N ALA E 381 -43.22 13.02 -39.19
CA ALA E 381 -44.38 12.49 -39.90
C ALA E 381 -43.97 11.88 -41.24
N HIS E 382 -43.15 12.61 -42.01
CA HIS E 382 -42.69 12.08 -43.28
C HIS E 382 -41.82 10.85 -43.09
N HIS E 383 -40.94 10.87 -42.09
CA HIS E 383 -40.08 9.73 -41.85
C HIS E 383 -40.91 8.48 -41.58
N GLU E 384 -41.95 8.58 -40.76
CA GLU E 384 -42.73 7.41 -40.40
C GLU E 384 -43.65 6.97 -41.53
N MET E 385 -44.25 7.92 -42.25
CA MET E 385 -45.07 7.51 -43.38
C MET E 385 -44.22 6.88 -44.47
N GLY E 386 -42.92 7.15 -44.50
CA GLY E 386 -42.05 6.40 -45.40
C GLY E 386 -42.02 4.91 -45.06
N HIS E 387 -41.87 4.60 -43.77
CA HIS E 387 -41.97 3.21 -43.33
C HIS E 387 -43.31 2.62 -43.71
N ILE E 388 -44.39 3.38 -43.51
CA ILE E 388 -45.71 2.85 -43.81
C ILE E 388 -45.84 2.54 -45.30
N GLN E 389 -45.26 3.39 -46.14
CA GLN E 389 -45.34 3.14 -47.59
C GLN E 389 -44.51 1.93 -47.98
N TYR E 390 -43.34 1.77 -47.37
CA TYR E 390 -42.56 0.56 -47.61
C TYR E 390 -43.37 -0.68 -47.23
N ASP E 391 -44.06 -0.63 -46.08
CA ASP E 391 -44.84 -1.78 -45.63
C ASP E 391 -46.01 -2.04 -46.57
N MET E 392 -46.68 -0.99 -47.04
CA MET E 392 -47.78 -1.19 -47.97
C MET E 392 -47.28 -1.74 -49.30
N ALA E 393 -46.03 -1.50 -49.64
CA ALA E 393 -45.53 -1.90 -50.95
C ALA E 393 -45.43 -3.41 -51.08
N TYR E 394 -44.78 -4.07 -50.13
CA TYR E 394 -44.52 -5.50 -50.24
C TYR E 394 -45.53 -6.35 -49.51
N ALA E 395 -46.72 -5.83 -49.24
CA ALA E 395 -47.71 -6.63 -48.51
C ALA E 395 -48.23 -7.80 -49.31
N ALA E 396 -47.81 -7.97 -50.55
CA ALA E 396 -48.24 -9.09 -51.37
C ALA E 396 -47.24 -10.24 -51.38
N GLN E 397 -46.18 -10.15 -50.59
CA GLN E 397 -45.20 -11.22 -50.55
C GLN E 397 -45.58 -12.25 -49.50
N PRO E 398 -45.03 -13.46 -49.60
CA PRO E 398 -45.21 -14.45 -48.52
C PRO E 398 -44.72 -13.90 -47.19
N PHE E 399 -45.32 -14.42 -46.12
CA PHE E 399 -45.16 -13.80 -44.81
C PHE E 399 -43.68 -13.67 -44.43
N LEU E 400 -42.87 -14.66 -44.76
CA LEU E 400 -41.48 -14.61 -44.35
C LEU E 400 -40.65 -13.61 -45.13
N LEU E 401 -41.12 -13.19 -46.31
CA LEU E 401 -40.37 -12.29 -47.16
C LEU E 401 -40.91 -10.86 -47.12
N ARG E 402 -41.32 -10.40 -45.95
CA ARG E 402 -41.82 -9.05 -45.75
C ARG E 402 -40.85 -8.33 -44.83
N ASN E 403 -39.88 -7.66 -45.43
CA ASN E 403 -38.88 -6.88 -44.71
C ASN E 403 -38.05 -6.15 -45.75
N GLY E 404 -37.16 -5.29 -45.29
CA GLY E 404 -36.24 -4.64 -46.20
C GLY E 404 -35.29 -5.65 -46.80
N ALA E 405 -34.65 -5.25 -47.91
CA ALA E 405 -33.73 -6.15 -48.59
C ALA E 405 -32.61 -6.59 -47.66
N ASN E 406 -32.16 -5.71 -46.78
CA ASN E 406 -31.34 -6.12 -45.65
C ASN E 406 -31.62 -5.14 -44.51
N GLU E 407 -30.78 -5.17 -43.49
CA GLU E 407 -31.10 -4.44 -42.27
C GLU E 407 -30.99 -2.94 -42.42
N GLY E 408 -30.46 -2.44 -43.52
CA GLY E 408 -30.28 -1.01 -43.64
C GLY E 408 -31.19 -0.32 -44.62
N PHE E 409 -32.08 -1.06 -45.28
CA PHE E 409 -32.90 -0.45 -46.31
C PHE E 409 -34.06 0.34 -45.73
N HIS E 410 -34.68 -0.18 -44.67
CA HIS E 410 -35.91 0.43 -44.17
C HIS E 410 -35.66 1.84 -43.67
N GLU E 411 -34.64 2.01 -42.82
CA GLU E 411 -34.38 3.34 -42.29
C GLU E 411 -33.88 4.30 -43.34
N ALA E 412 -33.18 3.81 -44.36
CA ALA E 412 -32.74 4.69 -45.44
C ALA E 412 -33.94 5.21 -46.22
N VAL E 413 -34.87 4.33 -46.56
CA VAL E 413 -36.08 4.77 -47.25
C VAL E 413 -36.86 5.74 -46.37
N GLY E 414 -36.82 5.54 -45.06
CA GLY E 414 -37.44 6.50 -44.18
C GLY E 414 -36.75 7.85 -44.22
N GLU E 415 -35.42 7.87 -44.20
CA GLU E 415 -34.69 9.11 -44.05
C GLU E 415 -34.70 9.98 -45.29
N ILE E 416 -34.73 9.39 -46.48
CA ILE E 416 -34.69 10.25 -47.66
C ILE E 416 -35.94 11.12 -47.75
N MET E 417 -37.04 10.67 -47.18
CA MET E 417 -38.27 11.48 -47.19
C MET E 417 -38.10 12.74 -46.37
N SER E 418 -37.60 12.60 -45.14
CA SER E 418 -37.35 13.78 -44.33
C SER E 418 -36.27 14.65 -44.93
N LEU E 419 -35.31 14.05 -45.65
CA LEU E 419 -34.33 14.85 -46.36
C LEU E 419 -35.01 15.75 -47.38
N SER E 420 -35.89 15.18 -48.19
CA SER E 420 -36.52 15.95 -49.26
C SER E 420 -37.54 16.94 -48.74
N ALA E 421 -38.19 16.65 -47.63
CA ALA E 421 -39.29 17.51 -47.19
C ALA E 421 -38.86 18.68 -46.34
N ALA E 422 -37.56 18.86 -46.08
CA ALA E 422 -37.08 19.95 -45.25
C ALA E 422 -36.29 20.98 -46.03
N THR E 423 -36.46 21.03 -47.33
CA THR E 423 -35.77 22.02 -48.13
C THR E 423 -36.62 23.28 -48.24
N PRO E 424 -36.00 24.46 -48.31
CA PRO E 424 -36.78 25.69 -48.46
C PRO E 424 -37.66 25.69 -49.69
N LYS E 425 -37.26 25.00 -50.75
CA LYS E 425 -38.10 24.94 -51.95
C LYS E 425 -39.43 24.26 -51.65
N HIS E 426 -39.42 23.24 -50.80
CA HIS E 426 -40.66 22.56 -50.45
C HIS E 426 -41.46 23.35 -49.42
N LEU E 427 -40.76 23.90 -48.43
CA LEU E 427 -41.44 24.64 -47.37
C LEU E 427 -42.13 25.89 -47.92
N LYS E 428 -41.51 26.59 -48.86
CA LYS E 428 -42.12 27.77 -49.42
C LYS E 428 -43.21 27.44 -50.43
N SER E 429 -43.26 26.21 -50.93
CA SER E 429 -44.36 25.79 -51.78
C SER E 429 -45.55 25.29 -50.98
N ILE E 430 -45.31 24.76 -49.79
CA ILE E 430 -46.43 24.43 -48.90
C ILE E 430 -47.14 25.69 -48.46
N GLY E 431 -46.39 26.72 -48.10
CA GLY E 431 -46.94 27.94 -47.54
C GLY E 431 -46.35 28.33 -46.21
N LEU E 432 -45.32 27.64 -45.71
CA LEU E 432 -44.73 27.96 -44.42
C LEU E 432 -43.60 28.96 -44.52
N LEU E 433 -43.21 29.37 -45.73
CA LEU E 433 -42.19 30.38 -45.92
C LEU E 433 -42.75 31.53 -46.74
N SER E 434 -42.13 32.69 -46.58
CA SER E 434 -42.52 33.83 -47.39
C SER E 434 -42.34 33.50 -48.86
N PRO E 435 -43.23 33.96 -49.75
CA PRO E 435 -43.14 33.56 -51.16
C PRO E 435 -41.86 34.01 -51.84
N ASP E 436 -41.15 35.00 -51.31
CA ASP E 436 -39.88 35.40 -51.92
C ASP E 436 -38.70 34.72 -51.24
N PHE E 437 -38.48 35.01 -49.95
CA PHE E 437 -37.45 34.38 -49.13
C PHE E 437 -36.14 34.14 -49.87
N GLN E 438 -35.45 35.21 -50.25
CA GLN E 438 -34.14 35.03 -50.87
C GLN E 438 -33.20 34.31 -49.93
N GLU E 439 -32.60 33.22 -50.42
CA GLU E 439 -31.65 32.44 -49.65
C GLU E 439 -30.24 32.95 -49.88
N ASP E 440 -29.34 32.63 -48.96
CA ASP E 440 -27.95 33.02 -49.06
C ASP E 440 -27.06 31.82 -48.78
N ASN E 441 -25.81 31.93 -49.21
CA ASN E 441 -24.89 30.82 -49.06
C ASN E 441 -24.43 30.62 -47.63
N GLU E 442 -24.50 31.66 -46.80
CA GLU E 442 -24.11 31.49 -45.40
C GLU E 442 -25.08 30.58 -44.67
N THR E 443 -26.37 30.72 -44.93
CA THR E 443 -27.34 29.80 -44.33
C THR E 443 -27.15 28.40 -44.86
N GLU E 444 -26.76 28.25 -46.12
CA GLU E 444 -26.49 26.92 -46.66
C GLU E 444 -25.31 26.28 -45.95
N ILE E 445 -24.26 27.04 -45.66
CA ILE E 445 -23.13 26.47 -44.94
C ILE E 445 -23.54 26.11 -43.52
N ASN E 446 -24.33 26.96 -42.87
CA ASN E 446 -24.86 26.63 -41.56
C ASN E 446 -25.57 25.29 -41.59
N PHE E 447 -26.48 25.12 -42.55
CA PHE E 447 -27.24 23.89 -42.66
C PHE E 447 -26.35 22.69 -42.90
N LEU E 448 -25.39 22.81 -43.83
CA LEU E 448 -24.57 21.67 -44.16
C LEU E 448 -23.68 21.27 -43.01
N LEU E 449 -23.20 22.23 -42.22
CA LEU E 449 -22.40 21.85 -41.06
C LEU E 449 -23.25 21.21 -39.99
N LYS E 450 -24.46 21.71 -39.76
CA LYS E 450 -25.34 21.04 -38.81
C LYS E 450 -25.62 19.62 -39.26
N GLN E 451 -25.67 19.37 -40.56
CA GLN E 451 -25.87 18.02 -41.04
C GLN E 451 -24.63 17.16 -40.90
N ALA E 452 -23.45 17.73 -41.15
CA ALA E 452 -22.23 16.94 -41.11
C ALA E 452 -21.83 16.61 -39.69
N LEU E 453 -22.28 17.39 -38.71
CA LEU E 453 -21.96 17.05 -37.33
C LEU E 453 -22.67 15.78 -36.90
N THR E 454 -23.72 15.40 -37.60
CA THR E 454 -24.49 14.20 -37.27
C THR E 454 -24.23 13.05 -38.23
N ILE E 455 -24.20 13.32 -39.53
CA ILE E 455 -24.02 12.25 -40.52
C ILE E 455 -22.56 11.83 -40.60
N VAL E 456 -21.64 12.79 -40.68
CA VAL E 456 -20.24 12.44 -40.89
C VAL E 456 -19.54 12.15 -39.57
N GLY E 457 -19.88 12.87 -38.51
CA GLY E 457 -19.20 12.64 -37.26
C GLY E 457 -19.40 11.28 -36.66
N THR E 458 -20.31 10.47 -37.21
CA THR E 458 -20.63 9.18 -36.64
C THR E 458 -20.17 8.00 -37.48
N LEU E 459 -19.50 8.24 -38.60
CA LEU E 459 -19.04 7.12 -39.41
C LEU E 459 -17.76 6.53 -38.86
N PRO E 460 -16.76 7.33 -38.49
CA PRO E 460 -15.58 6.74 -37.84
C PRO E 460 -15.92 5.99 -36.56
N PHE E 461 -16.83 6.54 -35.75
CA PHE E 461 -17.20 5.87 -34.51
C PHE E 461 -17.83 4.52 -34.80
N THR E 462 -18.80 4.48 -35.71
CA THR E 462 -19.47 3.22 -36.03
C THR E 462 -18.50 2.20 -36.58
N TYR E 463 -17.68 2.61 -37.55
CA TYR E 463 -16.73 1.69 -38.15
C TYR E 463 -15.77 1.14 -37.10
N MET E 464 -15.22 2.00 -36.25
CA MET E 464 -14.25 1.55 -35.28
C MET E 464 -14.87 0.62 -34.25
N LEU E 465 -16.09 0.93 -33.79
CA LEU E 465 -16.71 0.07 -32.78
C LEU E 465 -16.98 -1.31 -33.35
N GLU E 466 -17.60 -1.37 -34.53
CA GLU E 466 -17.89 -2.69 -35.07
C GLU E 466 -16.64 -3.44 -35.46
N LYS E 467 -15.58 -2.74 -35.87
CA LYS E 467 -14.32 -3.42 -36.15
C LYS E 467 -13.75 -4.04 -34.89
N TRP E 468 -13.76 -3.30 -33.78
CA TRP E 468 -13.28 -3.87 -32.53
C TRP E 468 -14.07 -5.10 -32.15
N ARG E 469 -15.40 -5.04 -32.29
CA ARG E 469 -16.19 -6.21 -31.90
C ARG E 469 -15.93 -7.40 -32.80
N TRP E 470 -15.77 -7.16 -34.10
CA TRP E 470 -15.43 -8.26 -35.01
C TRP E 470 -14.12 -8.92 -34.62
N MET E 471 -13.09 -8.11 -34.38
CA MET E 471 -11.80 -8.66 -34.01
C MET E 471 -11.84 -9.36 -32.66
N VAL E 472 -12.73 -8.93 -31.76
CA VAL E 472 -12.81 -9.58 -30.46
C VAL E 472 -13.50 -10.92 -30.57
N PHE E 473 -14.59 -10.99 -31.33
CA PHE E 473 -15.26 -12.27 -31.53
C PHE E 473 -14.38 -13.24 -32.30
N LYS E 474 -13.55 -12.72 -33.20
CA LYS E 474 -12.72 -13.59 -34.02
C LYS E 474 -11.58 -14.21 -33.23
N GLY E 475 -11.10 -13.52 -32.20
CA GLY E 475 -9.98 -14.00 -31.44
C GLY E 475 -8.68 -13.27 -31.71
N GLU E 476 -8.68 -12.27 -32.57
CA GLU E 476 -7.45 -11.54 -32.87
C GLU E 476 -7.03 -10.62 -31.75
N ILE E 477 -7.87 -10.41 -30.75
CA ILE E 477 -7.51 -9.61 -29.58
C ILE E 477 -7.66 -10.51 -28.35
N PRO E 478 -6.57 -10.90 -27.70
CA PRO E 478 -6.69 -11.71 -26.49
C PRO E 478 -7.32 -10.90 -25.36
N LYS E 479 -8.01 -11.60 -24.47
CA LYS E 479 -8.82 -10.89 -23.51
C LYS E 479 -8.00 -10.11 -22.48
N ASP E 480 -6.69 -10.15 -22.54
CA ASP E 480 -5.85 -9.28 -21.71
C ASP E 480 -5.33 -8.10 -22.48
N GLN E 481 -5.91 -7.80 -23.64
CA GLN E 481 -5.54 -6.62 -24.41
C GLN E 481 -6.75 -5.94 -25.01
N TRP E 482 -7.90 -6.04 -24.35
CA TRP E 482 -9.12 -5.45 -24.90
C TRP E 482 -9.05 -3.93 -24.84
N MET E 483 -8.73 -3.38 -23.67
CA MET E 483 -8.75 -1.93 -23.53
C MET E 483 -7.56 -1.29 -24.24
N LYS E 484 -6.42 -1.96 -24.27
CA LYS E 484 -5.28 -1.45 -25.01
C LYS E 484 -5.64 -1.22 -26.46
N LYS E 485 -6.22 -2.23 -27.10
CA LYS E 485 -6.59 -2.10 -28.51
C LYS E 485 -7.76 -1.14 -28.69
N TRP E 486 -8.69 -1.10 -27.74
CA TRP E 486 -9.79 -0.15 -27.86
C TRP E 486 -9.26 1.27 -27.95
N TRP E 487 -8.38 1.65 -27.04
CA TRP E 487 -7.94 3.04 -27.08
C TRP E 487 -6.89 3.29 -28.15
N GLU E 488 -6.14 2.28 -28.56
CA GLU E 488 -5.27 2.46 -29.72
C GLU E 488 -6.09 2.76 -30.97
N MET E 489 -7.11 1.95 -31.23
CA MET E 489 -7.95 2.19 -32.39
C MET E 489 -8.74 3.48 -32.27
N LYS E 490 -9.07 3.91 -31.06
CA LYS E 490 -9.74 5.20 -30.91
C LYS E 490 -8.81 6.34 -31.26
N ARG E 491 -7.56 6.30 -30.80
CA ARG E 491 -6.63 7.36 -31.16
C ARG E 491 -6.34 7.36 -32.65
N GLU E 492 -6.28 6.18 -33.25
CA GLU E 492 -5.84 6.10 -34.65
C GLU E 492 -6.95 6.34 -35.65
N ILE E 493 -8.06 5.63 -35.54
CA ILE E 493 -9.13 5.73 -36.53
C ILE E 493 -10.03 6.92 -36.26
N VAL E 494 -10.62 6.98 -35.07
CA VAL E 494 -11.58 8.05 -34.76
C VAL E 494 -10.87 9.37 -34.56
N GLY E 495 -9.79 9.39 -33.80
CA GLY E 495 -9.07 10.61 -33.55
C GLY E 495 -9.36 11.28 -32.23
N VAL E 496 -9.78 10.51 -31.23
CA VAL E 496 -10.07 11.03 -29.89
C VAL E 496 -9.24 10.26 -28.88
N VAL E 497 -8.88 10.93 -27.79
CA VAL E 497 -7.96 10.38 -26.80
C VAL E 497 -8.65 10.40 -25.44
N GLU E 498 -8.32 9.43 -24.61
CA GLU E 498 -8.96 9.36 -23.31
C GLU E 498 -8.27 10.32 -22.34
N PRO E 499 -9.03 10.94 -21.44
CA PRO E 499 -8.42 11.85 -20.47
C PRO E 499 -7.82 11.17 -19.26
N VAL E 500 -8.02 9.87 -19.09
CA VAL E 500 -7.54 9.12 -17.93
C VAL E 500 -7.19 7.71 -18.40
N PRO E 501 -6.05 7.15 -18.02
CA PRO E 501 -5.68 5.82 -18.53
C PRO E 501 -6.62 4.73 -18.01
N HIS E 502 -6.86 3.73 -18.84
CA HIS E 502 -7.81 2.66 -18.51
C HIS E 502 -7.14 1.32 -18.71
N ASP E 503 -6.97 0.56 -17.63
CA ASP E 503 -6.34 -0.75 -17.66
C ASP E 503 -7.40 -1.81 -17.99
N GLU E 504 -7.09 -3.07 -17.77
CA GLU E 504 -7.96 -4.18 -18.16
C GLU E 504 -9.03 -4.49 -17.14
N THR E 505 -9.26 -3.63 -16.18
CA THR E 505 -10.39 -3.81 -15.28
C THR E 505 -11.63 -3.09 -15.78
N TYR E 506 -11.51 -2.30 -16.83
CA TYR E 506 -12.63 -1.57 -17.41
C TYR E 506 -13.25 -2.34 -18.55
N CYS E 507 -14.42 -1.90 -18.97
CA CYS E 507 -15.00 -2.32 -20.26
C CYS E 507 -15.78 -1.12 -20.77
N ASP E 508 -15.11 -0.29 -21.53
CA ASP E 508 -15.68 0.93 -22.07
C ASP E 508 -16.64 0.67 -23.23
N PRO E 509 -16.40 -0.32 -24.09
CA PRO E 509 -17.43 -0.65 -25.09
C PRO E 509 -18.76 -1.02 -24.46
N ALA E 510 -18.75 -1.87 -23.44
CA ALA E 510 -20.00 -2.36 -22.88
C ALA E 510 -20.81 -1.29 -22.20
N SER E 511 -20.27 -0.09 -22.04
CA SER E 511 -21.03 1.00 -21.47
C SER E 511 -21.84 1.76 -22.50
N LEU E 512 -22.08 1.18 -23.67
CA LEU E 512 -22.98 1.73 -24.67
C LEU E 512 -24.16 0.78 -24.84
N PHE E 513 -25.31 1.34 -25.17
CA PHE E 513 -26.53 0.54 -25.18
C PHE E 513 -26.41 -0.66 -26.09
N HIS E 514 -25.93 -0.44 -27.31
CA HIS E 514 -25.94 -1.51 -28.29
C HIS E 514 -24.94 -2.60 -27.97
N VAL E 515 -23.96 -2.33 -27.14
CA VAL E 515 -22.95 -3.34 -26.85
C VAL E 515 -23.38 -4.25 -25.72
N SER E 516 -24.00 -3.70 -24.69
CA SER E 516 -24.43 -4.51 -23.56
C SER E 516 -25.82 -5.10 -23.75
N ASN E 517 -26.57 -4.64 -24.76
CA ASN E 517 -27.87 -5.21 -25.04
C ASN E 517 -27.88 -6.05 -26.32
N ASP E 518 -26.72 -6.39 -26.84
CA ASP E 518 -26.58 -7.40 -27.89
C ASP E 518 -27.29 -6.99 -29.18
N TYR E 519 -26.83 -5.87 -29.76
CA TYR E 519 -27.34 -5.41 -31.04
C TYR E 519 -26.17 -5.20 -32.00
N SER E 520 -26.38 -5.55 -33.26
CA SER E 520 -25.34 -5.29 -34.24
C SER E 520 -25.34 -3.80 -34.59
N PHE E 521 -24.17 -3.31 -34.96
CA PHE E 521 -23.97 -1.88 -35.10
C PHE E 521 -23.63 -1.45 -36.52
N ILE E 522 -23.41 -2.38 -37.45
CA ILE E 522 -23.04 -1.97 -38.80
C ILE E 522 -24.22 -1.46 -39.60
N ARG E 523 -25.45 -1.73 -39.16
CA ARG E 523 -26.60 -1.25 -39.90
C ARG E 523 -26.66 0.27 -39.92
N TYR E 524 -25.92 0.93 -39.03
CA TYR E 524 -25.88 2.39 -39.04
C TYR E 524 -24.83 2.91 -40.00
N TYR E 525 -23.84 2.10 -40.34
CA TYR E 525 -22.86 2.52 -41.32
C TYR E 525 -23.38 2.36 -42.73
N THR E 526 -23.90 1.19 -43.07
CA THR E 526 -24.38 0.97 -44.42
C THR E 526 -25.57 1.84 -44.76
N ARG E 527 -26.54 1.96 -43.86
CA ARG E 527 -27.70 2.81 -44.14
C ARG E 527 -27.28 4.20 -44.55
N THR E 528 -26.43 4.85 -43.73
CA THR E 528 -25.95 6.18 -44.05
C THR E 528 -25.47 6.29 -45.48
N LEU E 529 -24.87 5.24 -46.00
CA LEU E 529 -24.46 5.26 -47.40
C LEU E 529 -25.65 5.09 -48.34
N TYR E 530 -26.39 3.99 -48.18
CA TYR E 530 -27.53 3.73 -49.08
C TYR E 530 -28.40 4.96 -49.23
N GLN E 531 -28.76 5.57 -48.11
CA GLN E 531 -29.59 6.76 -48.11
C GLN E 531 -29.17 7.72 -49.21
N PHE E 532 -27.92 8.18 -49.17
CA PHE E 532 -27.50 9.18 -50.14
C PHE E 532 -27.52 8.65 -51.56
N GLN E 533 -27.07 7.40 -51.75
CA GLN E 533 -27.20 6.78 -53.07
C GLN E 533 -28.62 6.93 -53.58
N PHE E 534 -29.60 6.50 -52.79
CA PHE E 534 -30.98 6.60 -53.22
C PHE E 534 -31.30 8.02 -53.65
N GLN E 535 -30.93 9.00 -52.82
CA GLN E 535 -31.25 10.37 -53.14
C GLN E 535 -30.62 10.79 -54.46
N GLU E 536 -29.35 10.44 -54.67
CA GLU E 536 -28.72 10.84 -55.91
C GLU E 536 -29.37 10.17 -57.11
N ALA E 537 -29.91 8.96 -56.93
CA ALA E 537 -30.57 8.32 -58.06
C ALA E 537 -31.96 8.89 -58.27
N LEU E 538 -32.54 9.50 -57.24
CA LEU E 538 -33.87 10.08 -57.39
C LEU E 538 -33.82 11.54 -57.78
N CYS E 539 -32.70 12.21 -57.54
CA CYS E 539 -32.54 13.57 -58.01
C CYS E 539 -32.38 13.63 -59.52
N GLN E 540 -31.65 12.68 -60.11
CA GLN E 540 -31.48 12.64 -61.55
C GLN E 540 -32.74 12.28 -62.29
N ALA E 541 -33.56 11.39 -61.74
CA ALA E 541 -34.82 11.04 -62.39
C ALA E 541 -35.80 12.20 -62.37
N ALA E 542 -35.70 13.08 -61.38
CA ALA E 542 -36.52 14.27 -61.32
C ALA E 542 -35.88 15.46 -62.04
N LYS E 543 -34.72 15.27 -62.64
CA LYS E 543 -34.02 16.30 -63.40
C LYS E 543 -33.72 17.52 -62.54
N HIS E 544 -33.00 17.27 -61.45
CA HIS E 544 -32.52 18.35 -60.61
C HIS E 544 -31.30 18.99 -61.26
N GLU E 545 -31.09 20.28 -60.98
CA GLU E 545 -30.01 21.01 -61.59
C GLU E 545 -28.94 21.47 -60.62
N GLY E 546 -29.30 22.18 -59.56
CA GLY E 546 -28.34 22.74 -58.64
C GLY E 546 -27.61 21.69 -57.83
N PRO E 547 -27.07 22.09 -56.69
CA PRO E 547 -26.40 21.12 -55.81
C PRO E 547 -27.38 20.06 -55.33
N LEU E 548 -26.80 18.96 -54.84
CA LEU E 548 -27.64 17.85 -54.42
C LEU E 548 -28.45 18.18 -53.17
N HIS E 549 -27.87 18.93 -52.24
CA HIS E 549 -28.57 19.22 -51.00
C HIS E 549 -29.75 20.14 -51.15
N LYS E 550 -30.12 20.49 -52.39
CA LYS E 550 -31.31 21.29 -52.65
C LYS E 550 -32.37 20.50 -53.40
N CYS E 551 -32.26 19.18 -53.43
CA CYS E 551 -33.20 18.37 -54.19
C CYS E 551 -34.57 18.35 -53.52
N ASP E 552 -35.60 18.18 -54.33
CA ASP E 552 -36.96 17.97 -53.86
C ASP E 552 -37.65 17.10 -54.89
N ILE E 553 -37.94 15.85 -54.53
CA ILE E 553 -38.39 14.87 -55.52
C ILE E 553 -39.89 14.97 -55.72
N SER E 554 -40.55 15.85 -55.00
CA SER E 554 -41.99 15.98 -55.13
C SER E 554 -42.38 16.39 -56.54
N ASN E 555 -43.60 16.05 -56.92
CA ASN E 555 -44.19 16.35 -58.23
C ASN E 555 -43.49 15.65 -59.38
N SER E 556 -42.68 14.63 -59.11
CA SER E 556 -42.00 13.87 -60.15
C SER E 556 -42.35 12.40 -60.00
N THR E 557 -43.09 11.86 -60.98
CA THR E 557 -43.53 10.48 -60.90
C THR E 557 -42.47 9.49 -61.34
N GLU E 558 -41.46 9.91 -62.08
CA GLU E 558 -40.40 8.98 -62.46
C GLU E 558 -39.59 8.55 -61.24
N ALA E 559 -39.34 9.46 -60.31
CA ALA E 559 -38.70 9.08 -59.06
C ALA E 559 -39.59 8.13 -58.27
N GLY E 560 -40.89 8.42 -58.22
CA GLY E 560 -41.80 7.51 -57.55
C GLY E 560 -41.76 6.12 -58.15
N GLN E 561 -41.63 6.02 -59.46
CA GLN E 561 -41.57 4.72 -60.10
C GLN E 561 -40.26 4.01 -59.81
N LYS E 562 -39.15 4.73 -59.88
CA LYS E 562 -37.87 4.11 -59.58
C LYS E 562 -37.83 3.62 -58.13
N LEU E 563 -38.52 4.31 -57.24
CA LEU E 563 -38.54 3.88 -55.85
C LEU E 563 -39.49 2.70 -55.66
N PHE E 564 -40.64 2.74 -56.32
CA PHE E 564 -41.61 1.67 -56.16
C PHE E 564 -41.13 0.36 -56.76
N ASN E 565 -40.23 0.43 -57.75
CA ASN E 565 -39.70 -0.80 -58.31
C ASN E 565 -38.84 -1.56 -57.31
N MET E 566 -38.31 -0.89 -56.30
CA MET E 566 -37.55 -1.55 -55.25
C MET E 566 -38.35 -1.77 -53.98
N LEU E 567 -39.32 -0.91 -53.70
CA LEU E 567 -40.08 -1.05 -52.46
C LEU E 567 -40.85 -2.35 -52.44
N ARG E 568 -41.36 -2.80 -53.58
CA ARG E 568 -42.29 -3.92 -53.63
C ARG E 568 -41.61 -5.27 -53.65
N LEU E 569 -40.29 -5.34 -53.54
CA LEU E 569 -39.63 -6.63 -53.59
C LEU E 569 -39.58 -7.31 -52.23
N GLY E 570 -39.42 -6.55 -51.16
CA GLY E 570 -39.21 -7.17 -49.87
C GLY E 570 -37.87 -7.88 -49.88
N LYS E 571 -37.84 -9.11 -49.39
CA LYS E 571 -36.65 -9.94 -49.46
C LYS E 571 -36.74 -10.99 -50.56
N SER E 572 -37.63 -10.80 -51.54
CA SER E 572 -37.73 -11.77 -52.62
C SER E 572 -36.41 -11.90 -53.38
N GLU E 573 -35.77 -10.78 -53.68
CA GLU E 573 -34.54 -10.75 -54.45
C GLU E 573 -33.37 -10.42 -53.54
N PRO E 574 -32.16 -10.82 -53.91
CA PRO E 574 -30.99 -10.43 -53.13
C PRO E 574 -30.87 -8.92 -53.05
N TRP E 575 -30.26 -8.43 -51.97
CA TRP E 575 -30.21 -6.99 -51.79
C TRP E 575 -29.38 -6.32 -52.88
N THR E 576 -28.40 -7.01 -53.43
CA THR E 576 -27.61 -6.43 -54.51
C THR E 576 -28.43 -6.20 -55.76
N LEU E 577 -29.47 -6.99 -55.99
CA LEU E 577 -30.36 -6.73 -57.11
C LEU E 577 -31.29 -5.58 -56.83
N ALA E 578 -31.90 -5.57 -55.64
CA ALA E 578 -32.82 -4.49 -55.30
C ALA E 578 -32.12 -3.14 -55.33
N LEU E 579 -30.88 -3.09 -54.86
CA LEU E 579 -30.11 -1.85 -54.93
C LEU E 579 -29.90 -1.42 -56.37
N GLU E 580 -29.74 -2.38 -57.28
CA GLU E 580 -29.51 -2.05 -58.68
C GLU E 580 -30.76 -1.49 -59.33
N ASN E 581 -31.94 -1.88 -58.86
CA ASN E 581 -33.17 -1.38 -59.45
C ASN E 581 -33.37 0.10 -59.24
N VAL E 582 -32.54 0.74 -58.41
CA VAL E 582 -32.63 2.17 -58.15
C VAL E 582 -31.36 2.89 -58.56
N VAL E 583 -30.22 2.45 -58.05
CA VAL E 583 -28.97 3.16 -58.26
C VAL E 583 -28.39 2.87 -59.64
N GLY E 584 -28.48 1.64 -60.10
CA GLY E 584 -27.81 1.21 -61.31
C GLY E 584 -26.52 0.46 -61.06
N ALA E 585 -26.10 0.34 -59.81
CA ALA E 585 -24.90 -0.38 -59.43
C ALA E 585 -25.27 -1.56 -58.55
N LYS E 586 -24.26 -2.36 -58.19
CA LYS E 586 -24.50 -3.55 -57.39
C LYS E 586 -23.97 -3.45 -55.96
N ASN E 587 -23.07 -2.52 -55.69
CA ASN E 587 -22.47 -2.42 -54.37
C ASN E 587 -22.74 -1.04 -53.80
N MET E 588 -22.38 -0.86 -52.53
CA MET E 588 -22.59 0.43 -51.90
C MET E 588 -21.43 1.36 -52.18
N ASN E 589 -21.75 2.61 -52.45
CA ASN E 589 -20.79 3.59 -52.94
C ASN E 589 -20.79 4.81 -52.04
N VAL E 590 -19.60 5.37 -51.83
CA VAL E 590 -19.46 6.55 -50.97
C VAL E 590 -19.34 7.83 -51.76
N ARG E 591 -19.49 7.79 -53.08
CA ARG E 591 -19.38 9.01 -53.86
C ARG E 591 -20.57 9.95 -53.70
N PRO E 592 -21.82 9.48 -53.65
CA PRO E 592 -22.93 10.43 -53.46
C PRO E 592 -22.89 11.18 -52.14
N LEU E 593 -22.33 10.59 -51.09
CA LEU E 593 -22.20 11.31 -49.82
C LEU E 593 -21.28 12.52 -49.98
N LEU E 594 -20.11 12.32 -50.61
CA LEU E 594 -19.21 13.42 -50.85
C LEU E 594 -19.80 14.43 -51.81
N ASN E 595 -20.58 13.97 -52.79
CA ASN E 595 -21.28 14.91 -53.65
C ASN E 595 -22.25 15.77 -52.84
N TYR E 596 -22.89 15.17 -51.84
CA TYR E 596 -23.80 15.92 -50.99
C TYR E 596 -23.05 16.99 -50.20
N PHE E 597 -21.90 16.64 -49.65
CA PHE E 597 -21.17 17.56 -48.77
C PHE E 597 -20.09 18.35 -49.49
N GLU E 598 -20.11 18.39 -50.82
CA GLU E 598 -19.10 19.15 -51.57
C GLU E 598 -18.96 20.61 -51.17
N PRO E 599 -20.01 21.43 -51.10
CA PRO E 599 -19.80 22.83 -50.72
C PRO E 599 -19.15 22.99 -49.36
N LEU E 600 -19.56 22.18 -48.39
CA LEU E 600 -18.93 22.24 -47.09
C LEU E 600 -17.47 21.80 -47.18
N PHE E 601 -17.16 20.84 -48.03
CA PHE E 601 -15.78 20.41 -48.17
C PHE E 601 -14.92 21.54 -48.70
N THR E 602 -15.39 22.24 -49.72
CA THR E 602 -14.65 23.38 -50.23
C THR E 602 -14.44 24.43 -49.14
N TRP E 603 -15.51 24.80 -48.44
CA TRP E 603 -15.41 25.84 -47.42
C TRP E 603 -14.43 25.43 -46.32
N LEU E 604 -14.48 24.18 -45.90
CA LEU E 604 -13.60 23.73 -44.83
C LEU E 604 -12.15 23.69 -45.29
N LYS E 605 -11.91 23.22 -46.53
CA LYS E 605 -10.55 23.25 -47.04
C LYS E 605 -10.02 24.66 -47.10
N ASP E 606 -10.90 25.63 -47.32
CA ASP E 606 -10.47 27.02 -47.31
C ASP E 606 -10.28 27.58 -45.90
N GLN E 607 -10.96 27.05 -44.90
CA GLN E 607 -10.82 27.58 -43.55
C GLN E 607 -9.61 27.03 -42.82
N ASN E 608 -9.04 25.93 -43.25
CA ASN E 608 -7.91 25.31 -42.57
C ASN E 608 -6.59 25.59 -43.27
N LYS E 609 -6.43 26.78 -43.83
CA LYS E 609 -5.18 27.14 -44.46
C LYS E 609 -4.05 27.18 -43.45
N ASN E 610 -4.32 27.70 -42.26
CA ASN E 610 -3.31 27.88 -41.23
C ASN E 610 -3.33 26.80 -40.18
N SER E 611 -4.41 26.05 -40.06
CA SER E 611 -4.46 24.96 -39.08
C SER E 611 -3.65 23.79 -39.58
N PHE E 612 -3.64 22.71 -38.79
CA PHE E 612 -2.90 21.50 -39.13
C PHE E 612 -3.90 20.36 -39.29
N VAL E 613 -4.21 20.02 -40.53
CA VAL E 613 -5.18 18.97 -40.80
C VAL E 613 -4.57 17.63 -40.46
N GLY E 614 -5.13 16.97 -39.45
CA GLY E 614 -4.64 15.70 -38.98
C GLY E 614 -4.42 15.70 -37.49
N TRP E 615 -3.96 14.56 -36.98
CA TRP E 615 -3.74 14.42 -35.55
C TRP E 615 -2.58 13.47 -35.32
N SER E 616 -1.92 13.65 -34.18
CA SER E 616 -0.82 12.78 -33.78
C SER E 616 -1.27 11.92 -32.61
N THR E 617 -0.97 10.64 -32.68
CA THR E 617 -1.46 9.70 -31.68
C THR E 617 -0.54 9.58 -30.48
N ASP E 618 0.22 10.62 -30.14
CA ASP E 618 1.11 10.61 -29.00
C ASP E 618 0.69 11.55 -27.88
N TRP E 619 0.22 12.75 -28.21
CA TRP E 619 -0.22 13.68 -27.19
C TRP E 619 -1.42 13.12 -26.43
N SER E 620 -1.41 13.27 -25.12
CA SER E 620 -2.52 12.90 -24.26
C SER E 620 -2.68 13.97 -23.21
N PRO E 621 -3.92 14.23 -22.76
CA PRO E 621 -4.15 15.38 -21.88
C PRO E 621 -3.48 15.25 -20.52
N TYR E 622 -2.90 14.11 -20.19
CA TYR E 622 -2.26 13.90 -18.91
C TYR E 622 -0.76 13.71 -19.00
N ALA E 623 -0.20 13.65 -20.20
CA ALA E 623 1.22 13.38 -20.39
C ALA E 623 2.09 14.51 -20.04
N ASP E 624 1.55 15.66 -19.67
CA ASP E 624 2.37 16.79 -19.27
C ASP E 624 2.87 16.66 -17.84
N GLN E 625 2.10 16.03 -16.96
CA GLN E 625 2.48 15.91 -15.56
C GLN E 625 2.86 14.49 -15.19
N SER E 626 3.22 13.67 -16.17
CA SER E 626 3.60 12.30 -15.90
C SER E 626 5.08 12.22 -15.59
N ILE E 627 5.44 11.26 -14.74
CA ILE E 627 6.83 10.94 -14.45
C ILE E 627 7.09 9.54 -14.98
N LYS E 628 8.24 9.35 -15.62
CA LYS E 628 8.58 8.05 -16.18
C LYS E 628 9.48 7.27 -15.25
N VAL E 629 9.17 5.99 -15.07
CA VAL E 629 9.89 5.10 -14.17
C VAL E 629 10.48 3.96 -14.98
N ARG E 630 11.74 3.64 -14.72
CA ARG E 630 12.47 2.57 -15.37
C ARG E 630 13.13 1.69 -14.31
N ILE E 631 12.95 0.38 -14.43
CA ILE E 631 13.34 -0.55 -13.36
C ILE E 631 14.16 -1.68 -13.96
N SER E 632 15.33 -1.94 -13.38
CA SER E 632 16.27 -2.94 -13.88
C SER E 632 16.46 -4.00 -12.79
N LEU E 633 15.74 -5.10 -12.90
CA LEU E 633 15.77 -6.10 -11.84
C LEU E 633 16.98 -7.02 -11.97
N LYS E 634 17.26 -7.51 -13.18
CA LYS E 634 18.36 -8.45 -13.34
C LYS E 634 19.71 -7.77 -13.09
N SER E 635 19.81 -6.49 -13.40
CA SER E 635 21.06 -5.78 -13.14
C SER E 635 21.34 -5.65 -11.65
N ALA E 636 20.32 -5.52 -10.82
CA ALA E 636 20.53 -5.24 -9.41
C ALA E 636 20.68 -6.50 -8.59
N LEU E 637 19.87 -7.52 -8.87
CA LEU E 637 19.78 -8.68 -8.01
C LEU E 637 20.39 -9.94 -8.59
N GLY E 638 20.69 -9.97 -9.89
CA GLY E 638 21.30 -11.14 -10.46
C GLY E 638 20.33 -12.30 -10.57
N ASP E 639 20.81 -13.53 -10.40
CA ASP E 639 19.92 -14.68 -10.45
C ASP E 639 19.26 -14.90 -9.10
N LYS E 640 18.69 -13.82 -8.55
CA LYS E 640 18.03 -13.86 -7.26
C LYS E 640 16.84 -12.91 -7.34
N ALA E 641 16.55 -12.45 -8.55
CA ALA E 641 15.54 -11.44 -8.77
C ALA E 641 14.16 -12.07 -8.81
N TYR E 642 13.21 -11.41 -8.18
CA TYR E 642 11.83 -11.82 -8.25
C TYR E 642 11.24 -11.45 -9.60
N GLU E 643 10.04 -11.92 -9.87
CA GLU E 643 9.33 -11.56 -11.09
C GLU E 643 8.32 -10.47 -10.79
N TRP E 644 8.03 -9.66 -11.80
CA TRP E 644 7.26 -8.44 -11.63
C TRP E 644 5.84 -8.68 -12.14
N ASN E 645 4.99 -9.19 -11.26
CA ASN E 645 3.57 -9.34 -11.57
C ASN E 645 2.84 -8.07 -11.17
N ASP E 646 1.51 -8.12 -11.11
CA ASP E 646 0.75 -6.93 -10.78
C ASP E 646 0.61 -6.68 -9.29
N ASN E 647 0.96 -7.64 -8.44
CA ASN E 647 1.09 -7.34 -7.03
C ASN E 647 2.26 -6.40 -6.76
N GLU E 648 3.31 -6.51 -7.56
CA GLU E 648 4.40 -5.56 -7.45
C GLU E 648 3.96 -4.16 -7.86
N MET E 649 3.12 -4.06 -8.88
CA MET E 649 2.58 -2.75 -9.24
C MET E 649 1.68 -2.21 -8.15
N TYR E 650 0.91 -3.08 -7.49
CA TYR E 650 0.12 -2.64 -6.35
C TYR E 650 1.02 -2.07 -5.27
N LEU E 651 2.09 -2.76 -4.93
CA LEU E 651 2.99 -2.27 -3.91
C LEU E 651 3.67 -0.97 -4.33
N PHE E 652 3.99 -0.81 -5.61
CA PHE E 652 4.58 0.44 -6.06
C PHE E 652 3.61 1.60 -5.90
N ARG E 653 2.36 1.40 -6.31
CA ARG E 653 1.38 2.45 -6.14
C ARG E 653 1.14 2.80 -4.68
N SER E 654 1.14 1.81 -3.79
CA SER E 654 1.03 2.11 -2.38
C SER E 654 2.24 2.87 -1.85
N SER E 655 3.45 2.53 -2.30
CA SER E 655 4.62 3.30 -1.88
C SER E 655 4.53 4.75 -2.33
N VAL E 656 4.11 4.99 -3.56
CA VAL E 656 4.00 6.37 -4.02
C VAL E 656 2.93 7.12 -3.23
N ALA E 657 1.82 6.45 -2.92
CA ALA E 657 0.79 7.10 -2.11
C ALA E 657 1.31 7.46 -0.73
N TYR E 658 2.08 6.56 -0.11
CA TYR E 658 2.68 6.86 1.19
C TYR E 658 3.62 8.05 1.10
N ALA E 659 4.45 8.10 0.06
CA ALA E 659 5.35 9.23 -0.10
C ALA E 659 4.58 10.54 -0.23
N MET E 660 3.49 10.55 -0.98
CA MET E 660 2.70 11.76 -1.10
C MET E 660 2.09 12.17 0.23
N ARG E 661 1.54 11.21 0.97
CA ARG E 661 1.02 11.51 2.30
C ARG E 661 2.07 12.18 3.17
N GLN E 662 3.25 11.58 3.24
CA GLN E 662 4.32 12.13 4.07
C GLN E 662 4.72 13.53 3.64
N TYR E 663 4.89 13.76 2.35
CA TYR E 663 5.28 15.10 1.92
C TYR E 663 4.23 16.13 2.25
N PHE E 664 2.96 15.80 2.05
CA PHE E 664 1.93 16.80 2.35
C PHE E 664 1.74 17.00 3.84
N LEU E 665 2.14 16.03 4.66
CA LEU E 665 2.04 16.24 6.10
C LEU E 665 3.21 17.02 6.67
N LYS E 666 4.43 16.75 6.21
CA LYS E 666 5.60 17.33 6.84
C LYS E 666 6.03 18.66 6.27
N VAL E 667 5.48 19.08 5.14
CA VAL E 667 5.87 20.32 4.48
C VAL E 667 4.71 21.27 4.33
N LYS E 668 3.56 20.78 3.88
CA LYS E 668 2.38 21.60 3.70
C LYS E 668 1.50 21.65 4.94
N ASN E 669 1.80 20.85 5.95
CA ASN E 669 1.04 20.80 7.19
C ASN E 669 -0.43 20.43 6.96
N GLN E 670 -0.70 19.68 5.90
CA GLN E 670 -2.04 19.20 5.63
C GLN E 670 -2.08 17.68 5.69
N MET E 671 -3.25 17.15 5.98
CA MET E 671 -3.46 15.71 6.03
C MET E 671 -4.39 15.32 4.90
N ILE E 672 -3.86 14.63 3.90
CA ILE E 672 -4.61 14.22 2.72
C ILE E 672 -4.45 12.72 2.55
N LEU E 673 -5.57 12.04 2.34
CA LEU E 673 -5.58 10.58 2.35
C LEU E 673 -5.44 10.05 0.92
N PHE E 674 -4.24 10.15 0.38
CA PHE E 674 -3.95 9.53 -0.90
C PHE E 674 -4.04 8.03 -0.77
N GLY E 675 -4.51 7.37 -1.82
CA GLY E 675 -4.61 5.93 -1.87
C GLY E 675 -3.91 5.38 -3.09
N GLU E 676 -3.94 4.06 -3.21
CA GLU E 676 -3.30 3.44 -4.35
C GLU E 676 -4.10 3.64 -5.62
N GLU E 677 -5.36 4.04 -5.53
CA GLU E 677 -6.15 4.27 -6.72
C GLU E 677 -6.03 5.69 -7.25
N ASP E 678 -5.26 6.54 -6.58
CA ASP E 678 -5.01 7.89 -7.03
C ASP E 678 -3.71 8.01 -7.80
N VAL E 679 -2.97 6.92 -7.94
CA VAL E 679 -1.75 6.87 -8.74
C VAL E 679 -2.10 6.19 -10.05
N ARG E 680 -2.19 6.98 -11.11
CA ARG E 680 -2.60 6.48 -12.42
C ARG E 680 -1.35 6.10 -13.22
N VAL E 681 -1.36 4.88 -13.75
CA VAL E 681 -0.21 4.28 -14.42
C VAL E 681 -0.55 4.07 -15.88
N ALA E 682 0.43 4.28 -16.77
CA ALA E 682 0.23 4.11 -18.19
C ALA E 682 1.50 3.58 -18.86
N ASN E 683 1.33 2.95 -20.02
CA ASN E 683 2.41 2.54 -20.89
C ASN E 683 3.34 1.52 -20.23
N LEU E 684 2.75 0.46 -19.70
CA LEU E 684 3.55 -0.58 -19.07
C LEU E 684 4.26 -1.39 -20.15
N LYS E 685 5.59 -1.41 -20.09
CA LYS E 685 6.45 -2.09 -21.02
C LYS E 685 7.19 -3.23 -20.34
N PRO E 686 7.72 -4.19 -21.10
CA PRO E 686 8.32 -5.36 -20.47
C PRO E 686 9.74 -5.16 -19.98
N ARG E 687 10.34 -4.00 -20.27
CA ARG E 687 11.68 -3.67 -19.78
C ARG E 687 11.47 -2.89 -18.50
N ILE E 688 10.32 -3.12 -17.88
CA ILE E 688 9.91 -2.42 -16.67
C ILE E 688 9.96 -0.95 -17.03
N SER E 689 8.81 -0.36 -17.32
CA SER E 689 8.80 1.03 -17.70
C SER E 689 7.37 1.51 -17.72
N PHE E 690 7.13 2.68 -17.16
CA PHE E 690 5.79 3.22 -17.25
C PHE E 690 5.83 4.71 -16.93
N ASN E 691 4.69 5.34 -17.10
CA ASN E 691 4.47 6.71 -16.66
C ASN E 691 3.43 6.67 -15.56
N PHE E 692 3.50 7.63 -14.64
CA PHE E 692 2.48 7.74 -13.63
C PHE E 692 2.23 9.19 -13.30
N PHE E 693 1.01 9.48 -12.87
CA PHE E 693 0.68 10.78 -12.29
C PHE E 693 -0.25 10.57 -11.12
N VAL E 694 -0.45 11.62 -10.34
CA VAL E 694 -1.16 11.53 -9.08
C VAL E 694 -2.34 12.49 -9.09
N THR E 695 -3.46 12.04 -8.54
CA THR E 695 -4.71 12.78 -8.52
C THR E 695 -5.17 12.95 -7.09
N ALA E 696 -5.81 14.08 -6.81
CA ALA E 696 -6.38 14.31 -5.48
C ALA E 696 -7.32 13.16 -5.12
N PRO E 697 -7.53 12.91 -3.82
CA PRO E 697 -8.18 11.66 -3.41
C PRO E 697 -9.50 11.35 -4.09
N LYS E 698 -10.42 12.29 -4.18
CA LYS E 698 -11.70 12.00 -4.82
C LYS E 698 -12.08 12.95 -5.92
N ASN E 699 -11.19 13.84 -6.33
CA ASN E 699 -11.46 14.82 -7.38
C ASN E 699 -10.61 14.44 -8.59
N VAL E 700 -11.17 13.61 -9.47
CA VAL E 700 -10.40 13.06 -10.58
C VAL E 700 -9.82 14.12 -11.49
N SER E 701 -10.36 15.33 -11.49
CA SER E 701 -9.85 16.38 -12.35
C SER E 701 -8.74 17.19 -11.71
N ASP E 702 -8.29 16.81 -10.52
CA ASP E 702 -7.28 17.56 -9.77
C ASP E 702 -5.97 16.79 -9.83
N ILE E 703 -5.06 17.23 -10.68
CA ILE E 703 -3.77 16.58 -10.86
C ILE E 703 -2.72 17.34 -10.09
N ILE E 704 -2.03 16.67 -9.18
CA ILE E 704 -0.92 17.29 -8.46
C ILE E 704 0.18 17.63 -9.45
N PRO E 705 0.76 18.83 -9.40
CA PRO E 705 1.78 19.19 -10.39
C PRO E 705 3.00 18.29 -10.33
N ARG E 706 3.75 18.28 -11.43
CA ARG E 706 4.90 17.40 -11.51
C ARG E 706 5.99 17.82 -10.54
N THR E 707 6.10 19.10 -10.23
CA THR E 707 7.13 19.57 -9.32
C THR E 707 6.90 19.10 -7.90
N GLU E 708 5.67 19.15 -7.41
CA GLU E 708 5.41 18.66 -6.07
C GLU E 708 5.58 17.15 -5.97
N VAL E 709 5.25 16.42 -7.03
CA VAL E 709 5.51 14.98 -6.99
C VAL E 709 7.00 14.71 -7.00
N GLU E 710 7.77 15.48 -7.75
CA GLU E 710 9.22 15.31 -7.70
C GLU E 710 9.77 15.58 -6.30
N LYS E 711 9.27 16.62 -5.63
CA LYS E 711 9.71 16.87 -4.26
C LYS E 711 9.32 15.74 -3.33
N ALA E 712 8.08 15.26 -3.43
CA ALA E 712 7.63 14.19 -2.56
C ALA E 712 8.40 12.91 -2.79
N ILE E 713 8.91 12.69 -4.00
CA ILE E 713 9.68 11.49 -4.23
C ILE E 713 11.12 11.66 -3.80
N ARG E 714 11.69 12.86 -3.96
CA ARG E 714 13.00 13.12 -3.39
C ARG E 714 13.00 12.90 -1.89
N MET E 715 11.93 13.29 -1.21
CA MET E 715 11.91 13.21 0.24
C MET E 715 11.92 11.77 0.74
N SER E 716 11.41 10.82 -0.04
CA SER E 716 11.19 9.46 0.44
C SER E 716 11.83 8.43 -0.46
N ARG E 717 12.80 8.82 -1.29
CA ARG E 717 13.34 7.89 -2.27
C ARG E 717 14.07 6.74 -1.61
N SER E 718 14.80 7.01 -0.54
CA SER E 718 15.59 5.97 0.12
C SER E 718 14.72 4.91 0.74
N ARG E 719 13.43 5.17 0.87
CA ARG E 719 12.50 4.21 1.45
C ARG E 719 11.81 3.38 0.38
N ILE E 720 11.41 4.04 -0.70
CA ILE E 720 10.89 3.33 -1.86
C ILE E 720 11.95 2.39 -2.43
N ASN E 721 13.21 2.80 -2.41
CA ASN E 721 14.27 1.89 -2.82
C ASN E 721 14.28 0.64 -1.96
N ASP E 722 14.28 0.81 -0.64
CA ASP E 722 14.38 -0.32 0.26
C ASP E 722 13.21 -1.28 0.10
N ALA E 723 12.02 -0.75 -0.19
CA ALA E 723 10.87 -1.64 -0.33
C ALA E 723 11.03 -2.64 -1.46
N PHE E 724 11.89 -2.37 -2.44
CA PHE E 724 12.04 -3.23 -3.60
C PHE E 724 13.43 -3.83 -3.76
N ARG E 725 14.37 -3.45 -2.90
CA ARG E 725 15.77 -3.91 -2.98
C ARG E 725 16.48 -3.35 -4.20
N LEU E 726 16.22 -2.10 -4.50
CA LEU E 726 16.86 -1.41 -5.63
C LEU E 726 17.68 -0.26 -5.08
N ASN E 727 18.60 0.25 -5.89
CA ASN E 727 19.65 1.10 -5.35
C ASN E 727 19.91 2.31 -6.22
N ASP E 728 18.86 3.01 -6.62
CA ASP E 728 19.00 4.36 -7.17
C ASP E 728 19.62 4.37 -8.55
N ASN E 729 20.13 3.23 -8.99
CA ASN E 729 20.54 3.02 -10.37
C ASN E 729 19.72 1.94 -11.03
N SER E 730 18.95 1.19 -10.25
CA SER E 730 18.03 0.20 -10.75
C SER E 730 16.59 0.67 -10.68
N LEU E 731 16.33 1.82 -10.07
CA LEU E 731 15.00 2.40 -9.96
C LEU E 731 15.15 3.86 -10.33
N GLU E 732 14.93 4.18 -11.60
CA GLU E 732 15.18 5.50 -12.14
C GLU E 732 13.87 6.25 -12.33
N PHE E 733 13.72 7.37 -11.65
CA PHE E 733 12.66 8.32 -11.92
C PHE E 733 13.23 9.36 -12.86
N LEU E 734 12.98 9.17 -14.15
CA LEU E 734 13.62 10.00 -15.18
C LEU E 734 13.29 11.46 -14.96
N GLY E 735 14.31 12.28 -14.76
CA GLY E 735 14.13 13.68 -14.45
C GLY E 735 14.48 14.04 -13.03
N ILE E 736 14.72 13.06 -12.18
CA ILE E 736 15.08 13.26 -10.78
C ILE E 736 16.44 12.62 -10.57
N GLN E 737 17.46 13.45 -10.30
CA GLN E 737 18.81 12.93 -10.25
C GLN E 737 19.35 12.99 -8.84
N PRO E 738 20.03 11.94 -8.38
CA PRO E 738 20.64 11.96 -7.06
C PRO E 738 21.93 12.79 -7.07
N THR E 739 22.13 13.57 -6.01
CA THR E 739 23.19 14.58 -5.96
C THR E 739 23.92 14.53 -4.62
N LEU E 740 24.36 13.36 -4.18
CA LEU E 740 25.02 13.28 -2.89
C LEU E 740 26.36 12.56 -3.02
N GLY E 741 27.07 12.47 -1.89
CA GLY E 741 28.28 11.69 -1.77
C GLY E 741 29.59 12.44 -1.77
N PRO E 742 29.71 13.54 -1.02
CA PRO E 742 30.94 14.34 -1.05
C PRO E 742 31.98 13.80 -0.08
N PRO E 743 33.10 13.26 -0.59
CA PRO E 743 34.18 12.86 0.32
C PRO E 743 35.30 13.90 0.42
N ASN E 744 35.75 14.18 1.65
CA ASN E 744 36.80 15.14 1.87
C ASN E 744 37.37 15.01 3.28
N GLN E 745 38.69 15.11 3.42
CA GLN E 745 39.31 14.98 4.72
C GLN E 745 40.70 15.60 4.83
N PRO E 746 41.27 16.03 3.71
CA PRO E 746 42.61 16.62 3.77
C PRO E 746 42.52 18.13 3.92
N PRO E 747 42.98 18.68 5.03
CA PRO E 747 43.15 20.14 5.09
C PRO E 747 44.58 20.56 4.85
N VAL E 748 45.50 19.60 4.76
CA VAL E 748 46.92 19.87 4.75
C VAL E 748 47.62 19.12 3.62
N SER E 749 46.92 18.16 3.01
CA SER E 749 47.50 17.34 1.95
C SER E 749 48.74 16.61 2.48
N ILE E 750 48.51 15.65 3.37
CA ILE E 750 49.49 15.11 4.31
C ILE E 750 50.76 14.58 3.66
N TRP E 751 50.79 14.47 2.34
CA TRP E 751 52.02 14.04 1.67
C TRP E 751 53.16 15.02 1.96
N LEU E 752 52.82 16.29 2.13
CA LEU E 752 53.80 17.33 2.46
C LEU E 752 54.49 17.02 3.78
N ILE E 753 53.78 16.38 4.71
CA ILE E 753 54.34 16.06 6.02
C ILE E 753 55.50 15.08 5.85
N VAL E 754 55.27 13.99 5.12
CA VAL E 754 56.33 13.00 4.92
C VAL E 754 57.45 13.59 4.07
N PHE E 755 57.10 14.41 3.09
CA PHE E 755 58.13 15.08 2.30
C PHE E 755 59.05 15.91 3.19
N GLY E 756 58.46 16.68 4.09
CA GLY E 756 59.22 17.49 5.02
C GLY E 756 60.06 16.71 6.02
N VAL E 757 59.51 15.63 6.59
CA VAL E 757 60.31 14.83 7.52
C VAL E 757 61.50 14.19 6.81
N VAL E 758 61.27 13.66 5.61
CA VAL E 758 62.35 13.02 4.86
C VAL E 758 63.41 14.05 4.48
N MET E 759 62.96 15.23 4.06
CA MET E 759 63.89 16.29 3.72
C MET E 759 64.71 16.74 4.93
N GLY E 760 64.09 16.83 6.10
CA GLY E 760 64.82 17.19 7.30
C GLY E 760 65.90 16.18 7.62
N VAL E 761 65.54 14.89 7.63
CA VAL E 761 66.51 13.84 7.93
C VAL E 761 67.65 13.87 6.91
N ILE E 762 67.31 14.10 5.64
CA ILE E 762 68.31 14.07 4.58
C ILE E 762 69.29 15.23 4.73
N VAL E 763 68.76 16.44 4.93
CA VAL E 763 69.66 17.58 5.09
C VAL E 763 70.51 17.44 6.33
N VAL E 764 69.96 16.86 7.40
CA VAL E 764 70.75 16.67 8.63
C VAL E 764 71.91 15.71 8.37
N GLY E 765 71.63 14.58 7.73
CA GLY E 765 72.72 13.68 7.34
C GLY E 765 73.74 14.37 6.45
N ILE E 766 73.25 15.27 5.58
CA ILE E 766 74.15 15.97 4.67
C ILE E 766 75.12 16.87 5.45
N VAL E 767 74.61 17.66 6.39
CA VAL E 767 75.50 18.58 7.11
C VAL E 767 76.45 17.78 8.00
N ILE E 768 75.96 16.69 8.58
CA ILE E 768 76.84 15.84 9.39
C ILE E 768 77.99 15.34 8.52
N LEU E 769 77.67 14.91 7.30
CA LEU E 769 78.71 14.34 6.43
C LEU E 769 79.69 15.40 5.97
N ILE E 770 79.21 16.61 5.64
CA ILE E 770 80.12 17.68 5.24
C ILE E 770 81.05 18.04 6.39
N PHE E 771 80.49 18.16 7.60
CA PHE E 771 81.30 18.51 8.77
C PHE E 771 82.36 17.44 9.01
N THR E 772 81.96 16.17 8.94
CA THR E 772 82.90 15.08 9.14
C THR E 772 84.02 15.11 8.09
N GLY E 773 83.65 15.19 6.82
CA GLY E 773 84.64 15.19 5.76
C GLY E 773 85.48 16.45 5.69
N ILE E 774 85.05 17.52 6.36
CA ILE E 774 85.80 18.76 6.36
C ILE E 774 86.80 18.77 7.51
N ARG E 775 86.32 18.54 8.74
CA ARG E 775 87.23 18.60 9.87
C ARG E 775 88.20 17.43 9.91
N ASP E 776 87.82 16.28 9.35
CA ASP E 776 88.73 15.14 9.28
C ASP E 776 89.72 15.25 8.13
N ARG E 777 89.43 16.05 7.11
CA ARG E 777 90.37 16.24 6.01
C ARG E 777 91.33 17.37 6.32
N THR F 34 -99.56 -11.42 -58.84
CA THR F 34 -98.58 -12.30 -59.46
C THR F 34 -97.44 -12.60 -58.49
N ASN F 35 -97.04 -13.86 -58.40
CA ASN F 35 -95.99 -14.30 -57.48
C ASN F 35 -94.65 -13.81 -58.01
N LEU F 36 -94.05 -12.86 -57.29
CA LEU F 36 -92.76 -12.33 -57.68
C LEU F 36 -91.65 -13.29 -57.26
N CYS F 37 -90.47 -13.07 -57.83
CA CYS F 37 -89.31 -13.90 -57.48
C CYS F 37 -88.89 -13.60 -56.05
N PRO F 38 -88.66 -14.62 -55.23
CA PRO F 38 -88.27 -14.40 -53.83
C PRO F 38 -86.80 -14.04 -53.68
N PHE F 39 -86.38 -12.99 -54.40
CA PHE F 39 -85.02 -12.47 -54.27
C PHE F 39 -84.77 -11.86 -52.90
N ASP F 40 -85.84 -11.57 -52.15
CA ASP F 40 -85.71 -10.93 -50.85
C ASP F 40 -85.15 -11.87 -49.79
N GLU F 41 -85.03 -13.17 -50.07
CA GLU F 41 -84.46 -14.09 -49.10
C GLU F 41 -83.00 -14.42 -49.35
N VAL F 42 -82.62 -14.70 -50.61
CA VAL F 42 -81.22 -15.02 -50.88
C VAL F 42 -80.36 -13.78 -50.76
N PHE F 43 -80.97 -12.60 -50.69
CA PHE F 43 -80.23 -11.36 -50.48
C PHE F 43 -80.27 -10.88 -49.05
N ASN F 44 -81.33 -11.22 -48.30
CA ASN F 44 -81.46 -10.79 -46.92
C ASN F 44 -81.19 -11.92 -45.93
N ALA F 45 -80.59 -13.02 -46.38
CA ALA F 45 -80.30 -14.12 -45.49
C ALA F 45 -79.41 -13.66 -44.34
N THR F 46 -79.97 -13.72 -43.12
CA THR F 46 -79.25 -13.25 -41.95
C THR F 46 -77.99 -14.06 -41.67
N ARG F 47 -77.88 -15.26 -42.26
CA ARG F 47 -76.69 -16.08 -42.13
C ARG F 47 -76.36 -16.66 -43.49
N PHE F 48 -75.19 -16.32 -44.03
CA PHE F 48 -74.76 -16.82 -45.32
C PHE F 48 -73.99 -18.13 -45.16
N ALA F 49 -73.72 -18.77 -46.28
CA ALA F 49 -73.03 -20.04 -46.31
C ALA F 49 -71.54 -19.85 -46.62
N SER F 50 -70.75 -20.81 -46.19
CA SER F 50 -69.33 -20.81 -46.50
C SER F 50 -69.10 -21.01 -47.99
N VAL F 51 -67.85 -20.89 -48.41
CA VAL F 51 -67.54 -20.99 -49.84
C VAL F 51 -67.32 -22.45 -50.24
N TYR F 52 -66.76 -23.24 -49.34
CA TYR F 52 -66.60 -24.66 -49.62
C TYR F 52 -67.93 -25.38 -49.66
N ALA F 53 -68.92 -24.87 -48.93
CA ALA F 53 -70.30 -25.35 -48.98
C ALA F 53 -71.19 -24.15 -49.29
N TRP F 54 -71.33 -23.84 -50.57
CA TRP F 54 -72.09 -22.67 -50.99
C TRP F 54 -73.56 -23.03 -51.15
N ASN F 55 -74.42 -22.04 -50.87
CA ASN F 55 -75.85 -22.25 -50.97
C ASN F 55 -76.30 -22.07 -52.42
N ARG F 56 -77.30 -22.87 -52.81
CA ARG F 56 -77.83 -22.80 -54.17
C ARG F 56 -79.34 -22.90 -54.09
N LYS F 57 -80.02 -21.86 -54.58
CA LYS F 57 -81.48 -21.81 -54.57
C LYS F 57 -81.98 -21.70 -56.01
N ARG F 58 -82.87 -22.62 -56.39
CA ARG F 58 -83.46 -22.64 -57.72
C ARG F 58 -84.80 -21.92 -57.69
N ILE F 59 -84.99 -21.00 -58.63
CA ILE F 59 -86.20 -20.18 -58.69
C ILE F 59 -87.11 -20.71 -59.78
N SER F 60 -88.37 -20.97 -59.42
CA SER F 60 -89.32 -21.66 -60.30
C SER F 60 -90.03 -20.66 -61.19
N ASN F 61 -91.06 -21.13 -61.89
CA ASN F 61 -91.78 -20.31 -62.86
C ASN F 61 -92.55 -19.20 -62.14
N CYS F 62 -92.08 -17.97 -62.30
CA CYS F 62 -92.65 -16.80 -61.66
C CYS F 62 -92.36 -15.61 -62.57
N VAL F 63 -92.47 -14.40 -62.03
CA VAL F 63 -92.02 -13.20 -62.71
C VAL F 63 -90.77 -12.69 -62.01
N ALA F 64 -89.76 -12.33 -62.80
CA ALA F 64 -88.43 -12.00 -62.28
C ALA F 64 -88.26 -10.48 -62.25
N ASP F 65 -88.12 -9.93 -61.05
CA ASP F 65 -87.91 -8.49 -60.87
C ASP F 65 -86.41 -8.27 -60.63
N TYR F 66 -85.71 -7.87 -61.69
CA TYR F 66 -84.32 -7.45 -61.56
C TYR F 66 -84.20 -5.99 -61.16
N SER F 67 -85.30 -5.25 -61.15
CA SER F 67 -85.30 -3.84 -60.79
C SER F 67 -85.32 -3.61 -59.29
N VAL F 68 -85.37 -4.67 -58.48
CA VAL F 68 -85.33 -4.52 -57.03
C VAL F 68 -83.90 -4.48 -56.52
N LEU F 69 -82.97 -5.15 -57.20
CA LEU F 69 -81.57 -5.17 -56.80
C LEU F 69 -80.73 -4.13 -57.53
N TYR F 70 -81.05 -3.85 -58.79
CA TYR F 70 -80.22 -2.92 -59.56
C TYR F 70 -80.36 -1.49 -59.06
N ASN F 71 -81.56 -1.11 -58.62
CA ASN F 71 -81.74 0.21 -58.03
C ASN F 71 -81.32 0.25 -56.56
N PHE F 72 -80.92 -0.89 -56.00
CA PHE F 72 -80.86 -1.01 -54.55
C PHE F 72 -79.66 -0.27 -53.95
N ALA F 73 -78.44 -0.68 -54.30
CA ALA F 73 -77.30 -0.32 -53.47
C ALA F 73 -76.05 -0.07 -54.31
N PRO F 74 -74.97 0.48 -53.72
CA PRO F 74 -73.71 0.66 -54.48
C PRO F 74 -73.23 -0.61 -55.14
N PHE F 75 -73.32 -1.75 -54.45
CA PHE F 75 -73.02 -3.05 -55.05
C PHE F 75 -71.60 -3.09 -55.59
N PHE F 76 -70.62 -3.09 -54.69
CA PHE F 76 -69.21 -2.99 -55.01
C PHE F 76 -68.78 -3.83 -56.22
N ALA F 77 -69.45 -4.95 -56.46
CA ALA F 77 -69.19 -5.75 -57.65
C ALA F 77 -70.50 -6.12 -58.30
N PHE F 78 -70.64 -5.81 -59.59
CA PHE F 78 -71.81 -6.25 -60.36
C PHE F 78 -71.35 -6.42 -61.82
N LYS F 79 -70.97 -7.65 -62.16
CA LYS F 79 -70.41 -7.94 -63.48
C LYS F 79 -71.31 -8.93 -64.19
N CYS F 80 -71.76 -8.57 -65.39
CA CYS F 80 -72.62 -9.43 -66.17
C CYS F 80 -72.00 -9.75 -67.52
N TYR F 81 -71.93 -11.04 -67.83
CA TYR F 81 -71.18 -11.54 -68.98
C TYR F 81 -72.07 -11.96 -70.13
N GLY F 82 -73.02 -12.86 -69.89
CA GLY F 82 -73.83 -13.40 -70.97
C GLY F 82 -74.80 -12.40 -71.55
N VAL F 83 -75.66 -11.84 -70.71
CA VAL F 83 -76.61 -10.84 -71.12
C VAL F 83 -76.10 -9.47 -70.70
N SER F 84 -76.61 -8.44 -71.35
CA SER F 84 -76.19 -7.15 -70.83
C SER F 84 -77.01 -6.79 -69.59
N PRO F 85 -76.40 -6.08 -68.63
CA PRO F 85 -77.09 -5.81 -67.36
C PRO F 85 -78.35 -4.99 -67.50
N THR F 86 -78.60 -4.41 -68.67
CA THR F 86 -79.72 -3.48 -68.85
C THR F 86 -81.01 -4.16 -69.30
N LYS F 87 -80.91 -5.24 -70.07
CA LYS F 87 -82.06 -5.81 -70.76
C LYS F 87 -82.56 -7.09 -70.10
N LEU F 88 -82.45 -7.18 -68.78
CA LEU F 88 -82.93 -8.35 -68.05
C LEU F 88 -84.46 -8.40 -68.08
N ASN F 89 -85.10 -7.41 -68.69
CA ASN F 89 -86.55 -7.27 -68.64
C ASN F 89 -87.23 -7.57 -69.96
N ASP F 90 -86.51 -8.17 -70.92
CA ASP F 90 -87.14 -8.57 -72.17
C ASP F 90 -86.70 -9.96 -72.64
N LEU F 91 -85.76 -10.61 -71.95
CA LEU F 91 -85.35 -11.97 -72.26
C LEU F 91 -85.81 -12.90 -71.16
N CYS F 92 -86.04 -14.16 -71.53
CA CYS F 92 -86.56 -15.15 -70.59
C CYS F 92 -85.75 -16.44 -70.69
N PHE F 93 -85.78 -17.21 -69.60
CA PHE F 93 -84.97 -18.41 -69.45
C PHE F 93 -85.72 -19.41 -68.58
N THR F 94 -85.35 -20.69 -68.70
CA THR F 94 -86.15 -21.76 -68.10
C THR F 94 -86.16 -21.65 -66.57
N ASN F 95 -84.98 -21.77 -65.95
CA ASN F 95 -84.87 -21.62 -64.52
C ASN F 95 -83.56 -20.92 -64.19
N VAL F 96 -83.54 -20.24 -63.05
CA VAL F 96 -82.37 -19.50 -62.62
C VAL F 96 -81.93 -20.01 -61.26
N TYR F 97 -80.62 -20.10 -61.08
CA TYR F 97 -80.01 -20.51 -59.83
C TYR F 97 -79.33 -19.30 -59.19
N ALA F 98 -79.46 -19.19 -57.88
CA ALA F 98 -78.78 -18.17 -57.09
C ALA F 98 -77.83 -18.90 -56.15
N ASP F 99 -76.53 -18.75 -56.38
CA ASP F 99 -75.51 -19.31 -55.52
C ASP F 99 -74.96 -18.22 -54.61
N SER F 100 -74.93 -18.50 -53.32
CA SER F 100 -74.61 -17.53 -52.29
C SER F 100 -73.48 -18.05 -51.41
N PHE F 101 -72.50 -17.20 -51.14
CA PHE F 101 -71.44 -17.52 -50.20
C PHE F 101 -70.76 -16.24 -49.74
N VAL F 102 -69.69 -16.42 -48.98
CA VAL F 102 -68.90 -15.31 -48.43
C VAL F 102 -67.43 -15.62 -48.65
N ILE F 103 -66.71 -14.65 -49.21
CA ILE F 103 -65.26 -14.82 -49.41
C ILE F 103 -64.54 -13.56 -48.96
N ARG F 104 -63.21 -13.58 -49.04
CA ARG F 104 -62.43 -12.41 -48.68
C ARG F 104 -62.57 -11.35 -49.76
N GLY F 105 -62.01 -10.17 -49.49
CA GLY F 105 -62.16 -9.06 -50.41
C GLY F 105 -61.41 -9.29 -51.72
N ASN F 106 -60.14 -9.65 -51.63
CA ASN F 106 -59.29 -9.78 -52.81
C ASN F 106 -59.45 -11.11 -53.51
N GLU F 107 -60.49 -11.88 -53.19
CA GLU F 107 -60.77 -13.11 -53.92
C GLU F 107 -61.98 -12.97 -54.84
N VAL F 108 -62.68 -11.84 -54.78
CA VAL F 108 -63.82 -11.63 -55.67
C VAL F 108 -63.40 -11.65 -57.13
N SER F 109 -62.16 -11.25 -57.44
CA SER F 109 -61.68 -11.32 -58.81
C SER F 109 -61.59 -12.74 -59.34
N GLN F 110 -61.58 -13.74 -58.47
CA GLN F 110 -61.50 -15.12 -58.91
C GLN F 110 -62.85 -15.70 -59.34
N ILE F 111 -63.95 -15.01 -59.05
CA ILE F 111 -65.28 -15.49 -59.43
C ILE F 111 -65.52 -14.98 -60.85
N ALA F 112 -64.99 -15.72 -61.80
CA ALA F 112 -65.06 -15.34 -63.21
C ALA F 112 -64.61 -16.51 -64.08
N PRO F 113 -65.21 -16.70 -65.25
CA PRO F 113 -64.80 -17.81 -66.12
C PRO F 113 -63.35 -17.65 -66.55
N GLY F 114 -62.56 -18.69 -66.33
CA GLY F 114 -61.15 -18.65 -66.68
C GLY F 114 -60.28 -18.02 -65.63
N GLN F 115 -60.40 -18.46 -64.38
CA GLN F 115 -59.59 -17.93 -63.29
C GLN F 115 -58.97 -19.09 -62.51
N THR F 116 -57.81 -18.83 -61.92
CA THR F 116 -57.14 -19.81 -61.09
C THR F 116 -56.90 -19.20 -59.71
N GLY F 117 -56.85 -20.07 -58.72
CA GLY F 117 -56.64 -19.64 -57.35
C GLY F 117 -57.32 -20.60 -56.39
N ASN F 118 -57.01 -20.41 -55.10
CA ASN F 118 -57.51 -21.31 -54.08
C ASN F 118 -59.03 -21.38 -54.05
N ILE F 119 -59.71 -20.35 -54.55
CA ILE F 119 -61.16 -20.35 -54.58
C ILE F 119 -61.70 -20.90 -55.89
N ALA F 120 -61.08 -20.53 -57.01
CA ALA F 120 -61.52 -21.01 -58.31
C ALA F 120 -61.07 -22.43 -58.59
N ASP F 121 -60.35 -23.06 -57.68
CA ASP F 121 -59.84 -24.41 -57.90
C ASP F 121 -60.41 -25.43 -56.94
N TYR F 122 -60.63 -25.06 -55.68
CA TYR F 122 -61.03 -26.00 -54.66
C TYR F 122 -62.36 -25.66 -54.00
N ASN F 123 -62.92 -24.48 -54.26
CA ASN F 123 -64.13 -24.06 -53.57
C ASN F 123 -65.30 -23.79 -54.50
N TYR F 124 -65.07 -23.06 -55.60
CA TYR F 124 -66.15 -22.71 -56.51
C TYR F 124 -65.58 -22.43 -57.88
N LYS F 125 -66.13 -23.06 -58.90
CA LYS F 125 -65.64 -22.94 -60.27
C LYS F 125 -66.77 -22.47 -61.17
N LEU F 126 -66.44 -21.63 -62.16
CA LEU F 126 -67.39 -21.15 -63.14
C LEU F 126 -66.99 -21.61 -64.53
N PRO F 127 -67.89 -22.22 -65.29
CA PRO F 127 -67.53 -22.65 -66.64
C PRO F 127 -67.36 -21.46 -67.58
N ASP F 128 -66.51 -21.65 -68.59
CA ASP F 128 -66.14 -20.57 -69.48
C ASP F 128 -67.31 -20.09 -70.33
N ASP F 129 -68.33 -20.91 -70.51
CA ASP F 129 -69.52 -20.55 -71.27
C ASP F 129 -70.62 -20.06 -70.35
N PHE F 130 -70.24 -19.36 -69.28
CA PHE F 130 -71.20 -18.89 -68.30
C PHE F 130 -72.21 -17.94 -68.93
N THR F 131 -73.48 -18.12 -68.56
CA THR F 131 -74.55 -17.29 -69.09
C THR F 131 -75.21 -16.40 -68.04
N GLY F 132 -75.12 -16.75 -66.77
CA GLY F 132 -75.55 -15.88 -65.69
C GLY F 132 -74.54 -14.77 -65.46
N CYS F 133 -74.55 -14.20 -64.25
CA CYS F 133 -73.64 -13.13 -63.89
C CYS F 133 -73.29 -13.18 -62.41
N VAL F 134 -72.50 -12.22 -61.94
CA VAL F 134 -72.13 -12.20 -60.53
C VAL F 134 -72.34 -10.82 -59.92
N ILE F 135 -72.58 -10.81 -58.61
CA ILE F 135 -72.63 -9.58 -57.82
C ILE F 135 -72.04 -9.88 -56.45
N ALA F 136 -71.39 -8.88 -55.86
CA ALA F 136 -70.80 -9.01 -54.53
C ALA F 136 -70.83 -7.65 -53.85
N TRP F 137 -70.89 -7.68 -52.52
CA TRP F 137 -70.85 -6.44 -51.76
C TRP F 137 -70.16 -6.68 -50.43
N ASN F 138 -69.81 -5.58 -49.77
CA ASN F 138 -69.09 -5.64 -48.50
C ASN F 138 -70.08 -5.81 -47.36
N SER F 139 -69.67 -6.61 -46.37
CA SER F 139 -70.49 -6.91 -45.21
C SER F 139 -69.66 -6.88 -43.94
N ASN F 140 -68.73 -5.93 -43.86
CA ASN F 140 -67.85 -5.86 -42.70
C ASN F 140 -68.64 -5.63 -41.42
N LYS F 141 -69.65 -4.77 -41.48
CA LYS F 141 -70.46 -4.46 -40.31
C LYS F 141 -71.38 -5.61 -39.90
N LEU F 142 -71.46 -6.67 -40.68
CA LEU F 142 -72.37 -7.77 -40.39
C LEU F 142 -71.63 -9.04 -39.98
N ASP F 143 -70.73 -9.54 -40.84
CA ASP F 143 -70.13 -10.86 -40.67
C ASP F 143 -68.80 -10.82 -39.95
N SER F 144 -68.44 -9.70 -39.33
CA SER F 144 -67.17 -9.55 -38.63
C SER F 144 -67.43 -9.15 -37.20
N LYS F 145 -66.70 -9.77 -36.28
CA LYS F 145 -66.85 -9.52 -34.85
C LYS F 145 -65.48 -9.41 -34.20
N VAL F 146 -65.39 -8.54 -33.20
CA VAL F 146 -64.14 -8.37 -32.46
C VAL F 146 -63.80 -9.68 -31.77
N GLY F 147 -62.58 -10.17 -31.99
CA GLY F 147 -62.14 -11.42 -31.42
C GLY F 147 -62.08 -12.57 -32.40
N GLY F 148 -62.69 -12.44 -33.58
CA GLY F 148 -62.60 -13.47 -34.58
C GLY F 148 -63.92 -14.16 -34.85
N ASN F 149 -64.30 -14.24 -36.12
CA ASN F 149 -65.52 -14.93 -36.55
C ASN F 149 -65.09 -16.17 -37.33
N TYR F 150 -64.83 -17.26 -36.60
CA TYR F 150 -64.32 -18.49 -37.18
C TYR F 150 -65.42 -19.39 -37.74
N ASN F 151 -66.58 -18.82 -38.06
CA ASN F 151 -67.69 -19.59 -38.60
C ASN F 151 -67.71 -19.62 -40.12
N TYR F 152 -66.66 -19.13 -40.77
CA TYR F 152 -66.57 -19.11 -42.22
C TYR F 152 -65.33 -19.89 -42.64
N LEU F 153 -65.53 -20.95 -43.41
CA LEU F 153 -64.46 -21.86 -43.77
C LEU F 153 -64.16 -21.79 -45.25
N TYR F 154 -63.04 -22.40 -45.62
CA TYR F 154 -62.65 -22.56 -47.01
C TYR F 154 -61.62 -23.68 -47.09
N ARG F 155 -61.62 -24.36 -48.22
CA ARG F 155 -60.71 -25.47 -48.46
C ARG F 155 -59.51 -24.98 -49.27
N LEU F 156 -58.31 -25.34 -48.82
CA LEU F 156 -57.10 -24.93 -49.50
C LEU F 156 -56.24 -26.09 -49.95
N PHE F 157 -56.62 -27.33 -49.64
CA PHE F 157 -55.88 -28.51 -50.08
C PHE F 157 -56.85 -29.44 -50.79
N ARG F 158 -56.41 -29.98 -51.92
CA ARG F 158 -57.22 -30.95 -52.66
C ARG F 158 -56.33 -31.68 -53.64
N LYS F 159 -56.77 -32.89 -54.02
CA LYS F 159 -55.98 -33.70 -54.94
C LYS F 159 -56.02 -33.15 -56.36
N SER F 160 -57.20 -32.71 -56.80
CA SER F 160 -57.36 -32.23 -58.17
C SER F 160 -58.32 -31.05 -58.19
N ASN F 161 -58.38 -30.41 -59.36
CA ASN F 161 -59.23 -29.24 -59.53
C ASN F 161 -60.70 -29.62 -59.50
N LEU F 162 -61.54 -28.63 -59.21
CA LEU F 162 -62.98 -28.85 -59.23
C LEU F 162 -63.53 -28.71 -60.63
N LYS F 163 -64.66 -29.33 -60.87
CA LYS F 163 -65.37 -29.17 -62.13
C LYS F 163 -66.41 -28.07 -62.00
N PRO F 164 -66.86 -27.51 -63.12
CA PRO F 164 -67.83 -26.40 -63.05
C PRO F 164 -69.05 -26.77 -62.20
N PHE F 165 -69.34 -25.91 -61.23
CA PHE F 165 -70.49 -26.06 -60.34
C PHE F 165 -70.44 -27.36 -59.54
N GLU F 166 -69.24 -27.78 -59.17
CA GLU F 166 -69.06 -28.94 -58.28
C GLU F 166 -69.00 -28.46 -56.84
N ARG F 167 -69.58 -29.25 -55.95
CA ARG F 167 -69.60 -28.94 -54.52
C ARG F 167 -69.01 -30.10 -53.75
N ASP F 168 -68.03 -29.81 -52.90
CA ASP F 168 -67.30 -30.83 -52.15
C ASP F 168 -67.28 -30.45 -50.68
N ILE F 169 -67.77 -31.35 -49.83
CA ILE F 169 -67.87 -31.13 -48.40
C ILE F 169 -67.08 -32.16 -47.61
N SER F 170 -66.38 -33.06 -48.29
CA SER F 170 -65.61 -34.09 -47.62
C SER F 170 -64.57 -33.46 -46.68
N THR F 171 -64.28 -34.18 -45.60
CA THR F 171 -63.35 -33.70 -44.58
C THR F 171 -62.22 -34.71 -44.37
N GLU F 172 -61.82 -35.37 -45.45
CA GLU F 172 -60.75 -36.36 -45.37
C GLU F 172 -59.41 -35.64 -45.25
N ILE F 173 -58.49 -36.25 -44.51
CA ILE F 173 -57.21 -35.62 -44.22
C ILE F 173 -56.31 -35.72 -45.45
N TYR F 174 -56.02 -34.56 -46.05
CA TYR F 174 -55.24 -34.50 -47.29
C TYR F 174 -53.83 -35.04 -47.06
N GLN F 175 -53.40 -35.94 -47.93
CA GLN F 175 -52.10 -36.60 -47.83
C GLN F 175 -51.14 -35.97 -48.82
N ALA F 176 -50.07 -35.37 -48.32
CA ALA F 176 -49.12 -34.66 -49.16
C ALA F 176 -47.97 -35.52 -49.64
N GLY F 177 -47.37 -36.30 -48.75
CA GLY F 177 -46.24 -37.14 -49.09
C GLY F 177 -46.66 -38.42 -49.78
N ASN F 178 -45.87 -39.46 -49.59
CA ASN F 178 -46.15 -40.77 -50.15
C ASN F 178 -46.56 -41.78 -49.09
N LYS F 179 -46.53 -41.40 -47.81
CA LYS F 179 -46.88 -42.35 -46.78
C LYS F 179 -48.31 -42.13 -46.33
N PRO F 180 -49.11 -43.18 -46.20
CA PRO F 180 -50.48 -43.00 -45.73
C PRO F 180 -50.49 -42.51 -44.29
N CYS F 181 -51.53 -41.76 -43.94
CA CYS F 181 -51.57 -41.14 -42.63
C CYS F 181 -52.71 -41.64 -41.77
N ASN F 182 -53.56 -42.53 -42.28
CA ASN F 182 -54.56 -43.26 -41.50
C ASN F 182 -55.53 -42.35 -40.75
N GLY F 183 -55.92 -41.23 -41.34
CA GLY F 183 -56.95 -40.44 -40.71
C GLY F 183 -56.53 -39.70 -39.45
N VAL F 184 -55.28 -39.27 -39.38
CA VAL F 184 -54.80 -38.46 -38.27
C VAL F 184 -54.00 -37.31 -38.86
N ALA F 185 -53.95 -36.19 -38.16
CA ALA F 185 -53.14 -35.08 -38.60
C ALA F 185 -51.67 -35.35 -38.28
N GLY F 186 -50.79 -34.61 -38.94
CA GLY F 186 -49.38 -34.69 -38.65
C GLY F 186 -48.47 -34.35 -39.80
N PHE F 187 -47.32 -35.02 -39.85
CA PHE F 187 -46.28 -34.71 -40.82
C PHE F 187 -46.72 -35.18 -42.19
N ASN F 188 -46.74 -34.26 -43.15
CA ASN F 188 -47.14 -34.51 -44.53
C ASN F 188 -48.58 -34.95 -44.68
N CYS F 189 -49.43 -34.69 -43.67
CA CYS F 189 -50.87 -34.95 -43.78
C CYS F 189 -51.58 -33.90 -42.96
N TYR F 190 -52.42 -33.08 -43.60
CA TYR F 190 -52.98 -31.89 -42.97
C TYR F 190 -54.50 -31.91 -43.07
N PHE F 191 -55.13 -31.12 -42.21
CA PHE F 191 -56.56 -30.91 -42.28
C PHE F 191 -56.89 -29.98 -43.45
N PRO F 192 -57.87 -30.33 -44.28
CA PRO F 192 -58.07 -29.61 -45.55
C PRO F 192 -58.84 -28.30 -45.45
N LEU F 193 -59.43 -27.96 -44.31
CA LEU F 193 -60.29 -26.80 -44.21
C LEU F 193 -59.73 -25.83 -43.17
N ARG F 194 -59.78 -24.53 -43.48
CA ARG F 194 -59.36 -23.49 -42.57
C ARG F 194 -60.43 -22.40 -42.52
N SER F 195 -60.18 -21.38 -41.70
CA SER F 195 -61.21 -20.40 -41.36
C SER F 195 -60.72 -18.99 -41.62
N TYR F 196 -61.64 -18.13 -42.03
CA TYR F 196 -61.37 -16.70 -42.11
C TYR F 196 -61.54 -16.07 -40.74
N GLY F 197 -60.45 -15.62 -40.14
CA GLY F 197 -60.54 -14.98 -38.85
C GLY F 197 -61.02 -13.54 -38.98
N PHE F 198 -62.23 -13.35 -39.49
CA PHE F 198 -62.71 -12.02 -39.79
C PHE F 198 -62.76 -11.16 -38.53
N ARG F 199 -62.33 -9.91 -38.66
CA ARG F 199 -62.35 -8.92 -37.61
C ARG F 199 -62.66 -7.57 -38.23
N PRO F 200 -63.18 -6.62 -37.46
CA PRO F 200 -63.54 -5.32 -38.05
C PRO F 200 -62.32 -4.49 -38.42
N THR F 201 -61.19 -4.68 -37.75
CA THR F 201 -59.99 -3.90 -38.03
C THR F 201 -59.12 -4.55 -39.09
N TYR F 202 -59.71 -4.82 -40.24
CA TYR F 202 -58.99 -5.36 -41.39
C TYR F 202 -59.03 -4.34 -42.53
N GLY F 203 -58.21 -4.57 -43.53
CA GLY F 203 -58.19 -3.73 -44.69
C GLY F 203 -59.08 -4.25 -45.79
N VAL F 204 -59.59 -3.32 -46.61
CA VAL F 204 -60.42 -3.69 -47.74
C VAL F 204 -59.64 -4.65 -48.62
N GLY F 205 -60.11 -5.88 -48.73
CA GLY F 205 -59.38 -6.97 -49.33
C GLY F 205 -59.14 -8.12 -48.39
N HIS F 206 -59.12 -7.85 -47.08
CA HIS F 206 -59.14 -8.90 -46.07
C HIS F 206 -60.45 -8.94 -45.31
N GLN F 207 -61.45 -8.19 -45.73
CA GLN F 207 -62.74 -8.11 -45.07
C GLN F 207 -63.75 -9.02 -45.74
N PRO F 208 -64.81 -9.41 -45.03
CA PRO F 208 -65.80 -10.31 -45.62
C PRO F 208 -66.60 -9.65 -46.71
N TYR F 209 -66.85 -10.40 -47.77
CA TYR F 209 -67.67 -9.95 -48.89
C TYR F 209 -68.69 -11.03 -49.23
N ARG F 210 -69.96 -10.63 -49.30
CA ARG F 210 -71.04 -11.54 -49.65
C ARG F 210 -71.20 -11.57 -51.15
N VAL F 211 -71.18 -12.76 -51.74
CA VAL F 211 -71.24 -12.96 -53.17
C VAL F 211 -72.50 -13.75 -53.52
N VAL F 212 -73.25 -13.24 -54.50
CA VAL F 212 -74.40 -13.92 -55.07
C VAL F 212 -74.21 -13.95 -56.58
N VAL F 213 -74.22 -15.15 -57.14
CA VAL F 213 -74.07 -15.35 -58.59
C VAL F 213 -75.34 -15.97 -59.12
N LEU F 214 -75.93 -15.35 -60.14
CA LEU F 214 -77.11 -15.87 -60.79
C LEU F 214 -76.68 -16.67 -62.02
N SER F 215 -77.43 -17.72 -62.33
CA SER F 215 -77.11 -18.59 -63.45
C SER F 215 -78.39 -18.92 -64.19
N PHE F 216 -78.42 -18.62 -65.49
CA PHE F 216 -79.58 -18.82 -66.33
C PHE F 216 -79.50 -20.17 -67.05
N GLU F 217 -80.63 -20.57 -67.61
CA GLU F 217 -80.74 -21.90 -68.24
C GLU F 217 -81.95 -21.91 -69.18
N LEU F 218 -81.78 -22.51 -70.36
CA LEU F 218 -82.85 -22.67 -71.35
C LEU F 218 -82.62 -24.00 -72.07
N LEU F 219 -83.22 -25.07 -71.56
CA LEU F 219 -83.07 -26.38 -72.19
C LEU F 219 -84.07 -26.56 -73.33
N HIS F 220 -85.36 -26.67 -72.99
CA HIS F 220 -86.39 -26.78 -74.02
C HIS F 220 -87.71 -26.12 -73.64
N ALA F 221 -87.81 -25.45 -72.50
CA ALA F 221 -89.12 -25.08 -71.98
C ALA F 221 -89.74 -23.94 -72.81
N PRO F 222 -91.01 -24.07 -73.20
CA PRO F 222 -91.64 -23.02 -74.02
C PRO F 222 -91.98 -21.75 -73.25
N ALA F 223 -92.58 -21.89 -72.07
CA ALA F 223 -93.02 -20.74 -71.27
C ALA F 223 -92.45 -20.89 -69.87
N THR F 224 -91.62 -19.94 -69.45
CA THR F 224 -90.84 -20.07 -68.23
C THR F 224 -90.95 -18.79 -67.41
N VAL F 225 -90.11 -18.71 -66.37
CA VAL F 225 -90.05 -17.52 -65.51
C VAL F 225 -89.22 -16.45 -66.19
N CYS F 226 -89.76 -15.23 -66.24
CA CYS F 226 -88.98 -14.07 -66.69
C CYS F 226 -89.71 -12.78 -66.32
N GLY F 227 -89.13 -11.66 -66.78
CA GLY F 227 -89.41 -10.36 -66.21
C GLY F 227 -90.81 -9.86 -66.48
N PRO F 228 -91.15 -8.75 -65.83
CA PRO F 228 -92.49 -8.17 -65.97
C PRO F 228 -92.56 -7.11 -67.07
N LYS F 229 -93.77 -6.92 -67.58
CA LYS F 229 -94.05 -5.90 -68.58
C LYS F 229 -95.03 -4.87 -68.00
N LYS F 230 -95.04 -3.69 -68.61
CA LYS F 230 -95.84 -2.57 -68.14
C LYS F 230 -97.20 -2.60 -68.83
N SER F 231 -98.26 -2.57 -68.04
CA SER F 231 -99.62 -2.57 -68.58
C SER F 231 -100.46 -1.48 -67.93
C1 NAG G . 16.47 -7.72 44.56
C2 NAG G . 16.21 -9.18 45.04
C3 NAG G . 14.87 -9.26 45.76
C4 NAG G . 14.74 -8.21 46.85
C5 NAG G . 15.04 -6.83 46.28
C6 NAG G . 15.06 -5.74 47.33
C7 NAG G . 16.35 -11.43 44.06
C8 NAG G . 16.35 -12.23 42.79
N2 NAG G . 16.24 -10.10 43.92
O3 NAG G . 14.70 -10.56 46.32
O4 NAG G . 13.41 -8.21 47.35
O5 NAG G . 16.33 -6.83 45.66
O6 NAG G . 16.39 -5.45 47.75
O7 NAG G . 16.43 -11.95 45.17
C1 NAG G . 13.34 -8.46 48.77
C2 NAG G . 12.15 -7.67 49.31
C3 NAG G . 11.97 -7.94 50.81
C4 NAG G . 11.88 -9.44 51.07
C5 NAG G . 13.09 -10.14 50.47
C6 NAG G . 13.03 -11.65 50.61
C7 NAG G . 11.37 -5.50 48.49
C8 NAG G . 11.71 -4.05 48.31
N2 NAG G . 12.31 -6.25 49.06
O3 NAG G . 10.79 -7.30 51.26
O4 NAG G . 11.82 -9.69 52.47
O5 NAG G . 13.17 -9.86 49.06
O6 NAG G . 14.20 -12.26 50.07
O7 NAG G . 10.28 -5.96 48.14
C1 NAG H . -58.29 19.37 2.82
C2 NAG H . -59.79 19.62 2.85
C3 NAG H . -60.30 19.89 1.44
C4 NAG H . -59.51 20.99 0.77
C5 NAG H . -58.00 20.75 0.89
C6 NAG H . -57.17 21.93 0.44
C7 NAG H . -61.35 18.63 4.46
C8 NAG H . -61.99 17.36 4.94
N2 NAG H . -60.49 18.49 3.44
O3 NAG H . -61.68 20.25 1.51
O4 NAG H . -59.81 21.03 -0.62
O5 NAG H . -57.64 20.50 2.25
O6 NAG H . -57.16 22.96 1.42
O7 NAG H . -61.60 19.71 4.95
C1 NAG H . -60.61 22.18 -1.00
C2 NAG H . -61.91 21.64 -1.59
C3 NAG H . -62.84 22.80 -1.96
C4 NAG H . -63.04 23.72 -0.77
C5 NAG H . -61.68 24.18 -0.23
C6 NAG H . -61.79 25.03 1.01
C7 NAG H . -61.43 19.49 -2.67
C8 NAG H . -61.20 18.78 -3.96
N2 NAG H . -61.66 20.80 -2.75
O3 NAG H . -64.10 22.27 -2.37
O4 NAG H . -63.79 24.86 -1.16
O5 NAG H . -60.89 23.03 0.12
O6 NAG H . -63.04 25.71 1.06
O7 NAG H . -61.43 18.90 -1.59
C1 NAG I . -47.40 37.14 44.02
C2 NAG I . -48.37 36.60 42.99
C3 NAG I . -49.75 36.41 43.61
C4 NAG I . -49.64 35.53 44.86
C5 NAG I . -48.55 36.05 45.80
C6 NAG I . -48.26 35.12 46.94
C7 NAG I . -48.94 37.10 40.65
C8 NAG I . -48.96 38.14 39.57
N2 NAG I . -48.47 37.49 41.83
O3 NAG I . -50.62 35.83 42.66
O4 NAG I . -50.87 35.54 45.56
O5 NAG I . -47.32 36.22 45.09
O6 NAG I . -46.86 35.07 47.22
O7 NAG I . -49.32 35.96 40.45
C1 NAG I . -51.72 34.48 45.08
C2 NAG I . -52.51 33.89 46.26
C3 NAG I . -53.46 32.80 45.75
C4 NAG I . -54.33 33.33 44.63
C5 NAG I . -53.48 33.96 43.53
C6 NAG I . -54.29 34.63 42.46
C7 NAG I . -51.54 33.86 48.51
C8 NAG I . -50.56 33.20 49.43
N2 NAG I . -51.61 33.37 47.27
O3 NAG I . -54.27 32.36 46.84
O4 NAG I . -55.10 32.28 44.07
O5 NAG I . -52.63 34.97 44.09
O6 NAG I . -53.70 35.85 42.04
O7 NAG I . -52.23 34.81 48.87
C1 NAG J . -29.04 38.06 26.48
C2 NAG J . -28.32 38.21 27.83
C3 NAG J . -27.82 39.64 28.02
C4 NAG J . -26.97 40.06 26.83
C5 NAG J . -27.81 39.94 25.57
C6 NAG J . -27.04 40.30 24.31
C7 NAG J . -29.06 36.66 29.57
C8 NAG J . -30.04 36.42 30.68
N2 NAG J . -29.19 37.82 28.92
O3 NAG J . -27.04 39.67 29.21
O4 NAG J . -26.42 41.37 26.94
O5 NAG J . -28.22 38.57 25.42
O6 NAG J . -27.74 39.91 23.14
O7 NAG J . -28.19 35.84 29.29
C1 NAG J . -27.19 42.33 27.68
C2 NAG J . -26.25 43.50 28.02
C3 NAG J . -27.00 44.62 28.73
C4 NAG J . -28.24 45.03 27.94
C5 NAG J . -29.08 43.80 27.64
C6 NAG J . -30.26 44.12 26.75
C7 NAG J . -24.90 42.57 29.96
C8 NAG J . -26.16 42.31 30.75
N2 NAG J . -25.03 43.11 28.73
O3 NAG J . -26.14 45.74 28.90
O4 NAG J . -29.00 45.96 28.69
O5 NAG J . -28.31 42.80 26.96
O6 NAG J . -29.87 44.88 25.62
O7 NAG J . -23.80 42.29 30.41
C1 NAG K . -45.51 -22.09 39.50
C2 NAG K . -44.04 -22.48 39.65
C3 NAG K . -43.90 -23.99 39.81
C4 NAG K . -44.78 -24.49 40.94
C5 NAG K . -46.21 -24.02 40.73
C6 NAG K . -47.13 -24.39 41.87
C7 NAG K . -42.72 -20.80 38.45
C8 NAG K . -41.95 -20.49 37.21
N2 NAG K . -43.27 -22.01 38.51
O3 NAG K . -42.54 -24.30 40.08
O4 NAG K . -44.76 -25.91 40.98
O5 NAG K . -46.25 -22.59 40.61
O6 NAG K . -46.74 -23.75 43.08
O7 NAG K . -42.83 -19.99 39.36
C1 NAG K . -44.08 -26.32 42.18
C2 NAG K . -43.97 -27.84 42.15
C3 NAG K . -43.24 -28.35 43.38
C4 NAG K . -41.89 -27.65 43.52
C5 NAG K . -42.05 -26.13 43.46
C6 NAG K . -40.73 -25.41 43.41
C7 NAG K . -45.55 -29.46 41.20
C8 NAG K . -46.96 -29.97 41.22
N2 NAG K . -45.28 -28.46 42.05
O3 NAG K . -43.06 -29.75 43.27
O4 NAG K . -41.28 -28.01 44.76
O5 NAG K . -42.77 -25.76 42.28
O6 NAG K . -39.81 -26.07 42.55
O7 NAG K . -44.69 -29.93 40.47
C1 NAG L . -65.91 -0.68 39.37
C2 NAG L . -65.76 -2.02 38.68
C3 NAG L . -67.01 -2.33 37.86
C4 NAG L . -68.24 -2.26 38.76
C5 NAG L . -68.29 -0.92 39.48
C6 NAG L . -69.41 -0.82 40.48
C7 NAG L . -63.41 -2.55 38.21
C8 NAG L . -62.30 -2.47 37.22
N2 NAG L . -64.58 -2.03 37.82
O3 NAG L . -66.89 -3.63 37.30
O4 NAG L . -69.42 -2.43 37.96
O5 NAG L . -67.07 -0.69 40.20
O6 NAG L . -69.33 -1.86 41.45
O7 NAG L . -63.27 -3.05 39.31
C1 NAG L . -70.15 -3.58 38.44
C2 NAG L . -71.33 -3.78 37.50
C3 NAG L . -72.13 -5.01 37.93
C4 NAG L . -71.22 -6.23 38.06
C5 NAG L . -70.03 -5.91 38.96
C6 NAG L . -69.02 -7.03 39.02
C7 NAG L . -71.98 -1.60 36.61
C8 NAG L . -72.95 -0.46 36.71
N2 NAG L . -72.17 -2.61 37.47
O3 NAG L . -73.15 -5.27 36.98
O4 NAG L . -71.95 -7.32 38.61
O5 NAG L . -69.34 -4.75 38.46
O6 NAG L . -68.86 -7.64 37.74
O7 NAG L . -71.07 -1.62 35.79
C1 NAG M . -19.27 -14.23 3.39
C2 NAG M . -20.16 -14.90 2.37
C3 NAG M . -21.04 -15.93 3.05
C4 NAG M . -20.21 -16.90 3.87
C5 NAG M . -19.24 -16.15 4.78
C6 NAG M . -18.26 -17.06 5.45
C7 NAG M . -20.70 -13.51 0.43
C8 NAG M . -21.63 -12.48 -0.14
N2 NAG M . -20.96 -13.92 1.67
O3 NAG M . -21.76 -16.64 2.05
O4 NAG M . -21.05 -17.67 4.72
O5 NAG M . -18.48 -15.20 4.03
O6 NAG M . -17.45 -16.35 6.38
O7 NAG M . -19.75 -13.94 -0.21
C1 NAG M . -21.39 -18.93 4.15
C2 NAG M . -21.57 -19.88 5.33
C3 NAG M . -22.06 -21.23 4.84
C4 NAG M . -23.32 -21.07 4.00
C5 NAG M . -23.05 -20.09 2.87
C6 NAG M . -24.30 -19.77 2.07
C7 NAG M . -20.21 -19.60 7.34
C8 NAG M . -18.87 -19.82 7.97
N2 NAG M . -20.34 -20.01 6.07
O3 NAG M . -22.33 -22.06 5.96
O4 NAG M . -23.70 -22.33 3.45
O5 NAG M . -22.60 -18.84 3.42
O6 NAG M . -24.26 -18.43 1.59
O7 NAG M . -21.13 -19.09 7.95
C1 NAG N . -86.18 36.61 18.30
C2 NAG N . -87.62 36.18 18.55
C3 NAG N . -87.96 34.94 17.74
C4 NAG N . -87.67 35.20 16.25
C5 NAG N . -86.23 35.66 16.08
C6 NAG N . -85.91 36.06 14.66
C7 NAG N . -88.86 36.57 20.62
C8 NAG N . -88.97 36.24 22.08
N2 NAG N . -87.87 35.96 19.96
O3 NAG N . -89.32 34.60 17.94
O4 NAG N . -87.91 34.03 15.48
O5 NAG N . -85.98 36.82 16.89
O6 NAG N . -86.29 37.40 14.40
O7 NAG N . -89.65 37.33 20.07
C1 NAG N . -89.22 34.17 14.88
C2 NAG N . -89.12 33.93 13.37
C3 NAG N . -90.52 34.00 12.74
C4 NAG N . -91.47 33.04 13.45
C5 NAG N . -91.45 33.30 14.95
C6 NAG N . -92.28 32.29 15.72
C7 NAG N . -87.50 34.62 11.66
C8 NAG N . -86.65 35.74 11.15
N2 NAG N . -88.24 34.91 12.73
O3 NAG N . -90.44 33.67 11.36
O4 NAG N . -92.79 33.22 12.96
O5 NAG N . -90.12 33.21 15.45
O6 NAG N . -91.54 31.10 15.97
O7 NAG N . -87.52 33.52 11.13
C1 NAG O . 30.80 -0.61 -36.96
C2 NAG O . 31.18 0.82 -37.41
C3 NAG O . 30.23 1.32 -38.50
C4 NAG O . 30.11 0.31 -39.63
C5 NAG O . 29.74 -1.06 -39.08
C6 NAG O . 29.72 -2.14 -40.13
C7 NAG O . 31.76 2.95 -36.32
C8 NAG O . 31.66 3.77 -35.07
N2 NAG O . 31.18 1.75 -36.29
O3 NAG O . 30.70 2.56 -39.02
O4 NAG O . 29.07 0.73 -40.52
O5 NAG O . 30.70 -1.46 -38.10
O6 NAG O . 30.93 -2.89 -40.14
O7 NAG O . 32.36 3.36 -37.32
C1 NAG O . 29.53 0.91 -41.87
C2 NAG O . 28.37 0.54 -42.80
C3 NAG O . 28.74 0.76 -44.26
C4 NAG O . 29.24 2.20 -44.45
C5 NAG O . 30.38 2.48 -43.48
C6 NAG O . 30.87 3.91 -43.55
C7 NAG O . 26.69 -1.21 -42.37
C8 NAG O . 26.46 -2.67 -42.17
N2 NAG O . 27.96 -0.85 -42.58
O3 NAG O . 27.62 0.52 -45.09
O4 NAG O . 29.71 2.37 -45.78
O5 NAG O . 29.93 2.26 -42.13
O6 NAG O . 31.95 4.13 -42.65
O7 NAG O . 25.78 -0.39 -42.33
C1 NAG P . -57.65 1.05 -21.46
C2 NAG P . -59.07 1.32 -21.95
C3 NAG P . -60.04 1.32 -20.79
C4 NAG P . -59.90 0.04 -19.97
C5 NAG P . -58.44 -0.24 -19.61
C6 NAG P . -58.24 -1.59 -18.98
C7 NAG P . -59.63 2.70 -23.90
C8 NAG P . -59.64 4.07 -24.49
N2 NAG P . -59.13 2.58 -22.67
O3 NAG P . -61.37 1.43 -21.29
O4 NAG P . -60.61 0.19 -18.74
O5 NAG P . -57.62 -0.20 -20.78
O6 NAG P . -58.26 -2.62 -19.96
O7 NAG P . -60.08 1.72 -24.51
C1 NAG P . -61.81 -0.61 -18.68
C2 NAG P . -62.99 0.37 -18.49
C3 NAG P . -64.31 -0.40 -18.49
C4 NAG P . -64.43 -1.26 -19.72
C5 NAG P . -63.21 -2.17 -19.85
C6 NAG P . -63.21 -3.00 -21.11
C7 NAG P . -62.17 2.29 -17.21
C8 NAG P . -62.10 2.94 -15.86
N2 NAG P . -62.83 1.13 -17.27
O3 NAG P . -65.38 0.54 -18.44
O4 NAG P . -65.61 -2.06 -19.64
O5 NAG P . -62.01 -1.38 -19.88
O6 NAG P . -64.54 -3.23 -21.58
O7 NAG P . -61.63 2.78 -18.20
C1 NAG Q . -41.32 -21.50 -58.29
C2 NAG Q . -42.33 -20.62 -57.56
C3 NAG Q . -43.30 -20.01 -58.57
C4 NAG Q . -42.53 -19.29 -59.68
C5 NAG Q . -41.45 -20.19 -60.27
C6 NAG Q . -40.52 -19.46 -61.22
C7 NAG Q . -43.71 -20.78 -55.54
C8 NAG Q . -44.41 -21.69 -54.58
N2 NAG Q . -43.06 -21.37 -56.55
O3 NAG Q . -44.17 -19.12 -57.89
O4 NAG Q . -43.42 -18.92 -60.72
O5 NAG Q . -40.61 -20.73 -59.23
O6 NAG Q . -39.19 -19.91 -61.06
O7 NAG Q . -43.73 -19.56 -55.41
C1 NAG Q . -43.97 -17.61 -60.47
C2 NAG Q . -44.13 -16.87 -61.79
C3 NAG Q . -44.76 -15.50 -61.55
C4 NAG Q . -46.06 -15.64 -60.77
C5 NAG Q . -45.83 -16.46 -59.49
C6 NAG Q . -47.11 -16.77 -58.76
C7 NAG Q . -42.57 -17.28 -63.64
C8 NAG Q . -41.19 -17.03 -64.18
N2 NAG Q . -42.84 -16.72 -62.46
O3 NAG Q . -45.00 -14.86 -62.80
O4 NAG Q . -46.56 -14.35 -60.41
O5 NAG Q . -45.24 -17.73 -59.83
O6 NAG Q . -47.11 -18.09 -58.24
O7 NAG Q . -43.39 -17.96 -64.24
C1 NAG R . -30.59 -27.55 -36.06
C2 NAG R . -29.58 -28.01 -37.14
C3 NAG R . -29.55 -29.53 -37.25
C4 NAG R . -29.31 -30.14 -35.88
C5 NAG R . -30.39 -29.68 -34.92
C6 NAG R . -30.20 -30.21 -33.52
C7 NAG R . -29.19 -26.40 -38.94
C8 NAG R . -29.65 -25.90 -40.28
N2 NAG R . -29.90 -27.41 -38.43
O3 NAG R . -28.52 -29.89 -38.15
O4 NAG R . -29.20 -31.56 -35.89
O5 NAG R . -30.34 -28.25 -34.83
O6 NAG R . -31.06 -29.55 -32.59
O7 NAG R . -28.23 -25.90 -38.37
C1 NAG R . -29.99 -32.26 -36.88
C2 NAG R . -29.44 -33.69 -36.97
C3 NAG R . -30.26 -34.54 -37.94
C4 NAG R . -31.75 -34.46 -37.58
C5 NAG R . -32.19 -33.00 -37.49
C6 NAG R . -33.62 -32.86 -37.03
C7 NAG R . -27.34 -33.36 -38.36
C8 NAG R . -28.13 -32.75 -39.48
N2 NAG R . -28.01 -33.77 -37.25
O3 NAG R . -29.82 -35.89 -37.89
O4 NAG R . -32.52 -35.11 -38.57
O5 NAG R . -31.38 -32.29 -36.55
O6 NAG R . -33.86 -33.65 -35.87
O7 NAG R . -26.12 -33.50 -38.44
C1 NAG S . -21.25 33.86 -50.24
C2 NAG S . -19.78 33.72 -49.90
C3 NAG S . -19.10 35.08 -49.93
C4 NAG S . -19.37 35.79 -51.24
C5 NAG S . -20.87 35.85 -51.51
C6 NAG S . -21.22 36.44 -52.85
C7 NAG S . -19.51 31.76 -48.45
C8 NAG S . -19.32 31.27 -47.05
N2 NAG S . -19.58 33.09 -48.61
O3 NAG S . -17.70 34.92 -49.75
O4 NAG S . -18.86 37.12 -51.20
O5 NAG S . -21.41 34.51 -51.49
O6 NAG S . -20.72 35.64 -53.92
O7 NAG S . -19.62 31.00 -49.40
C1 NAG S . -17.76 37.22 -52.12
C2 NAG S . -17.16 38.62 -51.97
C3 NAG S . -15.97 38.78 -52.89
C4 NAG S . -14.96 37.67 -52.65
C5 NAG S . -15.62 36.30 -52.73
C6 NAG S . -14.69 35.19 -52.32
C7 NAG S . -18.32 40.71 -51.46
C8 NAG S . -19.41 41.67 -51.88
N2 NAG S . -18.16 39.64 -52.24
O3 NAG S . -15.37 40.04 -52.66
O4 NAG S . -13.92 37.74 -53.62
O5 NAG S . -16.75 36.25 -51.84
O6 NAG S . -13.93 35.54 -51.18
O7 NAG S . -17.64 40.91 -50.48
C1 NAG T . -46.64 20.51 -57.47
C2 NAG T . -46.27 21.75 -56.68
C3 NAG T . -47.53 22.51 -56.28
C4 NAG T . -48.39 22.81 -57.50
C5 NAG T . -48.67 21.52 -58.27
C6 NAG T . -49.38 21.76 -59.57
C7 NAG T . -44.15 21.50 -55.49
C8 NAG T . -43.48 21.12 -54.22
N2 NAG T . -45.48 21.42 -55.52
O3 NAG T . -47.17 23.72 -55.62
O4 NAG T . -49.61 23.40 -57.10
O5 NAG T . -47.42 20.87 -58.60
O6 NAG T . -48.67 22.66 -60.41
O7 NAG T . -43.51 21.87 -56.48
C1 NAG T . -49.75 24.70 -57.71
C2 NAG T . -51.02 25.35 -57.16
C3 NAG T . -51.19 26.74 -57.76
C4 NAG T . -49.94 27.57 -57.53
C5 NAG T . -48.70 26.83 -58.05
C6 NAG T . -47.41 27.54 -57.73
C7 NAG T . -52.60 23.55 -56.63
C8 NAG T . -53.80 22.79 -57.09
N2 NAG T . -52.17 24.53 -57.45
O3 NAG T . -52.31 27.38 -57.14
O4 NAG T . -50.05 28.81 -58.23
O5 NAG T . -48.63 25.55 -57.42
O6 NAG T . -47.45 28.14 -56.43
O7 NAG T . -52.03 23.31 -55.57
C1 NAG U . -11.45 19.64 -8.32
C2 NAG U . -12.33 20.63 -7.59
C3 NAG U . -12.57 21.85 -8.44
C4 NAG U . -11.25 22.45 -8.92
C5 NAG U . -10.37 21.36 -9.53
C6 NAG U . -8.98 21.86 -9.83
C7 NAG U . -13.88 19.60 -5.98
C8 NAG U . -15.22 18.97 -5.78
N2 NAG U . -13.60 20.00 -7.22
O3 NAG U . -13.28 22.81 -7.68
O4 NAG U . -11.49 23.40 -9.94
O5 NAG U . -10.23 20.26 -8.64
O6 NAG U . -8.21 20.87 -10.50
O7 NAG U . -13.08 19.72 -5.06
C1 NAG U . -11.55 24.73 -9.44
C2 NAG U . -11.04 25.62 -10.56
C3 NAG U . -11.16 27.08 -10.18
C4 NAG U . -12.60 27.40 -9.77
C5 NAG U . -13.04 26.44 -8.67
C6 NAG U . -14.50 26.60 -8.31
C7 NAG U . -9.30 24.79 -12.08
C8 NAG U . -7.84 24.52 -12.26
N2 NAG U . -9.67 25.29 -10.89
O3 NAG U . -10.79 27.89 -11.28
O4 NAG U . -12.69 28.74 -9.29
O5 NAG U . -12.88 25.09 -9.12
O6 NAG U . -15.06 25.36 -7.90
O7 NAG U . -10.12 24.59 -12.97
C1 NAG V . -83.57 -6.69 -45.59
C2 NAG V . -84.64 -5.83 -46.24
C3 NAG V . -84.77 -4.51 -45.50
C4 NAG V . -85.07 -4.76 -44.02
C5 NAG V . -83.98 -5.67 -43.44
C6 NAG V . -84.25 -6.08 -42.01
C7 NAG V . -85.25 -5.89 -48.61
C8 NAG V . -84.79 -5.62 -50.01
N2 NAG V . -84.37 -5.61 -47.65
O3 NAG V . -85.82 -3.74 -46.10
O4 NAG V . -85.11 -3.55 -43.29
O5 NAG V . -83.89 -6.89 -44.20
O6 NAG V . -85.13 -7.20 -41.96
O7 NAG V . -86.37 -6.32 -48.36
C1 NAG V . -86.51 -3.20 -43.13
C2 NAG V . -86.81 -2.93 -41.65
C3 NAG V . -88.26 -2.50 -41.48
C4 NAG V . -88.57 -1.31 -42.40
C5 NAG V . -88.20 -1.64 -43.83
C6 NAG V . -88.35 -0.47 -44.77
C7 NAG V . -86.11 -4.03 -39.57
C8 NAG V . -85.88 -5.34 -38.88
N2 NAG V . -86.54 -4.11 -40.83
O3 NAG V . -88.50 -2.14 -40.13
O4 NAG V . -89.97 -1.02 -42.34
O5 NAG V . -86.82 -2.03 -43.90
O6 NAG V . -87.23 0.40 -44.71
O7 NAG V . -85.91 -2.96 -39.01
C1 NAG W . 11.97 -27.25 20.48
C2 NAG W . 10.56 -27.43 19.95
C3 NAG W . 9.77 -28.37 20.86
C4 NAG W . 10.53 -29.67 21.08
C5 NAG W . 11.97 -29.39 21.51
C6 NAG W . 12.82 -30.65 21.58
C7 NAG W . 8.87 -25.95 18.94
C8 NAG W . 8.28 -24.57 18.92
N2 NAG W . 9.87 -26.16 19.81
O3 NAG W . 8.50 -28.64 20.28
O4 NAG W . 9.89 -30.45 22.08
O5 NAG W . 12.62 -28.53 20.56
O6 NAG W . 14.19 -30.33 21.69
O7 NAG W . 8.46 -26.84 18.20
C1 NAG X . 14.58 7.93 32.28
C2 NAG X . 14.90 8.83 31.08
C3 NAG X . 14.49 10.27 31.38
C4 NAG X . 13.03 10.32 31.81
C5 NAG X . 12.81 9.38 32.98
C6 NAG X . 11.35 9.30 33.42
C7 NAG X . 16.76 8.51 29.50
C8 NAG X . 18.24 8.49 29.33
N2 NAG X . 16.32 8.78 30.73
O3 NAG X . 14.67 11.07 30.21
O4 NAG X . 12.69 11.65 32.19
O5 NAG X . 13.19 8.04 32.61
O6 NAG X . 11.22 8.67 34.68
O7 NAG X . 15.99 8.30 28.56
O13 3PH Y . 74.22 -54.62 56.12
P 3PH Y . 73.00 -53.87 55.62
O14 3PH Y . 72.23 -54.56 54.53
O12 3PH Y . 72.13 -53.32 56.73
O11 3PH Y . 73.61 -52.58 54.90
C1 3PH Y . 74.97 -52.56 54.43
C2 3PH Y . 75.12 -51.56 53.29
O21 3PH Y . 76.50 -51.24 53.11
C21 3PH Y . 77.13 -52.00 52.04
O22 3PH Y . 78.01 -52.80 52.30
C22 3PH Y . 76.69 -51.79 50.61
C23 3PH Y . 77.92 -51.77 49.70
C24 3PH Y . 77.93 -50.52 48.83
C25 3PH Y . 78.04 -50.88 47.35
C26 3PH Y . 78.40 -49.66 46.52
C27 3PH Y . 77.34 -49.34 45.48
C28 3PH Y . 77.52 -47.95 44.90
C29 3PH Y . 76.18 -47.27 44.64
C2A 3PH Y . 75.75 -46.42 45.82
C2B 3PH Y . 75.20 -45.07 45.37
C2C 3PH Y . 73.72 -44.92 45.67
C2D 3PH Y . 73.43 -43.63 46.42
C2E 3PH Y . 73.08 -42.50 45.46
C2F 3PH Y . 73.60 -41.16 45.99
C2G 3PH Y . 74.26 -40.35 44.88
C2H 3PH Y . 75.35 -39.44 45.43
C2I 3PH Y . 76.68 -39.76 44.81
C3 3PH Y . 74.36 -50.29 53.62
O31 3PH Y . 73.58 -49.87 52.50
C31 3PH Y . 73.48 -48.45 52.19
O32 3PH Y . 74.49 -47.81 51.98
C32 3PH Y . 72.12 -47.78 52.11
C33 3PH Y . 72.23 -46.48 51.32
C34 3PH Y . 71.85 -45.28 52.17
C35 3PH Y . 70.43 -44.81 51.86
C36 3PH Y . 70.45 -43.58 50.97
C37 3PH Y . 69.06 -43.33 50.37
C38 3PH Y . 69.15 -43.14 48.87
C39 3PH Y . 68.88 -44.45 48.13
C3A 3PH Y . 68.00 -44.23 46.90
C3B 3PH Y . 68.77 -43.51 45.79
C3C 3PH Y . 67.89 -43.26 44.58
C3D 3PH Y . 66.52 -42.72 44.98
C3E 3PH Y . 65.74 -42.26 43.76
C3F 3PH Y . 64.30 -42.78 43.82
C3G 3PH Y . 63.35 -41.80 43.15
C3H 3PH Y . 61.91 -42.28 43.25
C3I 3PH Y . 61.11 -41.85 42.03
O13 3PH Z . 73.86 -4.96 57.09
P 3PH Z . 72.80 -3.90 57.23
O14 3PH Z . 71.62 -4.31 58.08
O12 3PH Z . 73.33 -2.51 57.51
O11 3PH Z . 72.16 -3.78 55.74
C1 3PH Z . 72.61 -4.65 54.70
C2 3PH Z . 71.46 -4.89 53.72
O21 3PH Z . 70.25 -5.11 54.46
C21 3PH Z . 69.50 -3.89 54.67
O22 3PH Z . 69.67 -3.27 55.71
C22 3PH Z . 68.53 -3.39 53.63
C23 3PH Z . 67.10 -3.63 54.12
C24 3PH Z . 66.09 -3.21 53.06
C25 3PH Z . 64.89 -4.16 53.02
C26 3PH Z . 64.43 -4.40 51.59
C27 3PH Z . 63.74 -3.16 51.02
C28 3PH Z . 62.28 -3.10 51.47
C29 3PH Z . 62.16 -3.36 52.96
C2A 3PH Z . 61.14 -2.42 53.60
C2B 3PH Z . 59.72 -2.92 53.37
C2C 3PH Z . 59.46 -3.14 51.89
C2D 3PH Z . 57.97 -3.04 51.59
C2E 3PH Z . 57.57 -3.99 50.46
C2F 3PH Z . 56.62 -3.31 49.49
C2G 3PH Z . 57.21 -3.23 48.09
C2H 3PH Z . 56.21 -2.67 47.10
C2I 3PH Z . 56.64 -2.95 45.68
C3 3PH Z . 71.77 -6.12 52.87
O31 3PH Z . 71.20 -5.97 51.58
C31 3PH Z . 72.03 -5.48 50.49
O32 3PH Z . 73.20 -5.26 50.70
C32 3PH Z . 71.43 -5.24 49.13
C33 3PH Z . 72.43 -5.67 48.06
C34 3PH Z . 72.95 -4.49 47.28
C35 3PH Z . 72.76 -4.69 45.78
C36 3PH Z . 71.57 -3.87 45.28
C37 3PH Z . 70.36 -4.05 46.18
C38 3PH Z . 69.16 -3.26 45.66
C39 3PH Z . 68.17 -4.18 44.97
C3A 3PH Z . 67.81 -3.63 43.59
C3B 3PH Z . 66.36 -3.14 43.58
C3C 3PH Z . 65.75 -3.26 42.20
C3D 3PH Z . 64.48 -2.42 42.08
C3E 3PH Z . 63.57 -2.62 43.29
C3F 3PH Z . 62.12 -2.41 42.92
C3G 3PH Z . 61.45 -3.73 42.54
C3H 3PH Z . 60.31 -3.50 41.57
C3I 3PH Z . 59.38 -2.41 42.07
O13 3PH AA . 67.29 -58.29 17.20
P 3PH AA . 68.57 -58.32 18.01
O14 3PH AA . 69.25 -59.66 18.05
O12 3PH AA . 69.50 -57.16 17.76
O11 3PH AA . 68.07 -58.09 19.53
C1 3PH AA . 68.27 -56.85 20.17
C2 3PH AA . 69.70 -56.79 20.73
O21 3PH AA . 69.74 -57.46 21.99
C21 3PH AA . 70.86 -58.38 22.07
O22 3PH AA . 71.02 -59.19 21.17
C22 3PH AA . 71.80 -58.33 23.24
C23 3PH AA . 71.65 -59.61 24.07
C24 3PH AA . 70.78 -59.37 25.29
C25 3PH AA . 71.24 -60.23 26.46
C26 3PH AA . 70.11 -60.48 27.44
C27 3PH AA . 70.62 -60.63 28.87
C28 3PH AA . 70.47 -59.33 29.65
C29 3PH AA . 70.09 -59.60 31.10
C2A 3PH AA . 71.03 -60.62 31.73
C2B 3PH AA . 70.35 -61.34 32.89
C2C 3PH AA . 69.68 -60.34 33.83
C2D 3PH AA . 68.24 -60.10 33.42
C2E 3PH AA . 67.76 -58.72 33.85
C2F 3PH AA . 67.31 -57.90 32.65
C2G 3PH AA . 67.33 -56.40 32.96
C2H 3PH AA . 66.00 -55.75 32.60
C2I 3PH AA . 65.59 -54.74 33.65
C3 3PH AA . 70.11 -55.34 20.92
O31 3PH AA . 69.03 -54.60 21.48
C31 3PH AA . 69.07 -53.15 21.51
O32 3PH AA . 70.13 -52.58 21.27
C32 3PH AA . 67.83 -52.35 21.83
C33 3PH AA . 68.22 -50.95 22.28
C34 3PH AA . 67.39 -50.52 23.49
C35 3PH AA . 65.90 -50.75 23.24
C36 3PH AA . 65.06 -50.21 24.39
C37 3PH AA . 63.79 -51.02 24.56
C38 3PH AA . 62.71 -50.20 25.27
C39 3PH AA . 62.52 -48.85 24.60
C3A 3PH AA . 61.29 -48.14 25.14
C3B 3PH AA . 61.07 -46.80 24.42
C3C 3PH AA . 59.59 -46.59 24.12
C3D 3PH AA . 59.08 -45.32 24.79
C3E 3PH AA . 58.57 -44.32 23.76
C3F 3PH AA . 57.81 -43.19 24.42
C3G 3PH AA . 56.56 -43.70 25.11
C3H 3PH AA . 55.83 -42.57 25.83
C3I 3PH AA . 55.35 -41.52 24.85
C1 NAG BA . -69.85 12.21 32.00
C2 NAG BA . -70.64 12.61 33.25
C3 NAG BA . -71.75 11.60 33.52
C4 NAG BA . -72.63 11.43 32.29
C5 NAG BA . -71.78 11.09 31.07
C6 NAG BA . -72.58 11.06 29.79
C7 NAG BA . -69.05 13.82 34.67
C8 NAG BA . -68.21 13.77 35.91
N2 NAG BA . -69.77 12.72 34.41
O3 NAG BA . -72.53 12.04 34.62
O4 NAG BA . -73.58 10.41 32.50
O5 NAG BA . -70.76 12.07 30.89
O6 NAG BA . -71.87 10.40 28.76
O7 NAG BA . -69.09 14.81 33.95
ZN ZN CA . -46.75 9.72 25.42
C1 NAG DA . 25.96 20.56 -14.37
C2 NAG DA . 24.59 21.24 -14.29
C3 NAG DA . 24.48 22.33 -15.35
C4 NAG DA . 25.66 23.29 -15.25
C5 NAG DA . 26.98 22.52 -15.23
C6 NAG DA . 28.18 23.42 -14.99
C7 NAG DA . 22.30 20.46 -13.92
C8 NAG DA . 21.31 19.36 -14.16
N2 NAG DA . 23.52 20.26 -14.43
O3 NAG DA . 23.26 23.04 -15.18
O4 NAG DA . 25.66 24.17 -16.36
O5 NAG DA . 26.98 21.54 -14.19
O6 NAG DA . 29.35 22.66 -14.68
O7 NAG DA . 22.00 21.47 -13.29
C1 NAG EA . 20.15 -14.06 -26.69
C2 NAG EA . 19.78 -14.95 -25.51
C3 NAG EA . 19.01 -16.18 -25.98
C4 NAG EA . 17.82 -15.76 -26.85
C5 NAG EA . 18.30 -14.86 -27.98
C6 NAG EA . 17.16 -14.33 -28.83
C7 NAG EA . 21.05 -15.17 -23.42
C8 NAG EA . 22.33 -15.64 -22.80
N2 NAG EA . 20.94 -15.34 -24.75
O3 NAG EA . 18.55 -16.92 -24.86
O4 NAG EA . 17.19 -16.92 -27.39
O5 NAG EA . 18.98 -13.72 -27.44
O6 NAG EA . 17.64 -13.76 -30.04
O7 NAG EA . 20.15 -14.67 -22.75
O13 3PH FA . 101.44 23.70 -28.10
P 3PH FA . 99.96 23.41 -28.04
O14 3PH FA . 99.17 24.39 -27.20
O12 3PH FA . 99.33 23.12 -29.39
O11 3PH FA . 99.85 22.03 -27.23
C1 3PH FA . 100.91 21.59 -26.38
C2 3PH FA . 100.37 20.67 -25.30
O21 3PH FA . 101.44 19.91 -24.73
C21 3PH FA . 101.92 20.47 -23.48
O22 3PH FA . 103.06 20.92 -23.42
C22 3PH FA . 101.03 20.50 -22.26
C23 3PH FA . 101.85 20.12 -21.03
C24 3PH FA . 101.19 18.98 -20.26
C25 3PH FA . 100.95 19.36 -18.80
C26 3PH FA . 100.62 18.13 -17.96
C27 3PH FA . 99.25 18.25 -17.31
C28 3PH FA . 98.77 16.91 -16.78
C29 3PH FA . 97.26 16.74 -16.98
C2A 3PH FA . 96.95 16.02 -18.28
C2B 3PH FA . 95.89 14.94 -18.08
C2C 3PH FA . 94.60 15.29 -18.82
C2D 3PH FA . 94.13 14.12 -19.70
C2E 3PH FA . 93.16 13.22 -18.95
C2F 3PH FA . 93.34 11.76 -19.36
C2G 3PH FA . 93.31 10.84 -18.16
C2H 3PH FA . 94.15 9.59 -18.40
C2I 3PH FA . 95.27 9.48 -17.39
C3 3PH FA . 99.36 19.70 -25.91
O31 3PH FA . 98.19 19.62 -25.11
C31 3PH FA . 97.53 18.34 -24.91
O32 3PH FA . 98.17 17.41 -24.44
C32 3PH FA . 96.08 18.17 -25.28
C33 3PH FA . 95.51 16.95 -24.57
C34 3PH FA . 95.02 15.90 -25.56
C35 3PH FA . 93.50 15.95 -25.72
C36 3PH FA . 92.83 14.83 -24.93
C37 3PH FA . 91.34 15.08 -24.80
C38 3PH FA . 90.90 14.97 -23.34
C39 3PH FA . 90.86 16.33 -22.66
C3A 3PH FA . 89.63 16.47 -21.76
C3B 3PH FA . 89.74 15.59 -20.52
C3C 3PH FA . 88.51 15.72 -19.64
C3D 3PH FA . 87.24 15.66 -20.47
C3E 3PH FA . 86.00 15.55 -19.57
C3F 3PH FA . 84.91 16.50 -20.03
C3G 3PH FA . 83.54 15.94 -19.73
C3H 3PH FA . 82.44 16.86 -20.24
C3I 3PH FA . 81.22 16.80 -19.33
O13 3PH GA . 84.86 -22.98 -31.78
P 3PH GA . 83.60 -23.63 -32.29
O14 3PH GA . 82.94 -22.91 -33.44
O12 3PH GA . 83.69 -25.13 -32.47
O11 3PH GA . 82.55 -23.45 -31.08
C1 3PH GA . 82.91 -22.74 -29.90
C2 3PH GA . 81.67 -22.06 -29.32
O21 3PH GA . 80.89 -21.50 -30.36
C21 3PH GA . 79.88 -22.42 -30.86
O22 3PH GA . 80.13 -23.11 -31.83
C22 3PH GA . 78.52 -22.50 -30.19
C23 3PH GA . 77.49 -21.82 -31.07
C24 3PH GA . 76.11 -21.83 -30.40
C25 3PH GA . 75.36 -20.53 -30.66
C26 3PH GA . 74.59 -20.08 -29.43
C27 3PH GA . 73.38 -20.98 -29.16
C28 3PH GA . 72.20 -20.58 -30.03
C29 3PH GA . 72.62 -20.37 -31.48
C2A 3PH GA . 71.60 -20.96 -32.45
C2B 3PH GA . 70.42 -20.00 -32.64
C2C 3PH GA . 69.81 -19.62 -31.29
C2D 3PH GA . 68.36 -19.20 -31.46
C2E 3PH GA . 67.98 -18.12 -30.46
C2F 3PH GA . 66.60 -18.38 -29.86
C2G 3PH GA . 66.70 -18.59 -28.36
C2H 3PH GA . 65.31 -18.72 -27.75
C2I 3PH GA . 65.36 -18.52 -26.24
C3 3PH GA . 82.10 -20.97 -28.35
O31 3PH GA . 81.16 -20.85 -27.29
C31 3PH GA . 81.40 -21.53 -26.03
O32 3PH GA . 82.44 -22.14 -25.88
C32 3PH GA . 80.37 -21.48 -24.93
C33 3PH GA . 81.09 -21.35 -23.60
C34 3PH GA . 80.93 -22.61 -22.74
C35 3PH GA . 80.36 -22.27 -21.38
C36 3PH GA . 78.87 -22.62 -21.29
C37 3PH GA . 78.12 -22.09 -22.51
C38 3PH GA . 76.64 -22.41 -22.42
C39 3PH GA . 75.84 -21.18 -22.02
C3A 3PH GA . 74.92 -21.50 -20.84
C3B 3PH GA . 73.47 -21.48 -21.30
C3C 3PH GA . 72.54 -21.08 -20.16
C3D 3PH GA . 71.09 -21.45 -20.48
C3E 3PH GA . 70.72 -21.03 -21.89
C3F 3PH GA . 69.23 -20.72 -21.99
C3G 3PH GA . 68.97 -19.23 -21.76
C3H 3PH GA . 67.57 -19.01 -21.19
C3I 3PH GA . 66.54 -19.76 -22.01
O13 3PH HA . 84.72 31.52 7.05
P 3PH HA . 86.11 31.09 6.67
O14 3PH HA . 87.17 32.12 6.91
O12 3PH HA . 86.47 29.69 7.13
O11 3PH HA . 86.04 30.96 5.07
C1 3PH HA . 86.01 29.68 4.44
C2 3PH HA . 87.42 29.13 4.34
O21 3PH HA . 88.07 29.67 3.19
C21 3PH HA . 89.40 30.17 3.49
O22 3PH HA . 89.55 30.92 4.44
C22 3PH HA . 90.58 29.74 2.65
C23 3PH HA . 91.13 30.95 1.89
C24 3PH HA . 90.63 30.95 0.45
C25 3PH HA . 91.69 31.53 -0.49
C26 3PH HA . 91.04 32.10 -1.74
C27 3PH HA . 91.99 31.99 -2.93
C28 3PH HA . 91.65 30.78 -3.79
C29 3PH HA . 91.85 31.08 -5.27
C2A 3PH HA . 93.21 31.70 -5.53
C2B 3PH HA . 93.21 32.54 -6.81
C2C 3PH HA . 92.56 31.78 -7.95
C2D 3PH HA . 91.06 32.05 -8.02
C2E 3PH HA . 90.31 30.88 -8.63
C2F 3PH HA . 89.27 30.32 -7.66
C2G 3PH HA . 88.90 28.89 -8.04
C2H 3PH HA . 87.38 28.74 -8.13
C2I 3PH HA . 87.00 27.88 -9.31
C3 3PH HA . 87.38 27.61 4.22
O31 3PH HA . 86.35 27.23 3.31
C31 3PH HA . 85.91 25.85 3.23
O32 3PH HA . 86.60 24.98 3.74
C32 3PH HA . 84.63 25.50 2.51
C33 3PH HA . 84.66 24.02 2.13
C34 3PH HA . 84.14 23.83 0.71
C35 3PH HA . 82.82 24.56 0.51
C36 3PH HA . 82.24 24.28 -0.88
C37 3PH HA . 81.46 25.47 -1.40
C38 3PH HA . 80.40 25.04 -2.41
C39 3PH HA . 79.62 23.84 -1.91
C3A 3PH HA . 78.46 23.51 -2.83
C3B 3PH HA . 77.59 22.40 -2.26
C3C 3PH HA . 76.11 22.71 -2.42
C3D 3PH HA . 75.42 21.66 -3.28
C3E 3PH HA . 74.39 20.89 -2.47
C3F 3PH HA . 73.49 20.05 -3.39
C3G 3PH HA . 72.84 20.92 -4.45
C3H 3PH HA . 71.95 20.08 -5.36
C3I 3PH HA . 71.03 19.20 -4.55
C1 NAG IA . -56.70 10.08 -52.35
C2 NAG IA . -57.16 9.91 -53.79
C3 NAG IA . -57.73 11.22 -54.33
C4 NAG IA . -58.83 11.73 -53.42
C5 NAG IA . -58.33 11.84 -51.98
C6 NAG IA . -59.43 12.20 -51.00
C7 NAG IA . -55.71 8.17 -54.73
C8 NAG IA . -54.57 7.87 -55.65
N2 NAG IA . -56.07 9.45 -54.64
O3 NAG IA . -58.24 11.01 -55.64
O4 NAG IA . -59.28 13.01 -53.86
O5 NAG IA . -57.80 10.57 -51.56
O6 NAG IA . -58.89 12.64 -49.77
O7 NAG IA . -56.29 7.28 -54.10
ZN ZN JA . -37.27 5.09 -38.93
#